data_9QXT
#
_entry.id   9QXT
#
_cell.length_a   1.00
_cell.length_b   1.00
_cell.length_c   1.00
_cell.angle_alpha   90.00
_cell.angle_beta   90.00
_cell.angle_gamma   90.00
#
_symmetry.space_group_name_H-M   'P 1'
#
loop_
_entity.id
_entity.type
_entity.pdbx_description
1 polymer JetB
2 polymer JetA
3 polymer JetC
4 polymer 'Circular plasmid DNA (1843-MER)'
#
loop_
_entity_poly.entity_id
_entity_poly.type
_entity_poly.pdbx_seq_one_letter_code
_entity_poly.pdbx_strand_id
1 'polypeptide(L)'
;MAGFFDKLINRSVTANAGSEPEPSDEEVTDESVEDSLASSETRTLQKIREATQELLKYGLLEEASKPNLYRIVLSHPEEV
TRILEPLDLDIGIDEIRGLLYVKVRLDETPAQDEWAHPLVRRQRLNLEQSLLVAILRQHFVAWEQESGTGASQAQIAIDD
LLPQLQIYLGDPGSESKERTRLLTLLDQLKGHGLVTSPDAHERIVIRPIIAHLADPINLQALLAWLREQIAQQTSPNDAP
EKDSSEEDVG
;
C,D,H,I
2 'polypeptide(L)'
;GPAAMEENTRQRTENYISAKNQHPAWILLATRRAPLVLSALKTLFEKSHDGIPLEEAIQSLSSILIEHVSQEQYDINQDN
PFLQASRELREWIKRRLIVERDGRIFATDALEVAITFVESLDNRFMTSTASRLSTVQREIENLETRLNPNPANRVATLRR
RISELERELQEAEAGHIEVLETHQAVEHIRDVYNLASSLRADFRRVEDSWREADRALRQSIIGEQYHRGDIVERLLNDQD
ALLNTPEGRVFDSFQQQLRQSSELKAMSERLRVILSHPSASDALNRLQRHDLRWLVKRLVDESQTVLQARARSERDVRGF
MKTGLAAEHHRVGHLLNEFLNLALKLDWQRQMIRKQEVPLPAVGVAVTGIPAIERLRFKEVDDEAEQTLDLSNHAADLTQ
IGDDFWDAFNGLDREVLIQQTLQLLAKENRPVGLAELAELLPPAHDLETFAVWIGMAREAGIEVIDSQREFAELSDGEGR
RWRFNLPTTGLESQALMDIDWEG
;
E,J
3 'polypeptide(L)'
;MNQVSGLAGKESFILTRIELFNWGGFHGLHQAAIHQDGTAVIGPTGSGKTTLVDALMTLLLANPRYNLASTGGHESDRDL
ISYVRGVSGPGDGGEGQSHIARPGKTVTGIAATLEREGKQVRLGALLWFDSTSSSVTDMKRLWLFSDNPGQTLEHWLNVY
HEGGTRLLRQMEKEAIGLWTYPNKKQYLARLRDFFEVGENAFTLLNRAAGLKQLNSIDEIFRELVLDDHSAFDRAAEVAN
SFDGLTEIHQELETARKQQQSLQPVALSWEKYQKQERQLADWLTLESLLPLWFAQQASHLWREKINLLNARLAEAQTSEE
QLQSQLDLQKKVVSDHMQRYLQVGGANIDELNERIKDWQKTLGSREALARQYQQLTRNLGLPSDLSQPQLEANQHEAEAR
REQIAVDIKLKQEEAYQKGALSHHITEELRERENERAEIARRPDSNLPAHYQAFRSELAKALNVDESELPFVAELIQVKP
EEAQWRGAIERAVGSNRLRILVAPESAQEALRWVNQRNNRLHVRLLEVKLPHSPARFFDDGFTRKLLWKDHPWREAVKAL
LAESDRHAVDSPEQLHDTPHAMTVQGLMSGKQRFYDKHDQKRLDEDWLTGFDNRDRLNFLAKEIATLQEQVKTANAAFEF
AKGEVGLLQNQAASFQKIEQIDFDSIDVPGAKSQLDALRERLENLTRPDSDASVAKAKLDEAQTIESELDKQLRAANKVT
CVLDTELTLARAAERKAQQTAQQGMKEEERELSASHFPVVTLEQLPDIRDLERQHERGIQHEIERVKAELHRLNIELTKR
MSEAKRVDTGALVEAGADLDDIPVYLQRLQELTEEALPEKLNRFLDYLNRSSDDGVTQLLSHIEHEVLVIEERLNELNET
MFRVDFQPDRYLRLDTKKVVHESLRTLEKAQRQLNAARFVDDNGESHYKALQVLVAQLRDASERNRTLGAKALLDPRFRL
EFAVSVMDRQSGNVIESRTGSQGGSGGEKEIIASYVLTASLSYALSPAGSRYPLFGTIILDEAFSRSSHAVAGRIIAALR
EFGLHAVFITPNKEMRLLRDHTRSAIVVHRRGQNSNMASLSWEELERHYQRRGNAG
;
A,B,F,G
4 'polydeoxyribonucleotide'
;(DA)(DT)(DA)(DT)(DA)(DT)(DA)(DT)(DA)(DT)(DA)(DT)(DA)(DT)(DA)(DT)(DA)(DT)(DA)(DT)
(DA)(DT)(DA)(DT)(DA)(DT)(DA)(DT)(DA)(DT)(DA)(DT)(DA)(DT)(DA)(DT)(DA)(DT)(DA)(DT)
(DA)(DT)(DA)(DT)(DA)(DT)(DA)(DT)(DA)(DT)(DA)(DT)(DA)(DT)(DA)(DT)(DA)(DT)(DA)(DT)
;
P,Q
#
loop_
_chem_comp.id
_chem_comp.type
_chem_comp.name
_chem_comp.formula
DA DNA linking 2'-DEOXYADENOSINE-5'-MONOPHOSPHATE 'C10 H14 N5 O6 P'
DT DNA linking THYMIDINE-5'-MONOPHOSPHATE 'C10 H15 N2 O8 P'
#
# COMPACT_ATOMS: atom_id res chain seq x y z
N SER A 40 1.48 54.69 -63.14
CA SER A 40 0.22 54.41 -62.38
C SER A 40 0.49 53.47 -61.21
N GLU A 41 0.79 52.22 -61.52
CA GLU A 41 1.06 51.23 -60.49
C GLU A 41 2.52 51.26 -60.08
N THR A 42 2.79 50.81 -58.87
CA THR A 42 4.13 50.76 -58.31
C THR A 42 4.36 49.40 -57.67
N ARG A 43 4.05 48.34 -58.41
CA ARG A 43 4.18 46.99 -57.89
C ARG A 43 5.55 46.80 -57.24
N THR A 44 5.53 46.42 -55.97
CA THR A 44 6.78 46.10 -55.30
C THR A 44 7.54 45.08 -56.11
N LEU A 45 8.86 45.04 -55.90
CA LEU A 45 9.67 44.05 -56.57
C LEU A 45 9.03 42.68 -56.42
N GLN A 46 8.66 42.09 -57.56
CA GLN A 46 8.06 40.76 -57.50
C GLN A 46 8.95 39.79 -56.76
N LYS A 47 10.27 39.92 -56.90
CA LYS A 47 11.16 39.09 -56.11
C LYS A 47 10.93 39.32 -54.62
N ILE A 48 10.80 40.58 -54.23
CA ILE A 48 10.48 40.87 -52.84
C ILE A 48 9.15 40.23 -52.47
N ARG A 49 8.20 40.25 -53.39
CA ARG A 49 6.90 39.64 -53.10
C ARG A 49 7.05 38.15 -52.83
N GLU A 50 7.83 37.46 -53.66
CA GLU A 50 8.08 36.05 -53.43
C GLU A 50 8.71 35.81 -52.07
N ALA A 51 9.80 36.52 -51.79
CA ALA A 51 10.53 36.27 -50.56
C ALA A 51 9.65 36.54 -49.34
N THR A 52 8.95 37.69 -49.32
CA THR A 52 8.12 38.02 -48.18
C THR A 52 6.98 37.03 -48.01
N GLN A 53 6.33 36.64 -49.09
CA GLN A 53 5.21 35.73 -48.97
C GLN A 53 5.68 34.38 -48.47
N GLU A 54 6.80 33.89 -48.99
CA GLU A 54 7.36 32.63 -48.47
C GLU A 54 7.65 32.76 -46.98
N LEU A 55 8.39 33.80 -46.60
CA LEU A 55 8.74 33.98 -45.22
C LEU A 55 7.53 33.95 -44.32
N LEU A 56 6.46 34.63 -44.74
CA LEU A 56 5.22 34.55 -43.98
C LEU A 56 4.70 33.13 -43.94
N LYS A 57 4.77 32.43 -45.08
CA LYS A 57 4.24 31.07 -45.14
C LYS A 57 4.88 30.18 -44.10
N TYR A 58 6.12 30.46 -43.71
CA TYR A 58 6.80 29.60 -42.75
C TYR A 58 7.18 30.23 -41.43
N GLY A 59 6.95 31.52 -41.22
CA GLY A 59 7.26 32.09 -39.93
C GLY A 59 8.73 32.35 -39.71
N LEU A 60 9.59 31.51 -40.26
CA LEU A 60 11.02 31.76 -40.24
C LEU A 60 11.56 31.44 -41.61
N LEU A 61 12.87 31.50 -41.73
CA LEU A 61 13.51 31.30 -43.02
C LEU A 61 14.99 31.10 -42.80
N GLU A 62 15.52 29.99 -43.29
CA GLU A 62 16.88 29.59 -43.01
C GLU A 62 17.74 29.64 -44.26
N GLU A 63 18.95 30.19 -44.10
CA GLU A 63 19.82 30.41 -45.25
C GLU A 63 20.21 29.09 -45.92
N ALA A 64 20.82 28.18 -45.17
CA ALA A 64 21.29 26.92 -45.72
C ALA A 64 20.23 26.17 -46.50
N SER A 65 18.96 26.54 -46.37
CA SER A 65 17.87 25.87 -47.07
C SER A 65 17.35 26.67 -48.25
N LYS A 66 17.23 27.97 -48.11
CA LYS A 66 16.53 28.77 -49.10
C LYS A 66 17.27 30.08 -49.25
N PRO A 67 18.55 30.02 -49.57
CA PRO A 67 19.40 31.22 -49.43
C PRO A 67 18.92 32.38 -50.29
N ASN A 68 18.13 32.12 -51.31
CA ASN A 68 17.80 33.17 -52.28
C ASN A 68 16.85 34.20 -51.67
N LEU A 69 15.66 33.77 -51.27
CA LEU A 69 14.74 34.70 -50.61
C LEU A 69 15.38 35.26 -49.35
N TYR A 70 16.20 34.45 -48.69
CA TYR A 70 16.91 34.90 -47.50
C TYR A 70 17.75 36.14 -47.81
N ARG A 71 18.59 36.06 -48.85
CA ARG A 71 19.38 37.21 -49.24
C ARG A 71 18.49 38.34 -49.72
N ILE A 72 17.39 38.00 -50.40
CA ILE A 72 16.49 39.03 -50.91
C ILE A 72 15.99 39.89 -49.76
N VAL A 73 15.52 39.26 -48.70
CA VAL A 73 15.07 40.02 -47.55
C VAL A 73 16.24 40.77 -46.92
N LEU A 74 17.40 40.12 -46.85
CA LEU A 74 18.59 40.84 -46.40
C LEU A 74 18.85 42.07 -47.27
N SER A 75 18.40 42.02 -48.53
CA SER A 75 18.64 43.12 -49.44
C SER A 75 17.70 44.29 -49.20
N HIS A 76 16.54 44.06 -48.61
CA HIS A 76 15.59 45.14 -48.46
C HIS A 76 14.90 45.02 -47.12
N PRO A 77 15.65 44.82 -46.04
CA PRO A 77 15.00 44.65 -44.74
C PRO A 77 14.07 45.78 -44.40
N GLU A 78 14.37 47.00 -44.84
CA GLU A 78 13.47 48.10 -44.56
C GLU A 78 12.15 47.94 -45.31
N GLU A 79 12.23 47.58 -46.59
CA GLU A 79 11.00 47.38 -47.35
C GLU A 79 10.19 46.23 -46.77
N VAL A 80 10.88 45.13 -46.46
CA VAL A 80 10.24 44.04 -45.74
C VAL A 80 9.48 44.60 -44.54
N THR A 81 10.19 45.33 -43.69
CA THR A 81 9.59 45.80 -42.45
C THR A 81 8.36 46.62 -42.71
N ARG A 82 8.47 47.63 -43.56
CA ARG A 82 7.32 48.47 -43.84
C ARG A 82 6.19 47.69 -44.47
N ILE A 83 6.50 46.62 -45.20
CA ILE A 83 5.45 45.76 -45.70
C ILE A 83 4.72 45.09 -44.56
N LEU A 84 5.47 44.59 -43.60
CA LEU A 84 4.88 43.85 -42.49
C LEU A 84 4.30 44.78 -41.45
N GLU A 85 4.77 46.03 -41.40
CA GLU A 85 4.41 46.92 -40.31
C GLU A 85 2.90 47.07 -40.15
N PRO A 86 2.11 47.19 -41.21
CA PRO A 86 0.67 47.29 -41.01
C PRO A 86 0.11 46.12 -40.24
N LEU A 87 0.66 44.93 -40.44
CA LEU A 87 0.23 43.72 -39.77
C LEU A 87 0.74 43.61 -38.34
N ASP A 88 1.62 44.52 -37.91
CA ASP A 88 2.25 44.42 -36.61
C ASP A 88 3.11 43.17 -36.52
N LEU A 89 3.79 42.85 -37.61
CA LEU A 89 4.75 41.77 -37.65
C LEU A 89 6.10 42.31 -38.07
N ASP A 90 7.14 41.86 -37.37
CA ASP A 90 8.46 42.45 -37.50
C ASP A 90 9.50 41.36 -37.61
N ILE A 91 10.58 41.67 -38.30
CA ILE A 91 11.60 40.68 -38.64
C ILE A 91 12.82 40.89 -37.77
N GLY A 92 13.18 39.86 -37.01
CA GLY A 92 14.50 39.80 -36.42
C GLY A 92 15.48 39.17 -37.40
N ILE A 93 16.75 39.13 -37.02
CA ILE A 93 17.80 38.60 -37.89
C ILE A 93 18.89 37.93 -37.07
N ASP A 94 19.47 36.89 -37.65
CA ASP A 94 20.63 36.18 -37.08
C ASP A 94 21.53 35.78 -38.25
N GLU A 95 22.49 36.64 -38.58
CA GLU A 95 23.42 36.28 -39.64
C GLU A 95 24.41 35.24 -39.16
N ILE A 96 24.80 35.28 -37.89
CA ILE A 96 25.85 34.41 -37.39
C ILE A 96 25.43 32.95 -37.43
N ARG A 97 24.17 32.66 -37.73
CA ARG A 97 23.70 31.29 -37.90
C ARG A 97 22.87 31.09 -39.14
N GLY A 98 22.46 32.16 -39.82
CA GLY A 98 21.73 32.04 -41.06
C GLY A 98 20.24 31.88 -40.85
N LEU A 99 19.62 32.83 -40.17
CA LEU A 99 18.21 32.75 -39.84
C LEU A 99 17.55 34.10 -39.96
N LEU A 100 16.26 34.05 -40.25
CA LEU A 100 15.36 35.18 -40.16
C LEU A 100 14.06 34.68 -39.58
N TYR A 101 13.19 35.60 -39.20
CA TYR A 101 11.91 35.18 -38.64
C TYR A 101 11.10 36.39 -38.25
N VAL A 102 9.81 36.16 -38.11
CA VAL A 102 8.88 37.20 -37.70
C VAL A 102 8.88 37.27 -36.20
N LYS A 103 8.29 38.33 -35.66
CA LYS A 103 8.05 38.47 -34.24
C LYS A 103 7.09 39.62 -34.04
N VAL A 104 6.09 39.38 -33.21
CA VAL A 104 4.96 40.28 -33.12
C VAL A 104 5.41 41.63 -32.58
N ARG A 105 4.97 42.69 -33.25
CA ARG A 105 5.22 44.04 -32.77
C ARG A 105 4.47 44.28 -31.47
N LEU A 106 4.76 45.42 -30.83
CA LEU A 106 4.25 45.71 -29.50
C LEU A 106 3.84 47.18 -29.36
N ASP A 107 3.09 47.70 -30.31
CA ASP A 107 2.86 49.14 -30.38
C ASP A 107 1.39 49.44 -30.63
N GLU A 108 0.96 50.58 -30.07
CA GLU A 108 -0.39 51.12 -30.25
C GLU A 108 -1.43 50.32 -29.49
N THR A 109 -1.00 49.20 -28.89
CA THR A 109 -1.71 48.52 -27.82
C THR A 109 -0.61 47.95 -26.94
N PRO A 110 -0.09 48.72 -25.99
CA PRO A 110 1.26 48.47 -25.48
C PRO A 110 1.44 47.06 -24.94
N ALA A 111 2.62 46.50 -25.23
CA ALA A 111 3.07 45.23 -24.66
C ALA A 111 2.16 44.08 -25.07
N GLN A 112 1.09 43.86 -24.31
CA GLN A 112 0.17 42.76 -24.58
C GLN A 112 0.86 41.42 -24.43
N ASP A 113 0.10 40.37 -24.17
CA ASP A 113 0.59 39.02 -24.39
C ASP A 113 0.59 38.80 -25.89
N GLU A 114 1.79 38.90 -26.48
CA GLU A 114 1.93 38.84 -27.93
C GLU A 114 0.97 37.85 -28.56
N TRP A 115 0.87 36.65 -27.99
CA TRP A 115 0.14 35.58 -28.64
C TRP A 115 -1.29 35.95 -28.96
N ALA A 116 -1.90 36.82 -28.17
CA ALA A 116 -3.29 37.20 -28.38
C ALA A 116 -3.53 37.85 -29.73
N HIS A 117 -2.48 38.13 -30.50
CA HIS A 117 -2.68 38.80 -31.77
C HIS A 117 -3.49 37.90 -32.70
N PRO A 118 -4.38 38.46 -33.52
CA PRO A 118 -5.20 37.59 -34.38
C PRO A 118 -4.39 36.72 -35.33
N LEU A 119 -3.35 37.27 -35.95
CA LEU A 119 -2.66 36.58 -37.03
C LEU A 119 -1.74 35.47 -36.56
N VAL A 120 -1.08 35.64 -35.41
CA VAL A 120 -0.29 34.54 -34.86
C VAL A 120 -1.20 33.32 -34.75
N ARG A 121 -0.76 32.22 -35.34
CA ARG A 121 -1.67 31.19 -35.79
C ARG A 121 -1.70 29.96 -34.90
N ARG A 122 -1.06 29.96 -33.75
CA ARG A 122 -1.00 28.76 -32.93
C ARG A 122 -1.18 29.12 -31.47
N GLN A 123 -1.44 28.10 -30.66
CA GLN A 123 -1.64 28.31 -29.24
C GLN A 123 -0.31 28.43 -28.52
N ARG A 124 -0.33 29.18 -27.43
CA ARG A 124 0.91 29.59 -26.77
C ARG A 124 1.65 28.37 -26.25
N LEU A 125 2.97 28.48 -26.19
CA LEU A 125 3.73 27.45 -25.53
C LEU A 125 3.22 27.30 -24.11
N ASN A 126 3.35 26.09 -23.60
CA ASN A 126 2.92 25.73 -22.27
C ASN A 126 4.06 25.06 -21.52
N LEU A 127 4.14 25.37 -20.23
CA LEU A 127 5.38 25.16 -19.53
C LEU A 127 5.85 23.72 -19.62
N GLU A 128 4.97 22.77 -19.94
CA GLU A 128 5.47 21.44 -20.23
C GLU A 128 6.39 21.49 -21.44
N GLN A 129 5.91 22.06 -22.53
CA GLN A 129 6.79 22.33 -23.66
C GLN A 129 8.03 23.06 -23.20
N SER A 130 7.85 24.11 -22.39
CA SER A 130 9.00 24.91 -21.99
C SER A 130 10.03 24.05 -21.27
N LEU A 131 9.57 23.07 -20.52
CA LEU A 131 10.48 22.19 -19.82
C LEU A 131 11.39 21.47 -20.79
N LEU A 132 10.83 20.97 -21.88
CA LEU A 132 11.66 20.44 -22.94
C LEU A 132 12.49 21.53 -23.60
N VAL A 133 11.92 22.72 -23.72
CA VAL A 133 12.57 23.81 -24.43
C VAL A 133 13.89 24.13 -23.77
N ALA A 134 13.87 24.21 -22.45
CA ALA A 134 15.08 24.53 -21.70
C ALA A 134 16.14 23.49 -21.99
N ILE A 135 15.78 22.22 -21.95
CA ILE A 135 16.74 21.16 -22.20
C ILE A 135 17.32 21.33 -23.59
N LEU A 136 16.45 21.55 -24.57
CA LEU A 136 16.91 21.73 -25.94
C LEU A 136 17.92 22.87 -26.01
N ARG A 137 17.56 24.02 -25.45
CA ARG A 137 18.46 25.17 -25.50
C ARG A 137 19.79 24.83 -24.87
N GLN A 138 19.77 24.11 -23.76
CA GLN A 138 21.01 23.71 -23.12
C GLN A 138 21.87 22.94 -24.10
N HIS A 139 21.29 21.94 -24.74
CA HIS A 139 22.07 21.16 -25.68
C HIS A 139 22.55 22.02 -26.83
N PHE A 140 21.69 22.91 -27.31
CA PHE A 140 22.04 23.74 -28.45
C PHE A 140 23.26 24.58 -28.15
N VAL A 141 23.22 25.31 -27.03
CA VAL A 141 24.32 26.17 -26.68
C VAL A 141 25.56 25.34 -26.38
N ALA A 142 25.39 24.19 -25.74
CA ALA A 142 26.54 23.34 -25.47
C ALA A 142 27.23 22.90 -26.75
N TRP A 143 26.46 22.48 -27.75
CA TRP A 143 27.08 22.07 -29.01
C TRP A 143 27.67 23.27 -29.75
N GLU A 144 27.01 24.42 -29.67
CA GLU A 144 27.56 25.61 -30.30
C GLU A 144 28.91 25.96 -29.70
N GLN A 145 29.05 25.82 -28.40
CA GLN A 145 30.27 26.20 -27.72
C GLN A 145 31.39 25.20 -27.95
N GLU A 146 31.21 24.21 -28.82
CA GLU A 146 32.33 23.33 -29.18
C GLU A 146 32.44 23.06 -30.68
N SER A 147 31.37 23.23 -31.46
CA SER A 147 31.44 23.13 -32.90
C SER A 147 31.35 24.50 -33.58
N GLY A 148 31.20 25.57 -32.81
CA GLY A 148 31.06 26.90 -33.35
C GLY A 148 29.61 27.28 -33.60
N THR A 149 29.44 28.44 -34.23
CA THR A 149 28.13 28.91 -34.65
C THR A 149 27.92 28.76 -36.15
N GLY A 150 28.71 27.93 -36.83
CA GLY A 150 28.73 27.90 -38.28
C GLY A 150 27.73 26.95 -38.91
N ALA A 151 26.82 26.39 -38.13
CA ALA A 151 25.82 25.48 -38.67
C ALA A 151 24.57 25.52 -37.81
N SER A 152 23.44 25.24 -38.44
CA SER A 152 22.20 24.97 -37.72
C SER A 152 22.08 23.53 -37.29
N GLN A 153 23.09 22.71 -37.60
CA GLN A 153 23.06 21.27 -37.34
C GLN A 153 23.44 20.92 -35.91
N ALA A 154 22.77 21.53 -34.93
CA ALA A 154 22.84 21.04 -33.56
C ALA A 154 21.89 19.85 -33.44
N GLN A 155 22.44 18.69 -33.06
CA GLN A 155 21.68 17.44 -33.10
C GLN A 155 21.70 16.74 -31.74
N ILE A 156 20.64 16.00 -31.48
CA ILE A 156 20.54 15.16 -30.29
C ILE A 156 19.78 13.89 -30.64
N ALA A 157 20.03 12.84 -29.87
CA ALA A 157 19.31 11.59 -30.00
C ALA A 157 18.18 11.54 -28.99
N ILE A 158 17.01 11.07 -29.43
CA ILE A 158 15.81 11.15 -28.60
C ILE A 158 16.07 10.49 -27.25
N ASP A 159 16.70 9.33 -27.25
CA ASP A 159 16.90 8.57 -26.02
C ASP A 159 17.64 9.38 -24.95
N ASP A 160 18.49 10.31 -25.35
CA ASP A 160 19.17 11.14 -24.36
C ASP A 160 18.18 11.98 -23.57
N LEU A 161 17.15 12.50 -24.23
CA LEU A 161 16.15 13.26 -23.51
C LEU A 161 15.47 12.43 -22.43
N LEU A 162 15.33 11.12 -22.67
CA LEU A 162 14.47 10.32 -21.80
C LEU A 162 14.84 10.48 -20.34
N PRO A 163 16.09 10.30 -19.91
CA PRO A 163 16.40 10.55 -18.52
C PRO A 163 15.99 11.93 -18.07
N GLN A 164 16.24 12.94 -18.90
CA GLN A 164 15.99 14.32 -18.49
C GLN A 164 14.54 14.51 -18.11
N LEU A 165 13.62 14.16 -19.01
CA LEU A 165 12.21 14.25 -18.66
C LEU A 165 11.89 13.31 -17.51
N GLN A 166 12.51 12.15 -17.50
CA GLN A 166 12.15 11.14 -16.52
C GLN A 166 12.22 11.73 -15.12
N ILE A 167 13.19 12.61 -14.89
CA ILE A 167 13.30 13.23 -13.59
C ILE A 167 12.05 14.04 -13.28
N TYR A 168 11.57 14.82 -14.23
CA TYR A 168 10.44 15.70 -13.96
C TYR A 168 9.14 14.96 -14.20
N LEU A 169 8.87 14.58 -15.44
CA LEU A 169 7.64 13.85 -15.70
C LEU A 169 7.64 12.48 -15.07
N GLY A 170 8.68 12.12 -14.33
CA GLY A 170 8.67 10.90 -13.60
C GLY A 170 9.03 9.72 -14.47
N ASP A 171 8.77 8.53 -13.92
CA ASP A 171 9.16 7.26 -14.52
C ASP A 171 7.95 6.33 -14.48
N PRO A 172 7.02 6.46 -15.42
CA PRO A 172 5.89 5.53 -15.45
C PRO A 172 6.30 4.13 -15.86
N GLY A 173 7.61 3.91 -16.00
CA GLY A 173 8.15 2.58 -16.07
C GLY A 173 7.80 1.83 -17.34
N SER A 174 7.34 2.51 -18.37
CA SER A 174 7.01 1.85 -19.63
C SER A 174 7.55 2.71 -20.76
N GLU A 175 8.61 2.21 -21.41
CA GLU A 175 9.22 2.96 -22.50
C GLU A 175 8.18 3.38 -23.51
N SER A 176 7.16 2.57 -23.74
CA SER A 176 6.12 2.96 -24.67
C SER A 176 5.44 4.25 -24.25
N LYS A 177 5.08 4.40 -22.97
CA LYS A 177 4.39 5.62 -22.57
C LYS A 177 5.32 6.81 -22.62
N GLU A 178 6.52 6.68 -22.06
CA GLU A 178 7.41 7.83 -21.98
C GLU A 178 7.86 8.27 -23.36
N ARG A 179 8.26 7.32 -24.21
CA ARG A 179 8.68 7.67 -25.55
C ARG A 179 7.52 8.25 -26.33
N THR A 180 6.32 7.72 -26.12
CA THR A 180 5.15 8.30 -26.75
C THR A 180 4.99 9.76 -26.35
N ARG A 181 5.04 10.04 -25.05
CA ARG A 181 4.88 11.41 -24.60
C ARG A 181 6.01 12.28 -25.13
N LEU A 182 7.21 11.72 -25.19
CA LEU A 182 8.35 12.46 -25.70
C LEU A 182 8.15 12.87 -27.15
N LEU A 183 7.77 11.91 -27.99
CA LEU A 183 7.52 12.26 -29.37
C LEU A 183 6.33 13.19 -29.50
N THR A 184 5.35 13.09 -28.61
CA THR A 184 4.22 14.00 -28.67
C THR A 184 4.64 15.43 -28.36
N LEU A 185 5.47 15.59 -27.34
CA LEU A 185 6.04 16.89 -27.06
C LEU A 185 6.81 17.41 -28.26
N LEU A 186 7.75 16.60 -28.75
CA LEU A 186 8.53 17.00 -29.90
C LEU A 186 7.64 17.45 -31.04
N ASP A 187 6.59 16.69 -31.30
CA ASP A 187 5.64 17.07 -32.33
C ASP A 187 5.09 18.47 -32.07
N GLN A 188 4.59 18.70 -30.86
CA GLN A 188 4.05 20.01 -30.56
C GLN A 188 5.07 21.09 -30.87
N LEU A 189 6.33 20.85 -30.52
CA LEU A 189 7.35 21.87 -30.73
C LEU A 189 7.57 22.13 -32.21
N LYS A 190 7.71 21.07 -33.01
CA LYS A 190 7.84 21.28 -34.44
C LYS A 190 6.65 22.03 -34.97
N GLY A 191 5.51 21.92 -34.30
CA GLY A 191 4.39 22.79 -34.62
C GLY A 191 4.75 24.25 -34.44
N HIS A 192 5.50 24.57 -33.40
CA HIS A 192 6.08 25.88 -33.23
C HIS A 192 7.38 26.05 -34.01
N GLY A 193 7.81 25.00 -34.70
CA GLY A 193 8.93 25.08 -35.62
C GLY A 193 10.29 24.95 -34.99
N LEU A 194 10.37 24.66 -33.70
CA LEU A 194 11.66 24.73 -33.03
C LEU A 194 12.56 23.56 -33.41
N VAL A 195 12.01 22.37 -33.62
CA VAL A 195 12.83 21.19 -33.82
C VAL A 195 12.26 20.34 -34.94
N THR A 196 13.16 19.87 -35.80
CA THR A 196 12.78 18.93 -36.83
C THR A 196 12.27 17.65 -36.19
N SER A 197 11.36 16.98 -36.88
CA SER A 197 10.83 15.71 -36.38
C SER A 197 11.89 14.63 -36.50
N PRO A 198 11.69 13.50 -35.81
CA PRO A 198 12.72 12.46 -35.79
C PRO A 198 13.06 11.99 -37.21
N ASP A 199 14.32 11.68 -37.41
CA ASP A 199 14.78 11.08 -38.65
C ASP A 199 14.75 9.57 -38.52
N ALA A 200 15.40 8.88 -39.46
CA ALA A 200 15.55 7.44 -39.36
C ALA A 200 16.37 7.02 -38.16
N HIS A 201 17.44 7.74 -37.85
CA HIS A 201 18.35 7.38 -36.76
C HIS A 201 17.86 7.85 -35.41
N GLU A 202 16.57 8.14 -35.26
CA GLU A 202 16.03 8.60 -34.00
C GLU A 202 16.78 9.82 -33.49
N ARG A 203 17.36 10.57 -34.42
CA ARG A 203 18.09 11.78 -34.11
C ARG A 203 17.39 12.97 -34.75
N ILE A 204 17.58 14.14 -34.17
CA ILE A 204 16.86 15.32 -34.57
C ILE A 204 17.81 16.50 -34.62
N VAL A 205 17.41 17.52 -35.38
CA VAL A 205 18.16 18.77 -35.50
C VAL A 205 17.37 19.87 -34.82
N ILE A 206 18.03 20.55 -33.91
CA ILE A 206 17.45 21.73 -33.27
C ILE A 206 17.52 22.87 -34.25
N ARG A 207 16.40 23.48 -34.50
CA ARG A 207 16.39 24.69 -35.30
C ARG A 207 16.96 25.84 -34.48
N PRO A 208 17.87 26.63 -35.04
CA PRO A 208 18.52 27.67 -34.24
C PRO A 208 17.57 28.73 -33.72
N ILE A 209 16.36 28.85 -34.28
CA ILE A 209 15.42 29.85 -33.79
C ILE A 209 15.21 29.64 -32.30
N ILE A 210 15.45 28.41 -31.84
CA ILE A 210 15.38 28.12 -30.41
C ILE A 210 16.09 29.20 -29.61
N ALA A 211 17.28 29.58 -30.08
CA ALA A 211 18.07 30.53 -29.30
C ALA A 211 17.29 31.80 -29.03
N HIS A 212 16.66 32.38 -30.05
CA HIS A 212 15.90 33.60 -29.87
C HIS A 212 14.63 33.39 -29.07
N LEU A 213 14.23 32.14 -28.84
CA LEU A 213 13.17 31.88 -27.89
C LEU A 213 13.70 31.86 -26.47
N ALA A 214 14.84 31.22 -26.24
CA ALA A 214 15.44 31.10 -24.91
C ALA A 214 16.42 32.25 -24.65
N ASP A 215 15.91 33.42 -24.80
CA ASP A 215 16.51 34.71 -24.54
C ASP A 215 16.93 34.83 -23.08
N PRO A 216 18.00 35.51 -22.80
CA PRO A 216 18.19 35.99 -21.42
C PRO A 216 17.01 36.78 -20.90
N ILE A 217 16.53 37.77 -21.64
CA ILE A 217 15.43 38.60 -21.14
C ILE A 217 14.19 37.76 -20.91
N ASN A 218 13.80 36.98 -21.91
CA ASN A 218 12.59 36.18 -21.80
C ASN A 218 12.76 35.12 -20.72
N LEU A 219 13.92 34.48 -20.69
CA LEU A 219 14.19 33.51 -19.63
C LEU A 219 14.05 34.17 -18.28
N GLN A 220 14.41 35.45 -18.18
CA GLN A 220 14.33 36.13 -16.91
C GLN A 220 12.88 36.38 -16.53
N ALA A 221 12.08 36.88 -17.46
CA ALA A 221 10.66 37.01 -17.20
C ALA A 221 10.08 35.66 -16.78
N LEU A 222 10.52 34.60 -17.44
CA LEU A 222 10.01 33.26 -17.15
C LEU A 222 10.40 32.82 -15.75
N LEU A 223 11.67 32.99 -15.39
CA LEU A 223 12.12 32.60 -14.06
C LEU A 223 11.39 33.40 -13.00
N ALA A 224 11.15 34.68 -13.26
CA ALA A 224 10.40 35.51 -12.33
C ALA A 224 8.99 34.95 -12.15
N TRP A 225 8.28 34.71 -13.25
CA TRP A 225 6.92 34.19 -13.13
C TRP A 225 6.94 32.81 -12.50
N LEU A 226 8.01 32.05 -12.71
CA LEU A 226 8.10 30.70 -12.16
C LEU A 226 8.31 30.74 -10.65
N ARG A 227 9.20 31.62 -10.18
CA ARG A 227 9.34 31.81 -8.74
C ARG A 227 8.05 32.32 -8.15
N GLU A 228 7.34 33.17 -8.88
CA GLU A 228 6.02 33.56 -8.45
C GLU A 228 5.09 32.38 -8.26
N GLN A 229 5.08 31.45 -9.21
CA GLN A 229 4.28 30.24 -9.06
C GLN A 229 4.74 29.42 -7.88
N ILE A 230 6.06 29.30 -7.69
CA ILE A 230 6.57 28.57 -6.53
C ILE A 230 6.01 29.17 -5.25
N ALA A 231 6.06 30.50 -5.15
CA ALA A 231 5.65 31.18 -3.93
C ALA A 231 4.20 30.94 -3.59
N GLN A 232 3.34 30.70 -4.57
CA GLN A 232 1.93 30.40 -4.30
C GLN A 232 1.66 28.92 -4.17
N GLN A 233 2.44 28.09 -4.86
CA GLN A 233 2.33 26.65 -4.68
C GLN A 233 2.64 26.25 -3.25
N THR A 234 3.38 27.10 -2.54
CA THR A 234 3.73 26.86 -1.14
C THR A 234 2.73 27.56 -0.23
N SER B 40 11.80 54.50 -35.68
CA SER B 40 12.41 55.08 -36.90
C SER B 40 11.34 55.38 -37.95
N GLU B 41 10.61 54.33 -38.35
CA GLU B 41 9.58 54.49 -39.36
C GLU B 41 8.25 54.90 -38.71
N THR B 42 7.46 55.63 -39.48
CA THR B 42 6.10 55.90 -39.06
C THR B 42 5.28 54.61 -39.11
N ARG B 43 4.11 54.66 -38.49
CA ARG B 43 3.27 53.47 -38.34
C ARG B 43 1.89 53.72 -38.95
N THR B 44 1.41 52.74 -39.71
CA THR B 44 0.13 52.84 -40.37
C THR B 44 -0.95 53.24 -39.38
N LEU B 45 -2.02 53.83 -39.90
CA LEU B 45 -3.18 54.14 -39.08
C LEU B 45 -3.63 52.89 -38.35
N GLN B 46 -3.89 53.03 -37.06
CA GLN B 46 -4.24 51.86 -36.27
C GLN B 46 -5.52 51.22 -36.76
N LYS B 47 -6.52 52.04 -37.11
CA LYS B 47 -7.79 51.49 -37.57
C LYS B 47 -7.60 50.66 -38.83
N ILE B 48 -6.81 51.16 -39.76
CA ILE B 48 -6.58 50.43 -41.00
C ILE B 48 -5.85 49.14 -40.72
N ARG B 49 -4.85 49.17 -39.83
CA ARG B 49 -4.15 47.95 -39.49
C ARG B 49 -5.08 46.94 -38.84
N GLU B 50 -5.98 47.42 -37.99
CA GLU B 50 -7.00 46.56 -37.39
C GLU B 50 -7.86 45.89 -38.45
N ALA B 51 -8.43 46.69 -39.34
CA ALA B 51 -9.28 46.12 -40.38
C ALA B 51 -8.50 45.14 -41.23
N THR B 52 -7.25 45.48 -41.56
CA THR B 52 -6.43 44.59 -42.37
C THR B 52 -6.22 43.25 -41.69
N GLN B 53 -5.83 43.30 -40.42
CA GLN B 53 -5.56 42.05 -39.72
C GLN B 53 -6.82 41.20 -39.62
N GLU B 54 -7.95 41.82 -39.30
CA GLU B 54 -9.20 41.06 -39.25
C GLU B 54 -9.51 40.45 -40.61
N LEU B 55 -9.39 41.25 -41.66
CA LEU B 55 -9.71 40.79 -43.00
C LEU B 55 -8.80 39.66 -43.43
N LEU B 56 -7.60 39.61 -42.88
CA LEU B 56 -6.69 38.52 -43.18
C LEU B 56 -6.95 37.29 -42.33
N LYS B 57 -7.44 37.47 -41.11
CA LYS B 57 -7.85 36.31 -40.34
C LYS B 57 -9.05 35.63 -40.96
N TYR B 58 -10.01 36.41 -41.46
CA TYR B 58 -11.28 35.87 -41.89
C TYR B 58 -11.58 36.10 -43.36
N GLY B 59 -10.65 36.63 -44.13
CA GLY B 59 -10.91 36.91 -45.52
C GLY B 59 -12.08 37.81 -45.78
N LEU B 60 -12.70 38.37 -44.73
CA LEU B 60 -13.90 39.17 -44.91
C LEU B 60 -13.93 40.31 -43.92
N LEU B 61 -14.63 41.37 -44.30
CA LEU B 61 -15.02 42.44 -43.41
C LEU B 61 -16.38 42.92 -43.88
N GLU B 62 -17.23 43.28 -42.95
CA GLU B 62 -18.63 43.46 -43.28
C GLU B 62 -19.24 44.57 -42.46
N GLU B 63 -20.27 45.19 -43.04
CA GLU B 63 -21.05 46.18 -42.31
C GLU B 63 -21.67 45.56 -41.06
N ALA B 64 -21.93 44.26 -41.09
CA ALA B 64 -22.53 43.59 -39.95
C ALA B 64 -21.50 43.21 -38.89
N SER B 65 -20.23 43.25 -39.22
CA SER B 65 -19.19 42.80 -38.30
C SER B 65 -18.31 43.94 -37.80
N LYS B 66 -17.76 44.73 -38.70
CA LYS B 66 -16.93 45.86 -38.32
C LYS B 66 -17.36 47.07 -39.12
N PRO B 67 -18.63 47.48 -39.03
CA PRO B 67 -19.13 48.49 -39.98
C PRO B 67 -18.32 49.76 -40.04
N ASN B 68 -17.74 50.20 -38.92
CA ASN B 68 -16.93 51.40 -38.97
C ASN B 68 -15.59 51.13 -39.64
N LEU B 69 -14.99 49.96 -39.39
CA LEU B 69 -13.84 49.57 -40.18
C LEU B 69 -14.21 49.48 -41.65
N TYR B 70 -15.45 49.04 -41.92
CA TYR B 70 -15.92 48.96 -43.30
C TYR B 70 -15.94 50.34 -43.94
N ARG B 71 -16.48 51.33 -43.22
CA ARG B 71 -16.46 52.69 -43.73
C ARG B 71 -15.03 53.18 -43.93
N ILE B 72 -14.15 52.86 -42.98
CA ILE B 72 -12.78 53.35 -43.03
C ILE B 72 -12.07 52.82 -44.26
N VAL B 73 -12.15 51.50 -44.47
CA VAL B 73 -11.44 50.91 -45.60
C VAL B 73 -12.02 51.42 -46.91
N LEU B 74 -13.34 51.64 -46.94
CA LEU B 74 -13.96 52.20 -48.13
C LEU B 74 -13.41 53.57 -48.44
N SER B 75 -13.12 54.37 -47.42
CA SER B 75 -12.48 55.64 -47.63
C SER B 75 -10.98 55.52 -47.88
N HIS B 76 -10.40 54.35 -47.63
CA HIS B 76 -8.95 54.20 -47.74
C HIS B 76 -8.57 52.91 -48.44
N PRO B 77 -9.23 52.57 -49.55
CA PRO B 77 -8.91 51.31 -50.23
C PRO B 77 -7.51 51.28 -50.80
N GLU B 78 -6.99 52.43 -51.22
CA GLU B 78 -5.67 52.46 -51.82
C GLU B 78 -4.63 52.01 -50.81
N GLU B 79 -4.77 52.48 -49.57
CA GLU B 79 -3.91 52.03 -48.50
C GLU B 79 -3.99 50.52 -48.37
N VAL B 80 -5.20 49.99 -48.35
CA VAL B 80 -5.39 48.55 -48.21
C VAL B 80 -4.62 47.83 -49.30
N THR B 81 -4.99 48.08 -50.56
CA THR B 81 -4.38 47.36 -51.66
C THR B 81 -2.86 47.52 -51.65
N ARG B 82 -2.38 48.72 -51.33
CA ARG B 82 -0.95 48.93 -51.23
C ARG B 82 -0.34 47.99 -50.21
N ILE B 83 -1.00 47.85 -49.07
CA ILE B 83 -0.50 46.95 -48.05
C ILE B 83 -0.48 45.53 -48.57
N LEU B 84 -1.52 45.15 -49.30
CA LEU B 84 -1.68 43.75 -49.68
C LEU B 84 -0.82 43.37 -50.88
N GLU B 85 -0.55 44.31 -51.77
CA GLU B 85 0.00 43.96 -53.06
C GLU B 85 1.37 43.29 -52.97
N PRO B 86 2.23 43.59 -52.00
CA PRO B 86 3.49 42.85 -51.93
C PRO B 86 3.27 41.38 -51.73
N LEU B 87 2.15 41.02 -51.13
CA LEU B 87 1.79 39.63 -50.88
C LEU B 87 0.99 39.01 -52.01
N ASP B 88 0.78 39.74 -53.10
CA ASP B 88 -0.13 39.31 -54.14
C ASP B 88 -1.53 39.11 -53.60
N LEU B 89 -1.94 39.94 -52.65
CA LEU B 89 -3.30 39.92 -52.16
C LEU B 89 -4.00 41.22 -52.50
N ASP B 90 -5.31 41.13 -52.66
CA ASP B 90 -6.11 42.30 -52.95
C ASP B 90 -7.57 42.00 -52.64
N ILE B 91 -8.28 43.04 -52.24
CA ILE B 91 -9.67 42.88 -51.88
C ILE B 91 -10.54 42.96 -53.12
N GLY B 92 -11.59 42.15 -53.13
CA GLY B 92 -12.76 42.47 -53.94
C GLY B 92 -13.79 43.05 -53.00
N ILE B 93 -14.68 43.89 -53.52
CA ILE B 93 -15.59 44.63 -52.67
C ILE B 93 -17.02 44.40 -53.13
N ASP B 94 -17.96 44.66 -52.23
CA ASP B 94 -19.38 44.49 -52.50
C ASP B 94 -20.10 45.55 -51.67
N GLU B 95 -20.40 46.68 -52.29
CA GLU B 95 -21.07 47.75 -51.59
C GLU B 95 -22.58 47.52 -51.49
N ILE B 96 -23.13 46.71 -52.40
CA ILE B 96 -24.55 46.36 -52.30
C ILE B 96 -24.81 45.64 -50.99
N ARG B 97 -24.00 44.62 -50.72
CA ARG B 97 -24.22 43.73 -49.60
C ARG B 97 -23.28 44.03 -48.44
N GLY B 98 -22.60 45.17 -48.47
CA GLY B 98 -21.76 45.55 -47.35
C GLY B 98 -20.69 44.54 -47.03
N LEU B 99 -20.09 43.94 -48.05
CA LEU B 99 -19.08 42.92 -47.87
C LEU B 99 -17.79 43.30 -48.57
N LEU B 100 -16.71 43.24 -47.81
CA LEU B 100 -15.36 43.26 -48.33
C LEU B 100 -14.80 41.86 -48.22
N TYR B 101 -13.90 41.52 -49.12
CA TYR B 101 -13.39 40.17 -49.18
C TYR B 101 -12.07 40.19 -49.93
N VAL B 102 -11.35 39.11 -49.81
CA VAL B 102 -10.01 39.04 -50.38
C VAL B 102 -10.08 38.32 -51.72
N LYS B 103 -8.98 38.37 -52.44
CA LYS B 103 -8.85 37.70 -53.71
C LYS B 103 -7.41 37.82 -54.17
N VAL B 104 -6.87 36.70 -54.64
CA VAL B 104 -5.52 36.70 -55.16
C VAL B 104 -5.40 37.80 -56.20
N ARG B 105 -4.32 38.57 -56.13
CA ARG B 105 -4.11 39.70 -57.02
C ARG B 105 -3.23 39.36 -58.22
N LEU B 106 -2.77 38.12 -58.35
CA LEU B 106 -1.76 37.81 -59.36
C LEU B 106 -2.21 38.28 -60.73
N ASP B 107 -1.23 38.46 -61.61
CA ASP B 107 -1.46 39.10 -62.90
C ASP B 107 -1.98 38.09 -63.91
N GLU B 108 -2.07 38.54 -65.16
CA GLU B 108 -2.69 37.74 -66.21
C GLU B 108 -1.68 36.78 -66.83
N THR B 109 -2.17 35.95 -67.74
CA THR B 109 -1.36 35.04 -68.55
C THR B 109 -0.19 34.45 -67.76
N PRO B 110 -0.46 33.70 -66.69
CA PRO B 110 0.62 33.10 -65.92
C PRO B 110 1.30 31.96 -66.67
N ALA B 111 2.51 31.63 -66.22
CA ALA B 111 3.21 30.47 -66.74
C ALA B 111 2.47 29.17 -66.46
N GLN B 112 1.97 28.98 -65.24
CA GLN B 112 1.04 27.91 -64.92
C GLN B 112 -0.36 28.46 -65.17
N ASP B 113 -1.14 27.75 -65.98
CA ASP B 113 -2.39 28.32 -66.48
C ASP B 113 -3.26 28.86 -65.35
N GLU B 114 -3.25 28.21 -64.20
CA GLU B 114 -3.95 28.70 -63.01
C GLU B 114 -2.94 29.09 -61.95
N TRP B 115 -3.30 30.13 -61.19
CA TRP B 115 -2.40 30.69 -60.20
C TRP B 115 -2.04 29.67 -59.13
N ALA B 116 -0.81 29.79 -58.64
CA ALA B 116 -0.35 29.08 -57.45
C ALA B 116 0.18 30.12 -56.49
N HIS B 117 -0.31 30.10 -55.26
CA HIS B 117 -0.02 31.16 -54.30
C HIS B 117 0.56 30.57 -53.04
N PRO B 118 1.73 31.03 -52.59
CA PRO B 118 2.38 30.36 -51.45
C PRO B 118 1.52 30.32 -50.21
N LEU B 119 0.65 31.29 -50.01
CA LEU B 119 -0.14 31.35 -48.78
C LEU B 119 -1.49 30.66 -48.91
N VAL B 120 -2.23 30.89 -49.98
CA VAL B 120 -3.62 30.45 -50.02
C VAL B 120 -3.68 29.00 -50.44
N ARG B 121 -3.66 28.09 -49.49
CA ARG B 121 -3.80 26.67 -49.78
C ARG B 121 -5.26 26.35 -50.11
N ARG B 122 -5.46 25.46 -51.07
CA ARG B 122 -6.80 25.22 -51.58
C ARG B 122 -7.38 23.93 -51.02
N GLN B 123 -8.70 23.94 -50.87
CA GLN B 123 -9.46 22.80 -50.39
C GLN B 123 -10.41 22.34 -51.45
N ARG B 124 -10.65 21.03 -51.49
CA ARG B 124 -11.75 20.45 -52.25
C ARG B 124 -12.71 19.82 -51.26
N LEU B 125 -13.92 20.36 -51.18
CA LEU B 125 -14.85 19.96 -50.14
C LEU B 125 -15.43 18.58 -50.44
N ASN B 126 -15.83 17.89 -49.36
CA ASN B 126 -16.58 16.67 -49.53
C ASN B 126 -17.95 16.99 -50.10
N LEU B 127 -18.59 15.98 -50.68
CA LEU B 127 -19.87 16.21 -51.34
C LEU B 127 -20.87 16.86 -50.39
N GLU B 128 -20.91 16.42 -49.15
CA GLU B 128 -21.91 16.98 -48.24
C GLU B 128 -21.78 18.49 -48.18
N GLN B 129 -20.57 18.96 -47.91
CA GLN B 129 -20.35 20.40 -47.79
C GLN B 129 -20.68 21.08 -49.09
N SER B 130 -20.11 20.60 -50.20
CA SER B 130 -20.35 21.25 -51.48
C SER B 130 -21.83 21.34 -51.75
N LEU B 131 -22.56 20.28 -51.45
CA LEU B 131 -23.99 20.26 -51.68
C LEU B 131 -24.68 21.30 -50.83
N LEU B 132 -24.31 21.38 -49.56
CA LEU B 132 -24.89 22.38 -48.70
C LEU B 132 -24.62 23.77 -49.24
N VAL B 133 -23.42 23.98 -49.76
CA VAL B 133 -23.05 25.29 -50.28
C VAL B 133 -23.89 25.61 -51.50
N ALA B 134 -24.07 24.64 -52.40
CA ALA B 134 -24.90 24.88 -53.57
C ALA B 134 -26.32 25.19 -53.16
N ILE B 135 -26.82 24.46 -52.18
CA ILE B 135 -28.16 24.71 -51.65
C ILE B 135 -28.25 26.13 -51.16
N LEU B 136 -27.29 26.53 -50.34
CA LEU B 136 -27.31 27.87 -49.76
C LEU B 136 -27.15 28.93 -50.84
N ARG B 137 -26.40 28.60 -51.89
CA ARG B 137 -26.15 29.55 -52.96
C ARG B 137 -27.43 29.83 -53.72
N GLN B 138 -28.11 28.77 -54.13
CA GLN B 138 -29.40 28.97 -54.79
C GLN B 138 -30.40 29.56 -53.82
N HIS B 139 -30.25 29.30 -52.52
CA HIS B 139 -31.10 29.95 -51.53
C HIS B 139 -30.89 31.46 -51.54
N PHE B 140 -29.64 31.89 -51.50
CA PHE B 140 -29.32 33.30 -51.57
C PHE B 140 -29.85 33.90 -52.85
N VAL B 141 -29.68 33.18 -53.95
CA VAL B 141 -30.15 33.68 -55.24
C VAL B 141 -31.66 33.84 -55.22
N ALA B 142 -32.37 32.84 -54.70
CA ALA B 142 -33.83 32.93 -54.64
C ALA B 142 -34.27 34.06 -53.72
N TRP B 143 -33.58 34.22 -52.59
CA TRP B 143 -33.94 35.28 -51.66
C TRP B 143 -33.78 36.63 -52.31
N GLU B 144 -32.68 36.82 -53.06
CA GLU B 144 -32.48 38.10 -53.73
C GLU B 144 -33.39 38.24 -54.94
N GLN B 145 -33.82 37.12 -55.51
CA GLN B 145 -34.79 37.17 -56.60
C GLN B 145 -36.12 37.71 -56.10
N GLU B 146 -36.56 37.23 -54.95
CA GLU B 146 -37.86 37.63 -54.43
C GLU B 146 -37.80 38.95 -53.68
N SER B 147 -36.63 39.28 -53.13
CA SER B 147 -36.48 40.43 -52.25
C SER B 147 -35.55 41.49 -52.80
N GLY B 148 -34.96 41.27 -53.97
CA GLY B 148 -33.99 42.18 -54.52
C GLY B 148 -32.59 41.94 -53.96
N THR B 149 -31.65 42.75 -54.45
CA THR B 149 -30.27 42.62 -54.03
C THR B 149 -30.02 43.39 -52.74
N GLY B 150 -29.38 42.75 -51.78
CA GLY B 150 -29.06 43.37 -50.51
C GLY B 150 -30.13 43.24 -49.44
N ALA B 151 -31.30 42.69 -49.77
CA ALA B 151 -32.35 42.53 -48.78
C ALA B 151 -31.90 41.56 -47.69
N SER B 152 -32.21 41.90 -46.44
CA SER B 152 -31.74 41.11 -45.32
C SER B 152 -32.21 39.66 -45.47
N GLN B 153 -31.28 38.73 -45.29
CA GLN B 153 -31.60 37.31 -45.45
C GLN B 153 -32.66 36.89 -44.44
N ALA B 154 -33.61 36.07 -44.91
CA ALA B 154 -34.45 35.33 -43.99
C ALA B 154 -33.71 34.09 -43.50
N GLN B 155 -34.11 33.60 -42.33
CA GLN B 155 -33.43 32.47 -41.73
C GLN B 155 -33.98 31.16 -42.31
N ILE B 156 -33.09 30.18 -42.42
CA ILE B 156 -33.43 28.87 -42.95
C ILE B 156 -33.38 27.87 -41.80
N ALA B 157 -34.33 26.95 -41.77
CA ALA B 157 -34.46 26.04 -40.66
C ALA B 157 -33.68 24.76 -40.89
N ILE B 158 -32.89 24.38 -39.88
CA ILE B 158 -32.39 23.01 -39.80
C ILE B 158 -33.51 22.03 -40.14
N ASP B 159 -34.72 22.35 -39.70
CA ASP B 159 -35.87 21.48 -39.94
C ASP B 159 -36.08 21.20 -41.42
N ASP B 160 -35.83 22.17 -42.29
CA ASP B 160 -35.88 21.95 -43.72
C ASP B 160 -34.57 21.49 -44.30
N LEU B 161 -33.45 21.85 -43.66
CA LEU B 161 -32.17 21.38 -44.17
C LEU B 161 -32.12 19.86 -44.12
N LEU B 162 -32.40 19.28 -42.95
CA LEU B 162 -32.29 17.82 -42.82
C LEU B 162 -33.06 17.10 -43.91
N PRO B 163 -34.28 17.52 -44.26
CA PRO B 163 -34.90 16.98 -45.48
C PRO B 163 -34.02 17.11 -46.71
N GLN B 164 -33.52 18.32 -46.97
CA GLN B 164 -32.75 18.55 -48.19
C GLN B 164 -31.52 17.64 -48.24
N LEU B 165 -30.76 17.55 -47.15
CA LEU B 165 -29.72 16.54 -47.07
C LEU B 165 -30.29 15.16 -47.32
N GLN B 166 -31.45 14.87 -46.76
CA GLN B 166 -32.07 13.57 -46.98
C GLN B 166 -32.36 13.36 -48.45
N ILE B 167 -32.54 14.44 -49.21
CA ILE B 167 -32.84 14.31 -50.63
C ILE B 167 -31.71 13.59 -51.35
N TYR B 168 -30.48 13.83 -50.96
CA TYR B 168 -29.32 13.34 -51.71
C TYR B 168 -28.39 12.46 -50.90
N LEU B 169 -28.61 12.34 -49.58
CA LEU B 169 -27.66 11.65 -48.71
C LEU B 169 -28.25 10.41 -48.06
N GLY B 170 -29.52 10.10 -48.29
CA GLY B 170 -30.10 8.95 -47.63
C GLY B 170 -30.13 9.15 -46.13
N ASP B 171 -29.62 8.15 -45.40
CA ASP B 171 -29.74 8.13 -43.95
C ASP B 171 -28.55 7.41 -43.33
N PRO B 172 -27.81 8.04 -42.42
CA PRO B 172 -26.70 7.34 -41.75
C PRO B 172 -27.14 6.31 -40.73
N GLY B 173 -28.40 6.30 -40.35
CA GLY B 173 -28.87 5.39 -39.33
C GLY B 173 -29.89 5.99 -38.40
N SER B 174 -29.93 7.32 -38.30
CA SER B 174 -30.92 7.95 -37.43
C SER B 174 -31.04 9.43 -37.79
N GLU B 175 -32.19 10.00 -37.42
CA GLU B 175 -32.38 11.45 -37.51
C GLU B 175 -31.40 12.18 -36.62
N SER B 176 -31.07 11.60 -35.46
CA SER B 176 -30.10 12.23 -34.57
C SER B 176 -28.76 12.38 -35.27
N LYS B 177 -28.30 11.34 -35.96
CA LYS B 177 -27.04 11.43 -36.68
C LYS B 177 -27.13 12.44 -37.82
N GLU B 178 -28.27 12.47 -38.53
CA GLU B 178 -28.47 13.49 -39.55
C GLU B 178 -28.29 14.88 -38.98
N ARG B 179 -28.99 15.18 -37.89
CA ARG B 179 -28.92 16.51 -37.31
C ARG B 179 -27.51 16.82 -36.81
N THR B 180 -26.87 15.84 -36.18
CA THR B 180 -25.54 16.05 -35.64
C THR B 180 -24.55 16.37 -36.75
N ARG B 181 -24.55 15.58 -37.82
CA ARG B 181 -23.61 15.84 -38.90
C ARG B 181 -23.97 17.12 -39.63
N LEU B 182 -25.26 17.46 -39.69
CA LEU B 182 -25.65 18.73 -40.28
C LEU B 182 -25.04 19.88 -39.50
N LEU B 183 -25.12 19.81 -38.18
CA LEU B 183 -24.53 20.86 -37.36
C LEU B 183 -23.01 20.85 -37.46
N THR B 184 -22.41 19.67 -37.59
CA THR B 184 -20.96 19.59 -37.78
C THR B 184 -20.53 20.30 -39.06
N LEU B 185 -21.23 20.01 -40.16
CA LEU B 185 -20.87 20.64 -41.42
C LEU B 185 -21.20 22.13 -41.39
N LEU B 186 -22.26 22.52 -40.69
CA LEU B 186 -22.54 23.94 -40.53
C LEU B 186 -21.41 24.62 -39.77
N ASP B 187 -20.89 23.95 -38.74
CA ASP B 187 -19.72 24.46 -38.04
C ASP B 187 -18.55 24.63 -39.00
N GLN B 188 -18.31 23.62 -39.84
CA GLN B 188 -17.20 23.73 -40.79
C GLN B 188 -17.42 24.91 -41.74
N LEU B 189 -18.66 25.08 -42.19
CA LEU B 189 -18.98 26.17 -43.12
C LEU B 189 -18.79 27.53 -42.48
N LYS B 190 -19.31 27.70 -41.27
CA LYS B 190 -18.98 28.89 -40.50
C LYS B 190 -17.48 29.04 -40.35
N GLY B 191 -16.76 27.92 -40.33
CA GLY B 191 -15.31 27.99 -40.34
C GLY B 191 -14.77 28.70 -41.56
N HIS B 192 -15.41 28.50 -42.70
CA HIS B 192 -15.07 29.24 -43.90
C HIS B 192 -15.85 30.54 -44.00
N GLY B 193 -16.61 30.89 -42.96
CA GLY B 193 -17.26 32.17 -42.90
C GLY B 193 -18.44 32.32 -43.82
N LEU B 194 -18.92 31.23 -44.41
CA LEU B 194 -19.98 31.32 -45.39
C LEU B 194 -21.36 31.32 -44.75
N VAL B 195 -21.44 31.07 -43.45
CA VAL B 195 -22.69 31.06 -42.72
C VAL B 195 -22.42 31.53 -41.30
N THR B 196 -23.51 31.85 -40.59
CA THR B 196 -23.43 32.11 -39.18
C THR B 196 -23.26 30.81 -38.42
N SER B 197 -23.25 30.91 -37.10
CA SER B 197 -23.33 29.72 -36.27
C SER B 197 -24.77 29.21 -36.24
N PRO B 198 -24.98 27.95 -35.91
CA PRO B 198 -26.35 27.51 -35.62
C PRO B 198 -26.97 28.40 -34.58
N ASP B 199 -28.00 29.16 -34.97
CA ASP B 199 -28.54 30.18 -34.10
C ASP B 199 -29.30 29.54 -32.93
N ALA B 200 -29.86 30.40 -32.08
CA ALA B 200 -30.58 29.93 -30.91
C ALA B 200 -31.88 29.20 -31.25
N HIS B 201 -32.38 29.35 -32.47
CA HIS B 201 -33.65 28.75 -32.86
C HIS B 201 -33.49 27.69 -33.93
N GLU B 202 -32.28 27.14 -34.10
CA GLU B 202 -32.03 26.06 -35.06
C GLU B 202 -32.33 26.50 -36.49
N ARG B 203 -32.32 27.80 -36.73
CA ARG B 203 -32.18 28.37 -38.06
C ARG B 203 -30.75 28.87 -38.22
N ILE B 204 -30.47 29.43 -39.40
CA ILE B 204 -29.17 30.05 -39.67
C ILE B 204 -29.36 31.12 -40.73
N VAL B 205 -28.31 31.92 -40.93
CA VAL B 205 -28.32 33.02 -41.89
C VAL B 205 -27.13 32.87 -42.81
N ILE B 206 -27.27 33.37 -44.03
CA ILE B 206 -26.25 33.20 -45.05
C ILE B 206 -25.32 34.41 -45.06
N ARG B 207 -24.05 34.14 -45.28
CA ARG B 207 -23.03 35.19 -45.35
C ARG B 207 -22.89 35.66 -46.80
N PRO B 208 -22.98 36.97 -47.08
CA PRO B 208 -22.90 37.43 -48.47
C PRO B 208 -21.64 37.03 -49.22
N ILE B 209 -20.65 36.44 -48.54
CA ILE B 209 -19.51 35.88 -49.25
C ILE B 209 -19.94 34.85 -50.25
N ILE B 210 -21.10 34.23 -50.02
CA ILE B 210 -21.65 33.28 -50.97
C ILE B 210 -21.84 33.94 -52.32
N ALA B 211 -22.22 35.21 -52.35
CA ALA B 211 -22.41 35.93 -53.60
C ALA B 211 -21.17 35.92 -54.49
N HIS B 212 -20.03 35.44 -53.99
CA HIS B 212 -18.80 35.46 -54.77
C HIS B 212 -18.00 34.17 -54.56
N LEU B 213 -18.67 33.02 -54.64
CA LEU B 213 -17.95 31.76 -54.51
C LEU B 213 -17.04 31.54 -55.72
N ALA B 214 -16.34 30.41 -55.68
CA ALA B 214 -15.34 30.13 -56.71
C ALA B 214 -15.99 29.97 -58.08
N ASP B 215 -17.00 29.13 -58.19
CA ASP B 215 -17.57 28.80 -59.49
C ASP B 215 -18.99 28.27 -59.32
N PRO B 216 -20.01 29.14 -59.28
CA PRO B 216 -21.37 28.63 -59.03
C PRO B 216 -21.84 27.65 -60.10
N ILE B 217 -21.27 27.69 -61.29
CA ILE B 217 -21.65 26.72 -62.31
C ILE B 217 -21.36 25.31 -61.84
N ASN B 218 -20.22 25.11 -61.15
CA ASN B 218 -19.94 23.81 -60.58
C ASN B 218 -21.04 23.40 -59.61
N LEU B 219 -21.50 24.35 -58.80
CA LEU B 219 -22.55 24.05 -57.83
C LEU B 219 -23.83 23.60 -58.51
N GLN B 220 -24.30 24.37 -59.49
CA GLN B 220 -25.63 24.14 -60.03
C GLN B 220 -25.65 22.92 -60.94
N ALA B 221 -24.59 22.74 -61.73
CA ALA B 221 -24.47 21.51 -62.50
C ALA B 221 -24.57 20.30 -61.58
N LEU B 222 -23.80 20.30 -60.50
CA LEU B 222 -23.84 19.18 -59.57
C LEU B 222 -25.21 19.04 -58.94
N LEU B 223 -25.85 20.15 -58.58
CA LEU B 223 -27.14 20.08 -57.90
C LEU B 223 -28.20 19.48 -58.80
N ALA B 224 -28.33 20.01 -60.02
CA ALA B 224 -29.31 19.46 -60.95
C ALA B 224 -28.98 18.02 -61.28
N TRP B 225 -27.70 17.71 -61.49
CA TRP B 225 -27.31 16.33 -61.78
C TRP B 225 -27.70 15.42 -60.63
N LEU B 226 -27.52 15.87 -59.40
CA LEU B 226 -27.84 15.04 -58.24
C LEU B 226 -29.34 14.78 -58.16
N ARG B 227 -30.14 15.83 -58.29
CA ARG B 227 -31.58 15.62 -58.19
C ARG B 227 -32.08 14.75 -59.32
N GLU B 228 -31.56 14.95 -60.53
CA GLU B 228 -31.95 14.11 -61.65
C GLU B 228 -31.52 12.67 -61.43
N GLN B 229 -30.32 12.47 -60.88
CA GLN B 229 -29.83 11.12 -60.63
C GLN B 229 -30.72 10.40 -59.62
N ILE B 230 -31.12 11.10 -58.56
CA ILE B 230 -31.98 10.46 -57.56
C ILE B 230 -33.37 10.20 -58.14
N ALA B 231 -33.87 11.13 -58.97
CA ALA B 231 -35.15 10.91 -59.63
C ALA B 231 -35.12 9.71 -60.56
N GLN B 232 -34.01 9.50 -61.26
CA GLN B 232 -33.87 8.34 -62.12
C GLN B 232 -33.70 7.05 -61.31
N GLN B 233 -32.91 7.11 -60.24
CA GLN B 233 -32.63 5.91 -59.45
C GLN B 233 -33.89 5.37 -58.79
N THR B 234 -34.70 6.23 -58.22
CA THR B 234 -35.88 5.81 -57.46
C THR B 234 -36.85 5.03 -58.33
N MET C 5 16.35 -3.78 19.57
CA MET C 5 16.98 -2.81 20.50
C MET C 5 16.40 -1.40 20.32
N GLU C 6 16.60 -0.56 21.34
CA GLU C 6 16.00 0.77 21.32
C GLU C 6 16.47 1.57 20.11
N GLU C 7 17.63 1.22 19.57
CA GLU C 7 18.22 1.94 18.46
C GLU C 7 17.21 2.12 17.34
N ASN C 8 16.41 1.09 17.10
CA ASN C 8 15.46 1.11 16.01
C ASN C 8 14.02 1.04 16.47
N THR C 9 13.76 1.09 17.77
CA THR C 9 12.41 0.85 18.26
C THR C 9 11.43 1.87 17.69
N ARG C 10 11.54 3.13 18.09
CA ARG C 10 10.61 4.13 17.61
C ARG C 10 10.68 4.27 16.10
N GLN C 11 11.89 4.27 15.55
CA GLN C 11 12.06 4.48 14.12
C GLN C 11 11.31 3.44 13.30
N ARG C 12 11.42 2.17 13.69
CA ARG C 12 10.97 1.10 12.82
C ARG C 12 9.49 1.21 12.51
N THR C 13 8.66 1.52 13.51
CA THR C 13 7.24 1.61 13.24
C THR C 13 6.96 2.53 12.06
N GLU C 14 7.58 3.71 12.04
CA GLU C 14 7.41 4.59 10.90
C GLU C 14 7.92 3.93 9.63
N ASN C 15 9.05 3.22 9.73
CA ASN C 15 9.56 2.51 8.57
C ASN C 15 8.52 1.59 7.99
N TYR C 16 7.59 1.10 8.82
CA TYR C 16 6.54 0.24 8.32
C TYR C 16 5.33 1.03 7.87
N ILE C 17 4.97 2.11 8.56
CA ILE C 17 3.87 2.93 8.09
C ILE C 17 4.14 3.37 6.66
N SER C 18 5.40 3.67 6.37
CA SER C 18 5.74 4.07 5.01
C SER C 18 5.48 2.94 4.03
N ALA C 19 6.05 1.76 4.30
CA ALA C 19 5.97 0.67 3.32
C ALA C 19 4.51 0.36 2.99
N LYS C 20 3.64 0.43 3.98
CA LYS C 20 2.24 0.12 3.74
C LYS C 20 1.62 1.09 2.75
N ASN C 21 1.94 2.38 2.88
CA ASN C 21 1.32 3.36 2.02
C ASN C 21 1.90 3.38 0.62
N GLN C 22 3.14 2.96 0.44
CA GLN C 22 3.77 3.15 -0.87
C GLN C 22 4.29 1.86 -1.49
N HIS C 23 4.92 0.98 -0.73
CA HIS C 23 5.61 -0.13 -1.35
C HIS C 23 4.61 -0.98 -2.14
N PRO C 24 4.88 -1.31 -3.40
CA PRO C 24 3.89 -2.06 -4.17
C PRO C 24 3.59 -3.43 -3.61
N ALA C 25 4.62 -4.25 -3.38
CA ALA C 25 4.40 -5.63 -3.01
C ALA C 25 3.41 -5.75 -1.86
N TRP C 26 3.50 -4.82 -0.91
CA TRP C 26 2.53 -4.78 0.18
C TRP C 26 1.17 -4.27 -0.29
N ILE C 27 1.16 -3.17 -1.04
CA ILE C 27 -0.11 -2.55 -1.40
C ILE C 27 -1.01 -3.56 -2.09
N LEU C 28 -0.44 -4.33 -3.02
CA LEU C 28 -1.22 -5.33 -3.74
C LEU C 28 -1.93 -6.26 -2.77
N LEU C 29 -1.20 -6.76 -1.78
CA LEU C 29 -1.76 -7.75 -0.88
C LEU C 29 -2.88 -7.17 -0.04
N ALA C 30 -3.03 -5.84 -0.02
CA ALA C 30 -4.13 -5.23 0.69
C ALA C 30 -5.39 -5.19 -0.16
N THR C 31 -5.24 -5.12 -1.48
CA THR C 31 -6.39 -4.98 -2.34
C THR C 31 -7.23 -6.24 -2.34
N ARG C 32 -8.54 -6.05 -2.52
CA ARG C 32 -9.45 -7.18 -2.50
C ARG C 32 -9.15 -8.16 -3.62
N ARG C 33 -8.86 -7.66 -4.81
CA ARG C 33 -8.63 -8.52 -5.97
C ARG C 33 -7.27 -9.18 -5.95
N ALA C 34 -6.49 -9.00 -4.89
CA ALA C 34 -5.14 -9.52 -4.87
C ALA C 34 -5.04 -10.98 -5.29
N PRO C 35 -5.93 -11.88 -4.87
CA PRO C 35 -5.75 -13.29 -5.24
C PRO C 35 -5.66 -13.49 -6.74
N LEU C 36 -6.71 -13.11 -7.48
CA LEU C 36 -6.72 -13.34 -8.91
C LEU C 36 -5.54 -12.66 -9.56
N VAL C 37 -5.28 -11.42 -9.15
CA VAL C 37 -4.13 -10.70 -9.68
C VAL C 37 -2.89 -11.56 -9.61
N LEU C 38 -2.50 -11.93 -8.39
CA LEU C 38 -1.23 -12.60 -8.21
C LEU C 38 -1.23 -13.94 -8.91
N SER C 39 -2.33 -14.69 -8.82
CA SER C 39 -2.40 -15.97 -9.51
C SER C 39 -2.13 -15.79 -11.00
N ALA C 40 -2.87 -14.88 -11.63
CA ALA C 40 -2.75 -14.70 -13.06
C ALA C 40 -1.34 -14.29 -13.43
N LEU C 41 -0.75 -13.38 -12.66
CA LEU C 41 0.56 -12.88 -13.02
C LEU C 41 1.61 -13.97 -12.88
N LYS C 42 1.50 -14.78 -11.83
CA LYS C 42 2.37 -15.93 -11.73
C LYS C 42 2.22 -16.82 -12.95
N THR C 43 0.98 -17.05 -13.35
CA THR C 43 0.76 -17.85 -14.55
C THR C 43 1.54 -17.26 -15.71
N LEU C 44 1.36 -15.96 -15.95
CA LEU C 44 1.98 -15.33 -17.09
C LEU C 44 3.48 -15.53 -17.06
N PHE C 45 4.10 -15.16 -15.95
CA PHE C 45 5.56 -15.12 -15.93
C PHE C 45 6.17 -16.51 -15.88
N GLU C 46 5.43 -17.50 -15.38
CA GLU C 46 6.03 -18.79 -15.14
C GLU C 46 6.60 -19.40 -16.41
N LYS C 47 5.88 -19.28 -17.51
CA LYS C 47 6.31 -19.97 -18.73
C LYS C 47 7.75 -19.65 -19.06
N SER C 48 8.17 -18.42 -18.80
CA SER C 48 9.57 -18.02 -18.98
C SER C 48 9.73 -16.63 -18.41
N HIS C 49 10.94 -16.33 -17.94
CA HIS C 49 11.24 -15.03 -17.36
C HIS C 49 12.22 -14.23 -18.20
N ASP C 50 12.44 -14.63 -19.45
CA ASP C 50 13.29 -13.86 -20.33
C ASP C 50 12.63 -12.58 -20.80
N GLY C 51 11.32 -12.43 -20.61
CA GLY C 51 10.60 -11.28 -21.11
C GLY C 51 9.62 -11.66 -22.18
N ILE C 52 8.43 -11.07 -22.13
CA ILE C 52 7.29 -11.48 -22.96
C ILE C 52 6.95 -10.35 -23.91
N PRO C 53 6.68 -10.61 -25.18
CA PRO C 53 6.14 -9.56 -26.05
C PRO C 53 4.83 -9.04 -25.48
N LEU C 54 4.63 -7.72 -25.58
CA LEU C 54 3.49 -7.10 -24.91
C LEU C 54 2.18 -7.74 -25.33
N GLU C 55 1.91 -7.82 -26.63
CA GLU C 55 0.62 -8.33 -27.08
C GLU C 55 0.54 -9.84 -26.99
N GLU C 56 1.67 -10.54 -27.06
CA GLU C 56 1.67 -11.94 -26.68
C GLU C 56 1.14 -12.10 -25.26
N ALA C 57 1.58 -11.22 -24.37
CA ALA C 57 1.07 -11.22 -23.01
C ALA C 57 -0.40 -10.86 -22.99
N ILE C 58 -0.81 -9.88 -23.81
CA ILE C 58 -2.21 -9.52 -23.87
C ILE C 58 -3.03 -10.76 -24.19
N GLN C 59 -2.58 -11.50 -25.20
CA GLN C 59 -3.29 -12.68 -25.65
C GLN C 59 -3.36 -13.73 -24.56
N SER C 60 -2.21 -14.06 -23.97
CA SER C 60 -2.20 -15.10 -22.95
C SER C 60 -3.04 -14.69 -21.75
N LEU C 61 -2.94 -13.43 -21.35
CA LEU C 61 -3.71 -12.94 -20.23
C LEU C 61 -5.21 -13.01 -20.53
N SER C 62 -5.61 -12.60 -21.73
CA SER C 62 -7.02 -12.69 -22.09
C SER C 62 -7.48 -14.14 -22.04
N SER C 63 -6.62 -15.06 -22.51
CA SER C 63 -6.95 -16.47 -22.41
C SER C 63 -7.16 -16.88 -20.97
N ILE C 64 -6.28 -16.44 -20.09
CA ILE C 64 -6.39 -16.80 -18.68
C ILE C 64 -7.58 -16.10 -18.05
N LEU C 65 -7.91 -14.90 -18.53
CA LEU C 65 -9.02 -14.16 -17.96
C LEU C 65 -10.33 -14.89 -18.16
N ILE C 66 -10.55 -15.39 -19.37
CA ILE C 66 -11.77 -16.12 -19.66
C ILE C 66 -11.83 -17.36 -18.80
N GLU C 67 -10.69 -18.01 -18.55
CA GLU C 67 -10.69 -19.19 -17.69
C GLU C 67 -11.35 -18.90 -16.36
N HIS C 68 -11.16 -17.71 -15.83
CA HIS C 68 -11.61 -17.40 -14.49
C HIS C 68 -12.76 -16.42 -14.45
N VAL C 69 -13.47 -16.22 -15.56
CA VAL C 69 -14.69 -15.41 -15.55
C VAL C 69 -15.70 -16.08 -14.63
N SER C 70 -15.54 -17.40 -14.42
CA SER C 70 -16.39 -18.10 -13.47
C SER C 70 -16.29 -17.51 -12.07
N GLN C 71 -15.19 -16.81 -11.77
CA GLN C 71 -15.07 -16.05 -10.53
C GLN C 71 -15.94 -14.80 -10.66
N GLU C 72 -17.21 -14.96 -10.30
CA GLU C 72 -18.23 -13.99 -10.68
C GLU C 72 -18.01 -12.63 -10.03
N GLN C 73 -17.55 -12.61 -8.78
CA GLN C 73 -17.58 -11.36 -8.03
C GLN C 73 -16.70 -10.29 -8.67
N TYR C 74 -15.69 -10.69 -9.44
CA TYR C 74 -14.76 -9.75 -10.04
C TYR C 74 -15.12 -9.37 -11.48
N ASP C 75 -16.23 -9.87 -12.02
CA ASP C 75 -16.79 -9.39 -13.28
C ASP C 75 -15.71 -9.32 -14.37
N ILE C 76 -15.16 -10.48 -14.72
CA ILE C 76 -14.14 -10.53 -15.76
C ILE C 76 -14.81 -10.38 -17.12
N ASN C 77 -14.29 -9.46 -17.92
CA ASN C 77 -14.97 -9.03 -19.14
C ASN C 77 -15.15 -10.20 -20.09
N GLN C 78 -16.28 -10.19 -20.80
CA GLN C 78 -16.66 -11.26 -21.73
C GLN C 78 -16.71 -10.79 -23.17
N ASP C 79 -17.34 -9.64 -23.43
CA ASP C 79 -17.54 -9.19 -24.80
C ASP C 79 -16.24 -9.05 -25.57
N ASN C 80 -15.13 -8.79 -24.89
CA ASN C 80 -13.82 -8.73 -25.55
C ASN C 80 -12.75 -8.95 -24.49
N PRO C 81 -12.45 -10.19 -24.16
CA PRO C 81 -11.41 -10.43 -23.15
C PRO C 81 -10.05 -9.90 -23.56
N PHE C 82 -9.78 -9.79 -24.86
CA PHE C 82 -8.48 -9.27 -25.29
C PHE C 82 -8.33 -7.81 -24.91
N LEU C 83 -9.37 -7.01 -25.15
CA LEU C 83 -9.35 -5.62 -24.74
C LEU C 83 -9.17 -5.50 -23.23
N GLN C 84 -9.80 -6.40 -22.48
CA GLN C 84 -9.65 -6.33 -21.04
C GLN C 84 -8.23 -6.68 -20.63
N ALA C 85 -7.63 -7.66 -21.32
CA ALA C 85 -6.22 -7.96 -21.07
C ALA C 85 -5.37 -6.73 -21.28
N SER C 86 -5.67 -5.95 -22.31
CA SER C 86 -4.94 -4.70 -22.50
C SER C 86 -5.20 -3.72 -21.36
N ARG C 87 -6.46 -3.52 -20.99
CA ARG C 87 -6.82 -2.57 -19.95
C ARG C 87 -6.33 -2.95 -18.60
N GLU C 88 -5.91 -4.20 -18.46
CA GLU C 88 -5.34 -4.68 -17.21
C GLU C 88 -3.82 -4.68 -17.20
N LEU C 89 -3.18 -4.98 -18.32
CA LEU C 89 -1.75 -4.71 -18.41
C LEU C 89 -1.45 -3.24 -18.18
N ARG C 90 -2.34 -2.36 -18.64
CA ARG C 90 -2.19 -0.96 -18.27
C ARG C 90 -2.12 -0.83 -16.76
N GLU C 91 -3.01 -1.50 -16.05
CA GLU C 91 -3.03 -1.38 -14.61
C GLU C 91 -1.75 -1.91 -13.98
N TRP C 92 -1.25 -3.05 -14.47
CA TRP C 92 -0.07 -3.64 -13.83
C TRP C 92 1.19 -2.90 -14.19
N ILE C 93 1.15 -2.06 -15.22
CA ILE C 93 2.24 -1.11 -15.42
C ILE C 93 2.07 0.09 -14.50
N LYS C 94 0.86 0.66 -14.47
CA LYS C 94 0.63 1.86 -13.67
C LYS C 94 0.86 1.60 -12.20
N ARG C 95 0.65 0.36 -11.76
CA ARG C 95 0.81 0.00 -10.36
C ARG C 95 2.18 -0.58 -10.08
N ARG C 96 3.06 -0.56 -11.07
CA ARG C 96 4.47 -0.88 -10.88
C ARG C 96 4.70 -2.34 -10.59
N LEU C 97 3.71 -3.20 -10.87
CA LEU C 97 3.96 -4.62 -10.79
C LEU C 97 4.84 -5.08 -11.91
N ILE C 98 4.67 -4.49 -13.09
CA ILE C 98 5.41 -4.90 -14.27
C ILE C 98 5.89 -3.65 -14.99
N VAL C 99 7.15 -3.31 -14.78
CA VAL C 99 7.81 -2.40 -15.69
C VAL C 99 7.99 -3.13 -17.01
N GLU C 100 7.78 -2.43 -18.10
CA GLU C 100 8.01 -2.98 -19.42
C GLU C 100 9.12 -2.19 -20.08
N ARG C 101 10.03 -2.92 -20.70
CA ARG C 101 11.15 -2.31 -21.39
C ARG C 101 11.46 -3.15 -22.61
N ASP C 102 12.04 -2.52 -23.62
CA ASP C 102 12.40 -3.24 -24.83
C ASP C 102 11.16 -3.86 -25.48
N GLY C 103 10.00 -3.31 -25.16
CA GLY C 103 8.76 -3.79 -25.73
C GLY C 103 8.25 -5.06 -25.07
N ARG C 104 9.04 -5.64 -24.17
CA ARG C 104 8.65 -6.84 -23.45
C ARG C 104 8.47 -6.51 -21.98
N ILE C 105 7.37 -6.93 -21.42
CA ILE C 105 7.03 -6.62 -20.03
C ILE C 105 7.90 -7.48 -19.12
N PHE C 106 7.97 -7.07 -17.87
CA PHE C 106 8.77 -7.76 -16.87
C PHE C 106 8.14 -7.56 -15.50
N ALA C 107 8.58 -8.38 -14.55
CA ALA C 107 8.04 -8.37 -13.20
C ALA C 107 8.93 -7.56 -12.27
N THR C 108 8.42 -6.41 -11.82
CA THR C 108 9.11 -5.66 -10.80
C THR C 108 9.46 -6.56 -9.63
N ASP C 109 10.53 -6.20 -8.93
CA ASP C 109 10.96 -6.98 -7.79
C ASP C 109 9.84 -7.12 -6.77
N ALA C 110 9.01 -6.09 -6.63
CA ALA C 110 7.89 -6.17 -5.71
C ALA C 110 7.07 -7.42 -6.00
N LEU C 111 6.87 -7.73 -7.27
CA LEU C 111 6.14 -8.95 -7.61
C LEU C 111 6.90 -10.18 -7.17
N GLU C 112 8.22 -10.21 -7.36
CA GLU C 112 8.98 -11.37 -6.92
C GLU C 112 8.75 -11.65 -5.44
N VAL C 113 8.87 -10.63 -4.60
CA VAL C 113 8.69 -10.86 -3.17
C VAL C 113 7.25 -11.29 -2.90
N ALA C 114 6.28 -10.58 -3.46
CA ALA C 114 4.90 -10.92 -3.17
C ALA C 114 4.61 -12.35 -3.54
N ILE C 115 5.10 -12.81 -4.69
CA ILE C 115 4.80 -14.17 -5.12
C ILE C 115 5.50 -15.17 -4.22
N THR C 116 6.80 -14.98 -3.97
CA THR C 116 7.48 -15.95 -3.12
C THR C 116 6.88 -15.97 -1.73
N PHE C 117 6.12 -14.93 -1.36
CA PHE C 117 5.41 -14.96 -0.09
C PHE C 117 4.27 -15.95 -0.13
N VAL C 118 3.32 -15.77 -1.05
CA VAL C 118 2.11 -16.58 -1.00
C VAL C 118 2.47 -18.06 -1.15
N GLU C 119 3.42 -18.37 -2.03
CA GLU C 119 3.82 -19.77 -2.18
C GLU C 119 4.21 -20.39 -0.85
N SER C 120 5.12 -19.75 -0.12
CA SER C 120 5.47 -20.28 1.18
C SER C 120 4.25 -20.39 2.08
N LEU C 121 3.27 -19.50 1.91
CA LEU C 121 2.18 -19.40 2.86
C LEU C 121 1.38 -20.69 2.94
N ASP C 122 0.71 -21.06 1.86
CA ASP C 122 -0.25 -22.15 1.95
C ASP C 122 0.42 -23.43 2.42
N ASN C 123 -0.41 -24.33 2.94
CA ASN C 123 0.10 -25.46 3.69
C ASN C 123 0.45 -26.64 2.80
N ARG C 124 0.66 -26.41 1.51
CA ARG C 124 1.36 -27.42 0.76
C ARG C 124 2.72 -27.63 1.41
N PHE C 125 3.44 -28.62 0.93
CA PHE C 125 4.72 -28.93 1.55
C PHE C 125 5.71 -27.79 1.36
N MET C 126 6.73 -27.77 2.21
CA MET C 126 7.45 -26.55 2.54
C MET C 126 8.42 -26.15 1.45
N THR C 127 8.98 -24.95 1.63
CA THR C 127 10.05 -24.48 0.76
C THR C 127 11.35 -25.23 1.01
N SER C 128 11.86 -25.18 2.22
CA SER C 128 13.07 -25.92 2.52
C SER C 128 12.73 -27.38 2.74
N THR C 129 13.77 -28.21 2.83
CA THR C 129 13.60 -29.64 3.03
C THR C 129 14.92 -30.21 3.55
N ALA C 130 14.87 -31.47 3.97
CA ALA C 130 15.93 -32.09 4.76
C ALA C 130 17.34 -31.64 4.40
N SER C 131 17.68 -31.64 3.12
CA SER C 131 19.06 -31.39 2.73
C SER C 131 19.54 -30.06 3.27
N ARG C 132 18.66 -29.07 3.31
CA ARG C 132 19.00 -27.77 3.87
C ARG C 132 19.92 -27.89 5.06
N LEU C 133 19.66 -28.87 5.93
CA LEU C 133 20.49 -29.01 7.11
C LEU C 133 21.92 -29.37 6.73
N SER C 134 22.10 -30.41 5.93
CA SER C 134 23.45 -30.77 5.52
C SER C 134 24.09 -29.62 4.74
N THR C 135 23.26 -28.79 4.12
CA THR C 135 23.77 -27.64 3.39
C THR C 135 24.39 -26.63 4.34
N VAL C 136 23.60 -26.17 5.32
CA VAL C 136 24.17 -25.26 6.30
C VAL C 136 25.38 -25.91 6.92
N GLN C 137 25.34 -27.23 7.10
CA GLN C 137 26.48 -27.94 7.68
C GLN C 137 27.74 -27.69 6.89
N ARG C 138 27.78 -28.16 5.66
CA ARG C 138 29.00 -28.06 4.88
C ARG C 138 29.40 -26.61 4.70
N GLU C 139 28.45 -25.72 4.45
CA GLU C 139 28.83 -24.35 4.19
C GLU C 139 29.44 -23.74 5.44
N ILE C 140 28.91 -24.06 6.61
CA ILE C 140 29.49 -23.55 7.84
C ILE C 140 30.91 -24.06 7.97
N GLU C 141 31.12 -25.34 7.70
CA GLU C 141 32.47 -25.87 7.78
C GLU C 141 33.41 -25.06 6.90
N ASN C 142 33.04 -24.89 5.63
CA ASN C 142 33.92 -24.19 4.71
C ASN C 142 34.12 -22.74 5.13
N LEU C 143 33.03 -22.09 5.56
CA LEU C 143 33.09 -20.69 5.93
C LEU C 143 34.03 -20.48 7.10
N GLU C 144 33.95 -21.33 8.11
CA GLU C 144 34.90 -21.26 9.20
C GLU C 144 36.31 -21.46 8.69
N THR C 145 36.53 -22.54 7.94
CA THR C 145 37.90 -22.87 7.57
C THR C 145 38.54 -21.72 6.82
N ARG C 146 37.82 -21.14 5.86
CA ARG C 146 38.35 -19.98 5.17
C ARG C 146 38.54 -18.80 6.10
N LEU C 147 37.50 -18.46 6.88
CA LEU C 147 37.58 -17.27 7.71
C LEU C 147 38.74 -17.34 8.68
N ASN C 148 39.18 -18.53 9.02
CA ASN C 148 40.23 -18.66 10.01
C ASN C 148 41.54 -18.15 9.43
N PRO C 149 42.14 -17.09 9.98
CA PRO C 149 43.40 -16.59 9.44
C PRO C 149 44.63 -17.35 9.91
N ASN C 150 44.51 -18.11 10.98
CA ASN C 150 45.68 -18.83 11.45
C ASN C 150 46.08 -19.88 10.44
N PRO C 151 47.33 -19.90 10.00
CA PRO C 151 47.72 -20.90 8.98
C PRO C 151 47.76 -22.31 9.52
N ALA C 152 48.29 -22.51 10.72
CA ALA C 152 48.31 -23.86 11.29
C ALA C 152 46.89 -24.42 11.39
N ASN C 153 45.90 -23.56 11.60
CA ASN C 153 44.53 -24.03 11.69
C ASN C 153 44.01 -24.49 10.34
N ARG C 154 44.37 -23.79 9.28
CA ARG C 154 44.05 -24.26 7.94
C ARG C 154 44.77 -25.57 7.67
N VAL C 155 45.99 -25.71 8.17
CA VAL C 155 46.72 -26.97 8.02
C VAL C 155 45.95 -28.10 8.69
N ALA C 156 45.45 -27.84 9.89
CA ALA C 156 44.67 -28.84 10.60
C ALA C 156 43.41 -29.19 9.82
N THR C 157 42.72 -28.16 9.32
CA THR C 157 41.54 -28.39 8.50
C THR C 157 41.85 -29.31 7.33
N LEU C 158 42.91 -28.97 6.58
CA LEU C 158 43.24 -29.76 5.41
C LEU C 158 43.65 -31.17 5.79
N ARG C 159 44.40 -31.32 6.88
CA ARG C 159 44.80 -32.66 7.30
C ARG C 159 43.59 -33.51 7.63
N ARG C 160 42.65 -32.96 8.40
CA ARG C 160 41.48 -33.76 8.76
C ARG C 160 40.65 -34.10 7.53
N ARG C 161 40.41 -33.11 6.66
CA ARG C 161 39.57 -33.36 5.49
C ARG C 161 40.23 -34.35 4.56
N ILE C 162 41.54 -34.24 4.36
CA ILE C 162 42.24 -35.14 3.47
C ILE C 162 42.32 -36.53 4.06
N SER C 163 42.45 -36.66 5.38
CA SER C 163 42.42 -37.97 5.99
C SER C 163 41.06 -38.63 5.79
N GLU C 164 39.98 -37.84 5.93
CA GLU C 164 38.65 -38.37 5.65
C GLU C 164 38.56 -38.86 4.22
N LEU C 165 38.94 -38.00 3.27
CA LEU C 165 38.87 -38.36 1.87
C LEU C 165 39.78 -39.55 1.59
N GLU C 166 40.85 -39.71 2.36
CA GLU C 166 41.73 -40.86 2.19
C GLU C 166 41.05 -42.13 2.63
N ARG C 167 40.36 -42.09 3.77
CA ARG C 167 39.52 -43.21 4.16
C ARG C 167 38.64 -43.63 3.00
N GLU C 168 37.89 -42.68 2.47
CA GLU C 168 36.90 -43.02 1.46
C GLU C 168 37.57 -43.47 0.16
N LEU C 169 38.74 -42.91 -0.14
CA LEU C 169 39.49 -43.34 -1.32
C LEU C 169 39.94 -44.78 -1.18
N GLN C 170 40.46 -45.14 -0.01
CA GLN C 170 40.86 -46.51 0.23
C GLN C 170 39.66 -47.44 0.08
N GLU C 171 38.51 -47.04 0.64
CA GLU C 171 37.32 -47.87 0.49
C GLU C 171 36.93 -48.02 -0.97
N ALA C 172 36.99 -46.92 -1.73
CA ALA C 172 36.65 -46.98 -3.14
C ALA C 172 37.62 -47.88 -3.91
N GLU C 173 38.88 -47.92 -3.49
CA GLU C 173 39.81 -48.88 -4.06
C GLU C 173 39.30 -50.29 -3.88
N ALA C 174 38.63 -50.56 -2.77
CA ALA C 174 37.99 -51.85 -2.52
C ALA C 174 36.56 -51.91 -3.03
N GLY C 175 36.06 -50.82 -3.61
CA GLY C 175 34.76 -50.84 -4.27
C GLY C 175 33.57 -50.67 -3.37
N HIS C 176 33.72 -49.99 -2.23
CA HIS C 176 32.62 -49.83 -1.28
C HIS C 176 31.92 -48.48 -1.50
N ILE C 177 31.29 -48.38 -2.66
CA ILE C 177 30.55 -47.16 -3.01
C ILE C 177 29.15 -47.24 -2.42
N GLU C 178 28.55 -46.06 -2.23
CA GLU C 178 27.18 -45.96 -1.77
C GLU C 178 26.54 -44.78 -2.46
N VAL C 179 25.22 -44.84 -2.60
CA VAL C 179 24.47 -43.81 -3.30
C VAL C 179 23.24 -43.44 -2.49
N LEU C 180 22.69 -42.27 -2.79
CA LEU C 180 21.43 -41.88 -2.20
C LEU C 180 20.35 -42.88 -2.56
N GLU C 181 19.46 -43.14 -1.61
CA GLU C 181 18.24 -43.86 -1.93
C GLU C 181 17.18 -42.86 -2.39
N THR C 182 16.21 -43.36 -3.15
CA THR C 182 15.25 -42.47 -3.77
C THR C 182 14.75 -41.41 -2.80
N HIS C 183 14.46 -41.80 -1.57
CA HIS C 183 14.13 -40.82 -0.54
C HIS C 183 15.13 -39.67 -0.56
N GLN C 184 16.39 -39.97 -0.28
CA GLN C 184 17.43 -38.95 -0.17
C GLN C 184 17.60 -38.20 -1.49
N ALA C 185 17.66 -38.94 -2.60
CA ALA C 185 17.92 -38.29 -3.88
C ALA C 185 16.82 -37.29 -4.19
N VAL C 186 15.57 -37.72 -4.09
CA VAL C 186 14.45 -36.82 -4.37
C VAL C 186 14.53 -35.60 -3.47
N GLU C 187 14.81 -35.82 -2.20
CA GLU C 187 14.86 -34.70 -1.28
C GLU C 187 15.95 -33.72 -1.70
N HIS C 188 17.18 -34.20 -1.88
CA HIS C 188 18.26 -33.32 -2.28
C HIS C 188 17.94 -32.59 -3.55
N ILE C 189 17.28 -33.24 -4.50
CA ILE C 189 17.01 -32.61 -5.78
C ILE C 189 16.03 -31.46 -5.60
N ARG C 190 14.94 -31.69 -4.90
CA ARG C 190 14.03 -30.58 -4.68
C ARG C 190 14.74 -29.45 -3.98
N ASP C 191 15.58 -29.78 -3.00
CA ASP C 191 16.30 -28.74 -2.29
C ASP C 191 17.18 -27.94 -3.23
N VAL C 192 17.98 -28.61 -4.05
CA VAL C 192 18.90 -27.92 -4.93
C VAL C 192 18.15 -27.03 -5.87
N TYR C 193 17.03 -27.51 -6.41
CA TYR C 193 16.22 -26.62 -7.24
C TYR C 193 15.86 -25.38 -6.46
N ASN C 194 15.30 -25.56 -5.26
CA ASN C 194 14.87 -24.39 -4.52
C ASN C 194 16.04 -23.50 -4.13
N LEU C 195 17.26 -24.02 -4.20
CA LEU C 195 18.44 -23.25 -3.83
C LEU C 195 18.94 -22.39 -4.99
N ALA C 196 19.42 -23.02 -6.05
CA ALA C 196 19.94 -22.25 -7.17
C ALA C 196 18.89 -21.32 -7.73
N SER C 197 17.62 -21.68 -7.61
CA SER C 197 16.55 -20.85 -8.13
C SER C 197 16.42 -19.52 -7.41
N SER C 198 17.14 -19.31 -6.32
CA SER C 198 17.16 -18.02 -5.67
C SER C 198 18.20 -17.08 -6.26
N LEU C 199 19.22 -17.62 -6.92
CA LEU C 199 20.17 -16.75 -7.60
C LEU C 199 19.45 -15.80 -8.54
N ARG C 200 18.40 -16.28 -9.19
CA ARG C 200 17.61 -15.47 -10.11
C ARG C 200 16.96 -14.28 -9.43
N ALA C 201 17.06 -14.16 -8.11
CA ALA C 201 16.12 -13.34 -7.35
C ALA C 201 16.35 -11.84 -7.55
N ASP C 202 17.58 -11.38 -7.31
CA ASP C 202 17.79 -9.97 -7.02
C ASP C 202 17.83 -9.06 -8.23
N PHE C 203 17.87 -9.61 -9.45
CA PHE C 203 18.13 -8.76 -10.60
C PHE C 203 17.11 -7.63 -10.70
N ARG C 204 15.82 -7.96 -10.60
CA ARG C 204 14.80 -6.94 -10.68
C ARG C 204 15.08 -5.83 -9.67
N ARG C 205 15.65 -6.19 -8.52
CA ARG C 205 15.97 -5.19 -7.51
C ARG C 205 17.27 -4.47 -7.83
N VAL C 206 18.23 -5.15 -8.46
CA VAL C 206 19.48 -4.48 -8.79
C VAL C 206 19.22 -3.35 -9.77
N GLU C 207 18.34 -3.60 -10.74
CA GLU C 207 17.97 -2.52 -11.65
C GLU C 207 17.34 -1.36 -10.89
N ASP C 208 16.46 -1.67 -9.93
CA ASP C 208 15.85 -0.61 -9.16
C ASP C 208 16.92 0.20 -8.43
N SER C 209 17.92 -0.48 -7.89
CA SER C 209 19.00 0.21 -7.21
C SER C 209 19.73 1.15 -8.14
N TRP C 210 20.09 0.67 -9.34
CA TRP C 210 20.74 1.56 -10.30
C TRP C 210 19.87 2.77 -10.55
N ARG C 211 18.59 2.55 -10.81
CA ARG C 211 17.71 3.66 -11.17
C ARG C 211 17.62 4.65 -10.03
N GLU C 212 17.52 4.15 -8.81
CA GLU C 212 17.42 5.02 -7.66
C GLU C 212 18.68 5.84 -7.50
N ALA C 213 19.84 5.22 -7.64
CA ALA C 213 21.09 5.95 -7.55
C ALA C 213 21.18 6.98 -8.66
N ASP C 214 20.68 6.64 -9.85
CA ASP C 214 20.70 7.57 -10.97
C ASP C 214 19.89 8.81 -10.65
N ARG C 215 18.64 8.61 -10.24
CA ARG C 215 17.80 9.74 -9.95
C ARG C 215 18.36 10.55 -8.80
N ALA C 216 18.94 9.88 -7.80
CA ALA C 216 19.58 10.60 -6.71
C ALA C 216 20.69 11.50 -7.24
N LEU C 217 21.60 10.92 -8.01
CA LEU C 217 22.73 11.70 -8.52
C LEU C 217 22.24 12.88 -9.33
N ARG C 218 21.31 12.63 -10.24
CA ARG C 218 20.85 13.71 -11.10
C ARG C 218 20.15 14.79 -10.29
N GLN C 219 19.30 14.37 -9.35
CA GLN C 219 18.63 15.37 -8.51
C GLN C 219 19.64 16.22 -7.78
N SER C 220 20.63 15.59 -7.17
CA SER C 220 21.62 16.34 -6.43
C SER C 220 22.35 17.32 -7.34
N ILE C 221 22.70 16.88 -8.55
CA ILE C 221 23.50 17.74 -9.40
C ILE C 221 22.67 18.87 -9.97
N ILE C 222 21.35 18.68 -10.07
CA ILE C 222 20.49 19.84 -10.27
C ILE C 222 20.57 20.74 -9.05
N GLY C 223 20.66 20.14 -7.87
CA GLY C 223 20.86 20.94 -6.67
C GLY C 223 22.15 21.72 -6.68
N GLU C 224 23.20 21.15 -7.26
CA GLU C 224 24.49 21.85 -7.40
C GLU C 224 24.57 22.62 -8.70
N GLN C 225 23.68 23.60 -8.88
CA GLN C 225 23.53 24.25 -10.17
C GLN C 225 24.86 24.75 -10.70
N TYR C 226 25.62 25.42 -9.84
CA TYR C 226 26.80 26.17 -10.25
C TYR C 226 28.10 25.57 -9.73
N HIS C 227 28.04 24.53 -8.91
CA HIS C 227 29.22 24.03 -8.22
C HIS C 227 30.00 23.10 -9.15
N ARG C 228 30.75 23.72 -10.05
CA ARG C 228 31.57 22.96 -11.00
C ARG C 228 32.54 22.04 -10.28
N GLY C 229 32.92 22.37 -9.05
CA GLY C 229 33.90 21.55 -8.35
C GLY C 229 33.48 20.10 -8.27
N ASP C 230 32.31 19.83 -7.70
CA ASP C 230 31.84 18.45 -7.61
C ASP C 230 31.64 17.85 -8.99
N ILE C 231 31.12 18.62 -9.93
CA ILE C 231 30.80 18.05 -11.24
C ILE C 231 32.07 17.54 -11.90
N VAL C 232 33.10 18.37 -11.96
CA VAL C 232 34.36 17.95 -12.55
C VAL C 232 34.96 16.84 -11.72
N GLU C 233 34.80 16.90 -10.40
CA GLU C 233 35.33 15.84 -9.56
C GLU C 233 34.74 14.49 -9.95
N ARG C 234 33.43 14.45 -10.19
CA ARG C 234 32.81 13.21 -10.65
C ARG C 234 33.36 12.81 -12.01
N LEU C 235 33.31 13.73 -12.97
CA LEU C 235 33.60 13.36 -14.35
C LEU C 235 35.05 12.88 -14.49
N LEU C 236 35.99 13.62 -13.90
CA LEU C 236 37.38 13.23 -14.03
C LEU C 236 37.61 11.82 -13.52
N ASN C 237 36.81 11.37 -12.56
CA ASN C 237 37.00 10.05 -12.00
C ASN C 237 36.71 8.99 -13.06
N ASP C 238 37.52 7.94 -13.06
CA ASP C 238 37.29 6.81 -13.95
C ASP C 238 36.13 5.94 -13.46
N GLN C 239 35.88 5.93 -12.16
CA GLN C 239 34.94 4.99 -11.57
C GLN C 239 33.51 5.32 -11.97
N ASP C 240 32.62 4.34 -11.78
CA ASP C 240 31.22 4.54 -12.10
C ASP C 240 30.62 5.61 -11.20
N ALA C 241 29.76 6.45 -11.79
CA ALA C 241 29.07 7.46 -11.00
C ALA C 241 27.86 6.87 -10.29
N LEU C 242 27.50 5.62 -10.60
CA LEU C 242 26.32 4.96 -10.07
C LEU C 242 26.68 3.80 -9.14
N LEU C 243 27.72 3.94 -8.34
CA LEU C 243 28.11 2.85 -7.46
C LEU C 243 27.16 2.72 -6.29
N ASN C 244 26.14 1.88 -6.43
CA ASN C 244 25.28 1.51 -5.31
C ASN C 244 25.78 0.19 -4.73
N THR C 245 26.98 0.25 -4.18
CA THR C 245 27.76 -0.91 -3.79
C THR C 245 26.91 -2.01 -3.15
N PRO C 246 26.03 -1.70 -2.20
CA PRO C 246 25.25 -2.78 -1.58
C PRO C 246 24.75 -3.78 -2.59
N GLU C 247 24.36 -3.32 -3.76
CA GLU C 247 24.14 -4.22 -4.88
C GLU C 247 25.38 -4.31 -5.74
N GLY C 248 25.77 -3.17 -6.32
CA GLY C 248 26.78 -3.18 -7.35
C GLY C 248 27.93 -4.13 -7.04
N ARG C 249 28.53 -3.98 -5.87
CA ARG C 249 29.75 -4.73 -5.60
C ARG C 249 29.48 -6.21 -5.49
N VAL C 250 28.43 -6.59 -4.77
CA VAL C 250 28.06 -8.00 -4.69
C VAL C 250 27.82 -8.54 -6.09
N PHE C 251 27.05 -7.79 -6.87
CA PHE C 251 26.73 -8.21 -8.22
C PHE C 251 28.01 -8.39 -9.03
N ASP C 252 29.00 -7.54 -8.79
CA ASP C 252 30.22 -7.59 -9.57
C ASP C 252 31.03 -8.83 -9.23
N SER C 253 31.18 -9.11 -7.95
CA SER C 253 31.82 -10.36 -7.55
C SER C 253 31.07 -11.54 -8.15
N PHE C 254 29.75 -11.49 -8.09
CA PHE C 254 28.91 -12.50 -8.69
C PHE C 254 29.28 -12.70 -10.16
N GLN C 255 29.35 -11.60 -10.91
CA GLN C 255 29.71 -11.70 -12.32
C GLN C 255 31.08 -12.33 -12.47
N GLN C 256 32.04 -11.87 -11.67
CA GLN C 256 33.38 -12.44 -11.74
C GLN C 256 33.31 -13.95 -11.63
N GLN C 257 32.54 -14.46 -10.67
CA GLN C 257 32.38 -15.89 -10.56
C GLN C 257 31.79 -16.47 -11.84
N LEU C 258 30.76 -15.81 -12.37
CA LEU C 258 30.20 -16.24 -13.64
C LEU C 258 31.27 -16.30 -14.71
N ARG C 259 32.23 -15.38 -14.64
CA ARG C 259 33.21 -15.25 -15.70
C ARG C 259 34.31 -16.28 -15.59
N GLN C 260 34.35 -17.05 -14.51
CA GLN C 260 35.14 -18.28 -14.48
C GLN C 260 34.32 -19.39 -15.15
N SER C 261 34.10 -19.21 -16.44
CA SER C 261 33.07 -19.96 -17.13
C SER C 261 33.36 -21.45 -17.18
N SER C 262 34.60 -21.86 -16.93
CA SER C 262 34.88 -23.29 -16.91
C SER C 262 34.05 -23.99 -15.85
N GLU C 263 34.02 -23.42 -14.65
CA GLU C 263 33.19 -24.00 -13.60
C GLU C 263 31.72 -23.89 -13.96
N LEU C 264 31.32 -22.83 -14.65
CA LEU C 264 29.93 -22.69 -15.04
C LEU C 264 29.51 -23.82 -15.98
N LYS C 265 30.33 -24.12 -16.98
CA LYS C 265 30.00 -25.21 -17.89
C LYS C 265 29.99 -26.53 -17.15
N ALA C 266 30.98 -26.76 -16.27
CA ALA C 266 30.97 -28.01 -15.52
C ALA C 266 29.69 -28.13 -14.71
N MET C 267 29.25 -27.03 -14.12
CA MET C 267 28.07 -27.05 -13.26
C MET C 267 26.82 -27.31 -14.09
N SER C 268 26.68 -26.61 -15.21
CA SER C 268 25.51 -26.86 -16.06
C SER C 268 25.46 -28.30 -16.51
N GLU C 269 26.60 -28.82 -16.96
CA GLU C 269 26.68 -30.20 -17.44
C GLU C 269 26.24 -31.17 -16.36
N ARG C 270 26.89 -31.12 -15.20
CA ARG C 270 26.54 -32.06 -14.15
C ARG C 270 25.12 -31.83 -13.67
N LEU C 271 24.65 -30.58 -13.71
CA LEU C 271 23.29 -30.29 -13.30
C LEU C 271 22.30 -31.05 -14.14
N ARG C 272 22.39 -30.93 -15.45
CA ARG C 272 21.42 -31.65 -16.27
C ARG C 272 21.69 -33.14 -16.23
N VAL C 273 22.94 -33.56 -16.02
CA VAL C 273 23.21 -34.97 -15.81
C VAL C 273 22.37 -35.49 -14.66
N ILE C 274 22.33 -34.74 -13.57
CA ILE C 274 21.50 -35.12 -12.43
C ILE C 274 20.03 -35.04 -12.81
N LEU C 275 19.66 -34.02 -13.58
CA LEU C 275 18.25 -33.87 -13.94
C LEU C 275 17.73 -35.07 -14.70
N SER C 276 18.62 -35.86 -15.30
CA SER C 276 18.18 -37.05 -16.02
C SER C 276 17.71 -38.15 -15.10
N HIS C 277 18.26 -38.27 -13.91
CA HIS C 277 18.04 -39.45 -13.09
C HIS C 277 16.54 -39.67 -12.87
N PRO C 278 16.08 -40.93 -12.85
CA PRO C 278 14.63 -41.16 -12.78
C PRO C 278 13.96 -40.48 -11.63
N SER C 279 14.61 -40.46 -10.47
CA SER C 279 14.03 -39.80 -9.31
C SER C 279 13.64 -38.37 -9.64
N ALA C 280 14.41 -37.72 -10.51
CA ALA C 280 14.09 -36.35 -10.88
C ALA C 280 12.63 -36.21 -11.26
N SER C 281 12.10 -37.17 -12.01
CA SER C 281 10.75 -37.02 -12.55
C SER C 281 9.76 -36.63 -11.46
N ASP C 282 9.55 -37.51 -10.48
CA ASP C 282 8.66 -37.16 -9.38
C ASP C 282 9.22 -36.03 -8.52
N ALA C 283 10.54 -35.85 -8.53
CA ALA C 283 11.13 -34.78 -7.73
C ALA C 283 10.62 -33.43 -8.18
N LEU C 284 10.69 -33.16 -9.47
CA LEU C 284 10.32 -31.86 -10.03
C LEU C 284 9.36 -32.09 -11.17
N ASN C 285 8.40 -31.19 -11.30
CA ASN C 285 7.42 -31.30 -12.37
C ASN C 285 8.02 -30.78 -13.68
N ARG C 286 7.17 -30.70 -14.69
CA ARG C 286 7.62 -30.28 -16.01
C ARG C 286 8.29 -28.92 -15.98
N LEU C 287 7.51 -27.88 -15.68
CA LEU C 287 8.02 -26.52 -15.75
C LEU C 287 9.33 -26.41 -15.00
N GLN C 288 9.39 -27.01 -13.82
CA GLN C 288 10.57 -26.87 -12.99
C GLN C 288 11.78 -27.50 -13.66
N ARG C 289 11.63 -28.70 -14.20
CA ARG C 289 12.77 -29.34 -14.83
C ARG C 289 13.25 -28.54 -16.03
N HIS C 290 12.32 -28.10 -16.88
CA HIS C 290 12.70 -27.24 -17.99
C HIS C 290 13.49 -26.04 -17.50
N ASP C 291 12.98 -25.37 -16.48
CA ASP C 291 13.66 -24.19 -15.97
C ASP C 291 15.05 -24.54 -15.48
N LEU C 292 15.16 -25.63 -14.73
CA LEU C 292 16.42 -25.96 -14.10
C LEU C 292 17.49 -26.30 -15.12
N ARG C 293 17.13 -27.07 -16.15
CA ARG C 293 18.16 -27.47 -17.10
C ARG C 293 18.80 -26.26 -17.75
N TRP C 294 18.02 -25.22 -18.00
CA TRP C 294 18.51 -24.02 -18.67
C TRP C 294 18.63 -22.83 -17.73
N LEU C 295 18.74 -23.08 -16.42
CA LEU C 295 18.89 -21.97 -15.50
C LEU C 295 20.17 -21.20 -15.78
N VAL C 296 21.27 -21.90 -16.01
CA VAL C 296 22.54 -21.22 -16.26
C VAL C 296 22.40 -20.29 -17.46
N LYS C 297 21.74 -20.78 -18.51
CA LYS C 297 21.59 -20.04 -19.74
C LYS C 297 20.84 -18.73 -19.50
N ARG C 298 19.57 -18.81 -19.13
CA ARG C 298 18.80 -17.60 -18.93
C ARG C 298 19.37 -16.75 -17.80
N LEU C 299 20.11 -17.36 -16.89
CA LEU C 299 20.81 -16.57 -15.89
C LEU C 299 21.81 -15.64 -16.55
N VAL C 300 22.69 -16.20 -17.38
CA VAL C 300 23.66 -15.35 -18.08
C VAL C 300 22.94 -14.33 -18.93
N ASP C 301 21.84 -14.76 -19.56
CA ASP C 301 21.03 -13.83 -20.34
C ASP C 301 20.62 -12.62 -19.52
N GLU C 302 19.79 -12.83 -18.51
CA GLU C 302 19.35 -11.70 -17.71
C GLU C 302 20.52 -10.95 -17.14
N SER C 303 21.65 -11.63 -16.93
CA SER C 303 22.85 -10.93 -16.48
C SER C 303 23.22 -9.85 -17.48
N GLN C 304 23.34 -10.22 -18.74
CA GLN C 304 23.67 -9.24 -19.76
C GLN C 304 22.57 -8.19 -19.85
N THR C 305 21.32 -8.61 -19.65
CA THR C 305 20.22 -7.65 -19.68
C THR C 305 20.43 -6.54 -18.68
N VAL C 306 20.71 -6.91 -17.43
CA VAL C 306 20.92 -5.91 -16.40
C VAL C 306 22.18 -5.12 -16.68
N LEU C 307 23.21 -5.78 -17.19
CA LEU C 307 24.45 -5.08 -17.51
C LEU C 307 24.19 -3.95 -18.48
N GLN C 308 23.39 -4.23 -19.51
CA GLN C 308 23.10 -3.21 -20.50
C GLN C 308 22.20 -2.14 -19.93
N ALA C 309 21.19 -2.54 -19.16
CA ALA C 309 20.36 -1.54 -18.49
C ALA C 309 21.19 -0.63 -17.60
N ARG C 310 22.32 -1.13 -17.10
CA ARG C 310 23.21 -0.31 -16.29
C ARG C 310 24.07 0.60 -17.16
N ALA C 311 24.68 0.03 -18.19
CA ALA C 311 25.57 0.82 -19.03
C ALA C 311 24.82 1.94 -19.72
N ARG C 312 23.58 1.69 -20.13
CA ARG C 312 22.81 2.74 -20.79
C ARG C 312 22.58 3.92 -19.85
N SER C 313 22.13 3.63 -18.63
CA SER C 313 21.90 4.71 -17.68
C SER C 313 23.21 5.42 -17.35
N GLU C 314 24.29 4.66 -17.24
CA GLU C 314 25.60 5.28 -17.02
C GLU C 314 25.94 6.25 -18.14
N ARG C 315 25.74 5.83 -19.38
CA ARG C 315 26.01 6.69 -20.51
C ARG C 315 25.18 7.96 -20.42
N ASP C 316 23.88 7.80 -20.16
CA ASP C 316 23.01 8.96 -20.08
C ASP C 316 23.47 9.92 -18.99
N VAL C 317 23.82 9.41 -17.83
CA VAL C 317 24.21 10.31 -16.74
C VAL C 317 25.52 10.99 -17.06
N ARG C 318 26.48 10.26 -17.63
CA ARG C 318 27.73 10.89 -18.00
C ARG C 318 27.50 12.00 -19.03
N GLY C 319 26.62 11.75 -19.99
CA GLY C 319 26.30 12.77 -20.97
C GLY C 319 25.66 13.97 -20.33
N PHE C 320 24.73 13.74 -19.42
CA PHE C 320 24.14 14.86 -18.69
C PHE C 320 25.21 15.62 -17.93
N MET C 321 26.16 14.89 -17.37
CA MET C 321 27.25 15.54 -16.66
C MET C 321 28.01 16.47 -17.58
N LYS C 322 28.39 15.99 -18.74
CA LYS C 322 29.12 16.84 -19.67
C LYS C 322 28.28 18.05 -20.05
N THR C 323 26.99 17.84 -20.33
CA THR C 323 26.15 18.96 -20.75
C THR C 323 26.06 20.03 -19.67
N GLY C 324 25.68 19.64 -18.46
CA GLY C 324 25.55 20.64 -17.40
C GLY C 324 26.86 21.36 -17.15
N LEU C 325 27.97 20.64 -17.29
CA LEU C 325 29.26 21.22 -16.95
C LEU C 325 29.55 22.47 -17.77
N ALA C 326 29.46 22.36 -19.10
CA ALA C 326 29.82 23.50 -19.93
C ALA C 326 28.90 24.68 -19.68
N ALA C 327 27.59 24.44 -19.67
CA ALA C 327 26.64 25.53 -19.49
C ALA C 327 26.55 25.99 -18.06
N GLU C 328 27.35 25.42 -17.17
CA GLU C 328 27.19 25.68 -15.74
C GLU C 328 27.36 27.15 -15.41
N HIS C 329 28.03 27.92 -16.26
CA HIS C 329 28.22 29.34 -16.00
C HIS C 329 27.86 30.25 -17.17
N HIS C 330 27.82 29.74 -18.40
CA HIS C 330 27.53 30.58 -19.54
C HIS C 330 26.28 31.42 -19.26
N ARG C 331 26.26 32.62 -19.84
CA ARG C 331 25.21 33.58 -19.54
C ARG C 331 23.85 32.91 -19.43
N VAL C 332 23.37 32.36 -20.54
CA VAL C 332 22.05 31.74 -20.52
C VAL C 332 22.06 30.49 -19.67
N GLY C 333 23.13 29.70 -19.73
CA GLY C 333 23.14 28.40 -19.08
C GLY C 333 22.83 28.49 -17.60
N HIS C 334 23.37 29.50 -16.93
CA HIS C 334 23.11 29.62 -15.52
C HIS C 334 21.62 29.88 -15.28
N LEU C 335 21.01 30.73 -16.11
CA LEU C 335 19.56 30.94 -16.02
C LEU C 335 18.83 29.63 -16.22
N LEU C 336 19.28 28.84 -17.18
CA LEU C 336 18.62 27.57 -17.45
C LEU C 336 18.68 26.67 -16.25
N ASN C 337 19.82 26.61 -15.57
CA ASN C 337 19.92 25.80 -14.37
C ASN C 337 18.96 26.32 -13.29
N GLU C 338 18.92 27.63 -13.10
CA GLU C 338 17.94 28.20 -12.20
C GLU C 338 16.55 27.71 -12.53
N PHE C 339 16.21 27.74 -13.82
CA PHE C 339 14.89 27.29 -14.25
C PHE C 339 14.68 25.82 -13.93
N LEU C 340 15.72 25.01 -14.17
CA LEU C 340 15.63 23.59 -13.86
C LEU C 340 15.23 23.38 -12.40
N ASN C 341 15.90 24.06 -11.49
CA ASN C 341 15.64 23.77 -10.09
C ASN C 341 14.29 24.29 -9.65
N LEU C 342 13.91 25.50 -10.07
CA LEU C 342 12.56 25.95 -9.79
C LEU C 342 11.54 24.97 -10.30
N ALA C 343 11.84 24.31 -11.42
CA ALA C 343 10.93 23.33 -11.98
C ALA C 343 10.84 22.09 -11.11
N LEU C 344 11.95 21.71 -10.49
CA LEU C 344 11.95 20.49 -9.69
C LEU C 344 10.83 20.49 -8.66
N LYS C 345 10.47 21.68 -8.15
CA LYS C 345 9.46 21.77 -7.12
C LYS C 345 8.07 21.39 -7.62
N LEU C 346 7.76 21.66 -8.88
CA LEU C 346 6.45 21.35 -9.40
C LEU C 346 6.21 19.85 -9.49
N ASP C 347 4.95 19.46 -9.40
CA ASP C 347 4.54 18.06 -9.51
C ASP C 347 4.17 17.79 -10.97
N TRP C 348 4.99 17.00 -11.63
CA TRP C 348 4.73 16.67 -13.02
C TRP C 348 3.67 15.59 -13.16
N GLN C 349 3.41 14.83 -12.11
CA GLN C 349 2.35 13.85 -12.15
C GLN C 349 0.98 14.49 -12.19
N ARG C 350 0.87 15.78 -11.89
CA ARG C 350 -0.37 16.52 -12.12
C ARG C 350 -0.56 16.84 -13.58
N GLN C 351 -0.52 15.80 -14.42
CA GLN C 351 -0.09 15.96 -15.81
C GLN C 351 -0.94 16.98 -16.56
N MET C 352 -2.19 17.17 -16.18
CA MET C 352 -3.10 18.00 -16.96
C MET C 352 -3.63 19.20 -16.19
N ILE C 353 -3.12 19.49 -15.00
CA ILE C 353 -3.51 20.67 -14.28
C ILE C 353 -2.40 21.71 -14.22
N ARG C 354 -1.13 21.29 -14.16
CA ARG C 354 0.00 22.21 -14.35
C ARG C 354 0.38 22.36 -15.85
N LYS C 355 -0.67 22.12 -16.63
CA LYS C 355 -0.77 22.43 -18.05
C LYS C 355 -0.95 23.94 -18.20
N GLN C 356 -0.03 24.73 -17.64
CA GLN C 356 -0.21 26.17 -17.47
C GLN C 356 0.64 26.97 -18.44
N GLU C 357 0.02 28.00 -19.01
CA GLU C 357 0.59 28.77 -20.11
C GLU C 357 1.55 29.81 -19.56
N VAL C 358 2.73 29.92 -20.18
CA VAL C 358 3.75 30.87 -19.76
C VAL C 358 3.91 31.95 -20.83
N PRO C 359 4.32 33.17 -20.48
CA PRO C 359 4.51 34.24 -21.47
C PRO C 359 5.90 34.24 -22.13
N LEU C 360 6.22 33.15 -22.81
CA LEU C 360 7.46 33.10 -23.57
C LEU C 360 7.31 33.91 -24.87
N PRO C 361 8.42 34.32 -25.48
CA PRO C 361 8.34 35.11 -26.70
C PRO C 361 7.76 34.33 -27.86
N ALA C 362 7.18 35.07 -28.80
CA ALA C 362 6.51 34.47 -29.95
C ALA C 362 7.41 34.65 -31.14
N VAL C 363 8.24 33.64 -31.38
CA VAL C 363 9.22 33.68 -32.45
C VAL C 363 8.92 32.54 -33.42
N GLY C 364 9.07 32.82 -34.70
CA GLY C 364 8.66 31.87 -35.70
C GLY C 364 7.18 31.93 -36.01
N VAL C 365 6.53 33.06 -35.73
CA VAL C 365 5.10 33.16 -35.99
C VAL C 365 4.85 33.18 -37.49
N ALA C 366 4.51 32.02 -38.04
CA ALA C 366 4.10 31.96 -39.43
C ALA C 366 2.63 32.34 -39.55
N VAL C 367 2.25 32.77 -40.74
CA VAL C 367 0.86 32.92 -41.12
C VAL C 367 0.67 32.18 -42.44
N THR C 368 -0.44 31.46 -42.54
CA THR C 368 -0.73 30.67 -43.73
C THR C 368 -2.20 30.32 -43.68
N GLY C 369 -2.66 29.63 -44.72
CA GLY C 369 -4.06 29.31 -44.80
C GLY C 369 -4.92 30.54 -44.77
N ILE C 370 -4.49 31.60 -45.42
CA ILE C 370 -5.27 32.84 -45.44
C ILE C 370 -6.62 32.46 -46.04
N PRO C 371 -7.73 32.77 -45.40
CA PRO C 371 -9.05 32.30 -45.85
C PRO C 371 -9.60 33.07 -47.05
N ALA C 372 -9.00 32.83 -48.21
CA ALA C 372 -9.50 33.45 -49.43
C ALA C 372 -10.52 32.55 -50.10
N ILE C 373 -11.60 33.14 -50.60
CA ILE C 373 -12.70 32.35 -51.12
C ILE C 373 -12.24 31.50 -52.28
N GLU C 374 -11.25 31.96 -53.03
CA GLU C 374 -10.78 31.21 -54.19
C GLU C 374 -10.26 29.84 -53.84
N ARG C 375 -9.85 29.62 -52.59
CA ARG C 375 -9.29 28.32 -52.23
C ARG C 375 -10.34 27.22 -52.32
N LEU C 376 -11.61 27.58 -52.41
CA LEU C 376 -12.69 26.61 -52.41
C LEU C 376 -12.82 25.94 -53.77
N ARG C 377 -12.94 24.60 -53.76
CA ARG C 377 -13.29 23.82 -54.93
C ARG C 377 -14.19 22.68 -54.50
N PHE C 378 -14.96 22.17 -55.44
CA PHE C 378 -16.06 21.28 -55.10
C PHE C 378 -15.78 19.86 -55.56
N LYS C 379 -16.50 18.93 -54.94
CA LYS C 379 -16.21 17.52 -55.11
C LYS C 379 -16.32 17.12 -56.57
N GLU C 380 -15.39 16.29 -57.02
CA GLU C 380 -15.41 15.75 -58.38
C GLU C 380 -16.38 14.58 -58.47
N VAL C 381 -17.67 14.91 -58.44
CA VAL C 381 -18.69 13.87 -58.40
C VAL C 381 -18.70 13.15 -59.73
N ASP C 382 -18.16 11.93 -59.74
CA ASP C 382 -18.07 11.18 -60.97
C ASP C 382 -19.46 10.79 -61.46
N ASP C 383 -19.71 11.03 -62.75
CA ASP C 383 -20.96 10.65 -63.40
C ASP C 383 -20.63 9.70 -64.53
N GLU C 384 -21.11 8.47 -64.42
CA GLU C 384 -20.73 7.38 -65.33
C GLU C 384 -21.96 6.75 -65.97
N ALA C 385 -22.87 7.59 -66.47
CA ALA C 385 -24.07 7.06 -67.11
C ALA C 385 -23.74 6.10 -68.24
N GLU C 386 -22.71 6.42 -69.03
CA GLU C 386 -22.28 5.54 -70.11
C GLU C 386 -20.81 5.78 -70.40
N GLN C 387 -20.25 4.93 -71.25
CA GLN C 387 -18.90 5.13 -71.74
C GLN C 387 -18.92 6.03 -72.98
N THR C 388 -17.76 6.61 -73.27
CA THR C 388 -17.66 7.65 -74.29
C THR C 388 -17.44 7.06 -75.68
N LEU C 389 -17.92 5.83 -75.88
CA LEU C 389 -17.55 5.09 -77.07
C LEU C 389 -18.10 5.69 -78.36
N ASP C 390 -19.14 6.50 -78.30
CA ASP C 390 -19.75 7.03 -79.52
C ASP C 390 -18.76 7.85 -80.32
N LEU C 391 -18.72 7.60 -81.63
CA LEU C 391 -17.82 8.36 -82.50
C LEU C 391 -18.46 8.73 -83.84
N SER C 392 -19.59 8.14 -84.21
CA SER C 392 -20.04 8.15 -85.59
C SER C 392 -20.09 9.57 -86.17
N ASN C 393 -20.04 9.65 -87.50
CA ASN C 393 -20.20 10.92 -88.20
C ASN C 393 -21.66 11.33 -88.28
N HIS C 394 -22.59 10.39 -88.19
CA HIS C 394 -24.01 10.68 -88.23
C HIS C 394 -24.42 11.33 -89.53
N ALA C 395 -25.71 11.56 -89.71
CA ALA C 395 -26.22 12.41 -90.77
C ALA C 395 -26.34 13.86 -90.34
N ALA C 396 -25.68 14.24 -89.25
CA ALA C 396 -25.73 15.60 -88.75
C ALA C 396 -24.97 16.57 -89.64
N ASP C 397 -24.33 16.09 -90.70
CA ASP C 397 -23.72 16.93 -91.73
C ASP C 397 -24.57 17.01 -92.99
N LEU C 398 -25.83 16.58 -92.92
CA LEU C 398 -26.73 16.63 -94.07
C LEU C 398 -27.33 18.01 -94.21
N THR C 399 -27.81 18.33 -95.41
CA THR C 399 -28.23 19.69 -95.75
C THR C 399 -29.72 19.72 -96.11
N GLN C 400 -30.45 20.66 -95.51
CA GLN C 400 -31.81 21.00 -95.90
C GLN C 400 -32.15 22.31 -95.22
N ILE C 401 -32.49 23.33 -96.01
CA ILE C 401 -32.57 24.70 -95.50
C ILE C 401 -33.81 25.39 -96.03
N GLY C 402 -34.25 26.43 -95.33
CA GLY C 402 -35.45 27.16 -95.68
C GLY C 402 -35.18 28.36 -96.58
N ASP C 403 -36.18 29.25 -96.62
CA ASP C 403 -36.25 30.26 -97.67
C ASP C 403 -35.12 31.29 -97.59
N ASP C 404 -34.89 31.85 -96.40
CA ASP C 404 -34.06 33.04 -96.31
C ASP C 404 -32.64 32.78 -96.83
N PHE C 405 -32.13 31.57 -96.63
CA PHE C 405 -30.81 31.23 -97.14
C PHE C 405 -30.78 31.32 -98.65
N TRP C 406 -31.86 30.91 -99.31
CA TRP C 406 -31.94 30.99 -100.76
C TRP C 406 -32.24 32.40 -101.24
N ASP C 407 -32.93 33.20 -100.43
CA ASP C 407 -33.04 34.62 -100.75
C ASP C 407 -31.66 35.25 -100.79
N ALA C 408 -30.87 35.08 -99.72
CA ALA C 408 -29.50 35.56 -99.74
C ALA C 408 -28.68 34.85 -100.80
N PHE C 409 -29.14 33.68 -101.26
CA PHE C 409 -28.35 32.87 -102.18
C PHE C 409 -28.12 33.58 -103.49
N ASN C 410 -29.14 34.28 -103.97
CA ASN C 410 -29.17 34.80 -105.32
C ASN C 410 -29.68 36.24 -105.28
N GLY C 411 -29.38 36.97 -106.34
CA GLY C 411 -29.89 38.30 -106.49
C GLY C 411 -29.34 38.95 -107.74
N LEU C 412 -29.15 40.26 -107.70
CA LEU C 412 -28.51 40.95 -108.81
C LEU C 412 -27.00 40.67 -108.79
N ASP C 413 -26.36 40.94 -109.92
CA ASP C 413 -24.91 40.93 -110.01
C ASP C 413 -24.46 42.27 -110.57
N ARG C 414 -23.55 42.94 -109.85
CA ARG C 414 -23.09 44.25 -110.28
C ARG C 414 -22.36 44.17 -111.61
N GLU C 415 -21.42 43.23 -111.74
CA GLU C 415 -20.60 43.16 -112.94
C GLU C 415 -21.44 42.84 -114.18
N VAL C 416 -22.39 41.91 -114.03
CA VAL C 416 -23.29 41.61 -115.14
C VAL C 416 -24.08 42.86 -115.51
N LEU C 417 -24.45 43.67 -114.52
CA LEU C 417 -25.11 44.92 -114.83
C LEU C 417 -24.19 45.89 -115.56
N ILE C 418 -22.90 45.88 -115.22
CA ILE C 418 -21.94 46.69 -115.96
C ILE C 418 -21.94 46.28 -117.42
N GLN C 419 -21.87 44.98 -117.67
CA GLN C 419 -21.86 44.49 -119.04
C GLN C 419 -23.17 44.84 -119.75
N GLN C 420 -24.29 44.68 -119.06
CA GLN C 420 -25.59 44.97 -119.65
C GLN C 420 -25.70 46.44 -120.03
N THR C 421 -25.26 47.33 -119.14
CA THR C 421 -25.32 48.77 -119.43
C THR C 421 -24.36 49.14 -120.55
N LEU C 422 -23.17 48.53 -120.59
CA LEU C 422 -22.25 48.78 -121.69
C LEU C 422 -22.87 48.39 -123.01
N GLN C 423 -23.46 47.20 -123.08
CA GLN C 423 -24.11 46.77 -124.31
C GLN C 423 -25.25 47.71 -124.69
N LEU C 424 -26.07 48.08 -123.71
CA LEU C 424 -27.23 48.92 -123.98
C LEU C 424 -26.80 50.28 -124.52
N LEU C 425 -25.78 50.88 -123.91
CA LEU C 425 -25.39 52.24 -124.27
C LEU C 425 -24.50 52.25 -125.51
N ALA C 426 -23.90 51.10 -125.87
CA ALA C 426 -23.23 51.00 -127.16
C ALA C 426 -24.25 50.82 -128.27
N LYS C 427 -25.32 50.05 -128.02
CA LYS C 427 -26.38 49.89 -129.00
C LYS C 427 -27.12 51.20 -129.23
N GLU C 428 -27.50 51.88 -128.13
CA GLU C 428 -28.24 53.12 -128.25
C GLU C 428 -27.34 54.26 -128.71
N ASN C 429 -26.09 54.28 -128.26
CA ASN C 429 -25.13 55.31 -128.64
C ASN C 429 -25.71 56.71 -128.37
N ARG C 430 -26.34 56.86 -127.20
CA ARG C 430 -26.98 58.12 -126.84
C ARG C 430 -27.22 58.10 -125.34
N PRO C 431 -27.49 59.27 -124.75
CA PRO C 431 -27.89 59.29 -123.33
C PRO C 431 -29.20 58.55 -123.13
N VAL C 432 -29.17 57.55 -122.24
CA VAL C 432 -30.34 56.75 -121.92
C VAL C 432 -30.70 57.01 -120.47
N GLY C 433 -31.88 57.61 -120.25
CA GLY C 433 -32.30 57.94 -118.91
C GLY C 433 -32.62 56.71 -118.09
N LEU C 434 -32.88 56.95 -116.80
CA LEU C 434 -33.07 55.84 -115.88
C LEU C 434 -34.31 55.03 -116.22
N ALA C 435 -35.42 55.70 -116.56
CA ALA C 435 -36.63 54.97 -116.92
C ALA C 435 -36.38 54.09 -118.14
N GLU C 436 -35.68 54.62 -119.14
CA GLU C 436 -35.39 53.85 -120.34
C GLU C 436 -34.50 52.66 -120.03
N LEU C 437 -33.49 52.85 -119.19
CA LEU C 437 -32.62 51.75 -118.83
C LEU C 437 -33.41 50.66 -118.09
N ALA C 438 -34.29 51.07 -117.17
CA ALA C 438 -35.09 50.09 -116.44
C ALA C 438 -36.04 49.34 -117.36
N GLU C 439 -36.66 50.04 -118.30
CA GLU C 439 -37.58 49.37 -119.22
C GLU C 439 -36.83 48.42 -120.15
N LEU C 440 -35.72 48.87 -120.71
CA LEU C 440 -34.97 48.02 -121.65
C LEU C 440 -34.40 46.80 -120.95
N LEU C 441 -33.69 47.00 -119.84
CA LEU C 441 -33.13 45.90 -119.07
C LEU C 441 -34.22 45.32 -118.18
N PRO C 442 -34.51 44.03 -118.26
CA PRO C 442 -35.65 43.48 -117.51
C PRO C 442 -35.50 43.75 -116.02
N PRO C 443 -36.56 44.22 -115.36
CA PRO C 443 -36.44 44.54 -113.93
C PRO C 443 -36.73 43.33 -113.05
N ALA C 444 -35.76 42.98 -112.21
CA ALA C 444 -35.95 41.97 -111.17
C ALA C 444 -35.49 42.49 -109.81
N HIS C 445 -34.38 43.24 -109.81
CA HIS C 445 -33.84 43.84 -108.60
C HIS C 445 -33.67 45.33 -108.85
N ASP C 446 -34.75 45.93 -109.35
CA ASP C 446 -34.69 47.25 -109.97
C ASP C 446 -34.06 48.30 -109.05
N LEU C 447 -34.26 48.19 -107.74
CA LEU C 447 -33.65 49.15 -106.84
C LEU C 447 -32.14 49.16 -107.05
N GLU C 448 -31.51 47.99 -106.99
CA GLU C 448 -30.05 47.93 -107.09
C GLU C 448 -29.59 48.31 -108.49
N THR C 449 -30.42 48.09 -109.52
CA THR C 449 -30.03 48.51 -110.85
C THR C 449 -30.03 50.03 -110.97
N PHE C 450 -31.03 50.70 -110.39
CA PHE C 450 -30.99 52.15 -110.34
C PHE C 450 -29.76 52.64 -109.59
N ALA C 451 -29.47 52.01 -108.44
CA ALA C 451 -28.30 52.41 -107.69
C ALA C 451 -27.04 52.24 -108.51
N VAL C 452 -26.91 51.12 -109.22
CA VAL C 452 -25.71 50.86 -110.02
C VAL C 452 -25.60 51.88 -111.15
N TRP C 453 -26.71 52.18 -111.81
CA TRP C 453 -26.66 53.14 -112.91
C TRP C 453 -26.21 54.51 -112.41
N ILE C 454 -26.80 54.98 -111.31
CA ILE C 454 -26.44 56.29 -110.79
C ILE C 454 -24.98 56.29 -110.34
N GLY C 455 -24.56 55.23 -109.66
CA GLY C 455 -23.18 55.16 -109.18
C GLY C 455 -22.18 55.11 -110.32
N MET C 456 -22.50 54.35 -111.38
CA MET C 456 -21.65 54.32 -112.56
C MET C 456 -21.57 55.70 -113.20
N ALA C 457 -22.71 56.39 -113.27
CA ALA C 457 -22.71 57.73 -113.84
C ALA C 457 -21.80 58.65 -113.05
N ARG C 458 -21.90 58.61 -111.72
CA ARG C 458 -21.06 59.49 -110.91
C ARG C 458 -19.59 59.07 -110.96
N GLU C 459 -19.31 57.77 -110.98
CA GLU C 459 -17.93 57.28 -110.97
C GLU C 459 -17.22 57.60 -112.27
N ALA C 460 -17.86 57.28 -113.40
CA ALA C 460 -17.23 57.51 -114.69
C ALA C 460 -17.12 59.00 -114.99
N GLY C 461 -18.08 59.79 -114.52
CA GLY C 461 -18.12 61.21 -114.80
C GLY C 461 -19.44 61.72 -115.36
N ILE C 462 -20.35 60.82 -115.73
CA ILE C 462 -21.67 61.21 -116.23
C ILE C 462 -22.42 61.82 -115.05
N GLU C 463 -22.58 63.14 -115.06
CA GLU C 463 -23.16 63.82 -113.93
C GLU C 463 -24.69 63.67 -113.92
N VAL C 464 -25.27 63.87 -112.75
CA VAL C 464 -26.68 63.61 -112.51
C VAL C 464 -27.34 64.88 -112.00
N ILE C 465 -28.49 65.21 -112.58
CA ILE C 465 -29.34 66.30 -112.09
C ILE C 465 -30.53 65.68 -111.38
N ASP C 466 -31.03 66.37 -110.34
CA ASP C 466 -32.16 65.84 -109.59
C ASP C 466 -32.99 67.01 -109.06
N SER C 467 -33.96 67.44 -109.88
CA SER C 467 -35.13 68.15 -109.36
C SER C 467 -36.24 67.94 -110.38
N GLN C 468 -37.04 66.88 -110.19
CA GLN C 468 -38.04 66.48 -111.17
C GLN C 468 -38.84 65.31 -110.61
N ARG C 469 -40.08 65.20 -111.09
CA ARG C 469 -40.91 64.03 -110.86
C ARG C 469 -41.16 63.37 -112.20
N GLU C 470 -40.38 62.34 -112.51
CA GLU C 470 -40.57 61.56 -113.74
C GLU C 470 -40.72 60.10 -113.35
N PHE C 471 -41.69 59.43 -113.96
CA PHE C 471 -42.20 58.18 -113.41
C PHE C 471 -41.96 57.03 -114.38
N ALA C 472 -41.97 55.83 -113.81
CA ALA C 472 -41.91 54.59 -114.57
C ALA C 472 -42.75 53.55 -113.83
N GLU C 473 -43.01 52.43 -114.50
CA GLU C 473 -43.73 51.32 -113.90
C GLU C 473 -43.01 50.02 -114.25
N LEU C 474 -42.62 49.27 -113.22
CA LEU C 474 -41.78 48.10 -113.39
C LEU C 474 -42.15 47.06 -112.36
N SER C 475 -41.77 45.81 -112.64
CA SER C 475 -42.06 44.69 -111.75
C SER C 475 -40.75 44.10 -111.23
N ASP C 476 -40.82 43.55 -110.02
CA ASP C 476 -39.67 42.98 -109.34
C ASP C 476 -39.51 41.51 -109.74
N GLY C 477 -38.67 40.79 -108.99
CA GLY C 477 -38.30 39.44 -109.36
C GLY C 477 -39.46 38.48 -109.53
N GLU C 478 -40.48 38.57 -108.67
CA GLU C 478 -41.56 37.60 -108.66
C GLU C 478 -42.86 38.19 -109.19
N GLY C 479 -42.77 39.01 -110.24
CA GLY C 479 -43.93 39.47 -110.96
C GLY C 479 -44.68 40.63 -110.32
N ARG C 480 -44.48 40.86 -109.04
CA ARG C 480 -45.19 41.93 -108.36
C ARG C 480 -44.77 43.29 -108.93
N ARG C 481 -45.76 44.08 -109.34
CA ARG C 481 -45.52 45.30 -110.11
C ARG C 481 -45.58 46.52 -109.21
N TRP C 482 -45.01 47.62 -109.69
CA TRP C 482 -44.79 48.80 -108.87
C TRP C 482 -44.71 50.05 -109.72
N ARG C 483 -44.76 51.20 -109.05
CA ARG C 483 -44.59 52.50 -109.67
C ARG C 483 -43.38 53.20 -109.07
N PHE C 484 -42.63 53.90 -109.92
CA PHE C 484 -41.35 54.49 -109.53
C PHE C 484 -41.33 55.98 -109.86
N ASN C 485 -40.43 56.70 -109.17
CA ASN C 485 -40.12 58.09 -109.44
C ASN C 485 -38.61 58.20 -109.55
N LEU C 486 -38.13 59.04 -110.47
CA LEU C 486 -36.73 58.98 -110.85
C LEU C 486 -36.12 60.37 -110.95
N PRO C 487 -34.78 60.47 -110.78
CA PRO C 487 -34.09 61.74 -111.06
C PRO C 487 -33.74 61.87 -112.53
N THR C 488 -33.18 63.03 -112.92
CA THR C 488 -32.93 63.35 -114.32
C THR C 488 -31.46 63.17 -114.65
N THR C 489 -31.16 62.29 -115.60
CA THR C 489 -29.81 62.11 -116.12
C THR C 489 -29.85 61.08 -117.23
N GLY C 490 -28.73 60.94 -117.92
CA GLY C 490 -28.63 59.99 -119.01
C GLY C 490 -27.27 59.30 -119.07
N LEU C 491 -27.28 57.97 -119.09
CA LEU C 491 -26.04 57.21 -119.12
C LEU C 491 -25.47 57.15 -120.54
N GLU C 492 -24.15 57.01 -120.63
CA GLU C 492 -23.45 56.97 -121.90
C GLU C 492 -22.39 55.87 -121.85
N SER C 493 -22.09 55.32 -123.03
CA SER C 493 -21.19 54.17 -123.10
C SER C 493 -19.73 54.59 -122.93
N GLN C 494 -19.36 55.75 -123.48
CA GLN C 494 -17.94 56.13 -123.55
C GLN C 494 -17.34 56.29 -122.15
N ALA C 495 -18.01 57.05 -121.29
CA ALA C 495 -17.46 57.29 -119.95
C ALA C 495 -17.34 55.98 -119.18
N LEU C 496 -18.33 55.09 -119.31
CA LEU C 496 -18.29 53.82 -118.59
C LEU C 496 -17.20 52.91 -119.12
N MET C 497 -17.03 52.82 -120.44
CA MET C 497 -15.99 51.96 -120.99
C MET C 497 -14.61 52.51 -120.72
N ASP C 498 -14.48 53.82 -120.52
CA ASP C 498 -13.17 54.38 -120.17
C ASP C 498 -12.81 54.08 -118.72
N ILE C 499 -13.78 54.17 -117.81
CA ILE C 499 -13.53 53.91 -116.40
C ILE C 499 -13.53 52.41 -116.17
N ASP C 500 -12.81 51.95 -115.14
CA ASP C 500 -12.62 50.54 -114.87
C ASP C 500 -13.54 50.10 -113.74
N TRP C 501 -13.79 48.80 -113.69
CA TRP C 501 -14.65 48.20 -112.68
C TRP C 501 -13.98 46.94 -112.14
N GLU C 502 -14.32 46.59 -110.91
CA GLU C 502 -13.65 45.48 -110.21
C GLU C 502 -14.64 44.42 -109.72
N MET D 1 -5.75 35.62 -110.85
CA MET D 1 -6.43 34.83 -109.78
C MET D 1 -5.89 33.40 -109.72
N ASN D 2 -5.77 32.78 -110.89
CA ASN D 2 -5.43 31.35 -110.92
C ASN D 2 -3.97 31.09 -110.57
N GLN D 3 -3.10 32.09 -110.75
CA GLN D 3 -1.68 31.85 -110.50
C GLN D 3 -1.45 31.43 -109.05
N VAL D 4 -2.12 32.11 -108.11
CA VAL D 4 -1.92 31.80 -106.70
C VAL D 4 -2.44 30.41 -106.38
N SER D 5 -3.41 29.91 -107.14
CA SER D 5 -3.85 28.53 -106.96
C SER D 5 -2.72 27.55 -107.25
N GLY D 6 -1.93 27.82 -108.29
CA GLY D 6 -0.74 27.02 -108.51
C GLY D 6 0.24 27.10 -107.35
N LEU D 7 0.42 28.31 -106.82
CA LEU D 7 1.20 28.45 -105.59
C LEU D 7 0.61 27.63 -104.47
N ALA D 8 -0.70 27.41 -104.51
CA ALA D 8 -1.35 26.55 -103.53
C ALA D 8 -1.15 25.08 -103.90
N GLY D 9 -0.79 24.29 -102.90
CA GLY D 9 -0.49 22.88 -103.11
C GLY D 9 0.98 22.67 -103.41
N LYS D 10 1.60 23.61 -104.10
CA LYS D 10 3.02 23.53 -104.42
C LYS D 10 3.87 24.03 -103.26
N GLU D 11 3.68 25.31 -102.89
CA GLU D 11 4.56 25.98 -101.95
C GLU D 11 4.04 25.99 -100.52
N SER D 12 2.75 25.73 -100.31
CA SER D 12 2.16 25.96 -99.01
C SER D 12 1.17 24.86 -98.65
N PHE D 13 0.95 24.70 -97.34
CA PHE D 13 -0.03 23.76 -96.82
C PHE D 13 -1.43 24.32 -97.02
N ILE D 14 -2.17 23.74 -97.94
CA ILE D 14 -3.52 24.15 -98.25
C ILE D 14 -4.48 23.27 -97.49
N LEU D 15 -5.43 23.88 -96.81
CA LEU D 15 -6.35 23.18 -95.93
C LEU D 15 -7.52 22.65 -96.72
N THR D 16 -7.62 21.32 -96.81
CA THR D 16 -8.88 20.72 -97.19
C THR D 16 -9.15 19.54 -96.25
N ARG D 17 -9.55 19.87 -95.02
CA ARG D 17 -10.27 18.94 -94.15
C ARG D 17 -10.53 19.64 -92.83
N ILE D 18 -11.66 19.30 -92.21
CA ILE D 18 -11.93 19.68 -90.84
C ILE D 18 -12.86 18.64 -90.24
N GLU D 19 -12.52 18.12 -89.07
CA GLU D 19 -13.34 17.17 -88.33
C GLU D 19 -13.57 17.72 -86.93
N LEU D 20 -14.83 17.72 -86.50
CA LEU D 20 -15.20 18.19 -85.17
C LEU D 20 -16.02 17.11 -84.49
N PHE D 21 -16.15 17.20 -83.17
CA PHE D 21 -16.81 16.17 -82.39
C PHE D 21 -17.27 16.78 -81.07
N ASN D 22 -18.59 16.90 -80.91
CA ASN D 22 -19.16 17.46 -79.68
C ASN D 22 -18.52 18.81 -79.37
N TRP D 23 -18.33 19.61 -80.42
CA TRP D 23 -17.82 20.95 -80.29
C TRP D 23 -18.95 21.91 -80.66
N GLY D 24 -19.31 22.78 -79.72
CA GLY D 24 -20.48 23.62 -79.95
C GLY D 24 -21.70 22.79 -80.22
N GLY D 25 -22.50 23.21 -81.19
CA GLY D 25 -23.67 22.46 -81.58
C GLY D 25 -23.39 21.22 -82.39
N PHE D 26 -22.14 21.04 -82.83
CA PHE D 26 -21.76 19.89 -83.65
C PHE D 26 -21.68 18.67 -82.75
N HIS D 27 -22.83 18.02 -82.61
CA HIS D 27 -22.94 16.82 -81.78
C HIS D 27 -22.54 15.60 -82.58
N GLY D 28 -22.13 14.55 -81.89
CA GLY D 28 -21.52 13.45 -82.60
C GLY D 28 -20.23 13.95 -83.24
N LEU D 29 -19.91 13.35 -84.39
CA LEU D 29 -18.78 13.80 -85.19
C LEU D 29 -19.27 14.39 -86.50
N HIS D 30 -18.81 15.60 -86.80
CA HIS D 30 -19.04 16.22 -88.08
C HIS D 30 -17.71 16.34 -88.82
N GLN D 31 -17.77 16.77 -90.07
CA GLN D 31 -16.59 17.19 -90.79
C GLN D 31 -17.00 17.82 -92.11
N ALA D 32 -16.32 18.89 -92.47
CA ALA D 32 -16.51 19.55 -93.74
C ALA D 32 -15.15 19.77 -94.37
N ALA D 33 -15.11 19.72 -95.70
CA ALA D 33 -13.86 19.81 -96.45
C ALA D 33 -13.73 21.21 -97.04
N ILE D 34 -12.63 21.89 -96.68
CA ILE D 34 -12.26 23.08 -97.42
C ILE D 34 -11.79 22.69 -98.81
N HIS D 35 -11.92 23.62 -99.75
CA HIS D 35 -11.47 23.43 -101.12
C HIS D 35 -10.15 24.15 -101.31
N GLN D 36 -9.18 23.44 -101.89
CA GLN D 36 -7.81 23.94 -101.93
C GLN D 36 -7.62 25.12 -102.88
N ASP D 37 -8.71 25.69 -103.41
CA ASP D 37 -8.65 26.87 -104.26
C ASP D 37 -9.63 27.94 -103.82
N GLY D 38 -9.77 28.15 -102.53
CA GLY D 38 -10.70 29.16 -102.04
C GLY D 38 -12.06 28.57 -101.77
N THR D 39 -12.63 28.95 -100.64
CA THR D 39 -13.90 28.42 -100.19
C THR D 39 -14.65 29.46 -99.37
N ALA D 40 -15.96 29.49 -99.56
CA ALA D 40 -16.84 30.32 -98.75
C ALA D 40 -17.46 29.47 -97.65
N VAL D 41 -18.13 30.15 -96.72
CA VAL D 41 -18.91 29.50 -95.68
C VAL D 41 -20.11 30.37 -95.40
N ILE D 42 -21.25 29.74 -95.12
CA ILE D 42 -22.53 30.42 -95.15
C ILE D 42 -23.50 29.71 -94.23
N GLY D 43 -24.36 30.49 -93.60
CA GLY D 43 -25.36 29.96 -92.69
C GLY D 43 -26.06 31.08 -91.95
N PRO D 44 -27.20 30.76 -91.33
CA PRO D 44 -27.93 31.79 -90.58
C PRO D 44 -27.16 32.21 -89.34
N THR D 45 -27.63 33.31 -88.75
CA THR D 45 -26.99 33.83 -87.54
C THR D 45 -26.93 32.75 -86.48
N GLY D 46 -25.75 32.59 -85.88
CA GLY D 46 -25.60 31.59 -84.83
C GLY D 46 -25.92 30.20 -85.33
N SER D 47 -25.05 29.67 -86.17
CA SER D 47 -25.17 28.31 -86.67
C SER D 47 -23.94 27.46 -86.43
N GLY D 48 -22.93 27.99 -85.75
CA GLY D 48 -21.68 27.28 -85.51
C GLY D 48 -20.53 27.71 -86.38
N LYS D 49 -20.68 28.79 -87.14
CA LYS D 49 -19.60 29.22 -88.02
C LYS D 49 -18.45 29.80 -87.18
N THR D 50 -18.73 30.88 -86.45
CA THR D 50 -17.72 31.40 -85.55
C THR D 50 -17.23 30.30 -84.64
N THR D 51 -18.13 29.37 -84.29
CA THR D 51 -17.73 28.23 -83.49
C THR D 51 -16.65 27.41 -84.18
N LEU D 52 -16.82 27.15 -85.48
CA LEU D 52 -15.84 26.37 -86.21
C LEU D 52 -14.51 27.11 -86.29
N VAL D 53 -14.56 28.41 -86.56
CA VAL D 53 -13.32 29.17 -86.61
C VAL D 53 -12.63 29.10 -85.26
N ASP D 54 -13.40 29.17 -84.18
CA ASP D 54 -12.83 29.06 -82.85
C ASP D 54 -12.21 27.70 -82.64
N ALA D 55 -12.83 26.65 -83.16
CA ALA D 55 -12.22 25.32 -83.07
C ALA D 55 -10.86 25.32 -83.74
N LEU D 56 -10.79 25.89 -84.94
CA LEU D 56 -9.49 25.99 -85.61
C LEU D 56 -8.49 26.74 -84.75
N MET D 57 -8.89 27.88 -84.23
CA MET D 57 -7.96 28.69 -83.47
C MET D 57 -7.49 27.95 -82.23
N THR D 58 -8.38 27.18 -81.62
CA THR D 58 -7.98 26.33 -80.50
C THR D 58 -6.96 25.30 -80.93
N LEU D 59 -7.15 24.69 -82.10
CA LEU D 59 -6.15 23.77 -82.60
C LEU D 59 -4.81 24.45 -82.76
N LEU D 60 -4.80 25.71 -83.18
CA LEU D 60 -3.56 26.35 -83.56
C LEU D 60 -2.86 27.00 -82.37
N LEU D 61 -3.57 27.81 -81.59
CA LEU D 61 -2.98 28.76 -80.67
C LEU D 61 -3.00 28.22 -79.26
N ALA D 62 -2.15 28.81 -78.41
CA ALA D 62 -2.19 28.50 -76.98
C ALA D 62 -3.41 29.14 -76.33
N ASN D 63 -3.69 30.40 -76.66
CA ASN D 63 -4.73 31.18 -75.98
C ASN D 63 -5.39 32.11 -76.99
N PRO D 64 -6.29 31.59 -77.82
CA PRO D 64 -6.92 32.41 -78.84
C PRO D 64 -8.05 33.26 -78.30
N ARG D 65 -8.27 34.40 -78.96
CA ARG D 65 -9.40 35.28 -78.66
C ARG D 65 -10.63 34.69 -79.32
N TYR D 66 -11.36 33.90 -78.57
CA TYR D 66 -12.55 33.25 -79.10
C TYR D 66 -13.59 34.29 -79.48
N ASN D 67 -14.37 33.97 -80.51
CA ASN D 67 -15.48 34.82 -80.93
C ASN D 67 -15.05 36.25 -81.19
N LEU D 68 -13.78 36.44 -81.57
CA LEU D 68 -13.25 37.79 -81.74
C LEU D 68 -14.08 38.58 -82.73
N ALA D 69 -14.65 37.92 -83.73
CA ALA D 69 -15.32 38.63 -84.81
C ALA D 69 -16.47 39.48 -84.30
N SER D 70 -17.27 38.96 -83.37
CA SER D 70 -18.40 39.73 -82.88
C SER D 70 -17.96 41.08 -82.35
N THR D 71 -16.83 41.11 -81.63
CA THR D 71 -16.29 42.37 -81.14
C THR D 71 -15.93 43.29 -82.29
N GLY D 72 -15.15 42.79 -83.24
CA GLY D 72 -14.54 43.60 -84.26
C GLY D 72 -13.02 43.64 -84.20
N GLY D 73 -12.42 43.06 -83.16
CA GLY D 73 -10.98 42.93 -83.14
C GLY D 73 -10.30 43.11 -81.79
N HIS D 74 -11.04 43.53 -80.76
CA HIS D 74 -10.42 43.91 -79.51
C HIS D 74 -10.93 43.17 -78.29
N GLU D 75 -11.64 42.05 -78.46
CA GLU D 75 -12.17 41.35 -77.30
C GLU D 75 -12.57 39.93 -77.68
N SER D 76 -12.69 39.08 -76.66
CA SER D 76 -13.20 37.73 -76.80
C SER D 76 -14.05 37.43 -75.57
N ASP D 77 -15.23 36.82 -75.78
CA ASP D 77 -16.12 36.55 -74.67
C ASP D 77 -16.69 35.14 -74.64
N ARG D 78 -16.34 34.27 -75.59
CA ARG D 78 -16.56 32.85 -75.44
C ARG D 78 -15.23 32.20 -75.10
N ASP D 79 -15.24 30.90 -74.86
CA ASP D 79 -14.07 30.28 -74.26
C ASP D 79 -14.08 28.78 -74.50
N LEU D 80 -12.96 28.16 -74.13
CA LEU D 80 -12.75 26.75 -74.43
C LEU D 80 -13.81 25.87 -73.79
N ILE D 81 -14.00 26.01 -72.48
CA ILE D 81 -14.86 25.08 -71.77
C ILE D 81 -16.32 25.26 -72.19
N SER D 82 -16.72 26.50 -72.46
CA SER D 82 -18.08 26.72 -72.94
C SER D 82 -18.33 25.89 -74.18
N TYR D 83 -17.39 25.91 -75.13
CA TYR D 83 -17.52 25.10 -76.33
C TYR D 83 -17.52 23.62 -75.98
N VAL D 84 -16.65 23.20 -75.05
CA VAL D 84 -16.58 21.80 -74.69
C VAL D 84 -17.92 21.32 -74.14
N ARG D 85 -18.60 22.19 -73.40
CA ARG D 85 -19.88 21.85 -72.78
C ARG D 85 -21.07 22.35 -73.57
N GLY D 86 -20.87 22.89 -74.76
CA GLY D 86 -21.99 23.31 -75.59
C GLY D 86 -22.83 24.40 -74.97
N VAL D 87 -22.20 25.43 -74.42
CA VAL D 87 -22.95 26.55 -73.87
C VAL D 87 -23.59 27.34 -75.01
N SER D 88 -24.79 27.85 -74.73
CA SER D 88 -25.55 28.62 -75.72
C SER D 88 -26.12 29.90 -75.15
N GLY D 89 -26.30 30.01 -73.85
CA GLY D 89 -26.84 31.19 -73.24
C GLY D 89 -26.85 31.11 -71.73
N PRO D 90 -27.39 32.16 -71.10
CA PRO D 90 -27.44 32.17 -69.62
C PRO D 90 -28.38 31.14 -69.01
N GLY D 91 -29.48 30.80 -69.68
CA GLY D 91 -30.45 29.97 -68.99
C GLY D 91 -30.99 30.69 -67.77
N ASP D 92 -31.56 29.92 -66.85
CA ASP D 92 -31.99 30.49 -65.57
C ASP D 92 -30.80 30.72 -64.64
N GLY D 93 -29.68 30.06 -64.89
CA GLY D 93 -28.47 30.30 -64.13
C GLY D 93 -28.53 29.80 -62.71
N GLY D 94 -29.54 29.01 -62.35
CA GLY D 94 -29.54 28.41 -61.02
C GLY D 94 -29.51 26.89 -61.02
N GLU D 95 -30.20 26.26 -61.97
CA GLU D 95 -30.08 24.81 -62.15
C GLU D 95 -30.14 24.41 -63.62
N GLY D 96 -30.59 25.32 -64.47
CA GLY D 96 -30.92 25.01 -65.85
C GLY D 96 -29.74 24.49 -66.67
N GLN D 97 -29.87 23.26 -67.16
CA GLN D 97 -28.83 22.69 -68.00
C GLN D 97 -29.14 22.82 -69.49
N SER D 98 -30.28 23.38 -69.86
CA SER D 98 -30.61 23.52 -71.28
C SER D 98 -29.58 24.39 -72.00
N HIS D 99 -29.21 25.52 -71.40
CA HIS D 99 -28.20 26.38 -71.97
C HIS D 99 -26.86 25.69 -72.11
N ILE D 100 -26.63 24.60 -71.38
CA ILE D 100 -25.37 23.87 -71.45
C ILE D 100 -25.66 22.45 -71.94
N ALA D 101 -25.31 22.18 -73.19
CA ALA D 101 -25.78 20.98 -73.86
C ALA D 101 -25.22 19.70 -73.25
N ARG D 102 -23.93 19.67 -72.90
CA ARG D 102 -23.24 18.45 -72.50
C ARG D 102 -22.83 18.55 -71.04
N PRO D 103 -23.80 18.59 -70.13
CA PRO D 103 -23.47 18.77 -68.71
C PRO D 103 -22.77 17.59 -68.06
N GLY D 104 -23.13 16.36 -68.41
CA GLY D 104 -22.54 15.20 -67.80
C GLY D 104 -21.16 14.92 -68.35
N LYS D 105 -20.53 13.87 -67.84
CA LYS D 105 -19.25 13.43 -68.35
C LYS D 105 -19.27 13.47 -69.87
N THR D 106 -18.41 14.30 -70.45
CA THR D 106 -18.42 14.52 -71.88
C THR D 106 -17.00 14.56 -72.40
N VAL D 107 -16.85 14.28 -73.69
CA VAL D 107 -15.58 14.38 -74.40
C VAL D 107 -15.80 15.13 -75.69
N THR D 108 -14.86 15.99 -76.05
CA THR D 108 -14.92 16.81 -77.24
C THR D 108 -13.62 16.68 -78.01
N GLY D 109 -13.73 16.65 -79.32
CA GLY D 109 -12.55 16.60 -80.17
C GLY D 109 -12.73 17.46 -81.39
N ILE D 110 -11.64 18.07 -81.85
CA ILE D 110 -11.62 18.84 -83.09
C ILE D 110 -10.28 18.62 -83.77
N ALA D 111 -10.27 18.78 -85.08
CA ALA D 111 -9.09 18.50 -85.87
C ALA D 111 -9.28 19.08 -87.26
N ALA D 112 -8.18 19.14 -88.01
CA ALA D 112 -8.20 19.56 -89.40
C ALA D 112 -6.97 18.99 -90.10
N THR D 113 -7.03 18.91 -91.42
CA THR D 113 -5.92 18.37 -92.19
C THR D 113 -5.68 19.24 -93.41
N LEU D 114 -4.42 19.56 -93.66
CA LEU D 114 -4.00 20.33 -94.82
C LEU D 114 -3.11 19.46 -95.69
N GLU D 115 -2.59 20.04 -96.76
CA GLU D 115 -1.74 19.33 -97.71
C GLU D 115 -0.71 20.28 -98.31
N ARG D 116 0.56 19.94 -98.16
CA ARG D 116 1.62 20.56 -98.94
C ARG D 116 2.37 19.47 -99.67
N GLU D 117 2.48 19.63 -100.99
CA GLU D 117 3.26 18.70 -101.82
C GLU D 117 2.75 17.28 -101.67
N GLY D 118 1.43 17.15 -101.48
CA GLY D 118 0.79 15.85 -101.36
C GLY D 118 0.78 15.25 -99.98
N LYS D 119 1.68 15.69 -99.09
CA LYS D 119 1.71 15.19 -97.73
C LYS D 119 0.76 16.00 -96.88
N GLN D 120 -0.03 15.30 -96.06
CA GLN D 120 -1.08 15.93 -95.27
C GLN D 120 -0.74 15.85 -93.79
N VAL D 121 -0.95 16.98 -93.11
CA VAL D 121 -0.69 17.11 -91.68
C VAL D 121 -2.02 17.40 -91.00
N ARG D 122 -2.35 16.59 -89.99
CA ARG D 122 -3.56 16.78 -89.22
C ARG D 122 -3.21 17.11 -87.77
N LEU D 123 -3.91 18.08 -87.21
CA LEU D 123 -3.79 18.44 -85.81
C LEU D 123 -5.11 18.16 -85.11
N GLY D 124 -5.04 17.86 -83.82
CA GLY D 124 -6.22 17.47 -83.07
C GLY D 124 -6.11 17.88 -81.62
N ALA D 125 -7.18 17.61 -80.88
CA ALA D 125 -7.25 17.91 -79.46
C ALA D 125 -8.44 17.21 -78.84
N LEU D 126 -8.34 16.90 -77.55
CA LEU D 126 -9.40 16.22 -76.81
C LEU D 126 -9.62 16.92 -75.49
N LEU D 127 -10.89 17.07 -75.12
CA LEU D 127 -11.31 17.85 -73.95
C LEU D 127 -12.47 17.14 -73.29
N TRP D 128 -12.22 16.47 -72.17
CA TRP D 128 -13.24 15.66 -71.54
C TRP D 128 -13.28 15.91 -70.04
N PHE D 129 -14.49 15.98 -69.52
CA PHE D 129 -14.75 16.13 -68.09
C PHE D 129 -15.17 14.80 -67.53
N ASP D 130 -14.97 14.62 -66.23
CA ASP D 130 -15.33 13.38 -65.55
C ASP D 130 -16.28 13.60 -64.39
N SER D 131 -16.98 14.72 -64.36
CA SER D 131 -17.80 15.08 -63.21
C SER D 131 -18.73 16.21 -63.59
N THR D 132 -19.72 16.44 -62.72
CA THR D 132 -20.59 17.60 -62.88
C THR D 132 -19.82 18.90 -62.73
N SER D 133 -18.62 18.83 -62.18
CA SER D 133 -17.83 20.04 -61.99
C SER D 133 -17.66 20.76 -63.31
N SER D 134 -17.77 22.08 -63.26
CA SER D 134 -17.91 22.90 -64.45
C SER D 134 -16.82 23.97 -64.51
N SER D 135 -15.57 23.58 -64.28
CA SER D 135 -14.47 24.52 -64.35
C SER D 135 -13.27 23.85 -64.99
N VAL D 136 -12.34 24.69 -65.45
CA VAL D 136 -11.23 24.22 -66.26
C VAL D 136 -10.41 23.16 -65.54
N THR D 137 -10.21 23.33 -64.23
CA THR D 137 -9.34 22.41 -63.51
C THR D 137 -9.82 20.97 -63.67
N ASP D 138 -11.13 20.74 -63.70
CA ASP D 138 -11.68 19.41 -63.84
C ASP D 138 -11.84 18.99 -65.29
N MET D 139 -11.03 19.55 -66.18
CA MET D 139 -11.02 19.17 -67.58
C MET D 139 -9.66 18.57 -67.92
N LYS D 140 -9.68 17.47 -68.67
CA LYS D 140 -8.46 16.76 -69.04
C LYS D 140 -8.20 16.94 -70.52
N ARG D 141 -6.92 16.98 -70.86
CA ARG D 141 -6.47 17.54 -72.13
C ARG D 141 -5.76 16.51 -72.97
N LEU D 142 -5.79 16.75 -74.28
CA LEU D 142 -4.83 16.15 -75.20
C LEU D 142 -4.68 17.07 -76.39
N TRP D 143 -3.47 17.12 -76.92
CA TRP D 143 -3.18 17.80 -78.16
C TRP D 143 -2.52 16.80 -79.09
N LEU D 144 -2.70 16.99 -80.40
CA LEU D 144 -2.30 15.97 -81.35
C LEU D 144 -1.68 16.61 -82.57
N PHE D 145 -0.69 15.92 -83.13
CA PHE D 145 0.18 16.47 -84.17
C PHE D 145 0.68 15.30 -85.00
N SER D 146 0.21 15.21 -86.25
CA SER D 146 0.49 14.04 -87.06
C SER D 146 0.72 14.46 -88.50
N ASP D 147 1.68 13.79 -89.13
CA ASP D 147 1.88 13.87 -90.57
C ASP D 147 1.32 12.66 -91.28
N ASN D 148 0.93 11.62 -90.52
CA ASN D 148 0.37 10.41 -91.09
C ASN D 148 -1.11 10.63 -91.31
N PRO D 149 -1.61 10.64 -92.55
CA PRO D 149 -3.03 10.90 -92.77
C PRO D 149 -3.94 9.88 -92.11
N GLY D 150 -3.47 8.66 -91.89
CA GLY D 150 -4.29 7.65 -91.26
C GLY D 150 -4.68 7.96 -89.83
N GLN D 151 -3.95 8.86 -89.17
CA GLN D 151 -4.27 9.27 -87.80
C GLN D 151 -5.33 10.35 -87.87
N THR D 152 -6.59 9.91 -87.98
CA THR D 152 -7.72 10.81 -88.08
C THR D 152 -8.37 11.00 -86.71
N LEU D 153 -9.19 12.04 -86.61
CA LEU D 153 -9.94 12.27 -85.37
C LEU D 153 -10.74 11.05 -84.98
N GLU D 154 -11.19 10.28 -85.97
CA GLU D 154 -11.95 9.07 -85.68
C GLU D 154 -11.07 8.04 -84.99
N HIS D 155 -9.85 7.84 -85.50
CA HIS D 155 -8.95 6.91 -84.83
C HIS D 155 -8.63 7.37 -83.42
N TRP D 156 -8.34 8.66 -83.24
CA TRP D 156 -7.97 9.15 -81.92
C TRP D 156 -9.13 9.03 -80.95
N LEU D 157 -10.34 9.40 -81.39
CA LEU D 157 -11.51 9.24 -80.54
C LEU D 157 -11.73 7.77 -80.19
N ASN D 158 -11.55 6.89 -81.17
CA ASN D 158 -11.68 5.46 -80.90
C ASN D 158 -10.69 5.03 -79.82
N VAL D 159 -9.44 5.50 -79.93
CA VAL D 159 -8.43 5.13 -78.95
C VAL D 159 -8.84 5.62 -77.57
N TYR D 160 -9.32 6.85 -77.47
CA TYR D 160 -9.77 7.34 -76.16
C TYR D 160 -10.90 6.48 -75.63
N HIS D 161 -11.87 6.15 -76.48
CA HIS D 161 -12.94 5.25 -76.06
C HIS D 161 -12.36 3.96 -75.52
N GLU D 162 -11.28 3.49 -76.15
CA GLU D 162 -10.66 2.24 -75.77
C GLU D 162 -9.89 2.37 -74.46
N GLY D 163 -9.42 3.57 -74.14
CA GLY D 163 -8.68 3.77 -72.91
C GLY D 163 -8.43 5.25 -72.69
N GLY D 164 -8.23 5.59 -71.42
CA GLY D 164 -8.05 6.97 -71.04
C GLY D 164 -6.72 7.53 -71.49
N THR D 165 -6.20 8.51 -70.75
CA THR D 165 -4.95 9.15 -71.13
C THR D 165 -3.84 8.12 -71.32
N ARG D 166 -3.79 7.11 -70.46
CA ARG D 166 -2.72 6.12 -70.56
C ARG D 166 -2.73 5.41 -71.90
N LEU D 167 -3.93 5.03 -72.37
CA LEU D 167 -3.99 4.34 -73.65
C LEU D 167 -3.68 5.29 -74.79
N LEU D 168 -3.94 6.58 -74.64
CA LEU D 168 -3.50 7.54 -75.64
C LEU D 168 -1.98 7.63 -75.69
N ARG D 169 -1.33 7.58 -74.53
CA ARG D 169 0.12 7.51 -74.50
C ARG D 169 0.61 6.25 -75.19
N GLN D 170 -0.05 5.13 -74.92
CA GLN D 170 0.33 3.88 -75.59
C GLN D 170 0.11 3.98 -77.09
N MET D 171 -0.93 4.69 -77.51
CA MET D 171 -1.17 4.89 -78.93
C MET D 171 -0.04 5.71 -79.56
N GLU D 172 0.41 6.74 -78.86
CA GLU D 172 1.57 7.49 -79.35
C GLU D 172 2.79 6.60 -79.44
N LYS D 173 3.00 5.73 -78.45
CA LYS D 173 4.12 4.79 -78.50
C LYS D 173 4.01 3.88 -79.71
N GLU D 174 2.81 3.35 -79.97
CA GLU D 174 2.62 2.39 -81.04
C GLU D 174 2.79 3.04 -82.41
N ALA D 175 2.19 4.21 -82.60
CA ALA D 175 2.07 4.81 -83.91
C ALA D 175 3.36 5.51 -84.32
N ILE D 176 3.48 5.77 -85.61
CA ILE D 176 4.58 6.53 -86.17
C ILE D 176 3.98 7.68 -86.97
N GLY D 177 4.71 8.79 -87.03
CA GLY D 177 4.16 9.99 -87.63
C GLY D 177 3.12 10.66 -86.77
N LEU D 178 3.00 10.27 -85.50
CA LEU D 178 2.01 10.82 -84.59
C LEU D 178 2.70 11.21 -83.28
N TRP D 179 2.37 12.40 -82.80
CA TRP D 179 2.82 12.86 -81.49
C TRP D 179 1.70 13.68 -80.87
N THR D 180 1.40 13.38 -79.61
CA THR D 180 0.30 14.01 -78.90
C THR D 180 0.77 14.35 -77.50
N TYR D 181 0.23 15.43 -76.95
CA TYR D 181 0.73 15.98 -75.70
C TYR D 181 -0.43 16.48 -74.84
N PRO D 182 -0.61 15.97 -73.62
CA PRO D 182 -1.63 16.55 -72.74
C PRO D 182 -1.32 17.98 -72.33
N ASN D 183 -0.06 18.41 -72.48
CA ASN D 183 0.37 19.75 -72.14
C ASN D 183 0.63 20.54 -73.42
N LYS D 184 0.11 21.77 -73.45
CA LYS D 184 0.11 22.52 -74.71
C LYS D 184 1.48 23.10 -75.03
N LYS D 185 2.34 23.28 -74.04
CA LYS D 185 3.65 23.88 -74.32
C LYS D 185 4.43 23.04 -75.33
N GLN D 186 4.59 21.75 -75.03
CA GLN D 186 5.34 20.87 -75.92
C GLN D 186 4.62 20.73 -77.26
N TYR D 187 3.29 20.66 -77.22
CA TYR D 187 2.50 20.54 -78.44
C TYR D 187 2.79 21.68 -79.41
N LEU D 188 2.66 22.92 -78.92
CA LEU D 188 2.88 24.05 -79.82
C LEU D 188 4.36 24.25 -80.11
N ALA D 189 5.25 23.77 -79.24
CA ALA D 189 6.68 23.82 -79.55
C ALA D 189 6.99 22.94 -80.75
N ARG D 190 6.51 21.71 -80.74
CA ARG D 190 6.70 20.84 -81.89
C ARG D 190 6.00 21.41 -83.12
N LEU D 191 4.80 21.95 -82.94
CA LEU D 191 4.10 22.58 -84.06
C LEU D 191 4.96 23.68 -84.69
N ARG D 192 5.60 24.49 -83.85
CA ARG D 192 6.30 25.66 -84.35
C ARG D 192 7.64 25.28 -84.97
N ASP D 193 8.35 24.30 -84.41
CA ASP D 193 9.57 23.86 -85.06
C ASP D 193 9.26 23.01 -86.28
N PHE D 194 8.00 22.61 -86.44
CA PHE D 194 7.58 21.95 -87.67
C PHE D 194 7.27 22.96 -88.77
N PHE D 195 6.42 23.95 -88.46
CA PHE D 195 6.05 24.94 -89.47
C PHE D 195 7.14 26.00 -89.64
N GLU D 196 8.06 26.11 -88.69
CA GLU D 196 9.12 27.10 -88.73
C GLU D 196 8.59 28.53 -88.68
N VAL D 197 7.46 28.75 -88.01
CA VAL D 197 6.95 30.09 -87.74
C VAL D 197 6.64 30.19 -86.25
N GLY D 198 7.09 31.28 -85.65
CA GLY D 198 6.94 31.46 -84.22
C GLY D 198 5.48 31.54 -83.81
N GLU D 199 5.24 31.32 -82.52
CA GLU D 199 3.88 31.42 -82.01
C GLU D 199 3.29 32.78 -82.32
N ASN D 200 4.11 33.82 -82.35
CA ASN D 200 3.64 35.14 -82.70
C ASN D 200 2.88 35.11 -84.03
N ALA D 201 3.38 34.32 -84.98
CA ALA D 201 2.69 34.19 -86.26
C ALA D 201 1.25 33.73 -86.07
N PHE D 202 1.05 32.66 -85.29
CA PHE D 202 -0.30 32.16 -85.09
C PHE D 202 -1.19 33.18 -84.41
N THR D 203 -0.64 33.92 -83.43
CA THR D 203 -1.43 34.97 -82.80
C THR D 203 -1.93 35.97 -83.83
N LEU D 204 -1.01 36.46 -84.66
CA LEU D 204 -1.41 37.38 -85.73
C LEU D 204 -2.46 36.74 -86.61
N LEU D 205 -2.33 35.45 -86.87
CA LEU D 205 -3.31 34.76 -87.69
C LEU D 205 -4.69 34.86 -87.07
N ASN D 206 -4.79 34.51 -85.79
CA ASN D 206 -6.09 34.54 -85.12
C ASN D 206 -6.68 35.94 -85.18
N ARG D 207 -5.98 36.92 -84.61
CA ARG D 207 -6.53 38.26 -84.57
C ARG D 207 -6.79 38.77 -85.97
N ALA D 208 -6.02 38.29 -86.94
CA ALA D 208 -6.22 38.69 -88.32
C ALA D 208 -7.56 38.20 -88.83
N ALA D 209 -8.03 37.05 -88.35
CA ALA D 209 -9.34 36.57 -88.75
C ALA D 209 -10.37 37.68 -88.64
N GLY D 210 -10.34 38.44 -87.55
CA GLY D 210 -11.11 39.66 -87.45
C GLY D 210 -10.18 40.85 -87.52
N LEU D 211 -10.25 41.73 -86.53
CA LEU D 211 -9.35 42.86 -86.43
C LEU D 211 -9.40 43.72 -87.69
N LYS D 212 -10.61 44.14 -88.06
CA LYS D 212 -10.81 45.00 -89.21
C LYS D 212 -10.50 46.46 -88.92
N GLN D 213 -10.26 46.82 -87.66
CA GLN D 213 -10.10 48.22 -87.29
C GLN D 213 -8.78 48.79 -87.79
N LEU D 214 -7.66 48.22 -87.34
CA LEU D 214 -6.38 48.89 -87.48
C LEU D 214 -6.51 50.27 -86.86
N ASN D 215 -7.09 50.34 -85.66
CA ASN D 215 -7.38 51.63 -85.05
C ASN D 215 -6.15 52.53 -85.06
N SER D 216 -5.01 51.99 -84.64
CA SER D 216 -3.74 52.67 -84.81
C SER D 216 -2.67 51.63 -85.06
N ILE D 217 -1.71 52.00 -85.91
CA ILE D 217 -0.74 51.03 -86.41
C ILE D 217 0.17 50.54 -85.31
N ASP D 218 0.46 51.40 -84.33
CA ASP D 218 1.53 51.11 -83.38
C ASP D 218 1.31 49.77 -82.70
N GLU D 219 0.12 49.57 -82.12
CA GLU D 219 -0.16 48.29 -81.50
C GLU D 219 -0.04 47.18 -82.51
N ILE D 220 -0.85 47.24 -83.57
CA ILE D 220 -0.91 46.17 -84.53
C ILE D 220 0.49 45.66 -84.82
N PHE D 221 1.38 46.56 -85.25
CA PHE D 221 2.73 46.10 -85.53
C PHE D 221 3.43 45.60 -84.28
N ARG D 222 3.68 46.50 -83.32
CA ARG D 222 4.60 46.19 -82.23
C ARG D 222 4.25 44.86 -81.57
N GLU D 223 2.96 44.61 -81.34
CA GLU D 223 2.58 43.37 -80.69
C GLU D 223 2.29 42.27 -81.71
N LEU D 224 1.28 42.47 -82.57
CA LEU D 224 0.80 41.35 -83.37
C LEU D 224 1.83 40.93 -84.41
N VAL D 225 2.51 41.91 -85.03
CA VAL D 225 3.31 41.60 -86.20
C VAL D 225 4.73 41.23 -85.81
N LEU D 226 5.38 42.10 -85.04
CA LEU D 226 6.82 42.03 -84.84
C LEU D 226 7.15 40.98 -83.79
N ASP D 227 8.15 40.15 -84.11
CA ASP D 227 8.68 39.24 -83.11
C ASP D 227 9.29 40.05 -81.97
N ASP D 228 9.43 39.40 -80.82
CA ASP D 228 9.79 40.07 -79.58
C ASP D 228 11.15 39.58 -79.11
N HIS D 229 12.07 40.50 -78.85
CA HIS D 229 13.32 40.22 -78.17
C HIS D 229 13.70 41.35 -77.22
N SER D 230 12.71 42.09 -76.73
CA SER D 230 12.96 43.06 -75.67
C SER D 230 13.74 42.39 -74.55
N ALA D 231 14.67 43.13 -73.96
CA ALA D 231 15.67 42.56 -73.07
C ALA D 231 15.33 42.73 -71.60
N PHE D 232 14.05 42.63 -71.22
CA PHE D 232 13.71 42.70 -69.81
C PHE D 232 14.47 41.65 -69.01
N ASP D 233 14.46 40.42 -69.49
CA ASP D 233 15.19 39.35 -68.80
C ASP D 233 16.68 39.65 -68.76
N ARG D 234 17.24 40.12 -69.87
CA ARG D 234 18.68 40.39 -69.90
C ARG D 234 19.04 41.52 -68.96
N ALA D 235 18.20 42.57 -68.93
CA ALA D 235 18.43 43.70 -68.04
C ALA D 235 18.33 43.28 -66.59
N ALA D 236 17.37 42.40 -66.29
CA ALA D 236 17.32 41.82 -64.95
C ALA D 236 18.59 41.05 -64.65
N GLU D 237 19.04 40.24 -65.61
CA GLU D 237 20.29 39.51 -65.43
C GLU D 237 21.41 40.45 -65.02
N VAL D 238 21.56 41.56 -65.75
CA VAL D 238 22.59 42.52 -65.41
C VAL D 238 22.36 43.08 -64.02
N ALA D 239 21.13 43.52 -63.75
CA ALA D 239 20.82 44.10 -62.45
C ALA D 239 21.15 43.13 -61.33
N ASN D 240 20.99 41.83 -61.60
CA ASN D 240 21.17 40.83 -60.56
C ASN D 240 22.64 40.58 -60.27
N SER D 241 23.50 40.68 -61.29
CA SER D 241 24.93 40.54 -61.05
C SER D 241 25.39 41.56 -60.02
N PHE D 242 24.72 42.71 -59.95
CA PHE D 242 25.13 43.76 -59.02
C PHE D 242 24.58 43.53 -57.63
N ASP D 243 23.58 42.66 -57.50
CA ASP D 243 23.04 42.36 -56.18
C ASP D 243 24.15 41.91 -55.23
N GLY D 244 25.11 41.15 -55.75
CA GLY D 244 26.21 40.71 -54.90
C GLY D 244 26.92 41.89 -54.26
N LEU D 245 27.31 42.87 -55.08
CA LEU D 245 27.96 44.05 -54.54
C LEU D 245 27.05 44.77 -53.57
N THR D 246 25.76 44.87 -53.91
CA THR D 246 24.81 45.53 -53.02
C THR D 246 24.80 44.87 -51.66
N GLU D 247 24.99 43.55 -51.63
CA GLU D 247 24.91 42.86 -50.35
C GLU D 247 26.13 43.17 -49.49
N ILE D 248 27.33 43.21 -50.08
CA ILE D 248 28.48 43.63 -49.30
C ILE D 248 28.28 45.06 -48.83
N HIS D 249 27.68 45.91 -49.66
CA HIS D 249 27.39 47.27 -49.25
C HIS D 249 26.50 47.29 -48.02
N GLN D 250 25.38 46.58 -48.09
CA GLN D 250 24.49 46.50 -46.94
C GLN D 250 25.22 45.93 -45.74
N GLU D 251 26.14 45.01 -45.98
CA GLU D 251 26.88 44.38 -44.90
C GLU D 251 27.71 45.40 -44.14
N LEU D 252 28.51 46.18 -44.87
CA LEU D 252 29.30 47.21 -44.21
C LEU D 252 28.39 48.25 -43.56
N GLU D 253 27.31 48.61 -44.25
CA GLU D 253 26.34 49.55 -43.69
C GLU D 253 25.87 49.08 -42.32
N THR D 254 25.42 47.85 -42.24
CA THR D 254 24.88 47.32 -41.00
C THR D 254 25.96 47.21 -39.94
N ALA D 255 27.17 46.82 -40.33
CA ALA D 255 28.25 46.73 -39.37
C ALA D 255 28.53 48.08 -38.74
N ARG D 256 28.61 49.12 -39.58
CA ARG D 256 28.81 50.46 -39.07
C ARG D 256 27.66 50.88 -38.18
N LYS D 257 26.43 50.54 -38.58
CA LYS D 257 25.28 50.89 -37.75
C LYS D 257 25.39 50.23 -36.38
N GLN D 258 25.78 48.96 -36.35
CA GLN D 258 25.89 48.24 -35.09
C GLN D 258 26.96 48.86 -34.20
N GLN D 259 28.12 49.12 -34.77
CA GLN D 259 29.20 49.73 -34.00
C GLN D 259 28.78 51.10 -33.47
N GLN D 260 28.17 51.91 -34.33
CA GLN D 260 27.60 53.18 -33.91
C GLN D 260 26.67 53.01 -32.72
N SER D 261 25.73 52.08 -32.80
CA SER D 261 24.79 51.90 -31.70
C SER D 261 25.50 51.42 -30.45
N LEU D 262 26.55 50.62 -30.60
CA LEU D 262 27.32 50.20 -29.44
C LEU D 262 28.04 51.36 -28.79
N GLN D 263 28.23 52.45 -29.52
CA GLN D 263 28.87 53.62 -28.90
C GLN D 263 28.15 54.11 -27.65
N PRO D 264 26.92 54.64 -27.72
CA PRO D 264 26.36 55.32 -26.55
C PRO D 264 26.31 54.44 -25.31
N VAL D 265 26.14 53.13 -25.47
CA VAL D 265 26.08 52.26 -24.29
C VAL D 265 27.38 52.35 -23.51
N ALA D 266 28.51 52.26 -24.20
CA ALA D 266 29.79 52.35 -23.51
C ALA D 266 29.98 53.70 -22.87
N LEU D 267 29.54 54.77 -23.55
CA LEU D 267 29.63 56.11 -22.98
C LEU D 267 28.89 56.18 -21.66
N SER D 268 27.63 55.77 -21.66
CA SER D 268 26.86 55.78 -20.43
C SER D 268 27.47 54.85 -19.40
N TRP D 269 28.09 53.76 -19.85
CA TRP D 269 28.70 52.84 -18.90
C TRP D 269 29.85 53.48 -18.16
N GLU D 270 30.71 54.20 -18.88
CA GLU D 270 31.81 54.88 -18.20
C GLU D 270 31.30 56.02 -17.34
N LYS D 271 30.24 56.69 -17.78
CA LYS D 271 29.56 57.65 -16.91
C LYS D 271 29.18 56.99 -15.60
N TYR D 272 28.58 55.81 -15.70
CA TYR D 272 28.16 55.07 -14.52
C TYR D 272 29.35 54.69 -13.67
N GLN D 273 30.45 54.32 -14.32
CA GLN D 273 31.67 53.98 -13.58
C GLN D 273 32.18 55.17 -12.79
N LYS D 274 32.17 56.34 -13.41
CA LYS D 274 32.56 57.56 -12.71
C LYS D 274 31.70 57.76 -11.49
N GLN D 275 30.38 57.73 -11.66
CA GLN D 275 29.49 57.87 -10.53
C GLN D 275 29.81 56.84 -9.46
N GLU D 276 30.09 55.61 -9.89
CA GLU D 276 30.32 54.51 -8.97
C GLU D 276 31.53 54.76 -8.09
N ARG D 277 32.66 55.06 -8.71
CA ARG D 277 33.88 55.22 -7.90
C ARG D 277 33.85 56.50 -7.09
N GLN D 278 33.20 57.56 -7.61
CA GLN D 278 33.05 58.76 -6.80
C GLN D 278 32.20 58.49 -5.56
N LEU D 279 31.10 57.75 -5.75
CA LEU D 279 30.25 57.42 -4.61
C LEU D 279 30.99 56.51 -3.64
N ALA D 280 31.81 55.60 -4.15
CA ALA D 280 32.62 54.77 -3.28
C ALA D 280 33.57 55.62 -2.44
N ASP D 281 34.19 56.63 -3.07
CA ASP D 281 35.05 57.53 -2.32
C ASP D 281 34.29 58.27 -1.24
N TRP D 282 33.09 58.75 -1.55
CA TRP D 282 32.30 59.44 -0.53
C TRP D 282 31.93 58.50 0.61
N LEU D 283 31.58 57.26 0.28
CA LEU D 283 31.29 56.30 1.33
C LEU D 283 32.50 56.05 2.21
N THR D 284 33.69 55.94 1.61
CA THR D 284 34.91 55.78 2.39
C THR D 284 35.13 56.99 3.29
N LEU D 285 34.90 58.19 2.75
CA LEU D 285 34.99 59.40 3.57
C LEU D 285 33.96 59.37 4.69
N GLU D 286 32.84 58.69 4.48
CA GLU D 286 31.85 58.56 5.54
C GLU D 286 32.45 57.87 6.76
N SER D 287 33.22 56.80 6.53
CA SER D 287 33.89 56.13 7.64
C SER D 287 35.08 56.94 8.15
N LEU D 288 35.75 57.67 7.26
CA LEU D 288 36.85 58.53 7.71
C LEU D 288 36.36 59.72 8.53
N LEU D 289 35.05 60.00 8.48
CA LEU D 289 34.51 61.09 9.29
C LEU D 289 34.64 60.84 10.79
N PRO D 290 34.24 59.69 11.33
CA PRO D 290 34.51 59.43 12.75
C PRO D 290 35.98 59.52 13.12
N LEU D 291 36.88 59.03 12.28
CA LEU D 291 38.30 59.05 12.62
C LEU D 291 38.84 60.47 12.61
N TRP D 292 38.47 61.25 11.60
CA TRP D 292 38.97 62.61 11.48
C TRP D 292 38.48 63.48 12.63
N PHE D 293 37.18 63.47 12.87
CA PHE D 293 36.62 64.24 13.98
C PHE D 293 37.09 63.70 15.32
N ALA D 294 37.36 62.40 15.40
CA ALA D 294 37.93 61.84 16.62
C ALA D 294 39.33 62.36 16.88
N GLN D 295 40.16 62.42 15.84
CA GLN D 295 41.50 62.97 16.00
C GLN D 295 41.44 64.44 16.36
N GLN D 296 40.52 65.20 15.75
CA GLN D 296 40.40 66.61 16.08
C GLN D 296 39.88 66.80 17.50
N ALA D 297 38.95 65.97 17.95
CA ALA D 297 38.50 66.02 19.34
C ALA D 297 39.65 65.68 20.28
N SER D 298 40.47 64.70 19.91
CA SER D 298 41.64 64.37 20.73
C SER D 298 42.57 65.58 20.83
N HIS D 299 42.81 66.26 19.71
CA HIS D 299 43.66 67.44 19.74
C HIS D 299 43.07 68.54 20.62
N LEU D 300 41.77 68.81 20.47
CA LEU D 300 41.16 69.89 21.24
C LEU D 300 41.14 69.56 22.73
N TRP D 301 40.81 68.32 23.07
CA TRP D 301 40.82 67.93 24.48
C TRP D 301 42.24 67.87 25.03
N ARG D 302 43.23 67.61 24.18
CA ARG D 302 44.61 67.63 24.64
C ARG D 302 45.07 69.07 24.87
N GLU D 303 44.60 70.01 24.04
CA GLU D 303 44.86 71.42 24.31
C GLU D 303 44.19 71.85 25.60
N LYS D 304 42.95 71.39 25.82
CA LYS D 304 42.27 71.64 27.08
C LYS D 304 43.10 71.10 28.24
N ILE D 305 43.65 69.89 28.08
CA ILE D 305 44.48 69.30 29.13
C ILE D 305 45.74 70.11 29.32
N ASN D 306 46.34 70.64 28.25
CA ASN D 306 47.52 71.47 28.40
C ASN D 306 47.21 72.70 29.25
N LEU D 307 46.14 73.41 28.90
CA LEU D 307 45.78 74.62 29.63
C LEU D 307 45.46 74.30 31.08
N LEU D 308 44.64 73.27 31.31
CA LEU D 308 44.23 72.94 32.67
C LEU D 308 45.39 72.38 33.48
N ASN D 309 46.29 71.64 32.83
CA ASN D 309 47.48 71.15 33.53
C ASN D 309 48.35 72.32 33.97
N ALA D 310 48.57 73.29 33.08
CA ALA D 310 49.37 74.45 33.46
C ALA D 310 48.74 75.19 34.63
N ARG D 311 47.44 75.52 34.50
CA ARG D 311 46.78 76.30 35.54
C ARG D 311 46.73 75.53 36.86
N LEU D 312 46.38 74.24 36.81
CA LEU D 312 46.28 73.44 38.02
C LEU D 312 47.65 73.23 38.65
N ALA D 313 48.70 73.08 37.83
CA ALA D 313 50.04 72.93 38.38
C ALA D 313 50.48 74.19 39.10
N GLU D 314 50.22 75.36 38.50
CA GLU D 314 50.55 76.61 39.18
C GLU D 314 49.76 76.75 40.48
N ALA D 315 48.46 76.46 40.42
CA ALA D 315 47.62 76.57 41.60
C ALA D 315 48.09 75.62 42.70
N GLN D 316 48.46 74.39 42.32
CA GLN D 316 48.90 73.40 43.30
C GLN D 316 50.27 73.74 43.86
N THR D 317 51.16 74.32 43.06
CA THR D 317 52.43 74.78 43.59
C THR D 317 52.21 75.86 44.63
N SER D 318 51.35 76.84 44.32
CA SER D 318 51.04 77.87 45.31
C SER D 318 50.39 77.27 46.55
N GLU D 319 49.47 76.33 46.35
CA GLU D 319 48.78 75.70 47.47
C GLU D 319 49.74 74.93 48.36
N GLU D 320 50.65 74.16 47.75
CA GLU D 320 51.61 73.39 48.53
C GLU D 320 52.58 74.31 49.27
N GLN D 321 53.04 75.38 48.64
CA GLN D 321 53.89 76.33 49.33
C GLN D 321 53.15 76.95 50.53
N LEU D 322 51.89 77.33 50.32
CA LEU D 322 51.12 77.93 51.42
C LEU D 322 50.87 76.92 52.54
N GLN D 323 50.58 75.68 52.19
CA GLN D 323 50.35 74.65 53.21
C GLN D 323 51.63 74.35 53.98
N SER D 324 52.76 74.29 53.29
CA SER D 324 54.04 74.07 53.96
C SER D 324 54.35 75.24 54.90
N GLN D 325 54.07 76.47 54.45
CA GLN D 325 54.30 77.62 55.31
C GLN D 325 53.32 77.64 56.49
N LEU D 326 52.12 77.08 56.31
CA LEU D 326 51.17 76.99 57.41
C LEU D 326 51.65 75.99 58.46
N ASP D 327 52.13 74.83 58.01
CA ASP D 327 52.74 73.89 58.94
C ASP D 327 53.96 74.51 59.61
N LEU D 328 54.72 75.30 58.87
CA LEU D 328 55.84 76.02 59.46
C LEU D 328 55.38 77.06 60.47
N GLN D 329 54.20 77.63 60.26
CA GLN D 329 53.61 78.53 61.26
C GLN D 329 53.27 77.77 62.54
N LYS D 330 52.73 76.56 62.41
CA LYS D 330 52.52 75.72 63.58
C LYS D 330 53.84 75.43 64.29
N LYS D 331 54.88 75.13 63.52
CA LYS D 331 56.21 74.92 64.10
C LYS D 331 56.71 76.19 64.79
N VAL D 332 56.37 77.36 64.23
CA VAL D 332 56.78 78.63 64.83
C VAL D 332 56.07 78.83 66.16
N VAL D 333 54.81 78.43 66.23
CA VAL D 333 54.09 78.45 67.52
C VAL D 333 54.78 77.54 68.52
N SER D 334 55.18 76.35 68.08
CA SER D 334 55.93 75.45 68.96
C SER D 334 57.24 76.07 69.42
N ASP D 335 57.93 76.78 68.52
CA ASP D 335 59.19 77.43 68.90
C ASP D 335 58.95 78.59 69.87
N HIS D 336 57.83 79.30 69.73
CA HIS D 336 57.48 80.31 70.73
C HIS D 336 57.23 79.66 72.09
N MET D 337 56.59 78.49 72.09
CA MET D 337 56.43 77.74 73.34
C MET D 337 57.79 77.36 73.91
N GLN D 338 58.72 76.94 73.04
CA GLN D 338 60.08 76.63 73.50
C GLN D 338 60.75 77.86 74.12
N ARG D 339 60.60 79.02 73.47
CA ARG D 339 61.15 80.25 74.04
C ARG D 339 60.54 80.54 75.40
N TYR D 340 59.23 80.36 75.53
CA TYR D 340 58.58 80.56 76.83
C TYR D 340 59.19 79.63 77.87
N LEU D 341 59.48 78.38 77.48
CA LEU D 341 60.13 77.46 78.40
C LEU D 341 61.53 77.95 78.79
N GLN D 342 62.28 78.46 77.81
CA GLN D 342 63.68 78.80 78.06
C GLN D 342 63.82 80.07 78.91
N VAL D 343 62.96 81.06 78.67
CA VAL D 343 63.06 82.34 79.35
C VAL D 343 62.36 82.27 80.71
N ASP D 689 55.95 93.78 79.64
CA ASP D 689 56.33 92.98 78.48
C ASP D 689 57.58 92.16 78.77
N SER D 690 57.60 91.48 79.91
CA SER D 690 58.69 90.58 80.22
C SER D 690 58.81 89.51 79.14
N ASP D 691 59.94 88.82 79.11
CA ASP D 691 60.20 87.87 78.04
C ASP D 691 59.11 86.82 77.91
N ALA D 692 58.56 86.36 79.04
CA ALA D 692 57.45 85.40 78.97
C ALA D 692 56.22 86.02 78.33
N SER D 693 55.88 87.25 78.73
CA SER D 693 54.76 87.94 78.11
C SER D 693 55.02 88.20 76.63
N VAL D 694 56.28 88.43 76.26
CA VAL D 694 56.61 88.64 74.86
C VAL D 694 56.43 87.35 74.07
N ALA D 695 56.82 86.21 74.67
CA ALA D 695 56.58 84.93 74.03
C ALA D 695 55.08 84.69 73.85
N LYS D 696 54.29 85.01 74.87
CA LYS D 696 52.83 84.86 74.75
C LYS D 696 52.27 85.74 73.64
N ALA D 697 52.67 87.01 73.61
CA ALA D 697 52.17 87.93 72.59
C ALA D 697 52.58 87.49 71.19
N LYS D 698 53.83 87.05 71.04
CA LYS D 698 54.29 86.61 69.73
C LYS D 698 53.63 85.29 69.32
N LEU D 699 53.26 84.44 70.28
CA LEU D 699 52.48 83.26 69.96
C LEU D 699 51.09 83.65 69.46
N ASP D 700 50.47 84.64 70.10
CA ASP D 700 49.17 85.13 69.62
C ASP D 700 49.30 85.70 68.21
N GLU D 701 50.35 86.48 67.96
CA GLU D 701 50.56 87.04 66.64
C GLU D 701 50.83 85.94 65.61
N ALA D 702 51.58 84.91 66.00
CA ALA D 702 51.82 83.79 65.11
C ALA D 702 50.51 83.06 64.79
N GLN D 703 49.62 82.94 65.77
CA GLN D 703 48.32 82.35 65.49
C GLN D 703 47.50 83.19 64.53
N THR D 704 47.54 84.52 64.68
CA THR D 704 46.85 85.37 63.72
C THR D 704 47.42 85.20 62.31
N ILE D 705 48.75 85.16 62.21
CA ILE D 705 49.38 84.94 60.90
C ILE D 705 49.02 83.55 60.37
N GLU D 706 48.88 82.57 61.26
CA GLU D 706 48.44 81.25 60.85
C GLU D 706 47.03 81.30 60.26
N SER D 707 46.14 82.08 60.87
CA SER D 707 44.81 82.25 60.32
C SER D 707 44.88 82.87 58.92
N GLU D 708 45.71 83.91 58.77
CA GLU D 708 45.85 84.55 57.47
C GLU D 708 46.37 83.58 56.42
N LEU D 709 47.41 82.81 56.77
CA LEU D 709 47.95 81.82 55.85
C LEU D 709 46.94 80.74 55.53
N ASP D 710 46.12 80.36 56.51
CA ASP D 710 45.06 79.38 56.27
C ASP D 710 44.05 79.91 55.27
N LYS D 711 43.67 81.17 55.40
CA LYS D 711 42.73 81.75 54.43
C LYS D 711 43.33 81.77 53.03
N GLN D 712 44.60 82.16 52.92
CA GLN D 712 45.25 82.15 51.61
C GLN D 712 45.30 80.73 51.05
N LEU D 713 45.64 79.75 51.89
CA LEU D 713 45.70 78.37 51.45
C LEU D 713 44.32 77.87 51.02
N ARG D 714 43.27 78.35 51.68
CA ARG D 714 41.92 77.94 51.30
C ARG D 714 41.51 78.53 49.95
N ALA D 715 41.90 79.79 49.68
CA ALA D 715 41.68 80.34 48.35
C ALA D 715 42.40 79.52 47.29
N ALA D 716 43.67 79.18 47.57
CA ALA D 716 44.42 78.33 46.64
C ALA D 716 43.75 76.98 46.48
N ASN D 717 43.19 76.43 47.57
CA ASN D 717 42.49 75.15 47.49
C ASN D 717 41.27 75.25 46.62
N LYS D 718 40.53 76.35 46.72
CA LYS D 718 39.37 76.52 45.84
C LYS D 718 39.79 76.54 44.38
N VAL D 719 40.84 77.30 44.08
CA VAL D 719 41.35 77.32 42.70
C VAL D 719 41.73 75.91 42.26
N THR D 720 42.46 75.20 43.11
CA THR D 720 42.95 73.88 42.77
C THR D 720 41.80 72.91 42.53
N CYS D 721 40.76 72.98 43.35
CA CYS D 721 39.64 72.05 43.21
C CYS D 721 38.79 72.36 41.99
N VAL D 722 38.57 73.64 41.68
CA VAL D 722 37.85 73.98 40.45
C VAL D 722 38.63 73.45 39.25
N LEU D 723 39.93 73.73 39.19
CA LEU D 723 40.73 73.24 38.08
C LEU D 723 40.83 71.71 38.11
N ASP D 724 40.71 71.09 39.28
CA ASP D 724 40.72 69.64 39.36
C ASP D 724 39.49 69.04 38.72
N THR D 725 38.31 69.58 39.02
CA THR D 725 37.10 69.12 38.35
C THR D 725 37.21 69.30 36.85
N GLU D 726 37.65 70.49 36.43
CA GLU D 726 37.75 70.77 35.00
C GLU D 726 38.73 69.82 34.32
N LEU D 727 39.89 69.59 34.94
CA LEU D 727 40.90 68.73 34.34
C LEU D 727 40.49 67.27 34.35
N THR D 728 39.74 66.83 35.37
CA THR D 728 39.21 65.48 35.34
C THR D 728 38.28 65.29 34.16
N LEU D 729 37.35 66.23 33.95
CA LEU D 729 36.47 66.14 32.79
C LEU D 729 37.28 66.18 31.49
N ALA D 730 38.26 67.07 31.42
CA ALA D 730 39.06 67.21 30.21
C ALA D 730 39.83 65.92 29.91
N ARG D 731 40.41 65.31 30.94
CA ARG D 731 41.18 64.08 30.72
C ARG D 731 40.27 62.93 30.30
N ALA D 732 39.10 62.81 30.94
CA ALA D 732 38.16 61.78 30.51
C ALA D 732 37.81 61.95 29.04
N ALA D 733 37.43 63.17 28.64
CA ALA D 733 37.03 63.40 27.26
C ALA D 733 38.21 63.22 26.30
N GLU D 734 39.41 63.62 26.71
CA GLU D 734 40.57 63.48 25.84
C GLU D 734 40.90 62.02 25.59
N ARG D 735 40.90 61.21 26.64
CA ARG D 735 41.16 59.79 26.45
C ARG D 735 40.07 59.14 25.63
N LYS D 736 38.82 59.56 25.82
CA LYS D 736 37.74 59.10 24.94
C LYS D 736 38.06 59.40 23.48
N ALA D 737 38.39 60.65 23.18
CA ALA D 737 38.67 61.03 21.79
C ALA D 737 39.88 60.30 21.25
N GLN D 738 40.92 60.13 22.07
CA GLN D 738 42.11 59.40 21.65
C GLN D 738 41.75 57.96 21.31
N GLN D 739 40.89 57.33 22.13
CA GLN D 739 40.43 55.99 21.82
C GLN D 739 39.71 55.96 20.48
N THR D 740 38.82 56.94 20.24
CA THR D 740 38.14 57.01 18.96
C THR D 740 39.12 57.30 17.82
N ALA D 741 40.26 57.92 18.14
CA ALA D 741 41.26 58.20 17.11
C ALA D 741 42.27 57.08 16.97
N GLN D 742 42.31 56.16 17.93
CA GLN D 742 43.27 55.06 17.87
C GLN D 742 42.95 54.12 16.71
N GLN D 743 41.75 54.24 16.14
CA GLN D 743 41.39 53.41 14.99
C GLN D 743 42.40 53.55 13.87
N GLY D 744 43.04 54.71 13.76
CA GLY D 744 44.15 54.89 12.86
C GLY D 744 43.72 55.24 11.45
N MET D 745 44.52 56.10 10.82
CA MET D 745 44.34 56.47 9.43
C MET D 745 45.65 56.31 8.69
N LYS D 746 45.58 55.80 7.47
CA LYS D 746 46.68 55.97 6.55
C LYS D 746 46.89 57.46 6.31
N GLU D 747 48.09 57.82 5.88
CA GLU D 747 48.33 59.21 5.52
C GLU D 747 47.42 59.63 4.37
N GLU D 748 47.23 58.75 3.39
CA GLU D 748 46.31 59.04 2.31
C GLU D 748 44.91 59.29 2.85
N GLU D 749 44.43 58.41 3.73
CA GLU D 749 43.11 58.60 4.33
C GLU D 749 43.08 59.89 5.15
N ARG D 750 44.17 60.22 5.81
CA ARG D 750 44.20 61.40 6.66
C ARG D 750 44.07 62.67 5.83
N GLU D 751 44.77 62.73 4.71
CA GLU D 751 44.66 63.91 3.86
C GLU D 751 43.35 63.92 3.09
N LEU D 752 42.80 62.74 2.78
CA LEU D 752 41.49 62.66 2.15
C LEU D 752 40.42 63.22 3.09
N SER D 753 40.45 62.79 4.35
CA SER D 753 39.52 63.31 5.33
C SER D 753 39.76 64.79 5.60
N ALA D 754 41.03 65.22 5.60
CA ALA D 754 41.31 66.63 5.79
C ALA D 754 40.57 67.48 4.78
N SER D 755 40.32 66.94 3.59
CA SER D 755 39.46 67.61 2.63
C SER D 755 38.00 67.48 3.05
N HIS D 756 37.26 68.57 2.87
CA HIS D 756 35.81 68.60 3.06
C HIS D 756 35.40 68.53 4.53
N PHE D 757 36.36 68.29 5.42
CA PHE D 757 36.05 68.30 6.84
C PHE D 757 36.49 69.61 7.47
N PRO D 758 35.85 70.02 8.55
CA PRO D 758 36.16 71.32 9.16
C PRO D 758 37.32 71.21 10.14
N VAL D 759 38.00 72.34 10.31
CA VAL D 759 39.04 72.50 11.33
C VAL D 759 38.44 73.34 12.44
N VAL D 760 38.29 72.72 13.62
CA VAL D 760 37.53 73.32 14.71
C VAL D 760 38.44 73.49 15.91
N THR D 761 38.37 74.66 16.54
CA THR D 761 39.24 75.03 17.63
C THR D 761 38.66 74.64 18.98
N LEU D 762 39.44 74.91 20.03
CA LEU D 762 39.03 74.53 21.38
C LEU D 762 37.78 75.27 21.83
N GLU D 763 37.68 76.57 21.52
CA GLU D 763 36.50 77.34 21.92
C GLU D 763 35.23 76.72 21.37
N GLN D 764 35.29 76.22 20.13
CA GLN D 764 34.16 75.57 19.50
C GLN D 764 34.13 74.07 19.79
N LEU D 765 34.72 73.66 20.91
CA LEU D 765 34.77 72.24 21.24
C LEU D 765 33.37 71.63 21.36
N PRO D 766 32.40 72.27 21.99
CA PRO D 766 31.02 71.73 21.92
C PRO D 766 30.52 71.63 20.48
N ASP D 767 30.97 72.53 19.60
CA ASP D 767 30.43 72.57 18.25
C ASP D 767 31.04 71.51 17.35
N ILE D 768 32.26 71.04 17.65
CA ILE D 768 32.85 69.99 16.82
C ILE D 768 32.02 68.72 16.92
N ARG D 769 31.38 68.49 18.07
CA ARG D 769 30.58 67.29 18.24
C ARG D 769 29.46 67.22 17.21
N ASP D 770 28.67 68.30 17.11
CA ASP D 770 27.59 68.32 16.13
C ASP D 770 28.09 68.67 14.74
N LEU D 771 29.31 69.21 14.64
CA LEU D 771 29.89 69.41 13.30
C LEU D 771 30.22 68.08 12.66
N GLU D 772 30.72 67.12 13.45
CA GLU D 772 30.93 65.78 12.93
C GLU D 772 29.64 65.25 12.32
N ARG D 773 28.53 65.37 13.05
CA ARG D 773 27.27 64.80 12.60
C ARG D 773 26.67 65.60 11.44
N GLN D 774 26.86 66.91 11.42
CA GLN D 774 26.34 67.70 10.30
C GLN D 774 27.15 67.45 9.03
N HIS D 775 28.46 67.27 9.16
CA HIS D 775 29.25 66.85 8.00
C HIS D 775 28.87 65.44 7.56
N GLU D 776 28.52 64.58 8.51
CA GLU D 776 27.97 63.27 8.15
C GLU D 776 26.67 63.44 7.37
N ARG D 777 25.82 64.38 7.78
CA ARG D 777 24.58 64.63 7.05
C ARG D 777 24.87 65.15 5.64
N GLY D 778 25.88 66.01 5.51
CA GLY D 778 26.24 66.48 4.19
C GLY D 778 26.75 65.37 3.30
N ILE D 779 27.60 64.50 3.84
CA ILE D 779 28.08 63.35 3.08
C ILE D 779 26.91 62.43 2.73
N GLN D 780 25.93 62.33 3.63
CA GLN D 780 24.72 61.58 3.35
C GLN D 780 23.99 62.17 2.15
N HIS D 781 23.80 63.49 2.15
CA HIS D 781 23.18 64.15 1.01
C HIS D 781 23.92 63.82 -0.28
N GLU D 782 25.24 63.97 -0.27
CA GLU D 782 26.01 63.74 -1.49
C GLU D 782 25.91 62.29 -1.93
N ILE D 783 26.01 61.36 -0.98
CA ILE D 783 25.97 59.94 -1.29
C ILE D 783 24.61 59.59 -1.91
N GLU D 784 23.54 60.01 -1.26
CA GLU D 784 22.21 59.65 -1.74
C GLU D 784 21.88 60.35 -3.04
N ARG D 785 22.43 61.54 -3.28
CA ARG D 785 22.20 62.22 -4.55
C ARG D 785 22.91 61.50 -5.69
N VAL D 786 24.19 61.15 -5.50
CA VAL D 786 24.87 60.39 -6.54
C VAL D 786 24.23 59.03 -6.72
N LYS D 787 23.66 58.46 -5.66
CA LYS D 787 22.90 57.22 -5.79
C LYS D 787 21.66 57.43 -6.65
N ALA D 788 20.94 58.52 -6.40
CA ALA D 788 19.76 58.85 -7.19
C ALA D 788 20.11 59.00 -8.67
N GLU D 789 21.24 59.62 -8.97
CA GLU D 789 21.67 59.69 -10.36
C GLU D 789 22.16 58.35 -10.88
N LEU D 790 22.78 57.55 -10.02
CA LEU D 790 23.41 56.30 -10.45
C LEU D 790 22.37 55.28 -10.88
N HIS D 791 21.28 55.16 -10.12
CA HIS D 791 20.24 54.22 -10.51
C HIS D 791 19.61 54.62 -11.84
N ARG D 792 19.41 55.92 -12.03
CA ARG D 792 18.88 56.39 -13.31
C ARG D 792 19.85 56.13 -14.44
N LEU D 793 21.15 56.26 -14.17
CA LEU D 793 22.15 55.89 -15.14
C LEU D 793 22.02 54.42 -15.52
N ASN D 794 21.82 53.56 -14.52
CA ASN D 794 21.65 52.13 -14.81
C ASN D 794 20.37 51.89 -15.63
N ILE D 795 19.31 52.62 -15.30
CA ILE D 795 18.07 52.51 -16.06
C ILE D 795 18.33 52.82 -17.53
N GLU D 796 19.03 53.92 -17.78
CA GLU D 796 19.31 54.28 -19.16
C GLU D 796 20.27 53.28 -19.80
N LEU D 797 21.17 52.70 -19.01
CA LEU D 797 22.07 51.68 -19.54
C LEU D 797 21.28 50.49 -20.04
N THR D 798 20.33 50.01 -19.25
CA THR D 798 19.51 48.89 -19.71
C THR D 798 18.66 49.29 -20.90
N LYS D 799 18.12 50.51 -20.89
CA LYS D 799 17.31 50.93 -22.03
C LYS D 799 18.14 50.93 -23.31
N ARG D 800 19.38 51.42 -23.23
CA ARG D 800 20.20 51.46 -24.43
C ARG D 800 20.73 50.08 -24.79
N MET D 801 20.89 49.20 -23.81
CA MET D 801 21.20 47.82 -24.13
C MET D 801 20.07 47.19 -24.92
N SER D 802 18.83 47.46 -24.51
CA SER D 802 17.69 46.98 -25.25
C SER D 802 17.64 47.56 -26.64
N GLU D 803 17.97 48.85 -26.77
CA GLU D 803 18.04 49.42 -28.10
C GLU D 803 19.12 48.73 -28.93
N ALA D 804 20.25 48.39 -28.29
CA ALA D 804 21.32 47.70 -28.99
C ALA D 804 20.83 46.35 -29.50
N LYS D 805 20.10 45.63 -28.67
CA LYS D 805 19.52 44.37 -29.12
C LYS D 805 18.50 44.59 -30.24
N ARG D 806 17.70 45.65 -30.14
CA ARG D 806 16.74 45.94 -31.19
C ARG D 806 17.45 46.15 -32.52
N VAL D 807 18.56 46.88 -32.49
CA VAL D 807 19.38 47.03 -33.69
C VAL D 807 20.15 45.75 -33.96
N ASP D 808 20.37 44.93 -32.94
CA ASP D 808 21.26 43.80 -33.07
C ASP D 808 20.90 42.99 -34.31
N THR D 809 21.91 42.29 -34.81
CA THR D 809 21.73 41.38 -35.93
C THR D 809 22.38 40.03 -35.67
N GLY D 810 23.39 39.97 -34.80
CA GLY D 810 24.13 38.75 -34.57
C GLY D 810 24.29 38.40 -33.10
N ALA D 811 25.53 38.27 -32.66
CA ALA D 811 25.85 37.53 -31.45
C ALA D 811 25.24 38.12 -30.18
N LEU D 812 24.76 39.36 -30.20
CA LEU D 812 24.33 39.98 -28.95
C LEU D 812 23.16 39.28 -28.28
N VAL D 813 22.45 38.39 -28.99
CA VAL D 813 21.35 37.66 -28.38
C VAL D 813 21.81 36.81 -27.20
N GLU D 814 23.08 36.41 -27.18
CA GLU D 814 23.60 35.61 -26.08
C GLU D 814 23.39 36.29 -24.74
N ALA D 815 23.33 37.62 -24.72
CA ALA D 815 23.32 38.40 -23.50
C ALA D 815 22.10 39.30 -23.48
N GLY D 816 21.72 39.72 -22.27
CA GLY D 816 20.54 40.53 -22.07
C GLY D 816 20.81 42.02 -21.92
N ALA D 817 20.19 42.64 -20.92
CA ALA D 817 20.16 44.09 -20.77
C ALA D 817 20.59 44.47 -19.35
N ASP D 818 21.72 43.91 -18.92
CA ASP D 818 22.17 44.07 -17.54
C ASP D 818 23.66 44.37 -17.54
N LEU D 819 24.16 44.74 -16.36
CA LEU D 819 25.57 45.09 -16.24
C LEU D 819 26.47 43.97 -16.72
N ASP D 820 26.13 42.73 -16.37
CA ASP D 820 26.95 41.60 -16.80
C ASP D 820 27.02 41.52 -18.30
N ASP D 821 25.98 41.99 -18.99
CA ASP D 821 26.00 42.02 -20.43
C ASP D 821 26.86 43.15 -20.96
N ILE D 822 27.06 44.19 -20.16
CA ILE D 822 27.90 45.30 -20.59
C ILE D 822 29.28 44.84 -21.03
N PRO D 823 30.01 44.03 -20.28
CA PRO D 823 31.36 43.63 -20.74
C PRO D 823 31.35 43.05 -22.13
N VAL D 824 30.34 42.24 -22.46
CA VAL D 824 30.27 41.68 -23.80
C VAL D 824 29.93 42.77 -24.81
N TYR D 825 29.05 43.70 -24.44
CA TYR D 825 28.79 44.83 -25.31
C TYR D 825 30.08 45.51 -25.71
N LEU D 826 30.95 45.78 -24.73
CA LEU D 826 32.21 46.45 -25.00
C LEU D 826 33.11 45.59 -25.88
N GLN D 827 33.18 44.30 -25.58
CA GLN D 827 33.99 43.41 -26.39
C GLN D 827 33.54 43.47 -27.84
N ARG D 828 32.22 43.46 -28.06
CA ARG D 828 31.70 43.50 -29.41
C ARG D 828 31.94 44.84 -30.05
N LEU D 829 31.84 45.93 -29.29
CA LEU D 829 32.11 47.24 -29.86
C LEU D 829 33.54 47.32 -30.35
N GLN D 830 34.48 46.86 -29.53
CA GLN D 830 35.87 46.81 -29.95
C GLN D 830 36.03 45.97 -31.20
N GLU D 831 35.43 44.78 -31.21
CA GLU D 831 35.63 43.89 -32.34
C GLU D 831 35.02 44.48 -33.60
N LEU D 832 33.85 45.09 -33.51
CA LEU D 832 33.26 45.76 -34.66
C LEU D 832 34.19 46.85 -35.17
N THR D 833 34.64 47.72 -34.28
CA THR D 833 35.45 48.84 -34.71
C THR D 833 36.75 48.37 -35.34
N GLU D 834 37.32 47.28 -34.83
CA GLU D 834 38.69 46.92 -35.18
C GLU D 834 38.74 45.86 -36.27
N GLU D 835 38.09 44.72 -36.04
CA GLU D 835 38.15 43.63 -37.00
C GLU D 835 37.15 43.82 -38.13
N ALA D 836 35.89 44.07 -37.78
CA ALA D 836 34.82 44.04 -38.77
C ALA D 836 34.89 45.22 -39.71
N LEU D 837 34.62 46.42 -39.20
CA LEU D 837 34.39 47.58 -40.05
C LEU D 837 35.48 47.77 -41.08
N PRO D 838 36.77 47.75 -40.73
CA PRO D 838 37.79 47.98 -41.76
C PRO D 838 37.82 46.92 -42.83
N GLU D 839 37.68 45.64 -42.48
CA GLU D 839 37.71 44.61 -43.50
C GLU D 839 36.47 44.67 -44.38
N LYS D 840 35.32 44.97 -43.79
CA LYS D 840 34.11 45.14 -44.59
C LYS D 840 34.27 46.29 -45.57
N LEU D 841 34.82 47.41 -45.11
CA LEU D 841 35.07 48.52 -46.02
C LEU D 841 36.06 48.13 -47.10
N ASN D 842 37.12 47.42 -46.70
CA ASN D 842 38.09 46.93 -47.67
C ASN D 842 37.38 46.20 -48.79
N ARG D 843 36.65 45.15 -48.45
CA ARG D 843 35.99 44.34 -49.47
C ARG D 843 34.99 45.16 -50.26
N PHE D 844 34.19 45.98 -49.57
CA PHE D 844 33.16 46.73 -50.26
C PHE D 844 33.74 47.66 -51.31
N LEU D 845 34.66 48.52 -50.91
CA LEU D 845 35.24 49.48 -51.84
C LEU D 845 36.02 48.75 -52.92
N ASP D 846 36.82 47.75 -52.53
CA ASP D 846 37.59 46.98 -53.49
C ASP D 846 36.68 46.44 -54.59
N TYR D 847 35.59 45.79 -54.21
CA TYR D 847 34.72 45.18 -55.21
C TYR D 847 33.93 46.23 -55.97
N LEU D 848 33.55 47.32 -55.29
CA LEU D 848 32.84 48.40 -55.96
C LEU D 848 33.65 48.91 -57.15
N ASN D 849 34.91 49.22 -56.92
CA ASN D 849 35.74 49.70 -58.02
C ASN D 849 36.19 48.57 -58.93
N ARG D 850 36.21 47.35 -58.39
CA ARG D 850 36.72 46.20 -59.13
C ARG D 850 35.71 45.70 -60.14
N SER D 851 34.43 45.96 -59.91
CA SER D 851 33.39 45.59 -60.86
C SER D 851 33.19 46.69 -61.89
N SER D 852 32.57 46.31 -63.01
CA SER D 852 32.42 47.22 -64.13
C SER D 852 31.03 47.05 -64.73
N ASP D 853 30.58 48.10 -65.44
CA ASP D 853 29.25 48.06 -66.05
C ASP D 853 29.30 47.49 -67.46
N ASP D 854 30.27 46.62 -67.75
CA ASP D 854 30.41 46.07 -69.10
C ASP D 854 29.11 45.51 -69.63
N GLY D 855 28.35 44.81 -68.79
CA GLY D 855 27.12 44.20 -69.26
C GLY D 855 26.17 45.22 -69.85
N VAL D 856 26.09 46.40 -69.25
CA VAL D 856 25.19 47.44 -69.77
C VAL D 856 25.57 47.78 -71.20
N THR D 857 26.87 47.92 -71.45
CA THR D 857 27.34 48.31 -72.77
C THR D 857 26.93 47.27 -73.81
N GLN D 858 27.28 46.01 -73.56
CA GLN D 858 26.92 44.95 -74.48
C GLN D 858 25.41 44.87 -74.64
N LEU D 859 24.68 45.14 -73.57
CA LEU D 859 23.22 45.05 -73.62
C LEU D 859 22.65 46.10 -74.55
N LEU D 860 23.08 47.35 -74.40
CA LEU D 860 22.61 48.41 -75.28
C LEU D 860 23.01 48.12 -76.73
N SER D 861 24.24 47.65 -76.92
CA SER D 861 24.67 47.25 -78.25
C SER D 861 23.73 46.22 -78.84
N HIS D 862 23.36 45.21 -78.05
CA HIS D 862 22.47 44.19 -78.53
C HIS D 862 21.11 44.76 -78.88
N ILE D 863 20.59 45.67 -78.04
CA ILE D 863 19.29 46.28 -78.31
C ILE D 863 19.30 46.94 -79.67
N GLU D 864 20.31 47.77 -79.93
CA GLU D 864 20.30 48.50 -81.20
C GLU D 864 20.58 47.57 -82.37
N HIS D 865 21.42 46.56 -82.16
CA HIS D 865 21.61 45.54 -83.19
C HIS D 865 20.27 44.93 -83.59
N GLU D 866 19.46 44.57 -82.59
CA GLU D 866 18.16 43.99 -82.88
C GLU D 866 17.25 44.99 -83.58
N VAL D 867 17.33 46.27 -83.18
CA VAL D 867 16.55 47.29 -83.86
C VAL D 867 16.87 47.32 -85.34
N LEU D 868 18.17 47.28 -85.66
CA LEU D 868 18.59 47.33 -87.05
C LEU D 868 18.13 46.09 -87.82
N VAL D 869 18.25 44.92 -87.20
CA VAL D 869 17.79 43.70 -87.88
C VAL D 869 16.30 43.76 -88.12
N ILE D 870 15.55 44.32 -87.16
CA ILE D 870 14.12 44.52 -87.33
C ILE D 870 13.84 45.37 -88.54
N GLU D 871 14.57 46.48 -88.68
CA GLU D 871 14.34 47.37 -89.81
C GLU D 871 14.71 46.68 -91.12
N GLU D 872 15.72 45.81 -91.10
CA GLU D 872 16.06 45.05 -92.30
C GLU D 872 14.90 44.15 -92.71
N ARG D 873 14.34 43.40 -91.76
CA ARG D 873 13.20 42.56 -92.10
C ARG D 873 12.01 43.40 -92.56
N LEU D 874 11.85 44.60 -91.99
CA LEU D 874 10.79 45.49 -92.45
C LEU D 874 11.03 45.93 -93.89
N ASN D 875 12.29 46.14 -94.27
CA ASN D 875 12.60 46.44 -95.66
C ASN D 875 12.20 45.29 -96.56
N GLU D 876 12.51 44.06 -96.14
CA GLU D 876 12.05 42.90 -96.91
C GLU D 876 10.54 42.91 -97.07
N LEU D 877 9.82 43.15 -95.97
CA LEU D 877 8.36 43.18 -96.05
C LEU D 877 7.88 44.25 -97.01
N ASN D 878 8.45 45.46 -96.92
CA ASN D 878 8.05 46.53 -97.84
C ASN D 878 8.28 46.12 -99.27
N GLU D 879 9.41 45.45 -99.55
CA GLU D 879 9.63 44.91 -100.87
C GLU D 879 8.51 43.96 -101.27
N THR D 880 8.03 43.16 -100.30
CA THR D 880 6.89 42.31 -100.59
C THR D 880 5.68 43.14 -100.97
N MET D 881 5.44 44.24 -100.25
CA MET D 881 4.31 45.09 -100.55
C MET D 881 4.47 45.78 -101.90
N PHE D 882 5.71 45.92 -102.36
CA PHE D 882 5.96 46.58 -103.64
C PHE D 882 5.50 45.72 -104.81
N ARG D 883 5.15 44.45 -104.54
CA ARG D 883 4.82 43.54 -105.62
C ARG D 883 3.31 43.42 -105.83
N VAL D 884 2.52 43.69 -104.79
CA VAL D 884 1.07 43.51 -104.83
C VAL D 884 0.43 44.88 -104.77
N ASP D 885 -0.64 45.06 -105.55
CA ASP D 885 -1.29 46.35 -105.65
C ASP D 885 -2.36 46.48 -104.58
N PHE D 886 -2.28 47.56 -103.80
CA PHE D 886 -3.37 47.90 -102.89
C PHE D 886 -4.63 48.25 -103.66
N GLN D 887 -4.51 49.14 -104.62
CA GLN D 887 -5.54 49.40 -105.61
C GLN D 887 -4.86 49.37 -106.97
N PRO D 888 -5.64 49.39 -108.06
CA PRO D 888 -5.01 49.32 -109.38
C PRO D 888 -3.97 50.41 -109.58
N ASP D 889 -4.12 51.51 -108.85
CA ASP D 889 -3.23 52.66 -108.98
C ASP D 889 -2.37 52.90 -107.75
N ARG D 890 -2.39 51.99 -106.77
CA ARG D 890 -1.72 52.25 -105.50
C ARG D 890 -1.17 50.97 -104.90
N TYR D 891 -0.13 51.13 -104.09
CA TYR D 891 0.46 50.07 -103.31
C TYR D 891 1.13 50.70 -102.09
N LEU D 892 1.13 49.97 -100.98
CA LEU D 892 1.56 50.55 -99.71
C LEU D 892 3.01 50.21 -99.38
N ARG D 893 3.64 51.10 -98.64
CA ARG D 893 4.97 50.90 -98.08
C ARG D 893 4.92 51.25 -96.60
N LEU D 894 5.97 50.88 -95.87
CA LEU D 894 6.06 51.12 -94.45
C LEU D 894 7.18 52.09 -94.14
N ASP D 895 7.06 52.75 -92.99
CA ASP D 895 8.01 53.78 -92.59
C ASP D 895 8.32 53.60 -91.11
N THR D 896 9.60 53.65 -90.77
CA THR D 896 10.06 53.52 -89.40
C THR D 896 10.83 54.76 -88.99
N LYS D 897 10.77 55.09 -87.70
CA LYS D 897 11.42 56.27 -87.16
C LYS D 897 12.16 55.90 -85.88
N LYS D 898 13.05 56.79 -85.45
CA LYS D 898 13.77 56.64 -84.20
C LYS D 898 13.36 57.72 -83.23
N VAL D 899 13.21 57.33 -81.96
CA VAL D 899 12.92 58.28 -80.88
C VAL D 899 13.65 57.80 -79.64
N VAL D 900 14.29 58.74 -78.94
CA VAL D 900 14.94 58.45 -77.66
C VAL D 900 14.02 58.98 -76.57
N HIS D 901 13.19 58.10 -76.01
CA HIS D 901 12.26 58.50 -74.98
C HIS D 901 13.00 58.92 -73.72
N GLU D 902 12.31 59.70 -72.88
CA GLU D 902 12.88 60.09 -71.61
C GLU D 902 13.54 58.93 -70.90
N SER D 903 13.04 57.72 -71.09
CA SER D 903 13.65 56.57 -70.43
C SER D 903 15.07 56.35 -70.92
N LEU D 904 15.26 56.26 -72.24
CA LEU D 904 16.60 56.00 -72.77
C LEU D 904 17.51 57.20 -72.56
N ARG D 905 16.96 58.40 -72.72
CA ARG D 905 17.72 59.62 -72.41
C ARG D 905 18.22 59.58 -70.98
N THR D 906 17.35 59.24 -70.04
CA THR D 906 17.73 59.20 -68.64
C THR D 906 18.75 58.10 -68.39
N LEU D 907 18.60 56.95 -69.05
CA LEU D 907 19.57 55.88 -68.86
C LEU D 907 20.94 56.29 -69.36
N GLU D 908 21.00 56.96 -70.51
CA GLU D 908 22.28 57.44 -71.00
C GLU D 908 22.85 58.51 -70.07
N LYS D 909 21.99 59.37 -69.54
CA LYS D 909 22.42 60.31 -68.51
C LYS D 909 23.03 59.57 -67.34
N ALA D 910 22.41 58.46 -66.94
CA ALA D 910 22.94 57.67 -65.85
C ALA D 910 24.28 57.05 -66.21
N GLN D 911 24.45 56.62 -67.46
CA GLN D 911 25.73 56.10 -67.89
C GLN D 911 26.81 57.16 -67.74
N ARG D 912 26.51 58.38 -68.18
CA ARG D 912 27.45 59.48 -68.00
C ARG D 912 27.71 59.73 -66.52
N GLN D 913 26.66 59.71 -65.71
CA GLN D 913 26.82 59.94 -64.28
C GLN D 913 27.74 58.90 -63.68
N LEU D 914 27.52 57.63 -64.02
CA LEU D 914 28.36 56.55 -63.51
C LEU D 914 29.80 56.75 -63.93
N ASN D 915 30.00 57.13 -65.19
CA ASN D 915 31.35 57.47 -65.63
C ASN D 915 31.93 58.54 -64.71
N ALA D 916 31.15 59.58 -64.43
CA ALA D 916 31.62 60.67 -63.59
C ALA D 916 31.91 60.18 -62.17
N ALA D 917 31.05 59.33 -61.63
CA ALA D 917 31.19 58.91 -60.24
C ALA D 917 32.43 58.06 -60.04
N ARG D 918 32.71 57.14 -60.95
CA ARG D 918 33.91 56.33 -60.86
C ARG D 918 35.15 57.20 -60.87
N PHE D 919 35.13 58.27 -61.67
CA PHE D 919 36.28 59.16 -61.74
C PHE D 919 36.54 59.81 -60.38
N VAL D 920 35.48 60.31 -59.73
CA VAL D 920 35.64 60.88 -58.40
C VAL D 920 35.88 59.75 -57.40
N ASP D 921 36.87 59.95 -56.54
CA ASP D 921 37.23 59.00 -55.50
C ASP D 921 36.74 59.54 -54.17
N ASP D 922 36.02 58.70 -53.43
CA ASP D 922 35.34 59.13 -52.20
C ASP D 922 35.10 57.88 -51.35
N ASN D 923 34.18 58.00 -50.39
CA ASN D 923 33.86 56.89 -49.50
C ASN D 923 33.04 55.82 -50.21
N GLY D 924 32.99 55.87 -51.53
CA GLY D 924 32.22 54.92 -52.31
C GLY D 924 30.79 55.35 -52.44
N GLU D 925 30.41 56.43 -51.76
CA GLU D 925 29.03 56.88 -51.78
C GLU D 925 28.57 57.20 -53.20
N SER D 926 29.37 57.96 -53.93
CA SER D 926 28.96 58.39 -55.27
C SER D 926 28.98 57.23 -56.23
N HIS D 927 30.11 56.52 -56.34
CA HIS D 927 30.19 55.41 -57.27
C HIS D 927 29.06 54.42 -57.02
N TYR D 928 28.86 54.03 -55.77
CA TYR D 928 27.76 53.15 -55.43
C TYR D 928 26.42 53.81 -55.78
N LYS D 929 26.29 55.10 -55.49
CA LYS D 929 25.00 55.76 -55.73
C LYS D 929 24.64 55.71 -57.21
N ALA D 930 25.59 56.07 -58.08
CA ALA D 930 25.31 56.09 -59.50
C ALA D 930 25.08 54.69 -60.03
N LEU D 931 25.96 53.75 -59.68
CA LEU D 931 25.76 52.39 -60.14
C LEU D 931 24.42 51.86 -59.69
N GLN D 932 24.01 52.21 -58.46
CA GLN D 932 22.78 51.69 -57.91
C GLN D 932 21.57 52.30 -58.60
N VAL D 933 21.60 53.61 -58.86
CA VAL D 933 20.46 54.20 -59.55
C VAL D 933 20.37 53.68 -60.96
N LEU D 934 21.51 53.42 -61.61
CA LEU D 934 21.47 52.82 -62.94
C LEU D 934 20.83 51.43 -62.89
N VAL D 935 21.31 50.59 -61.98
CA VAL D 935 20.71 49.27 -61.83
C VAL D 935 19.25 49.41 -61.42
N ALA D 936 18.90 50.50 -60.75
CA ALA D 936 17.51 50.74 -60.37
C ALA D 936 16.65 51.01 -61.58
N GLN D 937 17.16 51.78 -62.53
CA GLN D 937 16.45 51.94 -63.79
C GLN D 937 16.30 50.59 -64.47
N LEU D 938 17.36 49.78 -64.48
CA LEU D 938 17.27 48.44 -65.03
C LEU D 938 16.11 47.67 -64.40
N ARG D 939 16.09 47.63 -63.06
CA ARG D 939 15.09 46.86 -62.35
C ARG D 939 13.69 47.41 -62.60
N ASP D 940 13.56 48.73 -62.58
CA ASP D 940 12.24 49.34 -62.79
C ASP D 940 11.72 48.99 -64.17
N ALA D 941 12.58 49.04 -65.18
CA ALA D 941 12.15 48.64 -66.52
C ALA D 941 11.74 47.17 -66.53
N SER D 942 12.54 46.30 -65.93
CA SER D 942 12.23 44.88 -65.97
C SER D 942 10.94 44.57 -65.20
N GLU D 943 10.65 45.34 -64.16
CA GLU D 943 9.48 45.07 -63.33
C GLU D 943 8.21 45.57 -64.01
N ARG D 944 8.19 46.85 -64.36
CA ARG D 944 7.00 47.53 -64.87
C ARG D 944 6.99 47.51 -66.38
N ASN D 945 7.38 46.37 -66.96
CA ASN D 945 7.51 46.21 -68.40
C ASN D 945 6.19 46.45 -69.12
N ARG D 946 5.10 46.73 -68.40
CA ARG D 946 3.83 47.03 -69.02
C ARG D 946 3.58 48.54 -69.15
N THR D 947 4.50 49.37 -68.66
CA THR D 947 4.31 50.81 -68.63
C THR D 947 5.20 51.46 -69.69
N LEU D 948 4.74 52.61 -70.19
CA LEU D 948 5.31 53.18 -71.41
C LEU D 948 6.82 53.28 -71.34
N GLY D 949 7.35 53.83 -70.25
CA GLY D 949 8.78 54.05 -70.17
C GLY D 949 9.57 52.78 -70.35
N ALA D 950 9.15 51.70 -69.67
CA ALA D 950 9.86 50.44 -69.80
C ALA D 950 9.84 49.95 -71.24
N LYS D 951 8.68 50.06 -71.89
CA LYS D 951 8.60 49.68 -73.29
C LYS D 951 9.62 50.46 -74.11
N ALA D 952 9.62 51.78 -73.95
CA ALA D 952 10.54 52.62 -74.72
C ALA D 952 11.98 52.19 -74.49
N LEU D 953 12.33 51.87 -73.25
CA LEU D 953 13.73 51.59 -72.94
C LEU D 953 14.14 50.21 -73.42
N LEU D 954 13.51 49.16 -72.90
CA LEU D 954 14.03 47.82 -73.11
C LEU D 954 13.40 47.13 -74.32
N ASP D 955 12.52 47.82 -75.04
CA ASP D 955 11.83 47.17 -76.14
C ASP D 955 12.33 47.68 -77.48
N PRO D 956 13.03 46.85 -78.27
CA PRO D 956 13.52 47.34 -79.58
C PRO D 956 12.43 47.89 -80.49
N ARG D 957 11.32 47.18 -80.71
CA ARG D 957 10.34 47.73 -81.64
C ARG D 957 9.65 48.95 -81.06
N PHE D 958 9.88 49.27 -79.78
CA PHE D 958 9.51 50.60 -79.31
C PHE D 958 10.54 51.63 -79.73
N ARG D 959 11.82 51.24 -79.79
CA ARG D 959 12.82 52.13 -80.38
C ARG D 959 12.52 52.45 -81.83
N LEU D 960 11.53 51.81 -82.44
CA LEU D 960 11.05 52.14 -83.76
C LEU D 960 9.60 52.60 -83.68
N GLU D 961 9.33 53.80 -84.17
CA GLU D 961 7.97 54.27 -84.38
C GLU D 961 7.53 53.93 -85.80
N PHE D 962 6.23 53.85 -86.00
CA PHE D 962 5.70 53.29 -87.23
C PHE D 962 4.58 54.15 -87.80
N ALA D 963 4.61 54.33 -89.12
CA ALA D 963 3.56 54.99 -89.87
C ALA D 963 3.40 54.28 -91.20
N VAL D 964 2.19 54.34 -91.75
CA VAL D 964 1.85 53.65 -92.99
C VAL D 964 1.65 54.68 -94.09
N SER D 965 2.08 54.34 -95.30
CA SER D 965 1.91 55.19 -96.46
C SER D 965 1.40 54.36 -97.63
N VAL D 966 0.57 54.99 -98.45
CA VAL D 966 0.20 54.45 -99.75
C VAL D 966 1.12 55.09 -100.77
N MET D 967 1.24 54.47 -101.95
CA MET D 967 2.16 54.94 -102.97
C MET D 967 1.47 54.92 -104.32
N ASP D 968 1.99 55.72 -105.23
CA ASP D 968 1.48 55.82 -106.59
C ASP D 968 2.19 54.77 -107.43
N ARG D 969 1.43 54.02 -108.22
CA ARG D 969 2.03 53.01 -109.07
C ARG D 969 2.66 53.60 -110.32
N GLN D 970 2.45 54.90 -110.56
CA GLN D 970 3.02 55.56 -111.72
C GLN D 970 4.38 56.19 -111.45
N SER D 971 4.60 56.72 -110.25
CA SER D 971 5.84 57.43 -109.93
C SER D 971 6.47 56.88 -108.66
N GLY D 972 5.73 56.10 -107.90
CA GLY D 972 6.16 55.69 -106.58
C GLY D 972 6.00 56.75 -105.52
N ASN D 973 5.37 57.87 -105.85
CA ASN D 973 5.22 58.96 -104.91
C ASN D 973 4.28 58.57 -103.78
N VAL D 974 4.06 59.50 -102.85
CA VAL D 974 3.26 59.23 -101.67
C VAL D 974 1.82 59.63 -101.92
N ILE D 975 0.90 58.84 -101.36
CA ILE D 975 -0.53 59.15 -101.39
C ILE D 975 -1.13 58.73 -100.06
N GLU D 976 -2.09 59.52 -99.58
CA GLU D 976 -2.92 59.16 -98.42
C GLU D 976 -2.11 58.45 -97.34
N SER D 977 -1.00 59.08 -96.93
CA SER D 977 -0.21 58.52 -95.83
C SER D 977 -0.98 58.67 -94.52
N ARG D 978 -0.48 58.02 -93.48
CA ARG D 978 -1.23 57.91 -92.24
C ARG D 978 -0.39 57.19 -91.19
N THR D 979 -0.97 57.08 -89.99
CA THR D 979 -0.47 56.23 -88.92
C THR D 979 -1.70 55.75 -88.15
N GLY D 980 -2.21 54.59 -88.51
CA GLY D 980 -3.51 54.15 -88.08
C GLY D 980 -4.56 54.37 -89.16
N SER D 981 -5.68 53.65 -89.01
CA SER D 981 -6.68 53.58 -90.07
C SER D 981 -7.71 54.70 -89.98
N GLN D 982 -7.57 55.62 -89.03
CA GLN D 982 -8.56 56.67 -88.87
C GLN D 982 -8.58 57.61 -90.08
N GLY D 983 -9.80 58.00 -90.48
CA GLY D 983 -10.03 58.83 -91.64
C GLY D 983 -10.95 58.21 -92.67
N GLY D 984 -10.83 56.90 -92.90
CA GLY D 984 -11.72 56.25 -93.84
C GLY D 984 -13.01 55.80 -93.18
N SER D 985 -14.02 55.56 -94.01
CA SER D 985 -15.30 55.08 -93.52
C SER D 985 -15.14 53.65 -93.02
N GLY D 986 -16.25 53.02 -92.62
CA GLY D 986 -16.15 51.65 -92.15
C GLY D 986 -15.53 50.74 -93.19
N GLY D 987 -16.01 50.85 -94.43
CA GLY D 987 -15.43 50.07 -95.50
C GLY D 987 -13.96 50.40 -95.73
N GLU D 988 -13.63 51.68 -95.77
CA GLU D 988 -12.25 52.07 -96.05
C GLU D 988 -11.31 51.53 -94.97
N LYS D 989 -11.71 51.63 -93.71
CA LYS D 989 -10.90 51.09 -92.63
C LYS D 989 -10.79 49.57 -92.76
N GLU D 990 -11.90 48.91 -93.08
CA GLU D 990 -11.83 47.47 -93.32
C GLU D 990 -10.77 47.15 -94.36
N ILE D 991 -10.77 47.90 -95.46
CA ILE D 991 -9.85 47.61 -96.55
C ILE D 991 -8.43 47.85 -96.11
N ILE D 992 -8.20 48.98 -95.44
CA ILE D 992 -6.84 49.34 -95.03
C ILE D 992 -6.29 48.27 -94.10
N ALA D 993 -7.07 47.90 -93.08
CA ALA D 993 -6.64 46.87 -92.15
C ALA D 993 -6.43 45.55 -92.87
N SER D 994 -7.36 45.19 -93.74
CA SER D 994 -7.24 43.92 -94.45
C SER D 994 -5.93 43.85 -95.22
N TYR D 995 -5.66 44.87 -96.03
CA TYR D 995 -4.46 44.83 -96.86
C TYR D 995 -3.21 44.80 -95.98
N VAL D 996 -3.12 45.72 -95.01
CA VAL D 996 -1.91 45.81 -94.21
C VAL D 996 -1.67 44.51 -93.47
N LEU D 997 -2.70 44.03 -92.78
CA LEU D 997 -2.57 42.83 -91.96
C LEU D 997 -2.28 41.63 -92.83
N THR D 998 -2.92 41.53 -93.99
CA THR D 998 -2.67 40.40 -94.88
C THR D 998 -1.24 40.40 -95.36
N ALA D 999 -0.70 41.57 -95.70
CA ALA D 999 0.69 41.62 -96.14
C ALA D 999 1.63 41.18 -95.03
N SER D 1000 1.41 41.71 -93.82
CA SER D 1000 2.26 41.35 -92.70
C SER D 1000 2.18 39.85 -92.43
N LEU D 1001 0.96 39.31 -92.45
CA LEU D 1001 0.77 37.89 -92.23
C LEU D 1001 1.47 37.05 -93.29
N SER D 1002 1.32 37.45 -94.55
CA SER D 1002 1.92 36.68 -95.64
C SER D 1002 3.43 36.63 -95.48
N TYR D 1003 4.06 37.78 -95.32
CA TYR D 1003 5.52 37.77 -95.18
C TYR D 1003 5.95 37.03 -93.92
N ALA D 1004 5.21 37.22 -92.83
CA ALA D 1004 5.53 36.53 -91.59
C ALA D 1004 5.48 35.02 -91.79
N LEU D 1005 4.52 34.54 -92.57
CA LEU D 1005 4.39 33.11 -92.79
C LEU D 1005 5.34 32.58 -93.84
N SER D 1006 5.93 33.44 -94.65
CA SER D 1006 6.89 32.98 -95.64
C SER D 1006 8.21 32.64 -94.95
N PRO D 1007 8.66 31.39 -94.98
CA PRO D 1007 9.91 31.05 -94.32
C PRO D 1007 11.09 31.72 -94.99
N ALA D 1008 12.25 31.59 -94.35
CA ALA D 1008 13.48 32.11 -94.93
C ALA D 1008 13.74 31.45 -96.28
N GLY D 1009 14.21 32.25 -97.23
CA GLY D 1009 14.42 31.75 -98.58
C GLY D 1009 13.17 31.68 -99.41
N SER D 1010 12.05 32.25 -98.95
CA SER D 1010 10.82 32.26 -99.73
C SER D 1010 10.07 33.55 -99.45
N ARG D 1011 9.32 34.00 -100.45
CA ARG D 1011 8.50 35.20 -100.34
C ARG D 1011 7.03 34.90 -100.12
N TYR D 1012 6.64 33.63 -100.14
CA TYR D 1012 5.24 33.26 -100.04
C TYR D 1012 4.99 32.49 -98.74
N PRO D 1013 3.79 32.61 -98.18
CA PRO D 1013 3.53 32.00 -96.86
C PRO D 1013 3.53 30.48 -96.97
N LEU D 1014 4.44 29.85 -96.22
CA LEU D 1014 4.42 28.40 -96.15
C LEU D 1014 3.06 27.90 -95.68
N PHE D 1015 2.47 28.56 -94.69
CA PHE D 1015 1.11 28.27 -94.27
C PHE D 1015 0.17 29.10 -95.14
N GLY D 1016 -0.29 28.51 -96.24
CA GLY D 1016 -1.04 29.26 -97.23
C GLY D 1016 -2.46 29.60 -96.87
N THR D 1017 -3.10 28.83 -95.99
CA THR D 1017 -4.51 28.99 -95.71
C THR D 1017 -4.72 30.10 -94.69
N ILE D 1018 -5.83 30.83 -94.84
CA ILE D 1018 -6.23 31.88 -93.91
C ILE D 1018 -7.75 31.85 -93.78
N ILE D 1019 -8.24 32.37 -92.67
CA ILE D 1019 -9.67 32.47 -92.41
C ILE D 1019 -10.06 33.94 -92.37
N LEU D 1020 -11.27 34.26 -92.82
CA LEU D 1020 -11.76 35.63 -92.86
C LEU D 1020 -13.24 35.65 -92.51
N ASP D 1021 -13.56 35.88 -91.24
CA ASP D 1021 -14.94 36.03 -90.82
C ASP D 1021 -15.44 37.42 -91.17
N GLU D 1022 -16.74 37.52 -91.44
CA GLU D 1022 -17.31 38.75 -91.96
C GLU D 1022 -16.45 39.27 -93.09
N ALA D 1023 -16.17 38.38 -94.05
CA ALA D 1023 -15.15 38.66 -95.05
C ALA D 1023 -15.29 40.05 -95.62
N PHE D 1024 -16.52 40.46 -95.96
CA PHE D 1024 -16.72 41.73 -96.63
C PHE D 1024 -17.97 42.44 -96.12
N SER D 1025 -18.27 42.33 -94.83
CA SER D 1025 -19.51 42.88 -94.30
C SER D 1025 -19.50 44.40 -94.19
N ARG D 1026 -18.51 45.08 -94.78
CA ARG D 1026 -18.42 46.54 -94.70
C ARG D 1026 -18.06 47.21 -96.03
N SER D 1027 -17.88 46.45 -97.12
CA SER D 1027 -17.42 47.01 -98.39
C SER D 1027 -18.29 46.52 -99.53
N SER D 1028 -18.40 47.34 -100.58
CA SER D 1028 -19.15 46.96 -101.77
C SER D 1028 -18.31 46.05 -102.65
N HIS D 1029 -18.98 45.32 -103.55
CA HIS D 1029 -18.36 44.18 -104.21
C HIS D 1029 -17.08 44.56 -104.95
N ALA D 1030 -17.01 45.76 -105.52
CA ALA D 1030 -15.78 46.17 -106.20
C ALA D 1030 -14.63 46.28 -105.21
N VAL D 1031 -14.88 46.91 -104.07
CA VAL D 1031 -13.82 47.10 -103.09
C VAL D 1031 -13.47 45.77 -102.43
N ALA D 1032 -14.49 44.96 -102.14
CA ALA D 1032 -14.26 43.61 -101.68
C ALA D 1032 -13.38 42.85 -102.68
N GLY D 1033 -13.62 43.03 -103.98
CA GLY D 1033 -12.78 42.42 -104.97
C GLY D 1033 -11.37 42.97 -104.93
N ARG D 1034 -11.21 44.24 -104.58
CA ARG D 1034 -9.87 44.76 -104.35
C ARG D 1034 -9.17 43.96 -103.25
N ILE D 1035 -9.88 43.69 -102.16
CA ILE D 1035 -9.32 42.83 -101.12
C ILE D 1035 -8.99 41.46 -101.71
N ILE D 1036 -9.90 40.91 -102.51
CA ILE D 1036 -9.68 39.59 -103.09
C ILE D 1036 -8.38 39.58 -103.87
N ALA D 1037 -8.19 40.59 -104.70
CA ALA D 1037 -7.00 40.69 -105.52
C ALA D 1037 -5.75 40.78 -104.65
N ALA D 1038 -5.76 41.67 -103.66
CA ALA D 1038 -4.58 41.82 -102.81
C ALA D 1038 -4.30 40.53 -102.05
N LEU D 1039 -5.30 40.01 -101.36
CA LEU D 1039 -5.16 38.77 -100.59
C LEU D 1039 -4.59 37.66 -101.45
N ARG D 1040 -5.27 37.32 -102.54
CA ARG D 1040 -4.83 36.22 -103.37
C ARG D 1040 -3.45 36.49 -103.93
N GLU D 1041 -3.21 37.70 -104.42
CA GLU D 1041 -1.89 38.07 -104.95
C GLU D 1041 -0.80 37.87 -103.92
N PHE D 1042 -1.13 37.99 -102.65
CA PHE D 1042 -0.13 37.82 -101.60
C PHE D 1042 0.21 36.36 -101.34
N GLY D 1043 -0.17 35.45 -102.25
CA GLY D 1043 0.11 34.05 -102.09
C GLY D 1043 -0.74 33.35 -101.06
N LEU D 1044 -1.94 33.87 -100.76
CA LEU D 1044 -2.74 33.34 -99.69
C LEU D 1044 -3.94 32.54 -100.22
N HIS D 1045 -3.99 31.29 -99.80
CA HIS D 1045 -5.19 30.47 -99.85
C HIS D 1045 -6.11 30.91 -98.71
N ALA D 1046 -7.38 31.15 -99.03
CA ALA D 1046 -8.26 31.85 -98.09
C ALA D 1046 -9.60 31.14 -97.97
N VAL D 1047 -10.26 31.40 -96.84
CA VAL D 1047 -11.63 30.96 -96.59
C VAL D 1047 -12.41 32.18 -96.11
N PHE D 1048 -13.66 32.29 -96.53
CA PHE D 1048 -14.46 33.49 -96.33
C PHE D 1048 -15.78 33.12 -95.65
N ILE D 1049 -16.28 34.03 -94.83
CA ILE D 1049 -17.54 33.83 -94.10
C ILE D 1049 -18.46 34.99 -94.43
N THR D 1050 -19.77 34.76 -94.24
CA THR D 1050 -20.75 35.82 -94.34
C THR D 1050 -22.02 35.37 -93.63
N PRO D 1051 -22.73 36.31 -92.98
CA PRO D 1051 -23.99 35.95 -92.30
C PRO D 1051 -25.17 35.94 -93.26
N ASN D 1052 -25.07 35.14 -94.31
CA ASN D 1052 -26.10 35.03 -95.33
C ASN D 1052 -26.34 36.38 -96.02
N LYS D 1053 -25.28 36.87 -96.68
CA LYS D 1053 -25.31 38.18 -97.30
C LYS D 1053 -24.34 38.26 -98.48
N GLU D 1054 -24.78 38.94 -99.54
CA GLU D 1054 -23.92 39.31 -100.67
C GLU D 1054 -23.14 38.11 -101.21
N MET D 1055 -23.86 37.06 -101.62
CA MET D 1055 -23.23 35.82 -102.06
C MET D 1055 -22.45 35.95 -103.36
N ARG D 1056 -22.74 36.97 -104.17
CA ARG D 1056 -22.22 36.99 -105.53
C ARG D 1056 -20.70 36.90 -105.56
N LEU D 1057 -20.01 37.79 -104.84
CA LEU D 1057 -18.57 37.81 -104.90
C LEU D 1057 -17.98 36.50 -104.38
N LEU D 1058 -18.62 35.88 -103.39
CA LEU D 1058 -18.13 34.60 -102.88
C LEU D 1058 -18.11 33.56 -103.98
N ARG D 1059 -19.20 33.48 -104.74
CA ARG D 1059 -19.26 32.55 -105.86
C ARG D 1059 -18.19 32.86 -106.89
N ASP D 1060 -17.82 34.14 -107.02
CA ASP D 1060 -16.93 34.57 -108.10
C ASP D 1060 -15.52 34.04 -107.91
N HIS D 1061 -14.96 34.16 -106.71
CA HIS D 1061 -13.54 33.91 -106.50
C HIS D 1061 -13.30 32.83 -105.45
N THR D 1062 -14.25 31.91 -105.27
CA THR D 1062 -14.02 30.68 -104.55
C THR D 1062 -14.62 29.55 -105.35
N ARG D 1063 -14.16 28.33 -105.09
CA ARG D 1063 -14.62 27.19 -105.87
C ARG D 1063 -15.70 26.37 -105.17
N SER D 1064 -15.77 26.44 -103.84
CA SER D 1064 -16.78 25.70 -103.11
C SER D 1064 -17.25 26.55 -101.94
N ALA D 1065 -18.27 26.07 -101.25
CA ALA D 1065 -18.75 26.66 -100.02
C ALA D 1065 -18.89 25.60 -98.95
N ILE D 1066 -19.13 26.05 -97.72
CA ILE D 1066 -19.49 25.18 -96.62
C ILE D 1066 -20.78 25.72 -96.01
N VAL D 1067 -21.86 24.97 -96.18
CA VAL D 1067 -23.18 25.36 -95.69
C VAL D 1067 -23.32 24.86 -94.26
N VAL D 1068 -23.85 25.73 -93.40
CA VAL D 1068 -24.05 25.41 -92.01
C VAL D 1068 -25.43 25.92 -91.61
N HIS D 1069 -26.19 25.09 -90.91
CA HIS D 1069 -27.53 25.45 -90.49
C HIS D 1069 -27.74 25.01 -89.05
N ARG D 1070 -28.56 25.77 -88.33
CA ARG D 1070 -28.87 25.50 -86.94
C ARG D 1070 -30.25 24.87 -86.86
N ARG D 1071 -30.43 23.99 -85.88
CA ARG D 1071 -31.72 23.34 -85.65
C ARG D 1071 -31.85 23.16 -84.14
N GLY D 1072 -32.66 24.01 -83.51
CA GLY D 1072 -32.69 24.02 -82.06
C GLY D 1072 -31.33 24.41 -81.54
N GLN D 1073 -30.74 23.53 -80.73
CA GLN D 1073 -29.42 23.75 -80.17
C GLN D 1073 -28.34 23.01 -80.94
N ASN D 1074 -28.67 22.39 -82.06
CA ASN D 1074 -27.74 21.56 -82.82
C ASN D 1074 -27.22 22.34 -84.03
N SER D 1075 -25.93 22.20 -84.28
CA SER D 1075 -25.27 22.85 -85.41
C SER D 1075 -24.84 21.80 -86.40
N ASN D 1076 -24.98 22.12 -87.69
CA ASN D 1076 -24.75 21.16 -88.77
C ASN D 1076 -23.88 21.81 -89.82
N MET D 1077 -23.01 21.02 -90.44
CA MET D 1077 -22.06 21.51 -91.42
C MET D 1077 -22.07 20.62 -92.67
N ALA D 1078 -21.67 21.20 -93.78
CA ALA D 1078 -21.55 20.47 -95.03
C ALA D 1078 -20.69 21.28 -95.99
N SER D 1079 -19.99 20.58 -96.87
CA SER D 1079 -19.14 21.19 -97.89
C SER D 1079 -19.66 20.83 -99.27
N LEU D 1080 -20.06 21.84 -100.03
CA LEU D 1080 -20.62 21.64 -101.36
C LEU D 1080 -19.91 22.55 -102.35
N SER D 1081 -20.09 22.26 -103.63
CA SER D 1081 -19.65 23.16 -104.68
C SER D 1081 -20.77 24.14 -105.00
N TRP D 1082 -20.42 25.25 -105.67
CA TRP D 1082 -21.40 26.31 -105.86
C TRP D 1082 -22.60 25.82 -106.65
N GLU D 1083 -22.38 24.85 -107.55
CA GLU D 1083 -23.42 24.46 -108.49
C GLU D 1083 -24.48 23.58 -107.83
N GLU D 1084 -24.08 22.70 -106.91
CA GLU D 1084 -25.07 21.94 -106.16
C GLU D 1084 -25.95 22.88 -105.35
N LEU D 1085 -25.35 23.91 -104.76
CA LEU D 1085 -26.13 24.91 -104.04
C LEU D 1085 -27.06 25.65 -104.99
N GLU D 1086 -26.60 25.90 -106.22
CA GLU D 1086 -27.46 26.53 -107.21
C GLU D 1086 -28.66 25.65 -107.52
N ARG D 1087 -28.43 24.34 -107.68
CA ARG D 1087 -29.54 23.43 -107.94
C ARG D 1087 -30.51 23.41 -106.78
N HIS D 1088 -29.98 23.40 -105.54
CA HIS D 1088 -30.87 23.41 -104.38
C HIS D 1088 -31.67 24.70 -104.32
N TYR D 1089 -31.04 25.84 -104.59
CA TYR D 1089 -31.74 27.11 -104.62
C TYR D 1089 -32.86 27.09 -105.65
N GLN D 1090 -32.57 26.59 -106.85
CA GLN D 1090 -33.59 26.51 -107.88
C GLN D 1090 -34.75 25.62 -107.43
N ARG D 1091 -34.43 24.52 -106.74
CA ARG D 1091 -35.48 23.68 -106.17
C ARG D 1091 -36.34 24.47 -105.20
N ARG D 1092 -35.77 25.48 -104.53
CA ARG D 1092 -36.57 26.35 -103.68
C ARG D 1092 -37.29 27.43 -104.49
N GLY D 1093 -36.69 27.86 -105.60
CA GLY D 1093 -37.22 29.00 -106.33
C GLY D 1093 -38.64 28.79 -106.80
N ASN D 1094 -38.97 27.57 -107.24
CA ASN D 1094 -40.31 27.30 -107.74
C ASN D 1094 -41.36 27.52 -106.67
N ALA D 1095 -41.02 27.27 -105.41
CA ALA D 1095 -41.96 27.47 -104.31
C ALA D 1095 -42.04 28.94 -103.94
N MET E 1 -45.38 45.66 -93.06
CA MET E 1 -44.55 46.18 -91.94
C MET E 1 -44.26 47.67 -92.15
N ASN E 2 -43.95 48.05 -93.39
CA ASN E 2 -43.60 49.44 -93.68
C ASN E 2 -44.74 50.39 -93.33
N GLN E 3 -45.98 49.94 -93.40
CA GLN E 3 -47.12 50.84 -93.34
C GLN E 3 -47.24 51.54 -91.98
N VAL E 4 -46.71 50.93 -90.92
CA VAL E 4 -46.83 51.56 -89.59
C VAL E 4 -46.17 52.93 -89.60
N SER E 5 -45.03 53.06 -90.29
CA SER E 5 -44.39 54.36 -90.40
C SER E 5 -45.30 55.37 -91.09
N GLY E 6 -45.95 54.95 -92.17
CA GLY E 6 -46.90 55.83 -92.82
C GLY E 6 -48.05 56.23 -91.91
N LEU E 7 -48.50 55.31 -91.06
CA LEU E 7 -49.57 55.62 -90.12
C LEU E 7 -49.18 56.75 -89.17
N ALA E 8 -47.90 56.90 -88.88
CA ALA E 8 -47.46 57.99 -88.03
C ALA E 8 -47.66 59.33 -88.74
N GLY E 9 -47.72 60.39 -87.93
CA GLY E 9 -47.94 61.73 -88.44
C GLY E 9 -48.96 62.55 -87.67
N LYS E 10 -49.69 61.95 -86.73
CA LYS E 10 -50.63 62.70 -85.91
C LYS E 10 -50.20 62.65 -84.45
N GLU E 11 -49.96 61.44 -83.94
CA GLU E 11 -49.43 61.26 -82.59
C GLU E 11 -47.95 61.60 -82.51
N SER E 12 -47.27 61.77 -83.63
CA SER E 12 -45.83 62.00 -83.62
C SER E 12 -45.41 62.68 -84.92
N PHE E 13 -44.42 63.56 -84.80
CA PHE E 13 -43.73 64.09 -85.97
C PHE E 13 -42.90 63.00 -86.61
N ILE E 14 -42.78 63.05 -87.94
CA ILE E 14 -41.89 62.17 -88.68
C ILE E 14 -41.11 63.03 -89.67
N LEU E 15 -39.93 62.55 -90.04
CA LEU E 15 -38.94 63.35 -90.74
C LEU E 15 -38.88 62.94 -92.21
N THR E 16 -38.96 63.93 -93.10
CA THR E 16 -38.73 63.69 -94.53
C THR E 16 -38.09 64.96 -95.12
N ARG E 17 -36.76 64.99 -95.09
CA ARG E 17 -35.99 66.01 -95.79
C ARG E 17 -34.50 65.76 -95.54
N ILE E 18 -33.69 66.10 -96.53
CA ILE E 18 -32.25 66.18 -96.37
C ILE E 18 -31.75 67.42 -97.10
N GLU E 19 -30.93 68.22 -96.40
CA GLU E 19 -30.44 69.48 -96.95
C GLU E 19 -28.98 69.63 -96.55
N LEU E 20 -28.11 69.83 -97.54
CA LEU E 20 -26.69 70.05 -97.32
C LEU E 20 -26.23 71.29 -98.06
N PHE E 21 -25.17 71.91 -97.54
CA PHE E 21 -24.51 73.03 -98.21
C PHE E 21 -23.09 73.09 -97.71
N ASN E 22 -22.14 72.69 -98.55
CA ASN E 22 -20.72 72.76 -98.22
C ASN E 22 -20.40 71.88 -97.01
N TRP E 23 -21.26 70.93 -96.69
CA TRP E 23 -20.96 69.95 -95.66
C TRP E 23 -20.16 68.81 -96.28
N GLY E 24 -18.98 68.55 -95.74
CA GLY E 24 -18.14 67.53 -96.33
C GLY E 24 -17.84 67.83 -97.77
N GLY E 25 -17.86 66.79 -98.61
CA GLY E 25 -17.60 66.96 -100.02
C GLY E 25 -18.76 67.52 -100.80
N PHE E 26 -19.92 67.69 -100.18
CA PHE E 26 -21.12 68.15 -100.88
C PHE E 26 -21.08 69.67 -101.00
N HIS E 27 -20.23 70.12 -101.91
CA HIS E 27 -20.15 71.55 -102.21
C HIS E 27 -21.45 72.02 -102.82
N GLY E 28 -21.78 73.29 -102.58
CA GLY E 28 -23.06 73.78 -103.03
C GLY E 28 -24.18 73.07 -102.29
N LEU E 29 -25.40 73.29 -102.78
CA LEU E 29 -26.60 72.76 -102.15
C LEU E 29 -26.90 71.38 -102.70
N HIS E 30 -27.13 70.42 -101.81
CA HIS E 30 -27.51 69.07 -102.18
C HIS E 30 -28.74 68.66 -101.37
N GLN E 31 -29.79 68.24 -102.06
CA GLN E 31 -31.03 67.86 -101.41
C GLN E 31 -31.35 66.41 -101.76
N ALA E 32 -31.95 65.71 -100.81
CA ALA E 32 -32.36 64.32 -101.02
C ALA E 32 -33.65 64.07 -100.27
N ALA E 33 -34.43 63.11 -100.78
CA ALA E 33 -35.79 62.88 -100.31
C ALA E 33 -35.80 61.70 -99.35
N ILE E 34 -36.11 61.98 -98.08
CA ILE E 34 -36.46 60.94 -97.14
C ILE E 34 -37.96 60.69 -97.22
N HIS E 35 -38.36 59.42 -97.25
CA HIS E 35 -39.71 59.04 -97.58
C HIS E 35 -40.51 58.76 -96.31
N GLN E 36 -41.82 59.01 -96.39
CA GLN E 36 -42.69 58.80 -95.23
C GLN E 36 -42.73 57.34 -94.81
N ASP E 37 -42.39 56.42 -95.71
CA ASP E 37 -42.54 54.99 -95.48
C ASP E 37 -41.20 54.25 -95.50
N GLY E 38 -40.17 54.83 -94.90
CA GLY E 38 -38.87 54.19 -94.85
C GLY E 38 -38.00 54.58 -96.02
N THR E 39 -36.69 54.62 -95.76
CA THR E 39 -35.72 54.99 -96.79
C THR E 39 -34.39 54.34 -96.46
N ALA E 40 -33.52 54.30 -97.46
CA ALA E 40 -32.20 53.68 -97.33
C ALA E 40 -31.20 54.40 -98.22
N VAL E 41 -30.27 55.12 -97.59
CA VAL E 41 -29.16 55.74 -98.30
C VAL E 41 -28.16 54.65 -98.63
N ILE E 42 -27.61 54.69 -99.85
CA ILE E 42 -26.84 53.58 -100.37
C ILE E 42 -25.68 54.13 -101.19
N GLY E 43 -24.71 53.27 -101.46
CA GLY E 43 -23.55 53.64 -102.23
C GLY E 43 -22.40 52.68 -102.00
N PRO E 44 -21.26 52.97 -102.62
CA PRO E 44 -20.07 52.14 -102.39
C PRO E 44 -19.35 52.49 -101.10
N THR E 45 -18.21 51.84 -100.85
CA THR E 45 -17.38 52.22 -99.73
C THR E 45 -16.88 53.64 -99.91
N GLY E 46 -16.89 54.41 -98.82
CA GLY E 46 -16.45 55.79 -98.89
C GLY E 46 -17.41 56.68 -99.65
N SER E 47 -18.62 56.20 -99.92
CA SER E 47 -19.60 57.00 -100.64
C SER E 47 -19.88 58.30 -99.91
N GLY E 48 -19.67 58.33 -98.60
CA GLY E 48 -20.01 59.47 -97.78
C GLY E 48 -21.35 59.37 -97.09
N LYS E 49 -22.08 58.27 -97.29
CA LYS E 49 -23.33 58.08 -96.57
C LYS E 49 -23.12 58.25 -95.07
N THR E 50 -22.01 57.73 -94.56
CA THR E 50 -21.65 57.99 -93.18
C THR E 50 -21.50 59.48 -92.93
N THR E 51 -20.91 60.20 -93.88
CA THR E 51 -20.77 61.65 -93.73
C THR E 51 -22.12 62.33 -93.68
N LEU E 52 -23.07 61.88 -94.51
CA LEU E 52 -24.41 62.46 -94.47
C LEU E 52 -25.08 62.19 -93.14
N VAL E 53 -24.96 60.97 -92.63
CA VAL E 53 -25.53 60.64 -91.33
C VAL E 53 -24.96 61.55 -90.27
N ASP E 54 -23.63 61.74 -90.30
CA ASP E 54 -23.00 62.69 -89.39
C ASP E 54 -23.55 64.10 -89.59
N ALA E 55 -23.88 64.45 -90.83
CA ALA E 55 -24.49 65.75 -91.10
C ALA E 55 -25.79 65.90 -90.35
N LEU E 56 -26.69 64.93 -90.51
CA LEU E 56 -27.94 64.94 -89.75
C LEU E 56 -27.66 64.97 -88.26
N MET E 57 -26.73 64.14 -87.81
CA MET E 57 -26.45 64.01 -86.39
C MET E 57 -25.79 65.26 -85.84
N THR E 58 -25.16 66.05 -86.69
CA THR E 58 -24.55 67.29 -86.25
C THR E 58 -25.61 68.33 -85.91
N LEU E 59 -26.75 68.28 -86.60
CA LEU E 59 -27.87 69.15 -86.26
C LEU E 59 -28.43 68.82 -84.89
N LEU E 60 -28.49 67.54 -84.56
CA LEU E 60 -29.31 67.09 -83.44
C LEU E 60 -28.53 66.90 -82.14
N LEU E 61 -27.20 66.81 -82.21
CA LEU E 61 -26.41 66.40 -81.06
C LEU E 61 -25.39 67.46 -80.68
N ALA E 62 -25.25 67.68 -79.36
CA ALA E 62 -24.16 68.52 -78.87
C ALA E 62 -22.82 67.82 -78.99
N ASN E 63 -22.83 66.48 -78.97
CA ASN E 63 -21.60 65.69 -79.03
C ASN E 63 -21.73 64.65 -80.13
N PRO E 64 -21.79 65.09 -81.40
CA PRO E 64 -21.94 64.15 -82.51
C PRO E 64 -20.64 63.39 -82.76
N ARG E 65 -20.61 62.13 -82.34
CA ARG E 65 -19.47 61.24 -82.57
C ARG E 65 -19.43 60.91 -84.06
N TYR E 66 -18.47 61.51 -84.76
CA TYR E 66 -18.43 61.41 -86.22
C TYR E 66 -17.75 60.12 -86.67
N ASN E 67 -18.37 59.46 -87.65
CA ASN E 67 -17.81 58.25 -88.25
C ASN E 67 -17.70 57.11 -87.24
N LEU E 68 -18.54 57.14 -86.19
CA LEU E 68 -18.46 56.13 -85.16
C LEU E 68 -18.79 54.75 -85.70
N ALA E 69 -19.80 54.64 -86.55
CA ALA E 69 -20.22 53.33 -87.06
C ALA E 69 -19.09 52.65 -87.83
N SER E 70 -18.16 53.43 -88.40
CA SER E 70 -17.06 52.82 -89.14
C SER E 70 -16.30 51.82 -88.29
N THR E 71 -15.87 52.24 -87.11
CA THR E 71 -15.26 51.27 -86.18
C THR E 71 -16.28 50.24 -85.73
N GLY E 72 -17.51 50.68 -85.47
CA GLY E 72 -18.51 49.82 -84.88
C GLY E 72 -18.81 50.11 -83.43
N GLY E 73 -18.28 51.21 -82.88
CA GLY E 73 -18.55 51.59 -81.51
C GLY E 73 -17.29 51.91 -80.74
N HIS E 74 -16.13 51.56 -81.31
CA HIS E 74 -14.88 51.77 -80.59
C HIS E 74 -14.52 53.26 -80.54
N GLU E 75 -14.62 53.96 -81.67
CA GLU E 75 -14.16 55.33 -81.75
C GLU E 75 -14.83 56.06 -82.89
N SER E 76 -14.94 57.38 -82.75
CA SER E 76 -15.46 58.27 -83.79
C SER E 76 -14.30 59.16 -84.24
N ASP E 77 -13.56 58.70 -85.25
CA ASP E 77 -12.28 59.29 -85.56
C ASP E 77 -12.39 60.64 -86.26
N ARG E 78 -13.42 60.84 -87.08
CA ARG E 78 -13.55 62.08 -87.82
C ARG E 78 -14.10 63.18 -86.92
N ASP E 79 -14.07 64.41 -87.42
CA ASP E 79 -14.50 65.57 -86.64
C ASP E 79 -15.15 66.59 -87.57
N LEU E 80 -15.87 67.52 -86.96
CA LEU E 80 -16.59 68.54 -87.73
C LEU E 80 -15.62 69.38 -88.56
N ILE E 81 -14.46 69.70 -87.99
CA ILE E 81 -13.53 70.59 -88.68
C ILE E 81 -13.05 69.95 -89.99
N SER E 82 -12.83 68.63 -89.98
CA SER E 82 -12.42 67.96 -91.21
C SER E 82 -13.54 67.99 -92.24
N TYR E 83 -14.77 67.73 -91.83
CA TYR E 83 -15.89 67.75 -92.77
C TYR E 83 -16.07 69.13 -93.37
N VAL E 84 -15.97 70.18 -92.56
CA VAL E 84 -16.02 71.53 -93.11
C VAL E 84 -14.81 71.78 -94.00
N ARG E 85 -13.68 71.14 -93.68
CA ARG E 85 -12.51 71.22 -94.55
C ARG E 85 -12.66 70.32 -95.76
N GLY E 86 -13.64 69.42 -95.75
CA GLY E 86 -13.81 68.46 -96.82
C GLY E 86 -12.60 67.54 -96.95
N VAL E 87 -12.09 67.07 -95.82
CA VAL E 87 -10.92 66.20 -95.86
C VAL E 87 -11.27 64.90 -96.56
N SER E 88 -10.51 64.57 -97.60
CA SER E 88 -10.62 63.29 -98.25
C SER E 88 -10.02 62.15 -97.43
N GLY E 89 -8.91 62.40 -96.76
CA GLY E 89 -8.24 61.41 -95.96
C GLY E 89 -7.16 62.03 -95.11
N PRO E 90 -6.40 61.22 -94.40
CA PRO E 90 -5.31 61.76 -93.59
C PRO E 90 -4.30 62.49 -94.45
N GLY E 91 -3.33 63.13 -93.79
CA GLY E 91 -2.25 63.76 -94.51
C GLY E 91 -1.71 62.83 -95.57
N ASP E 92 -1.89 63.19 -96.84
CA ASP E 92 -1.54 62.29 -97.93
C ASP E 92 -0.05 62.19 -98.18
N GLY E 93 0.78 62.72 -97.28
CA GLY E 93 2.22 62.72 -97.45
C GLY E 93 2.75 64.13 -97.33
N GLY E 94 2.00 65.07 -97.90
CA GLY E 94 2.25 66.48 -97.68
C GLY E 94 1.41 67.03 -96.54
N GLU E 95 1.55 68.33 -96.32
CA GLU E 95 0.81 69.00 -95.26
C GLU E 95 0.19 70.32 -95.68
N GLY E 96 0.33 70.74 -96.94
CA GLY E 96 -0.23 71.99 -97.38
C GLY E 96 -1.69 71.87 -97.78
N GLN E 97 -2.49 71.17 -96.97
CA GLN E 97 -3.91 71.01 -97.22
C GLN E 97 -4.19 70.33 -98.55
N SER E 98 -3.24 69.54 -99.04
CA SER E 98 -3.47 68.77 -100.26
C SER E 98 -4.57 67.74 -100.05
N HIS E 99 -4.72 67.23 -98.83
CA HIS E 99 -5.80 66.33 -98.48
C HIS E 99 -7.03 67.08 -97.96
N ILE E 100 -7.13 68.38 -98.23
CA ILE E 100 -8.24 69.21 -97.79
C ILE E 100 -8.84 69.88 -99.00
N ALA E 101 -10.15 69.74 -99.18
CA ALA E 101 -10.83 70.35 -100.32
C ALA E 101 -10.98 71.85 -100.13
N ARG E 102 -11.31 72.27 -98.91
CA ARG E 102 -11.62 73.67 -98.61
C ARG E 102 -10.59 74.17 -97.61
N PRO E 103 -9.47 74.72 -98.08
CA PRO E 103 -8.41 75.14 -97.15
C PRO E 103 -8.74 76.42 -96.39
N GLY E 104 -9.33 77.41 -97.04
CA GLY E 104 -9.50 78.72 -96.46
C GLY E 104 -10.82 78.86 -95.70
N LYS E 105 -11.07 80.09 -95.26
CA LYS E 105 -12.32 80.44 -94.60
C LYS E 105 -13.49 79.96 -95.45
N THR E 106 -14.30 79.05 -94.91
CA THR E 106 -15.40 78.49 -95.67
C THR E 106 -16.59 78.30 -94.75
N VAL E 107 -17.74 78.01 -95.35
CA VAL E 107 -19.01 77.96 -94.64
C VAL E 107 -19.69 76.64 -94.94
N THR E 108 -20.58 76.22 -94.04
CA THR E 108 -21.34 74.99 -94.18
C THR E 108 -22.74 75.22 -93.65
N GLY E 109 -23.67 74.39 -94.10
CA GLY E 109 -25.06 74.52 -93.70
C GLY E 109 -25.78 73.21 -93.85
N ILE E 110 -26.76 72.98 -92.98
CA ILE E 110 -27.49 71.72 -92.93
C ILE E 110 -28.85 71.96 -92.32
N ALA E 111 -29.84 71.19 -92.77
CA ALA E 111 -31.21 71.32 -92.29
C ALA E 111 -31.94 69.99 -92.45
N ALA E 112 -33.01 69.83 -91.67
CA ALA E 112 -33.87 68.65 -91.71
C ALA E 112 -35.29 69.08 -91.42
N THR E 113 -36.26 68.30 -91.88
CA THR E 113 -37.67 68.70 -91.81
C THR E 113 -38.54 67.57 -91.29
N LEU E 114 -39.63 67.95 -90.62
CA LEU E 114 -40.57 67.01 -90.04
C LEU E 114 -41.98 67.51 -90.31
N GLU E 115 -42.97 66.66 -90.01
CA GLU E 115 -44.35 66.97 -90.31
C GLU E 115 -45.27 66.30 -89.29
N ARG E 116 -46.36 67.00 -88.93
CA ARG E 116 -47.34 66.47 -88.00
C ARG E 116 -48.62 67.28 -88.12
N GLU E 117 -49.72 66.61 -88.46
CA GLU E 117 -51.02 67.26 -88.56
C GLU E 117 -50.97 68.49 -89.47
N GLY E 118 -50.32 68.34 -90.61
CA GLY E 118 -50.29 69.38 -91.61
C GLY E 118 -49.29 70.49 -91.37
N LYS E 119 -48.62 70.52 -90.21
CA LYS E 119 -47.63 71.53 -89.91
C LYS E 119 -46.24 70.94 -90.04
N GLN E 120 -45.39 71.63 -90.79
CA GLN E 120 -44.04 71.17 -91.09
C GLN E 120 -43.04 72.07 -90.38
N VAL E 121 -42.02 71.45 -89.79
CA VAL E 121 -41.05 72.15 -88.95
C VAL E 121 -39.66 71.74 -89.41
N ARG E 122 -38.75 72.72 -89.50
CA ARG E 122 -37.42 72.48 -90.04
C ARG E 122 -36.36 73.04 -89.10
N LEU E 123 -35.31 72.24 -88.88
CA LEU E 123 -34.12 72.68 -88.16
C LEU E 123 -33.10 73.22 -89.15
N GLY E 124 -32.19 74.05 -88.64
CA GLY E 124 -31.15 74.62 -89.47
C GLY E 124 -29.91 74.93 -88.64
N ALA E 125 -28.79 75.04 -89.32
CA ALA E 125 -27.52 75.32 -88.67
C ALA E 125 -26.54 75.91 -89.66
N LEU E 126 -25.71 76.82 -89.17
CA LEU E 126 -24.64 77.44 -89.96
C LEU E 126 -23.31 77.21 -89.25
N LEU E 127 -22.45 76.41 -89.87
CA LEU E 127 -21.15 76.07 -89.31
C LEU E 127 -20.07 76.51 -90.30
N TRP E 128 -19.21 77.42 -89.87
CA TRP E 128 -18.23 78.00 -90.78
C TRP E 128 -16.96 78.36 -90.03
N PHE E 129 -15.84 78.19 -90.71
CA PHE E 129 -14.56 78.74 -90.27
C PHE E 129 -14.48 80.20 -90.72
N ASP E 130 -13.88 81.03 -89.90
CA ASP E 130 -13.53 82.39 -90.28
C ASP E 130 -12.04 82.53 -90.59
N SER E 131 -11.33 81.41 -90.76
CA SER E 131 -9.89 81.43 -90.95
C SER E 131 -9.48 80.24 -91.81
N THR E 132 -8.26 80.34 -92.35
CA THR E 132 -7.71 79.21 -93.11
C THR E 132 -7.26 78.09 -92.19
N SER E 133 -6.84 78.42 -90.97
CA SER E 133 -6.43 77.40 -90.02
C SER E 133 -7.64 76.60 -89.54
N SER E 134 -7.38 75.39 -89.08
CA SER E 134 -8.42 74.46 -88.64
C SER E 134 -8.69 74.56 -87.14
N SER E 135 -8.08 75.50 -86.44
CA SER E 135 -8.24 75.58 -85.00
C SER E 135 -9.72 75.76 -84.65
N VAL E 136 -10.15 75.06 -83.60
CA VAL E 136 -11.55 75.11 -83.19
C VAL E 136 -11.97 76.50 -82.75
N THR E 137 -11.03 77.31 -82.28
CA THR E 137 -11.35 78.69 -81.91
C THR E 137 -11.89 79.47 -83.10
N ASP E 138 -11.42 79.14 -84.31
CA ASP E 138 -11.88 79.78 -85.52
C ASP E 138 -13.22 79.23 -86.00
N MET E 139 -13.74 78.23 -85.33
CA MET E 139 -15.00 77.60 -85.71
C MET E 139 -16.13 78.40 -85.11
N LYS E 140 -17.06 78.84 -85.96
CA LYS E 140 -18.16 79.70 -85.56
C LYS E 140 -19.47 79.00 -85.92
N ARG E 141 -20.52 79.33 -85.16
CA ARG E 141 -21.74 78.54 -85.22
C ARG E 141 -22.95 79.41 -84.99
N LEU E 142 -24.07 78.99 -85.61
CA LEU E 142 -25.40 79.48 -85.30
C LEU E 142 -26.37 78.33 -85.50
N TRP E 143 -27.51 78.40 -84.83
CA TRP E 143 -28.53 77.38 -84.92
C TRP E 143 -29.85 78.03 -85.26
N LEU E 144 -30.76 77.25 -85.84
CA LEU E 144 -32.00 77.78 -86.38
C LEU E 144 -33.12 76.78 -86.15
N PHE E 145 -34.31 77.30 -85.85
CA PHE E 145 -35.40 76.50 -85.30
C PHE E 145 -36.70 77.07 -85.85
N SER E 146 -37.23 76.45 -86.89
CA SER E 146 -38.29 77.04 -87.70
C SER E 146 -39.59 76.26 -87.51
N ASP E 147 -40.49 76.79 -86.67
CA ASP E 147 -41.85 76.28 -86.64
C ASP E 147 -42.55 76.48 -87.98
N ASN E 148 -42.14 77.49 -88.73
CA ASN E 148 -42.76 77.79 -90.02
C ASN E 148 -42.27 76.81 -91.08
N PRO E 149 -43.16 76.26 -91.90
CA PRO E 149 -42.68 75.42 -93.02
C PRO E 149 -41.86 76.17 -94.04
N GLY E 150 -41.94 77.49 -94.08
CA GLY E 150 -41.40 78.28 -95.18
C GLY E 150 -39.95 78.68 -95.08
N GLN E 151 -39.21 78.24 -94.07
CA GLN E 151 -37.79 78.59 -93.91
C GLN E 151 -36.96 77.35 -94.17
N THR E 152 -36.13 77.40 -95.23
CA THR E 152 -35.39 76.25 -95.71
C THR E 152 -33.89 76.51 -95.59
N LEU E 153 -33.10 75.52 -96.00
CA LEU E 153 -31.66 75.63 -95.86
C LEU E 153 -31.05 76.60 -96.86
N GLU E 154 -31.48 76.53 -98.13
CA GLU E 154 -30.91 77.43 -99.12
C GLU E 154 -31.23 78.88 -98.80
N HIS E 155 -32.44 79.15 -98.32
CA HIS E 155 -32.80 80.50 -97.89
C HIS E 155 -31.92 80.94 -96.71
N TRP E 156 -31.72 80.05 -95.75
CA TRP E 156 -30.88 80.37 -94.60
C TRP E 156 -29.46 80.68 -95.04
N LEU E 157 -28.94 79.90 -95.98
CA LEU E 157 -27.57 80.10 -96.45
C LEU E 157 -27.44 81.39 -97.25
N ASN E 158 -28.46 81.74 -98.03
CA ASN E 158 -28.46 83.04 -98.70
C ASN E 158 -28.42 84.16 -97.68
N VAL E 159 -29.25 84.05 -96.63
CA VAL E 159 -29.27 85.08 -95.60
C VAL E 159 -27.93 85.16 -94.90
N TYR E 160 -27.27 84.03 -94.68
CA TYR E 160 -25.95 84.04 -94.06
C TYR E 160 -24.92 84.70 -94.97
N HIS E 161 -24.92 84.34 -96.25
CA HIS E 161 -23.97 84.95 -97.18
C HIS E 161 -24.19 86.45 -97.25
N GLU E 162 -25.43 86.89 -97.02
CA GLU E 162 -25.72 88.33 -97.06
C GLU E 162 -25.18 89.05 -95.83
N GLY E 163 -25.67 88.70 -94.64
CA GLY E 163 -25.31 89.41 -93.43
C GLY E 163 -24.98 88.51 -92.26
N GLY E 164 -24.84 87.22 -92.51
CA GLY E 164 -24.42 86.30 -91.47
C GLY E 164 -25.48 86.14 -90.40
N THR E 165 -25.02 85.99 -89.16
CA THR E 165 -25.94 85.77 -88.04
C THR E 165 -26.90 86.94 -87.88
N ARG E 166 -26.45 88.16 -88.18
CA ARG E 166 -27.30 89.33 -87.99
C ARG E 166 -28.53 89.29 -88.89
N LEU E 167 -28.33 89.03 -90.19
CA LEU E 167 -29.46 88.92 -91.09
C LEU E 167 -30.31 87.69 -90.79
N LEU E 168 -29.70 86.65 -90.22
CA LEU E 168 -30.48 85.49 -89.79
C LEU E 168 -31.41 85.88 -88.63
N ARG E 169 -30.92 86.70 -87.70
CA ARG E 169 -31.81 87.21 -86.66
C ARG E 169 -32.89 88.11 -87.25
N GLN E 170 -32.53 88.91 -88.26
CA GLN E 170 -33.52 89.76 -88.92
C GLN E 170 -34.64 88.93 -89.52
N MET E 171 -34.30 87.86 -90.24
CA MET E 171 -35.33 87.00 -90.81
C MET E 171 -36.09 86.26 -89.71
N GLU E 172 -35.42 85.90 -88.62
CA GLU E 172 -36.12 85.30 -87.48
C GLU E 172 -37.23 86.21 -86.99
N LYS E 173 -36.90 87.49 -86.76
CA LYS E 173 -37.91 88.42 -86.28
C LYS E 173 -38.98 88.65 -87.34
N GLU E 174 -38.60 88.67 -88.61
CA GLU E 174 -39.58 88.85 -89.68
C GLU E 174 -40.57 87.70 -89.75
N ALA E 175 -40.10 86.47 -89.55
CA ALA E 175 -40.89 85.28 -89.79
C ALA E 175 -41.54 84.81 -88.49
N ILE E 176 -42.85 84.56 -88.56
CA ILE E 176 -43.56 83.99 -87.41
C ILE E 176 -43.19 82.52 -87.28
N GLY E 177 -42.75 82.12 -86.10
CA GLY E 177 -42.37 80.75 -85.87
C GLY E 177 -40.94 80.43 -86.27
N LEU E 178 -39.97 81.23 -85.83
CA LEU E 178 -38.57 80.99 -86.13
C LEU E 178 -37.71 81.52 -84.99
N TRP E 179 -36.66 80.78 -84.65
CA TRP E 179 -35.73 81.15 -83.58
C TRP E 179 -34.35 80.66 -83.95
N THR E 180 -33.33 81.44 -83.56
CA THR E 180 -31.94 81.07 -83.80
C THR E 180 -31.14 81.33 -82.54
N TYR E 181 -30.07 80.56 -82.36
CA TYR E 181 -29.32 80.57 -81.12
C TYR E 181 -27.83 80.53 -81.44
N PRO E 182 -27.03 81.47 -80.92
CA PRO E 182 -25.59 81.42 -81.19
C PRO E 182 -24.90 80.23 -80.56
N ASN E 183 -25.46 79.66 -79.50
CA ASN E 183 -24.87 78.52 -78.80
C ASN E 183 -25.80 77.33 -78.93
N LYS E 184 -25.22 76.13 -78.95
CA LYS E 184 -25.97 74.93 -79.29
C LYS E 184 -26.87 74.48 -78.15
N LYS E 185 -26.51 74.78 -76.90
CA LYS E 185 -27.26 74.23 -75.77
C LYS E 185 -28.68 74.76 -75.72
N GLN E 186 -28.87 76.07 -75.94
CA GLN E 186 -30.24 76.60 -75.97
C GLN E 186 -31.03 76.00 -77.11
N TYR E 187 -30.38 75.82 -78.26
CA TYR E 187 -31.02 75.19 -79.41
C TYR E 187 -31.53 73.79 -79.06
N LEU E 188 -30.67 72.97 -78.49
CA LEU E 188 -31.07 71.61 -78.13
C LEU E 188 -32.08 71.61 -76.99
N ALA E 189 -32.02 72.61 -76.11
CA ALA E 189 -33.01 72.72 -75.03
C ALA E 189 -34.39 73.02 -75.59
N ARG E 190 -34.47 73.92 -76.56
CA ARG E 190 -35.75 74.18 -77.22
C ARG E 190 -36.24 72.93 -77.95
N LEU E 191 -35.31 72.20 -78.60
CA LEU E 191 -35.68 70.94 -79.24
C LEU E 191 -36.29 69.98 -78.24
N ARG E 192 -35.65 69.83 -77.08
CA ARG E 192 -36.18 68.96 -76.03
C ARG E 192 -37.54 69.46 -75.55
N ASP E 193 -37.68 70.78 -75.40
CA ASP E 193 -38.94 71.34 -74.92
C ASP E 193 -40.09 70.98 -75.84
N PHE E 194 -39.90 71.17 -77.15
CA PHE E 194 -40.98 70.88 -78.08
C PHE E 194 -41.20 69.37 -78.20
N PHE E 195 -40.12 68.59 -78.22
CA PHE E 195 -40.27 67.13 -78.29
C PHE E 195 -40.77 66.55 -76.97
N GLU E 196 -40.66 67.31 -75.88
CA GLU E 196 -40.86 66.77 -74.54
C GLU E 196 -39.98 65.54 -74.34
N VAL E 197 -38.73 65.64 -74.79
CA VAL E 197 -37.77 64.55 -74.78
C VAL E 197 -36.56 65.00 -73.98
N GLY E 198 -35.90 64.03 -73.35
CA GLY E 198 -34.72 64.31 -72.57
C GLY E 198 -33.48 64.47 -73.43
N GLU E 199 -32.40 64.90 -72.77
CA GLU E 199 -31.12 64.99 -73.45
C GLU E 199 -30.70 63.64 -74.03
N ASN E 200 -31.16 62.56 -73.41
CA ASN E 200 -30.66 61.23 -73.77
C ASN E 200 -30.93 60.90 -75.24
N ALA E 201 -32.15 61.14 -75.71
CA ALA E 201 -32.64 60.46 -76.91
C ALA E 201 -31.65 60.57 -78.06
N PHE E 202 -31.07 61.74 -78.27
CA PHE E 202 -30.24 61.94 -79.45
C PHE E 202 -28.89 61.25 -79.31
N THR E 203 -28.25 61.38 -78.13
CA THR E 203 -26.98 60.69 -77.91
C THR E 203 -27.18 59.19 -77.94
N LEU E 204 -28.29 58.71 -77.38
CA LEU E 204 -28.61 57.30 -77.45
C LEU E 204 -28.79 56.83 -78.89
N LEU E 205 -29.51 57.61 -79.68
CA LEU E 205 -29.67 57.28 -81.10
C LEU E 205 -28.31 57.19 -81.77
N ASN E 206 -27.42 58.14 -81.47
CA ASN E 206 -26.06 58.06 -81.98
C ASN E 206 -25.37 56.77 -81.56
N ARG E 207 -25.47 56.41 -80.30
CA ARG E 207 -24.81 55.20 -79.81
C ARG E 207 -25.31 53.97 -80.57
N ALA E 208 -26.62 53.87 -80.72
CA ALA E 208 -27.19 52.69 -81.38
C ALA E 208 -26.67 52.58 -82.80
N ALA E 209 -26.65 53.68 -83.54
CA ALA E 209 -26.19 53.64 -84.93
C ALA E 209 -24.71 53.28 -84.99
N GLY E 210 -23.89 53.85 -84.11
CA GLY E 210 -22.46 53.63 -84.16
C GLY E 210 -21.96 52.46 -83.34
N LEU E 211 -22.87 51.68 -82.75
CA LEU E 211 -22.50 50.60 -81.85
C LEU E 211 -23.10 49.29 -82.34
N LYS E 212 -22.29 48.22 -82.31
CA LYS E 212 -22.71 46.86 -82.64
C LYS E 212 -22.26 45.88 -81.57
N GLN E 213 -22.41 46.27 -80.31
CA GLN E 213 -21.92 45.46 -79.20
C GLN E 213 -22.53 45.97 -77.90
N LEU E 214 -22.79 45.05 -76.98
CA LEU E 214 -23.30 45.42 -75.67
C LEU E 214 -22.62 44.56 -74.61
N ASN E 215 -22.43 45.17 -73.46
CA ASN E 215 -21.75 44.53 -72.35
C ASN E 215 -22.63 44.43 -71.11
N SER E 216 -23.45 45.44 -70.85
CA SER E 216 -24.42 45.39 -69.76
C SER E 216 -25.45 46.48 -69.96
N ILE E 217 -26.73 46.12 -70.03
CA ILE E 217 -27.79 47.07 -70.39
C ILE E 217 -27.77 48.26 -69.45
N ASP E 218 -27.22 48.09 -68.25
CA ASP E 218 -27.13 49.21 -67.32
C ASP E 218 -26.48 50.42 -67.98
N GLU E 219 -25.40 50.19 -68.73
CA GLU E 219 -24.72 51.27 -69.42
C GLU E 219 -25.70 52.10 -70.24
N ILE E 220 -26.66 51.45 -70.90
CA ILE E 220 -27.70 52.18 -71.59
C ILE E 220 -28.64 52.82 -70.59
N PHE E 221 -29.27 52.00 -69.75
CA PHE E 221 -30.44 52.45 -69.02
C PHE E 221 -30.09 53.56 -68.05
N ARG E 222 -29.20 53.29 -67.10
CA ARG E 222 -28.86 54.29 -66.11
C ARG E 222 -28.31 55.55 -66.78
N GLU E 223 -27.36 55.39 -67.69
CA GLU E 223 -26.62 56.54 -68.19
C GLU E 223 -27.50 57.43 -69.06
N LEU E 224 -28.24 56.84 -69.99
CA LEU E 224 -29.05 57.65 -70.90
C LEU E 224 -30.52 57.63 -70.52
N VAL E 225 -31.11 56.44 -70.41
CA VAL E 225 -32.56 56.31 -70.53
C VAL E 225 -33.27 57.08 -69.44
N LEU E 226 -32.88 56.87 -68.19
CA LEU E 226 -33.70 57.33 -67.07
C LEU E 226 -33.43 58.78 -66.73
N ASP E 227 -34.45 59.42 -66.17
CA ASP E 227 -34.29 60.71 -65.51
C ASP E 227 -33.57 60.50 -64.17
N ASP E 228 -32.89 61.55 -63.72
CA ASP E 228 -32.05 61.48 -62.53
C ASP E 228 -32.76 62.14 -61.36
N HIS E 229 -32.85 61.41 -60.25
CA HIS E 229 -33.38 61.95 -59.00
C HIS E 229 -32.53 61.50 -57.81
N SER E 230 -31.20 61.51 -57.97
CA SER E 230 -30.32 61.21 -56.85
C SER E 230 -30.27 62.43 -55.94
N ALA E 231 -31.01 62.38 -54.83
CA ALA E 231 -31.22 63.55 -53.99
C ALA E 231 -30.09 63.80 -53.00
N PHE E 232 -28.88 64.10 -53.50
CA PHE E 232 -27.82 64.55 -52.60
C PHE E 232 -28.17 65.89 -51.99
N ASP E 233 -28.83 66.76 -52.76
CA ASP E 233 -29.24 68.06 -52.23
C ASP E 233 -30.18 67.92 -51.05
N ARG E 234 -31.20 67.06 -51.17
CA ARG E 234 -32.14 66.88 -50.06
C ARG E 234 -31.45 66.22 -48.88
N ALA E 235 -30.53 65.29 -49.15
CA ALA E 235 -29.80 64.64 -48.07
C ALA E 235 -28.98 65.65 -47.28
N ALA E 236 -28.32 66.57 -47.98
CA ALA E 236 -27.61 67.64 -47.30
C ALA E 236 -28.57 68.54 -46.55
N GLU E 237 -29.72 68.84 -47.16
CA GLU E 237 -30.68 69.75 -46.53
C GLU E 237 -31.17 69.21 -45.20
N VAL E 238 -31.62 67.96 -45.18
CA VAL E 238 -32.06 67.36 -43.92
C VAL E 238 -30.89 67.33 -42.94
N ALA E 239 -29.70 66.97 -43.43
CA ALA E 239 -28.52 67.01 -42.58
C ALA E 239 -28.26 68.41 -42.05
N ASN E 240 -28.67 69.43 -42.81
CA ASN E 240 -28.43 70.81 -42.37
C ASN E 240 -29.27 71.15 -41.16
N SER E 241 -30.49 70.62 -41.08
CA SER E 241 -31.30 70.80 -39.88
C SER E 241 -30.59 70.22 -38.67
N PHE E 242 -30.00 69.03 -38.81
CA PHE E 242 -29.24 68.44 -37.72
C PHE E 242 -27.96 69.23 -37.45
N ASP E 243 -27.51 70.04 -38.40
CA ASP E 243 -26.27 70.79 -38.20
C ASP E 243 -26.46 71.95 -37.23
N GLY E 244 -27.65 72.56 -37.23
CA GLY E 244 -27.97 73.51 -36.17
C GLY E 244 -28.02 72.83 -34.81
N LEU E 245 -28.58 71.62 -34.78
CA LEU E 245 -28.44 70.78 -33.60
C LEU E 245 -26.97 70.65 -33.22
N THR E 246 -26.09 70.48 -34.21
CA THR E 246 -24.68 70.32 -33.92
C THR E 246 -24.06 71.61 -33.39
N GLU E 247 -24.54 72.77 -33.84
CA GLU E 247 -24.03 74.03 -33.31
C GLU E 247 -24.44 74.22 -31.86
N ILE E 248 -25.71 73.98 -31.55
CA ILE E 248 -26.13 74.06 -30.16
C ILE E 248 -25.38 73.02 -29.32
N HIS E 249 -25.18 71.83 -29.88
CA HIS E 249 -24.44 70.78 -29.20
C HIS E 249 -23.00 71.20 -28.95
N GLN E 250 -22.40 71.93 -29.90
CA GLN E 250 -21.02 72.36 -29.72
C GLN E 250 -20.90 73.48 -28.71
N GLU E 251 -21.91 74.36 -28.62
CA GLU E 251 -21.91 75.32 -27.53
C GLU E 251 -22.01 74.61 -26.18
N LEU E 252 -22.90 73.60 -26.10
CA LEU E 252 -23.00 72.80 -24.89
C LEU E 252 -21.68 72.10 -24.59
N GLU E 253 -21.02 71.59 -25.63
CA GLU E 253 -19.73 70.94 -25.48
C GLU E 253 -18.67 71.91 -24.99
N THR E 254 -18.67 73.14 -25.50
CA THR E 254 -17.72 74.13 -25.04
C THR E 254 -17.91 74.42 -23.57
N ALA E 255 -19.17 74.58 -23.14
CA ALA E 255 -19.43 74.77 -21.72
C ALA E 255 -18.94 73.57 -20.91
N ARG E 256 -19.22 72.36 -21.40
CA ARG E 256 -18.82 71.14 -20.72
C ARG E 256 -17.30 71.05 -20.59
N LYS E 257 -16.58 71.39 -21.66
CA LYS E 257 -15.14 71.23 -21.68
C LYS E 257 -14.45 72.31 -20.88
N GLN E 258 -14.96 73.54 -20.92
CA GLN E 258 -14.44 74.58 -20.04
C GLN E 258 -14.64 74.18 -18.58
N GLN E 259 -15.83 73.66 -18.26
CA GLN E 259 -16.06 73.14 -16.92
C GLN E 259 -15.07 72.03 -16.59
N GLN E 260 -14.83 71.14 -17.55
CA GLN E 260 -13.96 70.00 -17.30
C GLN E 260 -12.54 70.44 -16.98
N SER E 261 -12.01 71.41 -17.73
CA SER E 261 -10.65 71.85 -17.50
C SER E 261 -10.54 72.70 -16.24
N LEU E 262 -11.65 73.30 -15.81
CA LEU E 262 -11.62 74.15 -14.62
C LEU E 262 -11.58 73.32 -13.34
N GLN E 263 -12.22 72.15 -13.36
CA GLN E 263 -12.30 71.33 -12.15
C GLN E 263 -10.93 70.97 -11.58
N PRO E 264 -9.96 70.48 -12.37
CA PRO E 264 -8.67 70.09 -11.78
C PRO E 264 -7.92 71.23 -11.12
N VAL E 265 -8.21 72.48 -11.51
CA VAL E 265 -7.40 73.60 -11.05
C VAL E 265 -7.52 73.77 -9.54
N ALA E 266 -8.75 73.76 -9.03
CA ALA E 266 -8.96 73.93 -7.59
C ALA E 266 -8.41 72.76 -6.80
N LEU E 267 -8.48 71.55 -7.36
CA LEU E 267 -7.94 70.38 -6.67
C LEU E 267 -6.43 70.43 -6.58
N SER E 268 -5.76 70.84 -7.67
CA SER E 268 -4.32 71.07 -7.59
C SER E 268 -3.99 72.15 -6.58
N TRP E 269 -4.81 73.21 -6.52
CA TRP E 269 -4.64 74.24 -5.51
C TRP E 269 -4.71 73.64 -4.11
N GLU E 270 -5.70 72.79 -3.86
CA GLU E 270 -5.86 72.21 -2.52
C GLU E 270 -4.65 71.34 -2.16
N LYS E 271 -4.19 70.49 -3.09
CA LYS E 271 -3.08 69.62 -2.75
C LYS E 271 -1.77 70.40 -2.62
N TYR E 272 -1.60 71.46 -3.40
CA TYR E 272 -0.45 72.34 -3.21
C TYR E 272 -0.50 72.96 -1.81
N GLN E 273 -1.68 73.38 -1.38
CA GLN E 273 -1.83 73.91 -0.03
C GLN E 273 -1.46 72.85 1.01
N LYS E 274 -1.84 71.60 0.76
CA LYS E 274 -1.51 70.53 1.70
C LYS E 274 0.01 70.35 1.82
N GLN E 275 0.70 70.33 0.69
CA GLN E 275 2.16 70.20 0.76
C GLN E 275 2.81 71.43 1.39
N GLU E 276 2.26 72.61 1.13
CA GLU E 276 2.78 73.80 1.79
C GLU E 276 2.57 73.72 3.29
N ARG E 277 1.42 73.19 3.72
CA ARG E 277 1.15 73.02 5.14
C ARG E 277 2.10 72.00 5.76
N GLN E 278 2.42 70.94 5.04
CA GLN E 278 3.40 69.97 5.55
C GLN E 278 4.78 70.61 5.68
N LEU E 279 5.18 71.42 4.69
CA LEU E 279 6.43 72.16 4.80
C LEU E 279 6.40 73.06 6.02
N ALA E 280 5.27 73.73 6.24
CA ALA E 280 5.12 74.59 7.41
C ALA E 280 5.21 73.79 8.70
N ASP E 281 4.64 72.59 8.73
CA ASP E 281 4.71 71.76 9.92
C ASP E 281 6.14 71.36 10.23
N TRP E 282 6.90 70.95 9.20
CA TRP E 282 8.28 70.58 9.44
C TRP E 282 9.13 71.78 9.86
N LEU E 283 8.88 72.94 9.25
CA LEU E 283 9.57 74.15 9.68
C LEU E 283 9.21 74.50 11.12
N THR E 284 7.94 74.33 11.49
CA THR E 284 7.50 74.62 12.85
C THR E 284 8.15 73.66 13.84
N LEU E 285 8.28 72.39 13.47
CA LEU E 285 9.00 71.45 14.33
C LEU E 285 10.46 71.83 14.47
N GLU E 286 11.09 72.28 13.38
CA GLU E 286 12.46 72.78 13.47
C GLU E 286 12.54 73.93 14.47
N SER E 287 11.63 74.90 14.36
CA SER E 287 11.67 76.07 15.22
C SER E 287 11.35 75.73 16.67
N LEU E 288 10.36 74.87 16.88
CA LEU E 288 9.94 74.52 18.23
C LEU E 288 10.87 73.50 18.86
N LEU E 289 11.77 72.91 18.08
CA LEU E 289 12.79 72.03 18.65
C LEU E 289 13.67 72.78 19.64
N PRO E 290 14.23 73.95 19.31
CA PRO E 290 14.89 74.74 20.36
C PRO E 290 13.97 75.16 21.50
N LEU E 291 12.71 75.46 21.22
CA LEU E 291 11.86 76.04 22.26
C LEU E 291 11.42 75.00 23.29
N TRP E 292 10.90 73.86 22.82
CA TRP E 292 10.47 72.82 23.74
C TRP E 292 11.66 72.26 24.52
N PHE E 293 12.78 72.04 23.83
CA PHE E 293 13.99 71.63 24.53
C PHE E 293 14.44 72.69 25.52
N ALA E 294 14.26 73.97 25.19
CA ALA E 294 14.62 75.03 26.12
C ALA E 294 13.75 75.00 27.37
N GLN E 295 12.46 74.75 27.20
CA GLN E 295 11.57 74.64 28.35
C GLN E 295 11.97 73.46 29.24
N GLN E 296 12.17 72.30 28.61
CA GLN E 296 12.63 71.12 29.36
C GLN E 296 13.93 71.42 30.08
N ALA E 297 14.87 72.08 29.39
CA ALA E 297 16.17 72.37 29.96
C ALA E 297 16.04 73.35 31.12
N SER E 298 15.19 74.37 30.98
CA SER E 298 15.01 75.32 32.07
C SER E 298 14.50 74.61 33.31
N HIS E 299 13.50 73.75 33.15
CA HIS E 299 12.97 73.02 34.29
C HIS E 299 14.06 72.15 34.94
N LEU E 300 14.79 71.40 34.12
CA LEU E 300 15.79 70.47 34.66
C LEU E 300 16.97 71.23 35.28
N TRP E 301 17.36 72.34 34.66
CA TRP E 301 18.43 73.18 35.22
C TRP E 301 18.01 73.75 36.55
N ARG E 302 16.75 74.18 36.68
CA ARG E 302 16.28 74.69 37.96
C ARG E 302 16.30 73.60 39.02
N GLU E 303 15.88 72.39 38.66
CA GLU E 303 15.94 71.28 39.60
C GLU E 303 17.37 71.04 40.08
N LYS E 304 18.30 70.93 39.13
CA LYS E 304 19.70 70.72 39.47
C LYS E 304 20.23 71.85 40.33
N ILE E 305 19.87 73.08 39.99
CA ILE E 305 20.34 74.25 40.72
C ILE E 305 19.86 74.21 42.15
N ASN E 306 18.59 73.88 42.36
CA ASN E 306 18.07 73.82 43.73
C ASN E 306 18.76 72.73 44.54
N LEU E 307 18.95 71.55 43.94
CA LEU E 307 19.62 70.48 44.67
C LEU E 307 21.04 70.89 45.06
N LEU E 308 21.80 71.41 44.09
CA LEU E 308 23.17 71.82 44.38
C LEU E 308 23.20 73.01 45.34
N ASN E 309 22.17 73.86 45.31
CA ASN E 309 22.09 74.95 46.27
C ASN E 309 21.99 74.41 47.69
N ALA E 310 21.09 73.45 47.90
CA ALA E 310 20.95 72.88 49.24
C ALA E 310 22.24 72.20 49.69
N ARG E 311 22.84 71.40 48.80
CA ARG E 311 24.07 70.69 49.17
C ARG E 311 25.18 71.69 49.50
N LEU E 312 25.35 72.71 48.66
CA LEU E 312 26.39 73.69 48.87
C LEU E 312 26.17 74.46 50.16
N ALA E 313 24.92 74.83 50.45
CA ALA E 313 24.64 75.55 51.68
C ALA E 313 25.01 74.73 52.90
N GLU E 314 24.62 73.45 52.92
CA GLU E 314 24.95 72.62 54.08
C GLU E 314 26.47 72.44 54.20
N ALA E 315 27.16 72.22 53.09
CA ALA E 315 28.61 72.07 53.13
C ALA E 315 29.28 73.33 53.66
N GLN E 316 28.81 74.50 53.19
CA GLN E 316 29.38 75.76 53.66
C GLN E 316 29.13 75.96 55.15
N THR E 317 27.94 75.60 55.63
CA THR E 317 27.68 75.71 57.06
C THR E 317 28.63 74.83 57.85
N SER E 318 28.83 73.59 57.40
CA SER E 318 29.77 72.71 58.11
C SER E 318 31.19 73.27 58.10
N GLU E 319 31.62 73.80 56.95
CA GLU E 319 32.97 74.36 56.87
C GLU E 319 33.13 75.58 57.78
N GLU E 320 32.10 76.43 57.84
CA GLU E 320 32.16 77.59 58.72
C GLU E 320 32.21 77.17 60.17
N GLN E 321 31.45 76.12 60.54
CA GLN E 321 31.54 75.61 61.90
C GLN E 321 32.94 75.08 62.20
N LEU E 322 33.56 74.40 61.24
CA LEU E 322 34.93 73.93 61.44
C LEU E 322 35.87 75.12 61.68
N GLN E 323 35.74 76.16 60.87
CA GLN E 323 36.60 77.34 61.05
C GLN E 323 36.35 77.99 62.40
N SER E 324 35.09 78.08 62.81
CA SER E 324 34.78 78.67 64.11
C SER E 324 35.43 77.87 65.23
N GLN E 325 35.37 76.55 65.15
CA GLN E 325 36.03 75.72 66.15
C GLN E 325 37.54 75.94 66.15
N LEU E 326 38.14 76.08 64.96
CA LEU E 326 39.59 76.29 64.90
C LEU E 326 39.97 77.62 65.55
N ASP E 327 39.25 78.69 65.22
CA ASP E 327 39.54 79.99 65.82
C ASP E 327 39.28 79.98 67.33
N LEU E 328 38.24 79.28 67.76
CA LEU E 328 37.99 79.16 69.20
C LEU E 328 39.10 78.39 69.88
N GLN E 329 39.68 77.40 69.19
CA GLN E 329 40.85 76.72 69.73
C GLN E 329 42.03 77.68 69.88
N LYS E 330 42.24 78.55 68.90
CA LYS E 330 43.30 79.54 69.03
C LYS E 330 43.05 80.46 70.23
N LYS E 331 41.82 80.93 70.38
CA LYS E 331 41.49 81.79 71.52
C LYS E 331 41.70 81.04 72.83
N VAL E 332 41.32 79.76 72.86
CA VAL E 332 41.50 78.95 74.06
C VAL E 332 42.97 78.77 74.38
N VAL E 333 43.80 78.62 73.35
CA VAL E 333 45.24 78.57 73.56
C VAL E 333 45.72 79.85 74.23
N SER E 334 45.30 81.01 73.70
CA SER E 334 45.72 82.28 74.30
C SER E 334 45.23 82.40 75.73
N ASP E 335 43.98 82.00 75.98
CA ASP E 335 43.40 82.16 77.31
C ASP E 335 44.06 81.23 78.32
N HIS E 336 44.30 79.98 77.95
CA HIS E 336 44.99 79.06 78.84
C HIS E 336 46.45 79.46 79.04
N MET E 337 47.05 80.13 78.06
CA MET E 337 48.39 80.66 78.28
C MET E 337 48.38 81.79 79.30
N GLN E 338 47.39 82.69 79.19
CA GLN E 338 47.28 83.76 80.17
C GLN E 338 46.99 83.20 81.57
N ARG E 339 46.11 82.19 81.65
CA ARG E 339 45.86 81.53 82.93
C ARG E 339 47.13 80.87 83.46
N TYR E 340 47.91 80.26 82.56
CA TYR E 340 49.18 79.65 82.95
C TYR E 340 50.16 80.70 83.46
N LEU E 341 49.89 81.98 83.20
CA LEU E 341 50.81 83.05 83.59
C LEU E 341 50.34 83.75 84.86
N GLN E 342 49.03 83.94 85.01
CA GLN E 342 48.50 84.89 85.99
C GLN E 342 47.87 84.25 87.22
N VAL E 343 47.51 82.97 87.17
CA VAL E 343 46.90 82.32 88.33
C VAL E 343 47.97 81.90 89.32
N ASP E 689 47.21 70.21 91.33
CA ASP E 689 45.78 70.47 91.16
C ASP E 689 45.50 71.95 90.99
N SER E 690 46.56 72.75 90.90
CA SER E 690 46.39 74.18 90.76
C SER E 690 45.80 74.53 89.39
N ASP E 691 45.21 75.73 89.31
CA ASP E 691 44.64 76.18 88.05
C ASP E 691 45.67 76.16 86.93
N ALA E 692 46.93 76.41 87.25
CA ALA E 692 47.97 76.46 86.22
C ALA E 692 48.18 75.11 85.57
N SER E 693 48.18 74.03 86.36
CA SER E 693 48.37 72.70 85.79
C SER E 693 47.23 72.33 84.87
N VAL E 694 45.99 72.59 85.29
CA VAL E 694 44.83 72.32 84.45
C VAL E 694 44.91 73.16 83.18
N ALA E 695 45.35 74.41 83.31
CA ALA E 695 45.50 75.27 82.14
C ALA E 695 46.52 74.70 81.17
N LYS E 696 47.65 74.18 81.69
CA LYS E 696 48.66 73.59 80.82
C LYS E 696 48.11 72.37 80.08
N ALA E 697 47.42 71.49 80.81
CA ALA E 697 46.85 70.30 80.18
C ALA E 697 45.85 70.70 79.10
N LYS E 698 44.95 71.64 79.42
CA LYS E 698 43.96 72.08 78.44
C LYS E 698 44.62 72.79 77.27
N LEU E 699 45.74 73.48 77.50
CA LEU E 699 46.46 74.14 76.42
C LEU E 699 47.00 73.13 75.43
N ASP E 700 47.66 72.08 75.94
CA ASP E 700 48.18 71.04 75.03
C ASP E 700 47.03 70.35 74.29
N GLU E 701 45.96 70.02 75.01
CA GLU E 701 44.81 69.37 74.38
C GLU E 701 44.21 70.28 73.30
N ALA E 702 44.11 71.58 73.58
CA ALA E 702 43.56 72.51 72.61
C ALA E 702 44.44 72.62 71.39
N GLN E 703 45.77 72.59 71.56
CA GLN E 703 46.63 72.60 70.39
C GLN E 703 46.44 71.36 69.52
N THR E 704 46.33 70.18 70.14
CA THR E 704 46.09 68.97 69.37
C THR E 704 44.76 69.06 68.62
N ILE E 705 43.72 69.52 69.31
CA ILE E 705 42.41 69.68 68.67
C ILE E 705 42.47 70.71 67.56
N GLU E 706 43.30 71.75 67.74
CA GLU E 706 43.49 72.75 66.70
C GLU E 706 44.06 72.12 65.44
N SER E 707 45.08 71.28 65.59
CA SER E 707 45.63 70.59 64.41
C SER E 707 44.58 69.70 63.76
N GLU E 708 43.84 68.94 64.56
CA GLU E 708 42.80 68.08 64.02
C GLU E 708 41.78 68.88 63.21
N LEU E 709 41.30 69.98 63.79
CA LEU E 709 40.27 70.79 63.13
C LEU E 709 40.82 71.46 61.89
N ASP E 710 42.08 71.88 61.90
CA ASP E 710 42.68 72.49 60.72
C ASP E 710 42.72 71.49 59.57
N LYS E 711 43.16 70.27 59.85
CA LYS E 711 43.18 69.26 58.78
C LYS E 711 41.78 68.92 58.30
N GLN E 712 40.81 68.84 59.23
CA GLN E 712 39.44 68.58 58.82
C GLN E 712 38.91 69.69 57.92
N LEU E 713 39.21 70.94 58.25
CA LEU E 713 38.79 72.05 57.41
C LEU E 713 39.42 71.97 56.03
N ARG E 714 40.73 71.71 55.98
CA ARG E 714 41.41 71.55 54.70
C ARG E 714 40.71 70.50 53.84
N ALA E 715 40.40 69.35 54.44
CA ALA E 715 39.71 68.31 53.69
C ALA E 715 38.32 68.76 53.25
N ALA E 716 37.60 69.46 54.13
CA ALA E 716 36.21 69.79 53.85
C ALA E 716 36.09 70.87 52.78
N ASN E 717 37.16 71.62 52.53
CA ASN E 717 37.07 72.71 51.55
C ASN E 717 36.74 72.19 50.15
N LYS E 718 37.30 71.05 49.76
CA LYS E 718 37.22 70.61 48.36
C LYS E 718 35.78 70.34 47.93
N VAL E 719 35.02 69.62 48.76
CA VAL E 719 33.67 69.21 48.36
C VAL E 719 32.80 70.44 48.09
N THR E 720 32.96 71.48 48.92
CA THR E 720 32.22 72.72 48.70
C THR E 720 32.52 73.29 47.32
N CYS E 721 33.80 73.27 46.92
CA CYS E 721 34.18 73.81 45.62
C CYS E 721 33.62 72.97 44.47
N VAL E 722 33.61 71.64 44.62
CA VAL E 722 33.03 70.79 43.58
C VAL E 722 31.55 71.11 43.42
N LEU E 723 30.83 71.19 44.53
CA LEU E 723 29.41 71.51 44.48
C LEU E 723 29.18 72.89 43.85
N ASP E 724 30.02 73.85 44.22
CA ASP E 724 29.88 75.20 43.67
C ASP E 724 30.12 75.21 42.17
N THR E 725 31.12 74.47 41.69
CA THR E 725 31.38 74.43 40.25
C THR E 725 30.19 73.84 39.51
N GLU E 726 29.66 72.73 40.02
CA GLU E 726 28.49 72.13 39.38
C GLU E 726 27.32 73.11 39.36
N LEU E 727 27.09 73.78 40.49
CA LEU E 727 25.99 74.74 40.56
C LEU E 727 26.19 75.90 39.61
N THR E 728 27.42 76.38 39.47
CA THR E 728 27.71 77.46 38.54
C THR E 728 27.39 77.06 37.12
N LEU E 729 27.81 75.84 36.72
CA LEU E 729 27.46 75.36 35.38
C LEU E 729 25.95 75.30 35.20
N ALA E 730 25.24 74.77 36.21
CA ALA E 730 23.79 74.63 36.11
C ALA E 730 23.12 75.98 35.94
N ARG E 731 23.53 76.97 36.73
CA ARG E 731 22.94 78.30 36.65
C ARG E 731 23.23 78.96 35.30
N ALA E 732 24.47 78.85 34.83
CA ALA E 732 24.84 79.47 33.57
C ALA E 732 24.00 78.90 32.44
N ALA E 733 23.80 77.58 32.43
CA ALA E 733 22.93 76.99 31.41
C ALA E 733 21.48 77.36 31.63
N GLU E 734 21.06 77.49 32.89
CA GLU E 734 19.65 77.73 33.19
C GLU E 734 19.21 79.10 32.71
N ARG E 735 20.10 80.09 32.77
CA ARG E 735 19.71 81.42 32.29
C ARG E 735 19.32 81.38 30.81
N LYS E 736 20.17 80.77 29.98
CA LYS E 736 19.84 80.65 28.57
C LYS E 736 18.63 79.76 28.36
N ALA E 737 18.49 78.71 29.17
CA ALA E 737 17.33 77.83 29.04
C ALA E 737 16.04 78.61 29.30
N GLN E 738 16.02 79.43 30.35
CA GLN E 738 14.87 80.27 30.64
C GLN E 738 14.60 81.23 29.49
N GLN E 739 15.65 81.86 28.96
CA GLN E 739 15.47 82.84 27.89
C GLN E 739 14.86 82.17 26.64
N THR E 740 15.36 80.99 26.29
CA THR E 740 14.90 80.33 25.07
C THR E 740 13.54 79.65 25.27
N ALA E 741 13.16 79.37 26.51
CA ALA E 741 11.88 78.73 26.77
C ALA E 741 10.71 79.70 26.66
N GLN E 742 10.97 80.99 26.91
CA GLN E 742 9.89 81.97 26.98
C GLN E 742 9.64 82.68 25.65
N GLN E 743 10.31 82.26 24.57
CA GLN E 743 10.24 83.00 23.33
C GLN E 743 8.80 83.23 22.86
N GLY E 744 7.93 82.25 23.08
CA GLY E 744 6.54 82.41 22.72
C GLY E 744 5.99 81.24 21.93
N MET E 745 4.88 80.66 22.40
CA MET E 745 4.30 79.49 21.78
C MET E 745 2.83 79.39 22.19
N LYS E 746 2.00 78.93 21.26
CA LYS E 746 0.68 78.47 21.62
C LYS E 746 0.79 77.16 22.39
N GLU E 747 -0.16 76.93 23.29
CA GLU E 747 -0.22 75.62 23.94
C GLU E 747 -0.38 74.52 22.90
N GLU E 748 -1.03 74.82 21.77
CA GLU E 748 -1.08 73.87 20.68
C GLU E 748 0.31 73.59 20.13
N GLU E 749 1.15 74.63 20.01
CA GLU E 749 2.52 74.40 19.59
C GLU E 749 3.31 73.64 20.64
N ARG E 750 2.99 73.83 21.93
CA ARG E 750 3.63 73.02 22.96
C ARG E 750 3.26 71.56 22.83
N GLU E 751 1.98 71.28 22.53
CA GLU E 751 1.57 69.92 22.25
C GLU E 751 2.29 69.36 21.03
N LEU E 752 2.42 70.19 19.99
CA LEU E 752 3.08 69.74 18.77
C LEU E 752 4.54 69.37 19.02
N SER E 753 5.28 70.24 19.70
CA SER E 753 6.69 70.00 19.92
C SER E 753 6.90 68.88 20.93
N ALA E 754 6.14 68.89 22.02
CA ALA E 754 6.31 67.86 23.05
C ALA E 754 6.01 66.48 22.50
N SER E 755 4.96 66.34 21.70
CA SER E 755 4.58 65.05 21.15
C SER E 755 5.59 64.53 20.14
N HIS E 756 6.50 65.37 19.66
CA HIS E 756 7.50 64.97 18.67
C HIS E 756 8.89 64.82 19.28
N PHE E 757 9.20 65.59 20.31
CA PHE E 757 10.54 65.65 20.85
C PHE E 757 10.60 64.98 22.22
N PRO E 758 11.75 64.41 22.58
CA PRO E 758 11.82 63.60 23.79
C PRO E 758 11.69 64.42 25.07
N VAL E 759 11.17 63.76 26.11
CA VAL E 759 11.31 64.24 27.47
C VAL E 759 12.72 63.91 27.94
N VAL E 760 13.26 64.72 28.85
CA VAL E 760 14.68 64.76 29.11
C VAL E 760 14.95 64.52 30.59
N THR E 761 15.91 63.64 30.87
CA THR E 761 16.44 63.43 32.21
C THR E 761 17.70 64.28 32.40
N LEU E 762 18.20 64.30 33.65
CA LEU E 762 19.30 65.20 33.96
C LEU E 762 20.55 64.86 33.17
N GLU E 763 20.89 63.57 33.05
CA GLU E 763 22.03 63.19 32.23
C GLU E 763 21.79 63.52 30.77
N GLN E 764 20.53 63.46 30.32
CA GLN E 764 20.22 63.86 28.95
C GLN E 764 20.12 65.37 28.83
N LEU E 765 20.09 66.10 29.94
CA LEU E 765 20.04 67.55 29.89
C LEU E 765 21.27 68.14 29.21
N PRO E 766 22.50 67.73 29.53
CA PRO E 766 23.63 68.10 28.66
C PRO E 766 23.43 67.60 27.24
N ASP E 767 22.76 66.46 27.08
CA ASP E 767 22.57 65.89 25.76
C ASP E 767 21.51 66.65 24.96
N ILE E 768 20.71 67.48 25.63
CA ILE E 768 19.61 68.16 24.94
C ILE E 768 20.16 69.21 23.98
N ARG E 769 21.25 69.88 24.36
CA ARG E 769 21.84 70.89 23.48
C ARG E 769 22.36 70.27 22.19
N ASP E 770 23.02 69.11 22.29
CA ASP E 770 23.46 68.43 21.08
C ASP E 770 22.29 67.80 20.33
N LEU E 771 21.26 67.36 21.06
CA LEU E 771 20.11 66.74 20.42
C LEU E 771 19.32 67.74 19.61
N GLU E 772 19.33 69.02 20.01
CA GLU E 772 18.65 70.04 19.22
C GLU E 772 19.21 70.09 17.81
N ARG E 773 20.53 70.22 17.68
CA ARG E 773 21.16 70.28 16.37
C ARG E 773 20.95 68.99 15.59
N GLN E 774 21.09 67.86 16.28
CA GLN E 774 20.95 66.56 15.62
C GLN E 774 19.56 66.39 15.03
N HIS E 775 18.51 66.65 15.83
CA HIS E 775 17.16 66.57 15.32
C HIS E 775 16.92 67.59 14.22
N GLU E 776 17.51 68.78 14.35
CA GLU E 776 17.40 69.78 13.29
C GLU E 776 17.94 69.26 11.97
N ARG E 777 19.00 68.46 11.99
CA ARG E 777 19.52 67.89 10.75
C ARG E 777 18.42 67.16 9.97
N GLY E 778 17.84 66.13 10.60
CA GLY E 778 16.81 65.36 9.92
C GLY E 778 15.59 66.19 9.59
N ILE E 779 15.22 67.11 10.49
CA ILE E 779 14.08 67.97 10.22
C ILE E 779 14.34 68.83 8.99
N GLN E 780 15.58 69.30 8.83
CA GLN E 780 15.95 70.06 7.65
C GLN E 780 15.84 69.22 6.38
N HIS E 781 16.31 67.98 6.45
CA HIS E 781 16.17 67.12 5.28
C HIS E 781 14.71 66.92 4.92
N GLU E 782 13.85 66.70 5.91
CA GLU E 782 12.43 66.55 5.65
C GLU E 782 11.83 67.84 5.10
N ILE E 783 12.29 68.99 5.61
CA ILE E 783 11.80 70.26 5.12
C ILE E 783 12.11 70.41 3.64
N GLU E 784 13.34 70.11 3.24
CA GLU E 784 13.70 70.23 1.83
C GLU E 784 12.96 69.23 0.97
N ARG E 785 12.74 68.01 1.47
CA ARG E 785 11.99 67.02 0.69
C ARG E 785 10.55 67.48 0.45
N VAL E 786 9.87 67.91 1.52
CA VAL E 786 8.49 68.36 1.37
C VAL E 786 8.45 69.64 0.54
N LYS E 787 9.50 70.46 0.59
CA LYS E 787 9.58 71.64 -0.26
C LYS E 787 9.67 71.25 -1.74
N ALA E 788 10.46 70.21 -2.05
CA ALA E 788 10.53 69.73 -3.42
C ALA E 788 9.16 69.20 -3.88
N GLU E 789 8.47 68.48 -3.00
CA GLU E 789 7.13 68.02 -3.34
C GLU E 789 6.19 69.21 -3.58
N LEU E 790 6.30 70.24 -2.75
CA LEU E 790 5.49 71.43 -2.93
C LEU E 790 5.76 72.10 -4.27
N HIS E 791 7.04 72.15 -4.66
CA HIS E 791 7.38 72.71 -5.97
C HIS E 791 6.79 71.87 -7.09
N ARG E 792 6.81 70.55 -6.94
CA ARG E 792 6.19 69.69 -7.95
C ARG E 792 4.70 70.00 -8.07
N LEU E 793 4.02 70.16 -6.94
CA LEU E 793 2.60 70.50 -7.00
C LEU E 793 2.39 71.90 -7.57
N ASN E 794 3.36 72.80 -7.37
CA ASN E 794 3.26 74.11 -8.02
C ASN E 794 3.39 74.00 -9.53
N ILE E 795 4.26 73.12 -10.01
CA ILE E 795 4.35 72.89 -11.45
C ILE E 795 3.03 72.33 -11.97
N GLU E 796 2.45 71.39 -11.22
CA GLU E 796 1.14 70.86 -11.59
C GLU E 796 0.11 71.99 -11.63
N LEU E 797 0.18 72.91 -10.67
CA LEU E 797 -0.71 74.06 -10.65
C LEU E 797 -0.55 74.88 -11.92
N THR E 798 0.70 75.18 -12.28
CA THR E 798 0.94 75.99 -13.47
C THR E 798 0.35 75.34 -14.70
N LYS E 799 0.59 74.03 -14.86
CA LYS E 799 0.03 73.32 -16.00
C LYS E 799 -1.50 73.38 -15.98
N ARG E 800 -2.09 73.20 -14.80
CA ARG E 800 -3.54 73.11 -14.69
C ARG E 800 -4.19 74.46 -15.02
N MET E 801 -3.63 75.56 -14.52
CA MET E 801 -4.21 76.86 -14.86
C MET E 801 -3.97 77.19 -16.33
N SER E 802 -2.79 76.88 -16.86
CA SER E 802 -2.54 77.18 -18.28
C SER E 802 -3.51 76.40 -19.16
N GLU E 803 -3.76 75.13 -18.83
CA GLU E 803 -4.72 74.34 -19.61
C GLU E 803 -6.13 74.90 -19.48
N ALA E 804 -6.53 75.25 -18.26
CA ALA E 804 -7.88 75.78 -18.07
C ALA E 804 -8.10 77.07 -18.84
N LYS E 805 -7.05 77.89 -18.95
CA LYS E 805 -7.15 79.12 -19.72
C LYS E 805 -7.14 78.86 -21.21
N ARG E 806 -6.55 77.74 -21.64
CA ARG E 806 -6.49 77.44 -23.07
C ARG E 806 -7.88 77.24 -23.66
N VAL E 807 -8.83 76.78 -22.86
CA VAL E 807 -10.18 76.51 -23.35
C VAL E 807 -11.12 77.70 -23.21
N ASP E 808 -10.62 78.83 -22.72
CA ASP E 808 -11.48 79.97 -22.43
C ASP E 808 -10.80 81.26 -22.87
N THR E 809 -11.63 82.27 -23.16
CA THR E 809 -11.15 83.61 -23.44
C THR E 809 -12.16 84.58 -22.81
N GLY E 810 -11.78 85.18 -21.69
CA GLY E 810 -12.67 86.05 -20.96
C GLY E 810 -12.11 86.44 -19.60
N ALA E 811 -12.92 86.29 -18.55
CA ALA E 811 -12.43 86.62 -17.21
C ALA E 811 -11.22 85.78 -16.83
N LEU E 812 -11.03 84.63 -17.47
CA LEU E 812 -9.90 83.77 -17.14
C LEU E 812 -8.60 84.31 -17.72
N VAL E 813 -8.62 84.84 -18.94
CA VAL E 813 -7.38 85.40 -19.51
C VAL E 813 -6.97 86.64 -18.72
N GLU E 814 -7.93 87.40 -18.20
CA GLU E 814 -7.59 88.47 -17.26
C GLU E 814 -6.91 87.90 -16.02
N ALA E 815 -7.41 86.78 -15.51
CA ALA E 815 -6.72 86.08 -14.44
C ALA E 815 -5.38 85.55 -14.94
N GLY E 816 -4.37 85.63 -14.08
CA GLY E 816 -3.03 85.25 -14.47
C GLY E 816 -2.78 83.77 -14.36
N ALA E 817 -1.52 83.39 -14.12
CA ALA E 817 -1.15 81.99 -13.96
C ALA E 817 -0.52 81.78 -12.59
N ASP E 818 -1.12 82.38 -11.56
CA ASP E 818 -0.55 82.36 -10.22
C ASP E 818 -1.51 81.67 -9.27
N LEU E 819 -1.18 81.74 -7.98
CA LEU E 819 -1.92 80.99 -6.97
C LEU E 819 -3.28 81.61 -6.67
N ASP E 820 -3.35 82.94 -6.62
CA ASP E 820 -4.61 83.59 -6.26
C ASP E 820 -5.65 83.48 -7.36
N ASP E 821 -5.23 83.08 -8.56
CA ASP E 821 -6.18 82.98 -9.66
C ASP E 821 -7.07 81.75 -9.54
N ILE E 822 -6.68 80.78 -8.70
CA ILE E 822 -7.51 79.58 -8.57
C ILE E 822 -8.90 79.90 -8.10
N PRO E 823 -9.11 80.73 -7.07
CA PRO E 823 -10.48 81.16 -6.75
C PRO E 823 -11.21 81.76 -7.93
N VAL E 824 -10.51 82.52 -8.77
CA VAL E 824 -11.15 83.07 -9.97
C VAL E 824 -11.58 81.95 -10.90
N TYR E 825 -10.77 80.89 -10.98
CA TYR E 825 -11.18 79.71 -11.74
C TYR E 825 -12.42 79.07 -11.12
N LEU E 826 -12.54 79.14 -9.79
CA LEU E 826 -13.70 78.55 -9.13
C LEU E 826 -14.97 79.36 -9.38
N GLN E 827 -14.84 80.68 -9.41
CA GLN E 827 -16.00 81.53 -9.69
C GLN E 827 -16.52 81.27 -11.10
N ARG E 828 -15.63 81.31 -12.09
CA ARG E 828 -16.04 80.97 -13.45
C ARG E 828 -16.54 79.54 -13.53
N LEU E 829 -15.97 78.64 -12.74
CA LEU E 829 -16.40 77.25 -12.75
C LEU E 829 -17.85 77.12 -12.32
N GLN E 830 -18.19 77.69 -11.16
CA GLN E 830 -19.57 77.61 -10.69
C GLN E 830 -20.51 78.34 -11.63
N GLU E 831 -20.10 79.51 -12.12
CA GLU E 831 -20.92 80.24 -13.07
C GLU E 831 -21.26 79.38 -14.29
N LEU E 832 -20.23 78.79 -14.90
CA LEU E 832 -20.45 77.97 -16.09
C LEU E 832 -21.30 76.75 -15.76
N THR E 833 -21.00 76.07 -14.66
CA THR E 833 -21.74 74.85 -14.32
C THR E 833 -23.20 75.14 -14.12
N GLU E 834 -23.53 76.28 -13.49
CA GLU E 834 -24.91 76.55 -13.14
C GLU E 834 -25.68 77.17 -14.30
N GLU E 835 -25.01 78.01 -15.10
CA GLU E 835 -25.72 78.68 -16.20
C GLU E 835 -25.52 77.95 -17.53
N ALA E 836 -24.27 77.84 -17.97
CA ALA E 836 -24.00 77.40 -19.34
C ALA E 836 -24.49 75.96 -19.56
N LEU E 837 -24.25 75.08 -18.59
CA LEU E 837 -24.61 73.68 -18.81
C LEU E 837 -26.11 73.45 -18.74
N PRO E 838 -26.82 73.83 -17.68
CA PRO E 838 -28.28 73.60 -17.67
C PRO E 838 -29.01 74.23 -18.86
N GLU E 839 -28.81 75.54 -19.09
CA GLU E 839 -29.57 76.22 -20.12
C GLU E 839 -29.23 75.69 -21.51
N LYS E 840 -27.94 75.61 -21.83
CA LYS E 840 -27.55 75.13 -23.14
C LYS E 840 -27.97 73.69 -23.36
N LEU E 841 -27.85 72.85 -22.32
CA LEU E 841 -28.29 71.48 -22.44
C LEU E 841 -29.79 71.38 -22.65
N ASN E 842 -30.56 72.24 -21.99
CA ASN E 842 -32.00 72.24 -22.20
C ASN E 842 -32.34 72.65 -23.62
N ARG E 843 -31.69 73.69 -24.14
CA ARG E 843 -31.91 74.06 -25.53
C ARG E 843 -31.55 72.92 -26.46
N PHE E 844 -30.40 72.28 -26.21
CA PHE E 844 -29.94 71.18 -27.03
C PHE E 844 -30.92 70.02 -27.03
N LEU E 845 -31.43 69.65 -25.85
CA LEU E 845 -32.31 68.50 -25.76
C LEU E 845 -33.69 68.81 -26.31
N ASP E 846 -34.16 70.05 -26.14
CA ASP E 846 -35.39 70.46 -26.80
C ASP E 846 -35.25 70.36 -28.31
N TYR E 847 -34.13 70.84 -28.86
CA TYR E 847 -33.92 70.73 -30.29
C TYR E 847 -33.77 69.27 -30.72
N LEU E 848 -33.14 68.45 -29.87
CA LEU E 848 -32.99 67.03 -30.16
C LEU E 848 -34.33 66.33 -30.24
N ASN E 849 -35.25 66.64 -29.31
CA ASN E 849 -36.62 66.16 -29.44
C ASN E 849 -37.27 66.71 -30.71
N ARG E 850 -36.93 67.95 -31.08
CA ARG E 850 -37.47 68.51 -32.32
C ARG E 850 -36.93 67.78 -33.54
N SER E 851 -35.78 67.13 -33.43
CA SER E 851 -35.29 66.29 -34.51
C SER E 851 -36.25 65.12 -34.73
N SER E 852 -36.43 64.74 -35.99
CA SER E 852 -37.43 63.74 -36.33
C SER E 852 -36.97 62.96 -37.56
N ASP E 853 -37.69 61.87 -37.82
CA ASP E 853 -37.43 61.10 -39.03
C ASP E 853 -38.16 61.68 -40.23
N ASP E 854 -38.87 62.80 -40.04
CA ASP E 854 -39.64 63.40 -41.13
C ASP E 854 -38.76 63.69 -42.34
N GLY E 855 -37.49 64.02 -42.11
CA GLY E 855 -36.61 64.33 -43.22
C GLY E 855 -36.36 63.13 -44.12
N VAL E 856 -36.04 61.98 -43.51
CA VAL E 856 -35.68 60.81 -44.31
C VAL E 856 -36.92 60.13 -44.86
N THR E 857 -38.06 60.22 -44.16
CA THR E 857 -39.27 59.56 -44.64
C THR E 857 -39.76 60.19 -45.94
N GLN E 858 -39.81 61.52 -46.02
CA GLN E 858 -40.27 62.17 -47.24
C GLN E 858 -39.30 61.91 -48.39
N LEU E 859 -38.00 62.00 -48.11
CA LEU E 859 -36.99 61.75 -49.14
C LEU E 859 -37.12 60.33 -49.68
N LEU E 860 -37.22 59.34 -48.78
CA LEU E 860 -37.34 57.95 -49.21
C LEU E 860 -38.67 57.72 -49.92
N SER E 861 -39.72 58.42 -49.49
CA SER E 861 -41.00 58.29 -50.19
C SER E 861 -40.89 58.77 -51.63
N HIS E 862 -40.28 59.93 -51.83
CA HIS E 862 -40.10 60.42 -53.19
C HIS E 862 -39.21 59.49 -54.00
N ILE E 863 -38.14 58.99 -53.39
CA ILE E 863 -37.22 58.10 -54.10
C ILE E 863 -37.92 56.80 -54.50
N GLU E 864 -38.68 56.23 -53.59
CA GLU E 864 -39.41 55.00 -53.90
C GLU E 864 -40.50 55.28 -54.93
N HIS E 865 -41.05 56.49 -54.92
CA HIS E 865 -41.98 56.88 -55.97
C HIS E 865 -41.29 56.89 -57.33
N GLU E 866 -40.06 57.40 -57.38
CA GLU E 866 -39.29 57.35 -58.62
C GLU E 866 -39.05 55.90 -59.04
N VAL E 867 -38.68 55.05 -58.09
CA VAL E 867 -38.43 53.64 -58.39
C VAL E 867 -39.70 52.99 -58.94
N LEU E 868 -40.83 53.26 -58.31
CA LEU E 868 -42.11 52.71 -58.75
C LEU E 868 -42.47 53.21 -60.14
N VAL E 869 -42.22 54.50 -60.42
CA VAL E 869 -42.49 55.02 -61.75
C VAL E 869 -41.64 54.29 -62.78
N ILE E 870 -40.37 54.09 -62.46
CA ILE E 870 -39.48 53.37 -63.37
C ILE E 870 -40.03 51.98 -63.65
N GLU E 871 -40.42 51.27 -62.59
CA GLU E 871 -40.89 49.90 -62.74
C GLU E 871 -42.20 49.85 -63.52
N GLU E 872 -43.08 50.83 -63.30
CA GLU E 872 -44.35 50.87 -64.01
C GLU E 872 -44.13 51.09 -65.51
N ARG E 873 -43.26 52.03 -65.86
CA ARG E 873 -43.00 52.25 -67.27
C ARG E 873 -42.27 51.07 -67.88
N LEU E 874 -41.45 50.38 -67.09
CA LEU E 874 -40.87 49.12 -67.54
C LEU E 874 -41.94 48.08 -67.81
N ASN E 875 -42.99 48.06 -66.97
CA ASN E 875 -44.10 47.15 -67.22
C ASN E 875 -44.79 47.48 -68.55
N GLU E 876 -45.00 48.76 -68.82
CA GLU E 876 -45.58 49.14 -70.11
C GLU E 876 -44.68 48.70 -71.26
N LEU E 877 -43.38 48.96 -71.14
CA LEU E 877 -42.45 48.53 -72.18
C LEU E 877 -42.48 47.01 -72.33
N ASN E 878 -42.67 46.29 -71.23
CA ASN E 878 -42.84 44.85 -71.29
C ASN E 878 -44.09 44.47 -72.07
N GLU E 879 -45.19 45.18 -71.83
CA GLU E 879 -46.38 44.98 -72.66
C GLU E 879 -46.04 45.12 -74.12
N THR E 880 -45.27 46.15 -74.48
CA THR E 880 -44.81 46.26 -75.86
C THR E 880 -43.93 45.07 -76.24
N MET E 881 -43.10 44.63 -75.29
CA MET E 881 -42.17 43.54 -75.56
C MET E 881 -42.89 42.21 -75.65
N PHE E 882 -44.15 42.18 -75.20
CA PHE E 882 -44.94 40.96 -75.27
C PHE E 882 -45.55 40.78 -76.64
N ARG E 883 -45.40 41.78 -77.52
CA ARG E 883 -46.02 41.71 -78.84
C ARG E 883 -45.03 41.24 -79.90
N VAL E 884 -43.74 41.53 -79.71
CA VAL E 884 -42.73 41.17 -80.69
C VAL E 884 -42.20 39.78 -80.40
N ASP E 885 -41.53 39.18 -81.39
CA ASP E 885 -40.82 37.92 -81.23
C ASP E 885 -39.34 38.13 -81.53
N PHE E 886 -38.49 37.61 -80.64
CA PHE E 886 -37.06 37.89 -80.71
C PHE E 886 -36.30 36.81 -81.46
N GLN E 887 -36.36 35.57 -80.97
CA GLN E 887 -35.73 34.45 -81.64
C GLN E 887 -36.72 33.74 -82.54
N PRO E 888 -36.25 32.78 -83.33
CA PRO E 888 -37.18 32.08 -84.24
C PRO E 888 -38.30 31.41 -83.48
N ASP E 889 -38.07 31.09 -82.21
CA ASP E 889 -39.06 30.42 -81.38
C ASP E 889 -39.17 31.05 -79.99
N ARG E 890 -38.94 32.36 -79.87
CA ARG E 890 -39.03 33.04 -78.59
C ARG E 890 -39.53 34.46 -78.80
N TYR E 891 -40.09 35.03 -77.73
CA TYR E 891 -40.32 36.47 -77.62
C TYR E 891 -39.58 36.95 -76.38
N LEU E 892 -39.41 38.26 -76.26
CA LEU E 892 -38.48 38.79 -75.28
C LEU E 892 -39.18 39.63 -74.23
N ARG E 893 -38.57 39.67 -73.04
CA ARG E 893 -39.02 40.50 -71.94
C ARG E 893 -37.83 41.17 -71.27
N LEU E 894 -38.07 42.34 -70.69
CA LEU E 894 -37.11 43.04 -69.85
C LEU E 894 -37.43 42.77 -68.39
N ASP E 895 -36.49 43.11 -67.51
CA ASP E 895 -36.58 42.76 -66.11
C ASP E 895 -36.11 43.93 -65.24
N THR E 896 -36.63 43.99 -64.03
CA THR E 896 -36.16 44.94 -63.04
C THR E 896 -36.40 44.40 -61.64
N LYS E 897 -35.35 44.48 -60.82
CA LYS E 897 -35.41 44.05 -59.43
C LYS E 897 -35.08 45.23 -58.55
N LYS E 898 -35.31 45.07 -57.24
CA LYS E 898 -35.15 46.16 -56.29
C LYS E 898 -33.78 46.07 -55.63
N VAL E 899 -33.10 47.21 -55.56
CA VAL E 899 -31.77 47.30 -54.99
C VAL E 899 -31.88 47.97 -53.63
N VAL E 900 -31.31 47.32 -52.61
CA VAL E 900 -31.23 47.89 -51.27
C VAL E 900 -29.77 47.83 -50.83
N HIS E 901 -29.14 49.00 -50.74
CA HIS E 901 -27.71 49.08 -50.59
C HIS E 901 -27.30 48.90 -49.13
N GLU E 902 -26.01 48.59 -48.93
CA GLU E 902 -25.46 48.59 -47.58
C GLU E 902 -25.61 49.95 -46.93
N SER E 903 -25.59 51.02 -47.73
CA SER E 903 -25.70 52.36 -47.19
C SER E 903 -27.04 52.55 -46.50
N LEU E 904 -28.13 52.25 -47.18
CA LEU E 904 -29.44 52.38 -46.54
C LEU E 904 -29.65 51.31 -45.48
N ARG E 905 -28.98 50.16 -45.60
CA ARG E 905 -29.02 49.16 -44.55
C ARG E 905 -28.47 49.73 -43.25
N THR E 906 -27.28 50.33 -43.31
CA THR E 906 -26.71 50.98 -42.16
C THR E 906 -27.55 52.17 -41.72
N LEU E 907 -28.18 52.86 -42.68
CA LEU E 907 -29.08 53.96 -42.34
C LEU E 907 -30.19 53.49 -41.43
N GLU E 908 -30.84 52.38 -41.79
CA GLU E 908 -31.96 51.91 -40.99
C GLU E 908 -31.47 51.27 -39.70
N LYS E 909 -30.29 50.67 -39.69
CA LYS E 909 -29.72 50.19 -38.43
C LYS E 909 -29.47 51.36 -37.48
N ALA E 910 -28.93 52.45 -38.01
CA ALA E 910 -28.70 53.64 -37.19
C ALA E 910 -30.02 54.26 -36.75
N GLN E 911 -31.05 54.20 -37.61
CA GLN E 911 -32.36 54.70 -37.22
C GLN E 911 -32.92 53.88 -36.06
N ARG E 912 -32.80 52.55 -36.14
CA ARG E 912 -33.28 51.71 -35.07
C ARG E 912 -32.49 51.94 -33.78
N GLN E 913 -31.18 52.10 -33.90
CA GLN E 913 -30.35 52.36 -32.71
C GLN E 913 -30.62 53.75 -32.15
N LEU E 914 -31.02 54.69 -33.00
CA LEU E 914 -31.46 56.01 -32.53
C LEU E 914 -32.75 55.90 -31.76
N ASN E 915 -33.70 55.12 -32.29
CA ASN E 915 -34.94 54.89 -31.56
C ASN E 915 -34.66 54.24 -30.22
N ALA E 916 -33.74 53.28 -30.20
CA ALA E 916 -33.29 52.69 -28.94
C ALA E 916 -32.61 53.74 -28.07
N ALA E 917 -31.88 54.66 -28.69
CA ALA E 917 -31.20 55.70 -27.91
C ALA E 917 -32.22 56.60 -27.21
N ARG E 918 -33.41 56.72 -27.78
CA ARG E 918 -34.47 57.48 -27.11
C ARG E 918 -35.05 56.68 -25.95
N PHE E 919 -35.05 55.35 -26.05
CA PHE E 919 -35.34 54.54 -24.88
C PHE E 919 -34.31 54.79 -23.78
N VAL E 920 -33.04 54.88 -24.17
CA VAL E 920 -31.98 55.13 -23.21
C VAL E 920 -31.91 56.62 -22.90
N ASP E 921 -31.37 56.93 -21.72
CA ASP E 921 -31.19 58.31 -21.30
C ASP E 921 -29.81 58.49 -20.70
N ASP E 922 -28.98 59.26 -21.40
CA ASP E 922 -27.66 59.63 -20.90
C ASP E 922 -27.40 61.10 -21.20
N ASN E 923 -28.38 61.95 -20.90
CA ASN E 923 -28.34 63.37 -21.25
C ASN E 923 -28.30 63.54 -22.77
N GLY E 924 -29.03 62.69 -23.48
CA GLY E 924 -29.15 62.79 -24.91
C GLY E 924 -27.86 62.64 -25.68
N GLU E 925 -26.83 62.00 -25.08
CA GLU E 925 -25.55 61.89 -25.77
C GLU E 925 -25.50 60.67 -26.66
N SER E 926 -26.09 59.55 -26.23
CA SER E 926 -26.22 58.41 -27.13
C SER E 926 -27.23 58.72 -28.23
N HIS E 927 -28.34 59.37 -27.87
CA HIS E 927 -29.25 59.89 -28.87
C HIS E 927 -28.51 60.76 -29.89
N TYR E 928 -27.70 61.69 -29.39
CA TYR E 928 -26.97 62.58 -30.29
C TYR E 928 -25.98 61.81 -31.14
N LYS E 929 -25.28 60.84 -30.54
CA LYS E 929 -24.27 60.09 -31.28
C LYS E 929 -24.91 59.28 -32.40
N ALA E 930 -26.05 58.65 -32.12
CA ALA E 930 -26.74 57.89 -33.15
C ALA E 930 -27.20 58.79 -34.28
N LEU E 931 -27.89 59.89 -33.94
CA LEU E 931 -28.32 60.81 -34.97
C LEU E 931 -27.13 61.39 -35.72
N GLN E 932 -25.99 61.53 -35.03
CA GLN E 932 -24.79 62.09 -35.64
C GLN E 932 -24.20 61.13 -36.65
N VAL E 933 -24.08 59.85 -36.28
CA VAL E 933 -23.60 58.86 -37.24
C VAL E 933 -24.52 58.83 -38.45
N LEU E 934 -25.83 58.88 -38.23
CA LEU E 934 -26.77 58.82 -39.34
C LEU E 934 -26.60 60.02 -40.27
N VAL E 935 -26.64 61.23 -39.72
CA VAL E 935 -26.58 62.43 -40.54
C VAL E 935 -25.20 62.57 -41.18
N ALA E 936 -24.15 62.13 -40.47
CA ALA E 936 -22.81 62.16 -41.03
C ALA E 936 -22.66 61.18 -42.18
N GLN E 937 -23.31 60.03 -42.10
CA GLN E 937 -23.32 59.13 -43.25
C GLN E 937 -24.06 59.75 -44.43
N LEU E 938 -25.18 60.42 -44.15
CA LEU E 938 -25.89 61.12 -45.23
C LEU E 938 -24.99 62.16 -45.89
N ARG E 939 -24.31 62.96 -45.06
CA ARG E 939 -23.44 64.01 -45.59
C ARG E 939 -22.22 63.41 -46.27
N ASP E 940 -21.79 62.24 -45.83
CA ASP E 940 -20.69 61.55 -46.49
C ASP E 940 -21.09 61.05 -47.85
N ALA E 941 -22.35 60.61 -47.99
CA ALA E 941 -22.86 60.26 -49.30
C ALA E 941 -22.95 61.49 -50.20
N SER E 942 -23.44 62.60 -49.67
CA SER E 942 -23.50 63.82 -50.48
C SER E 942 -22.10 64.26 -50.89
N GLU E 943 -21.15 64.20 -49.97
CA GLU E 943 -19.78 64.67 -50.24
C GLU E 943 -19.08 63.77 -51.26
N ARG E 944 -19.18 62.46 -51.06
CA ARG E 944 -18.59 61.47 -51.97
C ARG E 944 -19.63 60.95 -52.94
N ASN E 945 -20.56 61.81 -53.35
CA ASN E 945 -21.62 61.41 -54.25
C ASN E 945 -21.08 60.65 -55.46
N ARG E 946 -19.83 60.93 -55.85
CA ARG E 946 -19.27 60.27 -57.02
C ARG E 946 -19.18 58.76 -56.82
N THR E 947 -18.73 58.33 -55.64
CA THR E 947 -18.55 56.90 -55.41
C THR E 947 -19.87 56.17 -55.62
N LEU E 948 -19.78 54.99 -56.23
CA LEU E 948 -20.98 54.24 -56.57
C LEU E 948 -21.80 53.91 -55.34
N GLY E 949 -21.19 53.86 -54.16
CA GLY E 949 -21.96 53.64 -52.95
C GLY E 949 -22.92 54.77 -52.65
N ALA E 950 -22.42 56.01 -52.73
CA ALA E 950 -23.31 57.16 -52.53
C ALA E 950 -24.37 57.22 -53.61
N LYS E 951 -23.98 56.96 -54.86
CA LYS E 951 -24.95 56.92 -55.94
C LYS E 951 -26.04 55.90 -55.64
N ALA E 952 -25.65 54.72 -55.15
CA ALA E 952 -26.63 53.71 -54.77
C ALA E 952 -27.53 54.23 -53.67
N LEU E 953 -26.96 54.93 -52.69
CA LEU E 953 -27.75 55.38 -51.56
C LEU E 953 -28.76 56.44 -51.97
N LEU E 954 -28.45 57.21 -53.02
CA LEU E 954 -29.31 58.34 -53.37
C LEU E 954 -30.10 58.12 -54.66
N ASP E 955 -29.66 57.22 -55.53
CA ASP E 955 -30.09 57.23 -56.91
C ASP E 955 -31.22 56.22 -57.12
N PRO E 956 -32.42 56.66 -57.53
CA PRO E 956 -33.45 55.67 -57.90
C PRO E 956 -32.99 54.74 -59.00
N ARG E 957 -32.20 55.25 -59.96
CA ARG E 957 -31.68 54.40 -61.02
C ARG E 957 -30.86 53.23 -60.44
N PHE E 958 -30.05 53.50 -59.42
CA PHE E 958 -29.34 52.42 -58.74
C PHE E 958 -30.33 51.55 -57.97
N ARG E 959 -31.41 52.14 -57.47
CA ARG E 959 -32.29 51.47 -56.52
C ARG E 959 -33.16 50.40 -57.15
N LEU E 960 -32.98 50.09 -58.43
CA LEU E 960 -33.60 48.92 -59.02
C LEU E 960 -32.76 48.48 -60.22
N GLU E 961 -32.28 47.24 -60.17
CA GLU E 961 -31.42 46.67 -61.18
C GLU E 961 -32.25 46.24 -62.38
N PHE E 962 -31.57 45.97 -63.50
CA PHE E 962 -32.23 45.61 -64.75
C PHE E 962 -31.50 44.46 -65.43
N ALA E 963 -32.28 43.64 -66.13
CA ALA E 963 -31.74 42.50 -66.87
C ALA E 963 -32.72 42.12 -67.97
N VAL E 964 -32.31 41.19 -68.82
CA VAL E 964 -33.13 40.71 -69.91
C VAL E 964 -33.38 39.22 -69.73
N SER E 965 -34.45 38.73 -70.34
CA SER E 965 -34.79 37.32 -70.31
C SER E 965 -35.49 36.94 -71.60
N VAL E 966 -35.39 35.67 -71.95
CA VAL E 966 -35.98 35.12 -73.18
C VAL E 966 -37.21 34.32 -72.79
N MET E 967 -38.27 34.49 -73.56
CA MET E 967 -39.59 34.01 -73.21
C MET E 967 -40.07 32.99 -74.21
N ASP E 968 -40.96 32.11 -73.76
CA ASP E 968 -41.62 31.14 -74.62
C ASP E 968 -42.92 31.76 -75.09
N ARG E 969 -43.04 31.95 -76.41
CA ARG E 969 -44.28 32.52 -76.93
C ARG E 969 -45.46 31.60 -76.67
N GLN E 970 -45.21 30.30 -76.50
CA GLN E 970 -46.29 29.33 -76.36
C GLN E 970 -46.81 29.24 -74.93
N SER E 971 -45.92 29.25 -73.94
CA SER E 971 -46.30 28.93 -72.56
C SER E 971 -45.91 30.04 -71.59
N GLY E 972 -44.98 30.90 -72.01
CA GLY E 972 -44.47 31.93 -71.14
C GLY E 972 -43.33 31.48 -70.24
N ASN E 973 -42.85 30.26 -70.41
CA ASN E 973 -41.73 29.79 -69.60
C ASN E 973 -40.42 30.43 -70.06
N VAL E 974 -39.40 30.29 -69.22
CA VAL E 974 -38.16 31.04 -69.37
C VAL E 974 -37.00 30.12 -69.05
N ILE E 975 -36.07 29.98 -69.99
CA ILE E 975 -34.73 29.57 -69.56
C ILE E 975 -33.69 30.43 -70.28
N GLU E 976 -33.46 31.64 -69.76
CA GLU E 976 -32.36 32.53 -70.09
C GLU E 976 -32.51 33.79 -69.27
N SER E 977 -31.39 34.45 -69.00
CA SER E 977 -31.40 35.82 -68.53
C SER E 977 -30.04 36.43 -68.83
N ARG E 978 -30.02 37.46 -69.68
CA ARG E 978 -28.77 38.06 -70.13
C ARG E 978 -28.63 39.45 -69.51
N THR E 979 -27.46 39.70 -68.93
CA THR E 979 -27.18 41.01 -68.35
C THR E 979 -26.55 41.96 -69.37
N GLY E 980 -25.88 41.40 -70.37
CA GLY E 980 -25.26 42.19 -71.43
C GLY E 980 -25.53 41.59 -72.79
N SER E 981 -24.47 41.32 -73.55
CA SER E 981 -24.62 40.59 -74.80
C SER E 981 -23.47 39.62 -75.06
N GLN E 982 -22.79 39.15 -74.03
CA GLN E 982 -21.56 38.40 -74.22
C GLN E 982 -21.84 37.08 -74.94
N GLY E 983 -20.77 36.36 -75.24
CA GLY E 983 -20.85 35.20 -76.11
C GLY E 983 -21.26 35.57 -77.52
N GLY E 984 -22.01 34.69 -78.18
CA GLY E 984 -22.59 35.00 -79.47
C GLY E 984 -21.72 34.58 -80.64
N SER E 985 -22.35 34.57 -81.82
CA SER E 985 -21.73 34.13 -83.06
C SER E 985 -21.60 35.24 -84.09
N GLY E 986 -22.05 36.44 -83.79
CA GLY E 986 -22.18 37.48 -84.79
C GLY E 986 -23.59 37.48 -85.32
N GLY E 987 -24.35 38.52 -84.99
CA GLY E 987 -25.77 38.57 -85.32
C GLY E 987 -26.64 38.44 -84.09
N GLU E 988 -26.30 37.51 -83.21
CA GLU E 988 -26.94 37.46 -81.90
C GLU E 988 -26.76 38.78 -81.17
N LYS E 989 -25.53 39.28 -81.16
CA LYS E 989 -25.28 40.62 -80.63
C LYS E 989 -26.10 41.66 -81.36
N GLU E 990 -26.21 41.54 -82.69
CA GLU E 990 -26.98 42.53 -83.44
C GLU E 990 -28.43 42.55 -83.00
N ILE E 991 -29.05 41.37 -82.90
CA ILE E 991 -30.46 41.32 -82.51
C ILE E 991 -30.62 41.86 -81.10
N ILE E 992 -29.77 41.42 -80.19
CA ILE E 992 -29.90 41.85 -78.80
C ILE E 992 -29.82 43.37 -78.73
N ALA E 993 -28.78 43.94 -79.34
CA ALA E 993 -28.56 45.37 -79.27
C ALA E 993 -29.69 46.12 -79.94
N SER E 994 -30.08 45.71 -81.14
CA SER E 994 -31.15 46.41 -81.82
C SER E 994 -32.42 46.41 -80.99
N TYR E 995 -32.84 45.23 -80.53
CA TYR E 995 -34.08 45.15 -79.77
C TYR E 995 -34.03 46.04 -78.55
N VAL E 996 -33.01 45.85 -77.71
CA VAL E 996 -32.97 46.57 -76.45
C VAL E 996 -32.81 48.06 -76.71
N LEU E 997 -31.94 48.44 -77.64
CA LEU E 997 -31.70 49.84 -77.92
C LEU E 997 -32.97 50.53 -78.39
N THR E 998 -33.71 49.88 -79.29
CA THR E 998 -34.89 50.52 -79.83
C THR E 998 -35.98 50.61 -78.78
N ALA E 999 -36.12 49.56 -77.97
CA ALA E 999 -37.08 49.61 -76.88
C ALA E 999 -36.75 50.76 -75.94
N SER E 1000 -35.49 50.89 -75.55
CA SER E 1000 -35.08 51.94 -74.64
C SER E 1000 -35.25 53.32 -75.25
N LEU E 1001 -34.93 53.48 -76.53
CA LEU E 1001 -35.07 54.77 -77.17
C LEU E 1001 -36.53 55.17 -77.27
N SER E 1002 -37.41 54.20 -77.52
CA SER E 1002 -38.85 54.47 -77.45
C SER E 1002 -39.23 54.90 -76.05
N TYR E 1003 -38.71 54.21 -75.03
CA TYR E 1003 -38.95 54.60 -73.65
C TYR E 1003 -38.60 56.06 -73.44
N ALA E 1004 -37.38 56.45 -73.82
CA ALA E 1004 -36.91 57.81 -73.58
C ALA E 1004 -37.73 58.82 -74.36
N LEU E 1005 -38.09 58.49 -75.59
CA LEU E 1005 -38.70 59.45 -76.51
C LEU E 1005 -40.19 59.63 -76.26
N SER E 1006 -40.82 58.79 -75.46
CA SER E 1006 -42.26 58.83 -75.25
C SER E 1006 -42.57 59.19 -73.81
N PRO E 1007 -43.18 60.33 -73.53
CA PRO E 1007 -43.80 60.53 -72.22
C PRO E 1007 -44.98 59.58 -72.05
N ALA E 1008 -45.55 59.57 -70.85
CA ALA E 1008 -46.67 58.71 -70.57
C ALA E 1008 -47.91 59.18 -71.34
N GLY E 1009 -48.83 58.26 -71.56
CA GLY E 1009 -50.08 58.56 -72.24
C GLY E 1009 -50.09 58.30 -73.74
N SER E 1010 -49.28 59.04 -74.49
CA SER E 1010 -49.23 58.87 -75.93
C SER E 1010 -48.67 57.51 -76.29
N ARG E 1011 -49.30 56.85 -77.28
CA ARG E 1011 -48.82 55.55 -77.74
C ARG E 1011 -47.54 55.68 -78.55
N TYR E 1012 -47.32 56.82 -79.20
CA TYR E 1012 -46.12 57.03 -79.99
C TYR E 1012 -45.24 58.12 -79.36
N PRO E 1013 -43.93 58.00 -79.46
CA PRO E 1013 -43.07 59.11 -79.05
C PRO E 1013 -43.28 60.30 -79.96
N LEU E 1014 -43.17 61.50 -79.39
CA LEU E 1014 -43.45 62.71 -80.16
C LEU E 1014 -42.48 62.87 -81.33
N PHE E 1015 -41.29 62.29 -81.23
CA PHE E 1015 -40.34 62.24 -82.34
C PHE E 1015 -40.19 60.78 -82.76
N GLY E 1016 -40.81 60.42 -83.88
CA GLY E 1016 -40.90 59.03 -84.29
C GLY E 1016 -39.78 58.51 -85.17
N THR E 1017 -38.83 59.34 -85.57
CA THR E 1017 -37.82 58.94 -86.54
C THR E 1017 -36.59 58.36 -85.86
N ILE E 1018 -35.98 57.38 -86.52
CA ILE E 1018 -34.76 56.74 -86.06
C ILE E 1018 -33.87 56.50 -87.28
N ILE E 1019 -32.56 56.44 -87.05
CA ILE E 1019 -31.58 56.28 -88.11
C ILE E 1019 -30.71 55.08 -87.77
N LEU E 1020 -30.37 54.28 -88.78
CA LEU E 1020 -29.62 53.04 -88.61
C LEU E 1020 -28.48 53.01 -89.62
N ASP E 1021 -27.26 53.22 -89.16
CA ASP E 1021 -26.10 53.03 -90.02
C ASP E 1021 -25.69 51.56 -90.03
N GLU E 1022 -25.28 51.09 -91.20
CA GLU E 1022 -24.93 49.68 -91.38
C GLU E 1022 -26.05 48.80 -90.86
N ALA E 1023 -27.29 49.29 -90.99
CA ALA E 1023 -28.44 48.53 -90.54
C ALA E 1023 -28.38 47.12 -91.10
N PHE E 1024 -28.35 46.14 -90.21
CA PHE E 1024 -28.46 44.73 -90.57
C PHE E 1024 -27.20 44.21 -91.25
N SER E 1025 -26.04 44.80 -90.95
CA SER E 1025 -24.82 44.42 -91.65
C SER E 1025 -24.37 43.00 -91.33
N ARG E 1026 -24.94 42.36 -90.31
CA ARG E 1026 -24.50 41.03 -89.91
C ARG E 1026 -25.62 40.07 -89.52
N SER E 1027 -26.88 40.39 -89.82
CA SER E 1027 -28.00 39.54 -89.43
C SER E 1027 -28.53 38.76 -90.63
N SER E 1028 -28.75 37.46 -90.44
CA SER E 1028 -29.35 36.64 -91.49
C SER E 1028 -30.65 37.30 -91.92
N HIS E 1029 -31.08 37.05 -93.15
CA HIS E 1029 -32.19 37.80 -93.73
C HIS E 1029 -33.43 37.75 -92.83
N ALA E 1030 -33.81 36.56 -92.40
CA ALA E 1030 -34.98 36.44 -91.52
C ALA E 1030 -34.75 37.15 -90.20
N VAL E 1031 -33.51 37.13 -89.70
CA VAL E 1031 -33.19 37.87 -88.49
C VAL E 1031 -33.40 39.36 -88.70
N ALA E 1032 -32.98 39.87 -89.86
CA ALA E 1032 -33.22 41.27 -90.18
C ALA E 1032 -34.70 41.55 -90.24
N GLY E 1033 -35.48 40.65 -90.83
CA GLY E 1033 -36.92 40.83 -90.88
C GLY E 1033 -37.53 40.91 -89.49
N ARG E 1034 -37.07 40.05 -88.58
CA ARG E 1034 -37.61 40.07 -87.22
C ARG E 1034 -37.23 41.36 -86.50
N ILE E 1035 -36.00 41.85 -86.69
CA ILE E 1035 -35.63 43.13 -86.11
C ILE E 1035 -36.52 44.24 -86.67
N ILE E 1036 -36.78 44.20 -87.99
CA ILE E 1036 -37.68 45.16 -88.58
C ILE E 1036 -39.05 45.07 -87.92
N ALA E 1037 -39.53 43.85 -87.70
CA ALA E 1037 -40.80 43.65 -87.02
C ALA E 1037 -40.77 44.27 -85.64
N ALA E 1038 -39.63 44.18 -84.97
CA ALA E 1038 -39.50 44.85 -83.67
C ALA E 1038 -39.66 46.35 -83.81
N LEU E 1039 -39.00 46.93 -84.82
CA LEU E 1039 -39.16 48.36 -85.08
C LEU E 1039 -40.64 48.70 -85.27
N ARG E 1040 -41.34 47.89 -86.05
CA ARG E 1040 -42.75 48.16 -86.33
C ARG E 1040 -43.60 48.01 -85.09
N GLU E 1041 -43.32 46.99 -84.28
CA GLU E 1041 -44.02 46.85 -83.00
C GLU E 1041 -43.83 48.10 -82.16
N PHE E 1042 -42.61 48.63 -82.11
CA PHE E 1042 -42.39 49.88 -81.40
C PHE E 1042 -42.99 51.06 -82.16
N GLY E 1043 -43.35 50.84 -83.42
CA GLY E 1043 -44.05 51.84 -84.20
C GLY E 1043 -43.21 53.04 -84.59
N LEU E 1044 -42.03 52.83 -85.17
CA LEU E 1044 -41.12 53.92 -85.47
C LEU E 1044 -40.90 54.06 -86.97
N HIS E 1045 -40.56 55.28 -87.37
CA HIS E 1045 -40.16 55.60 -88.74
C HIS E 1045 -38.65 55.50 -88.84
N ALA E 1046 -38.16 54.56 -89.64
CA ALA E 1046 -36.76 54.15 -89.60
C ALA E 1046 -36.02 54.60 -90.85
N VAL E 1047 -34.72 54.80 -90.71
CA VAL E 1047 -33.81 55.09 -91.80
C VAL E 1047 -32.68 54.06 -91.76
N PHE E 1048 -32.22 53.63 -92.92
CA PHE E 1048 -31.16 52.63 -93.03
C PHE E 1048 -30.06 53.14 -93.92
N ILE E 1049 -28.85 52.64 -93.70
CA ILE E 1049 -27.69 52.95 -94.51
C ILE E 1049 -27.02 51.64 -94.87
N THR E 1050 -26.24 51.65 -95.96
CA THR E 1050 -25.50 50.45 -96.32
C THR E 1050 -24.58 50.73 -97.49
N PRO E 1051 -23.43 50.04 -97.58
CA PRO E 1051 -22.61 50.11 -98.80
C PRO E 1051 -23.12 49.17 -99.89
N ASN E 1052 -24.35 49.40 -100.33
CA ASN E 1052 -25.00 48.61 -101.36
C ASN E 1052 -25.28 47.18 -100.91
N LYS E 1053 -25.26 46.94 -99.61
CA LYS E 1053 -25.57 45.61 -99.08
C LYS E 1053 -27.04 45.48 -98.76
N GLU E 1054 -27.52 44.23 -98.75
CA GLU E 1054 -28.91 43.89 -98.52
C GLU E 1054 -29.84 44.81 -99.29
N MET E 1055 -29.54 45.03 -100.58
CA MET E 1055 -30.38 45.88 -101.40
C MET E 1055 -31.79 45.30 -101.56
N ARG E 1056 -31.89 43.98 -101.70
CA ARG E 1056 -33.21 43.40 -101.94
C ARG E 1056 -34.07 43.43 -100.68
N LEU E 1057 -33.46 43.24 -99.51
CA LEU E 1057 -34.20 43.40 -98.27
C LEU E 1057 -34.72 44.82 -98.12
N LEU E 1058 -33.85 45.80 -98.30
CA LEU E 1058 -34.25 47.19 -98.15
C LEU E 1058 -35.36 47.54 -99.13
N ARG E 1059 -35.23 47.08 -100.37
CA ARG E 1059 -36.30 47.27 -101.35
C ARG E 1059 -37.61 46.73 -100.80
N ASP E 1060 -37.55 45.58 -100.12
CA ASP E 1060 -38.76 44.99 -99.56
C ASP E 1060 -39.34 45.83 -98.45
N HIS E 1061 -38.50 46.54 -97.70
CA HIS E 1061 -38.93 47.19 -96.46
C HIS E 1061 -38.62 48.68 -96.43
N THR E 1062 -38.55 49.32 -97.60
CA THR E 1062 -38.45 50.77 -97.70
C THR E 1062 -39.18 51.20 -98.95
N ARG E 1063 -39.47 52.50 -99.05
CA ARG E 1063 -40.14 53.05 -100.22
C ARG E 1063 -39.33 54.14 -100.92
N SER E 1064 -38.08 54.35 -100.53
CA SER E 1064 -37.21 55.26 -101.24
C SER E 1064 -35.76 54.99 -100.86
N ALA E 1065 -34.86 55.46 -101.71
CA ALA E 1065 -33.42 55.36 -101.48
C ALA E 1065 -32.75 56.63 -101.99
N ILE E 1066 -31.57 56.92 -101.46
CA ILE E 1066 -30.79 58.08 -101.86
C ILE E 1066 -29.39 57.60 -102.23
N VAL E 1067 -28.97 57.91 -103.45
CA VAL E 1067 -27.68 57.50 -103.96
C VAL E 1067 -26.69 58.64 -103.75
N VAL E 1068 -25.47 58.29 -103.38
CA VAL E 1068 -24.42 59.26 -103.11
C VAL E 1068 -23.14 58.78 -103.78
N HIS E 1069 -22.29 59.71 -104.17
CA HIS E 1069 -20.96 59.35 -104.67
C HIS E 1069 -19.99 60.47 -104.36
N ARG E 1070 -18.73 60.07 -104.18
CA ARG E 1070 -17.61 60.98 -104.00
C ARG E 1070 -16.60 60.73 -105.10
N ARG E 1071 -16.37 61.75 -105.93
CA ARG E 1071 -15.33 61.71 -106.94
C ARG E 1071 -14.50 62.98 -106.82
N GLY E 1072 -13.19 62.84 -106.88
CA GLY E 1072 -12.32 63.94 -106.53
C GLY E 1072 -12.57 64.35 -105.10
N GLN E 1073 -12.35 65.62 -104.76
CA GLN E 1073 -12.68 66.14 -103.44
C GLN E 1073 -14.08 66.75 -103.41
N ASN E 1074 -14.98 66.26 -104.24
CA ASN E 1074 -16.36 66.68 -104.27
C ASN E 1074 -17.27 65.47 -104.21
N SER E 1075 -18.49 65.69 -103.75
CA SER E 1075 -19.46 64.61 -103.59
C SER E 1075 -20.83 65.14 -103.99
N ASN E 1076 -21.75 64.21 -104.23
CA ASN E 1076 -23.04 64.55 -104.81
C ASN E 1076 -24.08 63.56 -104.31
N MET E 1077 -25.35 63.92 -104.50
CA MET E 1077 -26.46 63.10 -104.06
C MET E 1077 -27.52 63.05 -105.15
N ALA E 1078 -28.33 62.00 -105.10
CA ALA E 1078 -29.44 61.81 -106.02
C ALA E 1078 -30.57 61.13 -105.28
N SER E 1079 -31.78 61.39 -105.72
CA SER E 1079 -32.98 60.88 -105.07
C SER E 1079 -33.67 59.86 -105.97
N LEU E 1080 -33.94 58.69 -105.41
CA LEU E 1080 -34.70 57.64 -106.06
C LEU E 1080 -35.83 57.22 -105.12
N SER E 1081 -36.96 56.83 -105.68
CA SER E 1081 -38.10 56.44 -104.87
C SER E 1081 -38.97 55.47 -105.66
N TRP E 1082 -39.81 54.75 -104.93
CA TRP E 1082 -40.76 53.83 -105.53
C TRP E 1082 -42.03 53.80 -104.69
N GLU E 1083 -43.14 54.19 -105.31
CA GLU E 1083 -44.43 54.24 -104.65
C GLU E 1083 -45.28 53.06 -105.12
N GLU E 1084 -46.27 52.72 -104.30
CA GLU E 1084 -47.09 51.53 -104.52
C GLU E 1084 -48.26 51.86 -105.43
N LEU E 1085 -48.52 50.97 -106.39
CA LEU E 1085 -49.79 50.99 -107.11
C LEU E 1085 -50.84 50.28 -106.24
N GLU E 1086 -51.13 50.87 -105.08
CA GLU E 1086 -51.87 50.15 -104.04
C GLU E 1086 -53.26 49.75 -104.49
N ARG E 1087 -53.93 50.56 -105.32
CA ARG E 1087 -55.26 50.18 -105.78
C ARG E 1087 -55.23 48.82 -106.46
N HIS E 1088 -54.31 48.63 -107.42
CA HIS E 1088 -54.07 47.32 -108.00
C HIS E 1088 -52.79 47.37 -108.82
N TYR E 1089 -51.89 46.41 -108.60
CA TYR E 1089 -50.61 46.44 -109.31
C TYR E 1089 -50.81 46.29 -110.82
N GLN E 1090 -51.59 45.30 -111.24
CA GLN E 1090 -51.76 45.01 -112.66
C GLN E 1090 -53.04 44.24 -112.89
N ARG E 1091 -53.96 44.83 -113.63
CA ARG E 1091 -55.28 44.23 -113.81
C ARG E 1091 -55.16 42.93 -114.58
N ARG E 1092 -55.92 41.92 -114.15
CA ARG E 1092 -55.89 40.56 -114.71
C ARG E 1092 -54.51 39.93 -114.60
N GLY E 1093 -53.67 40.41 -113.70
CA GLY E 1093 -52.37 39.80 -113.46
C GLY E 1093 -52.31 39.18 -112.08
N ASN E 1094 -51.33 39.61 -111.28
CA ASN E 1094 -51.22 39.17 -109.89
C ASN E 1094 -50.78 40.34 -109.03
N ALA E 1095 -51.44 40.52 -107.89
CA ALA E 1095 -51.15 41.64 -107.01
C ALA E 1095 -51.53 41.31 -105.57
N SER F 40 -47.85 -30.59 73.00
CA SER F 40 -49.18 -31.12 72.61
C SER F 40 -49.04 -32.20 71.53
N GLU F 41 -48.45 -31.81 70.40
CA GLU F 41 -48.32 -32.72 69.28
C GLU F 41 -47.00 -33.51 69.36
N THR F 42 -47.00 -34.67 68.73
CA THR F 42 -45.83 -35.53 68.74
C THR F 42 -44.72 -34.93 67.87
N ARG F 43 -43.49 -35.32 68.16
CA ARG F 43 -42.33 -34.94 67.39
C ARG F 43 -41.81 -36.15 66.62
N THR F 44 -41.65 -35.99 65.31
CA THR F 44 -40.90 -36.98 64.57
C THR F 44 -39.50 -37.07 65.15
N LEU F 45 -38.95 -38.27 65.16
CA LEU F 45 -37.63 -38.47 65.74
C LEU F 45 -36.71 -37.34 65.35
N GLN F 46 -36.25 -36.60 66.35
CA GLN F 46 -35.37 -35.48 66.07
C GLN F 46 -34.20 -35.90 65.19
N LYS F 47 -33.68 -37.09 65.42
CA LYS F 47 -32.59 -37.58 64.57
C LYS F 47 -33.07 -37.76 63.14
N ILE F 48 -34.29 -38.27 62.96
CA ILE F 48 -34.84 -38.41 61.61
C ILE F 48 -35.01 -37.03 60.98
N ARG F 49 -35.53 -36.07 61.74
CA ARG F 49 -35.70 -34.72 61.22
C ARG F 49 -34.36 -34.14 60.80
N GLU F 50 -33.34 -34.33 61.63
CA GLU F 50 -31.99 -33.88 61.30
C GLU F 50 -31.51 -34.50 60.00
N ALA F 51 -31.57 -35.83 59.92
CA ALA F 51 -31.04 -36.50 58.74
C ALA F 51 -31.77 -36.05 57.49
N THR F 52 -33.10 -35.95 57.56
CA THR F 52 -33.86 -35.60 56.37
C THR F 52 -33.61 -34.16 55.95
N GLN F 53 -33.62 -33.22 56.89
CA GLN F 53 -33.39 -31.84 56.50
C GLN F 53 -31.98 -31.64 55.96
N GLU F 54 -30.99 -32.32 56.54
CA GLU F 54 -29.66 -32.27 55.99
C GLU F 54 -29.64 -32.82 54.56
N LEU F 55 -30.25 -33.99 54.37
CA LEU F 55 -30.22 -34.60 53.05
C LEU F 55 -30.92 -33.73 52.03
N LEU F 56 -31.93 -32.97 52.46
CA LEU F 56 -32.55 -31.99 51.59
C LEU F 56 -31.57 -30.87 51.25
N LYS F 57 -30.90 -30.34 52.26
CA LYS F 57 -29.92 -29.29 52.02
C LYS F 57 -28.92 -29.73 50.96
N TYR F 58 -28.41 -30.94 51.08
CA TYR F 58 -27.42 -31.41 50.13
C TYR F 58 -28.08 -32.01 48.90
N GLY F 59 -29.38 -32.30 48.95
CA GLY F 59 -30.03 -33.06 47.92
C GLY F 59 -29.59 -34.51 47.83
N LEU F 60 -28.54 -34.89 48.53
CA LEU F 60 -28.05 -36.24 48.51
C LEU F 60 -27.23 -36.47 49.76
N LEU F 61 -26.97 -37.73 50.06
CA LEU F 61 -26.33 -38.11 51.31
C LEU F 61 -25.59 -39.42 51.10
N GLU F 62 -24.32 -39.43 51.49
CA GLU F 62 -23.45 -40.57 51.21
C GLU F 62 -23.07 -41.27 52.50
N GLU F 63 -23.20 -42.59 52.50
CA GLU F 63 -22.64 -43.38 53.58
C GLU F 63 -21.18 -43.02 53.81
N ALA F 64 -20.39 -42.93 52.75
CA ALA F 64 -18.96 -42.71 52.88
C ALA F 64 -18.62 -41.44 53.64
N SER F 65 -19.58 -40.54 53.82
CA SER F 65 -19.33 -39.29 54.54
C SER F 65 -20.07 -39.20 55.86
N LYS F 66 -21.38 -39.41 55.87
CA LYS F 66 -22.20 -39.25 57.06
C LYS F 66 -23.02 -40.50 57.30
N PRO F 67 -22.35 -41.61 57.62
CA PRO F 67 -23.09 -42.87 57.75
C PRO F 67 -24.21 -42.81 58.76
N ASN F 68 -24.12 -41.90 59.73
CA ASN F 68 -25.19 -41.77 60.71
C ASN F 68 -26.51 -41.45 60.03
N LEU F 69 -26.58 -40.31 59.35
CA LEU F 69 -27.84 -39.90 58.73
C LEU F 69 -28.25 -40.89 57.65
N TYR F 70 -27.27 -41.42 56.93
CA TYR F 70 -27.56 -42.37 55.87
C TYR F 70 -28.26 -43.61 56.43
N ARG F 71 -27.73 -44.18 57.50
CA ARG F 71 -28.38 -45.30 58.15
C ARG F 71 -29.70 -44.90 58.77
N ILE F 72 -29.79 -43.66 59.29
CA ILE F 72 -31.05 -43.19 59.83
C ILE F 72 -32.14 -43.30 58.77
N VAL F 73 -31.84 -42.80 57.57
CA VAL F 73 -32.79 -42.91 56.49
C VAL F 73 -33.07 -44.36 56.16
N LEU F 74 -32.02 -45.18 56.10
CA LEU F 74 -32.18 -46.60 55.81
C LEU F 74 -33.17 -47.24 56.78
N SER F 75 -33.16 -46.81 58.04
CA SER F 75 -34.07 -47.38 59.01
C SER F 75 -35.48 -46.84 58.83
N HIS F 76 -35.62 -45.60 58.37
CA HIS F 76 -36.93 -44.97 58.25
C HIS F 76 -37.13 -44.44 56.84
N PRO F 77 -36.89 -45.29 55.83
CA PRO F 77 -37.09 -44.83 54.46
C PRO F 77 -38.53 -44.47 54.18
N GLU F 78 -39.48 -45.30 54.61
CA GLU F 78 -40.88 -44.95 54.43
C GLU F 78 -41.23 -43.66 55.13
N GLU F 79 -40.62 -43.39 56.29
CA GLU F 79 -40.84 -42.11 56.93
C GLU F 79 -40.47 -40.98 55.99
N VAL F 80 -39.28 -41.08 55.40
CA VAL F 80 -38.83 -40.06 54.46
C VAL F 80 -39.83 -39.95 53.32
N THR F 81 -40.27 -41.09 52.79
CA THR F 81 -41.19 -41.09 51.66
C THR F 81 -42.44 -40.30 52.01
N ARG F 82 -43.07 -40.64 53.14
CA ARG F 82 -44.25 -39.92 53.58
C ARG F 82 -43.94 -38.43 53.67
N ILE F 83 -42.79 -38.10 54.23
CA ILE F 83 -42.43 -36.71 54.40
C ILE F 83 -42.38 -36.01 53.06
N LEU F 84 -41.82 -36.68 52.06
CA LEU F 84 -41.64 -36.05 50.76
C LEU F 84 -42.93 -35.97 49.99
N GLU F 85 -43.89 -36.85 50.28
CA GLU F 85 -45.11 -36.89 49.47
C GLU F 85 -45.80 -35.53 49.43
N PRO F 86 -45.99 -34.83 50.54
CA PRO F 86 -46.50 -33.46 50.44
C PRO F 86 -45.64 -32.62 49.53
N LEU F 87 -44.33 -32.84 49.59
CA LEU F 87 -43.39 -32.06 48.81
C LEU F 87 -43.31 -32.53 47.37
N ASP F 88 -43.96 -33.65 47.03
CA ASP F 88 -43.83 -34.24 45.70
C ASP F 88 -42.37 -34.57 45.40
N LEU F 89 -41.73 -35.25 46.34
CA LEU F 89 -40.36 -35.70 46.19
C LEU F 89 -40.28 -37.16 46.58
N ASP F 90 -39.10 -37.74 46.39
CA ASP F 90 -38.91 -39.16 46.62
C ASP F 90 -37.44 -39.43 46.89
N ILE F 91 -37.19 -40.57 47.52
CA ILE F 91 -35.83 -41.02 47.79
C ILE F 91 -35.53 -42.17 46.84
N GLY F 92 -34.45 -42.01 46.08
CA GLY F 92 -33.81 -43.12 45.41
C GLY F 92 -32.66 -43.59 46.26
N ILE F 93 -32.26 -44.85 46.08
CA ILE F 93 -31.28 -45.47 46.96
C ILE F 93 -30.32 -46.30 46.14
N ASP F 94 -29.05 -46.27 46.54
CA ASP F 94 -28.01 -47.09 45.92
C ASP F 94 -27.01 -47.44 47.02
N GLU F 95 -27.22 -48.58 47.64
CA GLU F 95 -26.43 -48.95 48.80
C GLU F 95 -25.09 -49.57 48.42
N ILE F 96 -24.97 -50.13 47.22
CA ILE F 96 -23.67 -50.57 46.76
C ILE F 96 -22.71 -49.39 46.75
N ARG F 97 -23.18 -48.24 46.28
CA ARG F 97 -22.39 -47.02 46.28
C ARG F 97 -22.62 -46.19 47.54
N GLY F 98 -23.43 -46.67 48.48
CA GLY F 98 -23.63 -45.94 49.70
C GLY F 98 -24.14 -44.54 49.42
N LEU F 99 -25.23 -44.45 48.68
CA LEU F 99 -25.77 -43.18 48.25
C LEU F 99 -27.28 -43.14 48.46
N LEU F 100 -27.74 -41.97 48.84
CA LEU F 100 -29.15 -41.62 48.88
C LEU F 100 -29.29 -40.33 48.11
N TYR F 101 -30.45 -40.10 47.53
CA TYR F 101 -30.64 -38.83 46.86
C TYR F 101 -32.12 -38.62 46.57
N VAL F 102 -32.57 -37.42 46.85
CA VAL F 102 -33.94 -37.02 46.60
C VAL F 102 -34.17 -37.09 45.11
N LYS F 103 -35.44 -37.05 44.71
CA LYS F 103 -35.82 -37.09 43.30
C LYS F 103 -37.28 -36.71 43.19
N VAL F 104 -37.57 -35.82 42.26
CA VAL F 104 -38.91 -35.26 42.11
C VAL F 104 -39.88 -36.39 41.85
N ARG F 105 -41.00 -36.38 42.57
CA ARG F 105 -42.05 -37.38 42.37
C ARG F 105 -42.54 -37.31 40.93
N LEU F 106 -42.66 -38.47 40.29
CA LEU F 106 -43.04 -38.51 38.89
C LEU F 106 -44.55 -38.63 38.69
N ASP F 107 -45.31 -38.84 39.77
CA ASP F 107 -46.71 -39.21 39.62
C ASP F 107 -47.48 -38.15 38.82
N GLU F 108 -47.38 -36.90 39.24
CA GLU F 108 -48.17 -35.86 38.59
C GLU F 108 -47.39 -34.56 38.38
N THR F 109 -46.08 -34.57 38.57
CA THR F 109 -45.29 -33.39 38.29
C THR F 109 -45.45 -33.02 36.82
N PRO F 110 -45.53 -31.74 36.48
CA PRO F 110 -45.91 -31.35 35.11
C PRO F 110 -45.18 -32.17 34.06
N ALA F 111 -45.93 -32.58 33.04
CA ALA F 111 -45.37 -33.39 31.98
C ALA F 111 -44.23 -32.69 31.26
N GLN F 112 -44.16 -31.36 31.34
CA GLN F 112 -43.09 -30.65 30.66
C GLN F 112 -41.73 -31.07 31.19
N ASP F 113 -41.54 -31.03 32.51
CA ASP F 113 -40.29 -31.48 33.09
C ASP F 113 -40.44 -31.49 34.61
N GLU F 114 -39.74 -32.42 35.25
CA GLU F 114 -39.64 -32.39 36.70
C GLU F 114 -39.03 -31.09 37.16
N TRP F 115 -38.25 -30.43 36.30
CA TRP F 115 -37.61 -29.18 36.65
C TRP F 115 -38.62 -28.06 36.85
N ALA F 116 -39.83 -28.21 36.33
CA ALA F 116 -40.85 -27.19 36.53
C ALA F 116 -41.19 -27.03 38.00
N HIS F 117 -40.86 -28.02 38.81
CA HIS F 117 -41.21 -28.02 40.22
C HIS F 117 -40.89 -26.67 40.84
N PRO F 118 -41.86 -26.03 41.49
CA PRO F 118 -41.60 -24.67 41.99
C PRO F 118 -40.46 -24.59 42.96
N LEU F 119 -40.33 -25.57 43.85
CA LEU F 119 -39.44 -25.45 44.99
C LEU F 119 -37.99 -25.79 44.67
N VAL F 120 -37.73 -26.73 43.75
CA VAL F 120 -36.37 -26.87 43.27
C VAL F 120 -35.93 -25.54 42.69
N ARG F 121 -34.66 -25.22 42.88
CA ARG F 121 -34.17 -23.89 42.57
C ARG F 121 -33.14 -23.86 41.45
N ARG F 122 -32.16 -24.77 41.47
CA ARG F 122 -31.12 -24.72 40.46
C ARG F 122 -31.68 -25.00 39.08
N GLN F 123 -31.09 -24.36 38.08
CA GLN F 123 -31.62 -24.43 36.73
C GLN F 123 -31.28 -25.78 36.09
N ARG F 124 -32.09 -26.13 35.09
CA ARG F 124 -31.91 -27.39 34.38
C ARG F 124 -30.49 -27.53 33.88
N LEU F 125 -30.04 -28.77 33.76
CA LEU F 125 -28.78 -29.02 33.08
C LEU F 125 -28.92 -28.62 31.63
N ASN F 126 -27.80 -28.33 30.99
CA ASN F 126 -27.78 -27.91 29.59
C ASN F 126 -26.86 -28.82 28.78
N LEU F 127 -26.72 -28.48 27.50
CA LEU F 127 -26.03 -29.37 26.59
C LEU F 127 -24.58 -29.57 26.98
N GLU F 128 -23.76 -28.54 26.79
CA GLU F 128 -22.33 -28.67 27.05
C GLU F 128 -22.09 -29.27 28.43
N GLN F 129 -22.90 -28.88 29.41
CA GLN F 129 -22.76 -29.46 30.73
C GLN F 129 -22.96 -30.96 30.64
N SER F 130 -23.98 -31.38 29.92
CA SER F 130 -24.21 -32.82 29.75
C SER F 130 -23.06 -33.46 29.01
N LEU F 131 -22.43 -32.73 28.10
CA LEU F 131 -21.24 -33.25 27.44
C LEU F 131 -20.16 -33.59 28.46
N LEU F 132 -19.85 -32.62 29.31
CA LEU F 132 -18.88 -32.88 30.36
C LEU F 132 -19.35 -34.03 31.23
N VAL F 133 -20.64 -34.07 31.51
CA VAL F 133 -21.21 -35.14 32.33
C VAL F 133 -20.86 -36.47 31.72
N ALA F 134 -21.05 -36.58 30.40
CA ALA F 134 -20.74 -37.83 29.72
C ALA F 134 -19.29 -38.20 29.91
N ILE F 135 -18.41 -37.22 29.72
CA ILE F 135 -16.99 -37.53 29.87
C ILE F 135 -16.72 -38.05 31.28
N LEU F 136 -17.28 -37.36 32.27
CA LEU F 136 -17.05 -37.76 33.65
C LEU F 136 -17.55 -39.17 33.87
N ARG F 137 -18.81 -39.43 33.51
CA ARG F 137 -19.38 -40.74 33.71
C ARG F 137 -18.51 -41.82 33.09
N GLN F 138 -17.96 -41.54 31.92
CA GLN F 138 -17.05 -42.50 31.31
C GLN F 138 -15.90 -42.80 32.24
N HIS F 139 -15.23 -41.76 32.73
CA HIS F 139 -14.12 -41.98 33.64
C HIS F 139 -14.59 -42.72 34.89
N PHE F 140 -15.75 -42.34 35.39
CA PHE F 140 -16.29 -42.93 36.61
C PHE F 140 -16.43 -44.43 36.45
N VAL F 141 -17.09 -44.85 35.38
CA VAL F 141 -17.32 -46.27 35.18
C VAL F 141 -15.99 -46.99 34.97
N ALA F 142 -15.07 -46.38 34.22
CA ALA F 142 -13.78 -47.02 34.00
C ALA F 142 -13.10 -47.30 35.33
N TRP F 143 -12.97 -46.28 36.17
CA TRP F 143 -12.31 -46.50 37.44
C TRP F 143 -13.11 -47.44 38.33
N GLU F 144 -14.44 -47.40 38.23
CA GLU F 144 -15.25 -48.29 39.04
C GLU F 144 -14.93 -49.74 38.72
N GLN F 145 -14.76 -50.04 37.44
CA GLN F 145 -14.23 -51.35 37.09
C GLN F 145 -12.88 -51.58 37.73
N GLU F 146 -11.96 -50.64 37.54
CA GLU F 146 -10.59 -50.88 37.98
C GLU F 146 -10.51 -51.11 39.48
N SER F 147 -11.50 -50.60 40.22
CA SER F 147 -11.40 -50.62 41.67
C SER F 147 -12.63 -51.24 42.32
N GLY F 148 -13.54 -51.78 41.52
CA GLY F 148 -14.81 -52.23 42.08
C GLY F 148 -15.78 -51.09 42.29
N THR F 149 -17.04 -51.45 42.56
CA THR F 149 -18.09 -50.46 42.74
C THR F 149 -18.28 -50.10 44.20
N GLY F 150 -17.20 -49.68 44.86
CA GLY F 150 -17.23 -49.32 46.27
C GLY F 150 -17.41 -47.83 46.48
N ALA F 151 -16.70 -47.31 47.48
CA ALA F 151 -16.81 -45.91 47.82
C ALA F 151 -16.16 -45.04 46.74
N SER F 152 -16.31 -43.72 46.89
CA SER F 152 -15.90 -42.77 45.86
C SER F 152 -14.45 -42.37 46.06
N GLN F 153 -13.55 -43.30 45.71
CA GLN F 153 -12.18 -42.94 45.41
C GLN F 153 -12.00 -42.60 43.94
N ALA F 154 -13.10 -42.27 43.26
CA ALA F 154 -13.08 -41.97 41.83
C ALA F 154 -12.47 -40.60 41.62
N GLN F 155 -11.14 -40.57 41.52
CA GLN F 155 -10.38 -39.34 41.38
C GLN F 155 -9.92 -39.16 39.94
N ILE F 156 -9.91 -37.92 39.48
CA ILE F 156 -9.40 -37.56 38.18
C ILE F 156 -8.51 -36.34 38.31
N ALA F 157 -7.59 -36.19 37.37
CA ALA F 157 -6.73 -35.01 37.29
C ALA F 157 -7.25 -34.11 36.18
N ILE F 158 -7.39 -32.82 36.49
CA ILE F 158 -8.03 -31.91 35.55
C ILE F 158 -7.33 -31.93 34.20
N ASP F 159 -6.00 -31.99 34.19
CA ASP F 159 -5.29 -31.89 32.93
C ASP F 159 -5.78 -32.93 31.93
N ASP F 160 -6.24 -34.07 32.43
CA ASP F 160 -6.70 -35.12 31.54
C ASP F 160 -7.96 -34.71 30.82
N LEU F 161 -8.83 -33.96 31.49
CA LEU F 161 -10.03 -33.47 30.82
C LEU F 161 -9.71 -32.53 29.67
N LEU F 162 -8.65 -31.74 29.79
CA LEU F 162 -8.40 -30.73 28.76
C LEU F 162 -8.29 -31.34 27.38
N PRO F 163 -7.48 -32.38 27.15
CA PRO F 163 -7.50 -33.01 25.82
C PRO F 163 -8.91 -33.39 25.40
N GLN F 164 -9.59 -34.20 26.20
CA GLN F 164 -10.87 -34.76 25.76
C GLN F 164 -11.83 -33.65 25.40
N LEU F 165 -12.05 -32.70 26.30
CA LEU F 165 -12.99 -31.64 26.02
C LEU F 165 -12.50 -30.73 24.91
N GLN F 166 -11.20 -30.70 24.66
CA GLN F 166 -10.68 -29.80 23.63
C GLN F 166 -11.24 -30.15 22.27
N ILE F 167 -11.57 -31.41 22.03
CA ILE F 167 -11.99 -31.83 20.70
C ILE F 167 -13.30 -31.18 20.32
N TYR F 168 -14.20 -31.01 21.29
CA TYR F 168 -15.56 -30.58 20.99
C TYR F 168 -15.69 -29.07 21.04
N LEU F 169 -15.41 -28.48 22.19
CA LEU F 169 -15.47 -27.04 22.31
C LEU F 169 -14.34 -26.35 21.56
N GLY F 170 -13.37 -27.11 21.09
CA GLY F 170 -12.35 -26.53 20.24
C GLY F 170 -11.10 -26.17 21.02
N ASP F 171 -10.45 -25.11 20.55
CA ASP F 171 -9.18 -24.66 21.10
C ASP F 171 -9.03 -23.17 20.83
N PRO F 172 -9.37 -22.32 21.79
CA PRO F 172 -9.14 -20.87 21.62
C PRO F 172 -7.67 -20.50 21.68
N GLY F 173 -6.79 -21.50 21.66
CA GLY F 173 -5.38 -21.21 21.56
C GLY F 173 -4.83 -20.43 22.73
N SER F 174 -5.30 -20.73 23.95
CA SER F 174 -4.72 -20.13 25.14
C SER F 174 -5.08 -21.04 26.32
N GLU F 175 -4.09 -21.81 26.77
CA GLU F 175 -4.35 -22.82 27.78
C GLU F 175 -5.12 -22.25 28.96
N SER F 176 -4.76 -21.05 29.39
CA SER F 176 -5.47 -20.42 30.50
C SER F 176 -6.93 -20.20 30.17
N LYS F 177 -7.23 -19.77 28.95
CA LYS F 177 -8.62 -19.55 28.59
C LYS F 177 -9.41 -20.84 28.71
N GLU F 178 -8.87 -21.94 28.19
CA GLU F 178 -9.59 -23.19 28.25
C GLU F 178 -9.73 -23.69 29.68
N ARG F 179 -8.72 -23.46 30.52
CA ARG F 179 -8.87 -23.84 31.92
C ARG F 179 -9.97 -23.01 32.58
N THR F 180 -10.04 -21.73 32.27
CA THR F 180 -11.13 -20.92 32.79
C THR F 180 -12.47 -21.52 32.38
N ARG F 181 -12.59 -21.84 31.10
CA ARG F 181 -13.80 -22.47 30.60
C ARG F 181 -14.11 -23.74 31.38
N LEU F 182 -13.12 -24.62 31.50
CA LEU F 182 -13.33 -25.91 32.12
C LEU F 182 -13.74 -25.76 33.58
N LEU F 183 -13.07 -24.89 34.30
CA LEU F 183 -13.41 -24.71 35.70
C LEU F 183 -14.77 -24.06 35.86
N THR F 184 -15.12 -23.14 34.98
CA THR F 184 -16.48 -22.61 35.02
C THR F 184 -17.49 -23.74 34.89
N LEU F 185 -17.26 -24.62 33.92
CA LEU F 185 -18.17 -25.76 33.78
C LEU F 185 -18.19 -26.59 35.05
N LEU F 186 -17.02 -27.03 35.51
CA LEU F 186 -16.97 -27.88 36.69
C LEU F 186 -17.73 -27.24 37.83
N ASP F 187 -17.44 -25.98 38.11
CA ASP F 187 -18.21 -25.25 39.10
C ASP F 187 -19.69 -25.46 38.89
N GLN F 188 -20.19 -25.12 37.71
CA GLN F 188 -21.62 -25.26 37.46
C GLN F 188 -22.08 -26.67 37.82
N LEU F 189 -21.28 -27.67 37.51
CA LEU F 189 -21.66 -29.04 37.84
C LEU F 189 -21.76 -29.22 39.34
N LYS F 190 -20.80 -28.70 40.09
CA LYS F 190 -20.87 -28.85 41.54
C LYS F 190 -22.08 -28.13 42.08
N GLY F 191 -22.60 -27.14 41.36
CA GLY F 191 -23.87 -26.55 41.72
C GLY F 191 -24.99 -27.58 41.67
N HIS F 192 -24.91 -28.51 40.73
CA HIS F 192 -25.85 -29.61 40.70
C HIS F 192 -25.40 -30.76 41.58
N GLY F 193 -24.25 -30.62 42.22
CA GLY F 193 -23.78 -31.57 43.23
C GLY F 193 -23.00 -32.74 42.67
N LEU F 194 -22.62 -32.73 41.40
CA LEU F 194 -22.05 -33.90 40.77
C LEU F 194 -20.57 -34.06 41.01
N VAL F 195 -19.87 -33.02 41.43
CA VAL F 195 -18.41 -33.04 41.43
C VAL F 195 -17.90 -32.12 42.50
N THR F 196 -16.85 -32.55 43.18
CA THR F 196 -16.12 -31.70 44.08
C THR F 196 -15.22 -30.75 43.29
N SER F 197 -15.03 -29.54 43.82
CA SER F 197 -14.14 -28.60 43.18
C SER F 197 -12.70 -29.04 43.34
N PRO F 198 -11.80 -28.52 42.51
CA PRO F 198 -10.41 -28.99 42.56
C PRO F 198 -9.81 -28.82 43.95
N ASP F 199 -8.99 -29.78 44.32
CA ASP F 199 -8.28 -29.75 45.59
C ASP F 199 -6.93 -29.05 45.39
N ALA F 200 -6.04 -29.23 46.37
CA ALA F 200 -4.67 -28.74 46.20
C ALA F 200 -4.01 -29.34 44.98
N HIS F 201 -4.15 -30.65 44.77
CA HIS F 201 -3.55 -31.32 43.62
C HIS F 201 -4.41 -31.23 42.38
N GLU F 202 -5.35 -30.29 42.33
CA GLU F 202 -6.18 -30.10 41.14
C GLU F 202 -6.89 -31.38 40.74
N ARG F 203 -7.07 -32.28 41.69
CA ARG F 203 -7.85 -33.49 41.48
C ARG F 203 -9.25 -33.28 42.06
N ILE F 204 -10.23 -33.91 41.44
CA ILE F 204 -11.59 -33.90 41.95
C ILE F 204 -12.10 -35.33 41.92
N VAL F 205 -13.04 -35.62 42.81
CA VAL F 205 -13.67 -36.93 42.86
C VAL F 205 -15.08 -36.79 42.31
N ILE F 206 -15.50 -37.79 41.57
CA ILE F 206 -16.81 -37.76 40.94
C ILE F 206 -17.86 -38.18 41.95
N ARG F 207 -18.80 -37.32 42.18
CA ARG F 207 -19.88 -37.68 43.07
C ARG F 207 -20.69 -38.83 42.46
N PRO F 208 -20.95 -39.89 43.21
CA PRO F 208 -21.69 -41.02 42.62
C PRO F 208 -23.05 -40.66 42.09
N ILE F 209 -23.68 -39.60 42.62
CA ILE F 209 -24.98 -39.18 42.10
C ILE F 209 -24.98 -39.09 40.59
N ILE F 210 -23.82 -38.93 39.97
CA ILE F 210 -23.76 -38.87 38.51
C ILE F 210 -24.37 -40.13 37.90
N ALA F 211 -23.99 -41.30 38.42
CA ALA F 211 -24.39 -42.54 37.77
C ALA F 211 -25.90 -42.61 37.62
N HIS F 212 -26.63 -42.20 38.66
CA HIS F 212 -28.07 -42.16 38.56
C HIS F 212 -28.52 -41.07 37.60
N LEU F 213 -27.82 -39.94 37.58
CA LEU F 213 -28.10 -38.94 36.55
C LEU F 213 -27.74 -39.47 35.17
N ALA F 214 -26.93 -40.53 35.11
CA ALA F 214 -26.38 -41.04 33.87
C ALA F 214 -26.56 -42.54 33.78
N ASP F 215 -27.73 -43.01 34.19
CA ASP F 215 -28.06 -44.42 33.99
C ASP F 215 -28.40 -44.65 32.53
N PRO F 216 -28.28 -45.88 32.04
CA PRO F 216 -28.52 -46.12 30.62
C PRO F 216 -29.85 -45.57 30.13
N ILE F 217 -30.86 -45.47 31.00
CA ILE F 217 -32.14 -44.97 30.55
C ILE F 217 -32.04 -43.51 30.14
N ASN F 218 -31.47 -42.68 31.01
CA ASN F 218 -31.27 -41.28 30.67
C ASN F 218 -30.38 -41.15 29.45
N LEU F 219 -29.33 -41.97 29.39
CA LEU F 219 -28.42 -41.90 28.27
C LEU F 219 -29.16 -42.16 26.97
N GLN F 220 -30.00 -43.18 26.96
CA GLN F 220 -30.72 -43.51 25.74
C GLN F 220 -31.73 -42.43 25.39
N ALA F 221 -32.46 -41.94 26.38
CA ALA F 221 -33.45 -40.89 26.11
C ALA F 221 -32.77 -39.65 25.54
N LEU F 222 -31.75 -39.17 26.23
CA LEU F 222 -31.04 -37.98 25.77
C LEU F 222 -30.38 -38.22 24.43
N LEU F 223 -29.88 -39.45 24.21
CA LEU F 223 -29.24 -39.76 22.95
C LEU F 223 -30.23 -39.70 21.81
N ALA F 224 -31.43 -40.23 22.02
CA ALA F 224 -32.48 -40.11 21.02
C ALA F 224 -32.81 -38.66 20.77
N TRP F 225 -32.91 -37.86 21.84
CA TRP F 225 -33.18 -36.45 21.66
C TRP F 225 -32.07 -35.76 20.88
N LEU F 226 -30.82 -36.14 21.14
CA LEU F 226 -29.69 -35.58 20.42
C LEU F 226 -29.76 -35.92 18.95
N ARG F 227 -30.10 -37.17 18.63
CA ARG F 227 -30.28 -37.55 17.24
C ARG F 227 -31.41 -36.74 16.61
N GLU F 228 -32.48 -36.53 17.36
CA GLU F 228 -33.57 -35.68 16.89
C GLU F 228 -33.05 -34.29 16.56
N GLN F 229 -32.21 -33.74 17.42
CA GLN F 229 -31.69 -32.40 17.18
C GLN F 229 -30.79 -32.38 15.96
N ILE F 230 -29.96 -33.41 15.79
CA ILE F 230 -29.16 -33.53 14.58
C ILE F 230 -30.05 -33.52 13.36
N ALA F 231 -31.16 -34.26 13.42
CA ALA F 231 -32.10 -34.31 12.30
C ALA F 231 -32.70 -32.94 12.03
N GLN F 232 -33.15 -32.25 13.08
CA GLN F 232 -33.75 -30.94 12.89
C GLN F 232 -32.74 -29.97 12.28
N GLN F 233 -31.50 -30.03 12.74
CA GLN F 233 -30.48 -29.13 12.23
C GLN F 233 -30.13 -29.45 10.79
N THR F 234 -30.06 -30.73 10.45
CA THR F 234 -29.62 -31.15 9.13
C THR F 234 -30.56 -30.62 8.06
N SER G 40 -49.22 -47.48 49.32
CA SER G 40 -49.96 -47.53 50.60
C SER G 40 -50.63 -46.19 50.91
N GLU G 41 -49.83 -45.18 51.21
CA GLU G 41 -50.39 -43.87 51.56
C GLU G 41 -51.02 -43.21 50.35
N THR G 42 -52.26 -42.74 50.53
CA THR G 42 -52.90 -41.94 49.50
C THR G 42 -52.26 -40.56 49.43
N ARG G 43 -52.35 -39.95 48.26
CA ARG G 43 -51.67 -38.68 48.04
C ARG G 43 -52.35 -37.55 48.78
N THR G 44 -51.56 -36.69 49.39
CA THR G 44 -52.05 -35.43 49.90
C THR G 44 -52.80 -34.71 48.80
N LEU G 45 -53.92 -34.07 49.16
CA LEU G 45 -54.74 -33.43 48.15
C LEU G 45 -53.90 -32.50 47.29
N GLN G 46 -54.09 -32.60 45.98
CA GLN G 46 -53.30 -31.78 45.06
C GLN G 46 -53.41 -30.31 45.43
N LYS G 47 -54.60 -29.87 45.82
CA LYS G 47 -54.77 -28.48 46.23
C LYS G 47 -53.84 -28.15 47.39
N ILE G 48 -53.77 -29.05 48.37
CA ILE G 48 -52.96 -28.82 49.55
C ILE G 48 -51.48 -28.70 49.19
N ARG G 49 -50.97 -29.67 48.44
CA ARG G 49 -49.56 -29.65 48.08
C ARG G 49 -49.25 -28.44 47.21
N GLU G 50 -50.21 -28.04 46.37
CA GLU G 50 -50.03 -26.86 45.53
C GLU G 50 -49.89 -25.60 46.38
N ALA G 51 -50.84 -25.38 47.29
CA ALA G 51 -50.77 -24.20 48.15
C ALA G 51 -49.51 -24.24 48.99
N THR G 52 -49.13 -25.43 49.46
CA THR G 52 -47.92 -25.57 50.27
C THR G 52 -46.68 -25.19 49.49
N GLN G 53 -46.59 -25.65 48.23
CA GLN G 53 -45.42 -25.33 47.44
C GLN G 53 -45.37 -23.84 47.14
N GLU G 54 -46.52 -23.21 46.88
CA GLU G 54 -46.53 -21.75 46.79
C GLU G 54 -45.96 -21.12 48.05
N LEU G 55 -46.50 -21.52 49.20
CA LEU G 55 -46.08 -20.93 50.46
C LEU G 55 -44.58 -21.10 50.67
N LEU G 56 -44.06 -22.27 50.28
CA LEU G 56 -42.64 -22.52 50.49
C LEU G 56 -41.78 -21.70 49.54
N LYS G 57 -42.14 -21.68 48.25
CA LYS G 57 -41.39 -20.89 47.30
C LYS G 57 -41.29 -19.44 47.75
N TYR G 58 -42.40 -18.88 48.22
CA TYR G 58 -42.37 -17.48 48.61
C TYR G 58 -42.33 -17.31 50.12
N GLY G 59 -42.20 -18.40 50.87
CA GLY G 59 -42.31 -18.35 52.30
C GLY G 59 -43.56 -17.68 52.81
N LEU G 60 -44.55 -17.45 51.94
CA LEU G 60 -45.68 -16.62 52.30
C LEU G 60 -46.89 -17.00 51.48
N LEU G 61 -48.06 -16.57 51.94
CA LEU G 61 -49.30 -16.66 51.19
C LEU G 61 -50.19 -15.48 51.56
N GLU G 62 -50.77 -14.86 50.55
CA GLU G 62 -51.63 -13.70 50.72
C GLU G 62 -53.01 -14.05 50.18
N GLU G 63 -54.05 -13.84 51.00
CA GLU G 63 -55.39 -14.15 50.54
C GLU G 63 -55.83 -13.22 49.42
N ALA G 64 -55.70 -11.91 49.63
CA ALA G 64 -56.24 -10.95 48.67
C ALA G 64 -55.65 -11.13 47.29
N SER G 65 -54.45 -11.70 47.19
CA SER G 65 -53.80 -11.94 45.91
C SER G 65 -54.03 -13.36 45.41
N LYS G 66 -53.95 -14.35 46.29
CA LYS G 66 -54.07 -15.76 45.93
C LYS G 66 -54.99 -16.45 46.92
N PRO G 67 -56.27 -16.06 46.95
CA PRO G 67 -57.13 -16.47 48.06
C PRO G 67 -57.30 -17.97 48.18
N ASN G 68 -57.27 -18.70 47.07
CA ASN G 68 -57.60 -20.12 47.12
C ASN G 68 -56.58 -20.91 47.91
N LEU G 69 -55.29 -20.61 47.75
CA LEU G 69 -54.27 -21.32 48.51
C LEU G 69 -54.36 -20.96 49.97
N TYR G 70 -54.60 -19.69 50.25
CA TYR G 70 -54.76 -19.23 51.63
C TYR G 70 -55.89 -19.99 52.30
N ARG G 71 -57.04 -20.08 51.62
CA ARG G 71 -58.18 -20.80 52.15
C ARG G 71 -57.90 -22.28 52.30
N ILE G 72 -57.22 -22.89 51.32
CA ILE G 72 -56.87 -24.30 51.41
C ILE G 72 -56.08 -24.55 52.68
N VAL G 73 -55.06 -23.74 52.91
CA VAL G 73 -54.26 -23.90 54.12
C VAL G 73 -55.11 -23.66 55.35
N LEU G 74 -56.00 -22.67 55.29
CA LEU G 74 -56.86 -22.37 56.44
C LEU G 74 -57.71 -23.57 56.81
N SER G 75 -58.27 -24.25 55.82
CA SER G 75 -59.06 -25.44 56.08
C SER G 75 -58.16 -26.59 56.51
N HIS G 76 -56.88 -26.54 56.17
CA HIS G 76 -56.01 -27.68 56.43
C HIS G 76 -54.75 -27.24 57.16
N PRO G 77 -54.88 -26.56 58.29
CA PRO G 77 -53.68 -26.12 59.00
C PRO G 77 -53.00 -27.22 59.77
N GLU G 78 -53.78 -28.12 60.37
CA GLU G 78 -53.18 -29.24 61.08
C GLU G 78 -52.31 -30.08 60.17
N GLU G 79 -52.85 -30.43 59.01
CA GLU G 79 -52.09 -31.23 58.05
C GLU G 79 -50.87 -30.46 57.58
N VAL G 80 -51.03 -29.16 57.35
CA VAL G 80 -49.91 -28.35 56.89
C VAL G 80 -48.78 -28.39 57.91
N THR G 81 -49.10 -28.10 59.17
CA THR G 81 -48.07 -28.10 60.20
C THR G 81 -47.49 -29.48 60.39
N ARG G 82 -48.32 -30.53 60.30
CA ARG G 82 -47.78 -31.88 60.36
C ARG G 82 -46.74 -32.09 59.28
N ILE G 83 -47.05 -31.63 58.06
CA ILE G 83 -46.07 -31.71 56.98
C ILE G 83 -44.80 -30.97 57.38
N LEU G 84 -44.96 -29.80 58.01
CA LEU G 84 -43.79 -29.07 58.46
C LEU G 84 -43.13 -29.75 59.65
N GLU G 85 -43.88 -30.58 60.36
CA GLU G 85 -43.40 -31.12 61.63
C GLU G 85 -42.05 -31.82 61.51
N PRO G 86 -41.85 -32.75 60.57
CA PRO G 86 -40.51 -33.32 60.41
C PRO G 86 -39.45 -32.29 60.10
N LEU G 87 -39.79 -31.31 59.27
CA LEU G 87 -38.79 -30.36 58.81
C LEU G 87 -38.47 -29.31 59.83
N ASP G 88 -39.08 -29.36 61.01
CA ASP G 88 -38.90 -28.34 62.02
C ASP G 88 -39.35 -26.98 61.50
N LEU G 89 -40.46 -26.96 60.79
CA LEU G 89 -41.04 -25.74 60.27
C LEU G 89 -42.42 -25.52 60.87
N ASP G 90 -43.01 -24.38 60.54
CA ASP G 90 -44.32 -24.02 61.04
C ASP G 90 -44.72 -22.71 60.39
N ILE G 91 -45.99 -22.35 60.52
CA ILE G 91 -46.50 -21.12 59.93
C ILE G 91 -47.09 -20.25 61.01
N GLY G 92 -46.79 -18.96 60.95
CA GLY G 92 -47.53 -17.95 61.67
C GLY G 92 -48.51 -17.28 60.72
N ILE G 93 -49.56 -16.71 61.30
CA ILE G 93 -50.69 -16.22 60.52
C ILE G 93 -51.03 -14.81 60.94
N ASP G 94 -51.66 -14.07 60.02
CA ASP G 94 -52.20 -12.74 60.30
C ASP G 94 -53.41 -12.57 59.40
N GLU G 95 -54.59 -12.82 59.96
CA GLU G 95 -55.80 -12.79 59.14
C GLU G 95 -56.07 -11.39 58.61
N ILE G 96 -55.91 -10.38 59.46
CA ILE G 96 -56.26 -9.02 59.04
C ILE G 96 -55.32 -8.55 57.93
N ARG G 97 -54.02 -8.72 58.11
CA ARG G 97 -53.09 -8.45 57.04
C ARG G 97 -53.17 -9.51 55.94
N GLY G 98 -53.91 -10.60 56.18
CA GLY G 98 -54.12 -11.61 55.17
C GLY G 98 -52.85 -12.31 54.72
N LEU G 99 -52.01 -12.73 55.66
CA LEU G 99 -50.74 -13.34 55.34
C LEU G 99 -50.50 -14.60 56.17
N LEU G 100 -49.88 -15.57 55.53
CA LEU G 100 -49.26 -16.69 56.19
C LEU G 100 -47.77 -16.65 55.90
N TYR G 101 -46.97 -17.15 56.83
CA TYR G 101 -45.54 -17.15 56.67
C TYR G 101 -44.95 -18.33 57.40
N VAL G 102 -43.87 -18.85 56.87
CA VAL G 102 -43.18 -20.01 57.44
C VAL G 102 -42.41 -19.54 58.66
N LYS G 103 -41.89 -20.49 59.42
CA LYS G 103 -41.14 -20.17 60.63
C LYS G 103 -40.62 -21.46 61.23
N VAL G 104 -39.49 -21.34 61.93
CA VAL G 104 -38.82 -22.49 62.52
C VAL G 104 -39.64 -22.97 63.71
N ARG G 105 -39.90 -24.27 63.75
CA ARG G 105 -40.66 -24.85 64.85
C ARG G 105 -39.84 -24.97 66.13
N LEU G 106 -38.51 -25.06 66.02
CA LEU G 106 -37.68 -25.32 67.18
C LEU G 106 -37.85 -24.24 68.23
N ASP G 107 -37.52 -24.59 69.46
CA ASP G 107 -37.44 -23.61 70.54
C ASP G 107 -36.14 -22.82 70.42
N GLU G 108 -36.04 -21.75 71.20
CA GLU G 108 -34.86 -20.90 71.17
C GLU G 108 -33.79 -21.44 72.11
N THR G 109 -32.57 -21.56 71.60
CA THR G 109 -31.39 -22.04 72.32
C THR G 109 -31.67 -23.24 73.20
N PRO G 110 -32.31 -24.30 72.69
CA PRO G 110 -32.39 -25.53 73.49
C PRO G 110 -31.07 -26.27 73.57
N ALA G 111 -30.36 -26.38 72.45
CA ALA G 111 -29.05 -27.03 72.44
C ALA G 111 -28.00 -26.24 71.67
N GLN G 112 -28.30 -25.00 71.27
CA GLN G 112 -27.35 -24.16 70.56
C GLN G 112 -27.39 -22.77 71.17
N ASP G 113 -26.26 -22.06 71.08
CA ASP G 113 -26.24 -20.66 71.47
C ASP G 113 -27.14 -19.84 70.54
N GLU G 114 -27.09 -20.12 69.25
CA GLU G 114 -27.90 -19.43 68.26
C GLU G 114 -28.51 -20.45 67.32
N TRP G 115 -29.81 -20.32 67.05
CA TRP G 115 -30.50 -21.34 66.29
C TRP G 115 -29.97 -21.41 64.87
N ALA G 116 -29.82 -22.62 64.36
CA ALA G 116 -29.33 -22.87 63.01
C ALA G 116 -30.27 -23.86 62.32
N HIS G 117 -30.91 -23.42 61.25
CA HIS G 117 -31.80 -24.28 60.48
C HIS G 117 -31.18 -24.56 59.13
N PRO G 118 -30.90 -25.81 58.77
CA PRO G 118 -30.20 -26.06 57.51
C PRO G 118 -30.87 -25.46 56.29
N LEU G 119 -32.19 -25.50 56.21
CA LEU G 119 -32.89 -25.08 55.01
C LEU G 119 -33.18 -23.59 54.97
N VAL G 120 -32.64 -22.83 55.91
CA VAL G 120 -32.88 -21.38 55.98
C VAL G 120 -31.54 -20.73 56.26
N ARG G 121 -30.99 -20.02 55.27
CA ARG G 121 -29.77 -19.27 55.48
C ARG G 121 -30.09 -17.90 56.06
N ARG G 122 -29.51 -17.60 57.22
CA ARG G 122 -29.77 -16.35 57.92
C ARG G 122 -28.90 -15.25 57.29
N GLN G 123 -29.35 -14.77 56.15
CA GLN G 123 -28.65 -13.71 55.45
C GLN G 123 -28.70 -12.42 56.25
N ARG G 124 -27.56 -11.74 56.33
CA ARG G 124 -27.50 -10.44 56.98
C ARG G 124 -27.60 -9.34 55.93
N LEU G 125 -28.74 -8.67 55.88
CA LEU G 125 -28.91 -7.53 55.00
C LEU G 125 -27.79 -6.53 55.21
N ASN G 126 -27.21 -6.07 54.11
CA ASN G 126 -26.19 -5.03 54.17
C ASN G 126 -26.82 -3.73 54.68
N LEU G 127 -25.98 -2.71 54.76
CA LEU G 127 -26.39 -1.46 55.38
C LEU G 127 -27.59 -0.85 54.68
N GLU G 128 -27.50 -0.68 53.35
CA GLU G 128 -28.54 0.05 52.63
C GLU G 128 -29.87 -0.66 52.75
N GLN G 129 -29.85 -1.97 52.63
CA GLN G 129 -31.07 -2.75 52.71
C GLN G 129 -31.71 -2.59 54.08
N SER G 130 -30.91 -2.68 55.14
CA SER G 130 -31.45 -2.51 56.48
C SER G 130 -32.02 -1.10 56.66
N LEU G 131 -31.34 -0.10 56.12
CA LEU G 131 -31.83 1.27 56.19
C LEU G 131 -33.21 1.39 55.55
N LEU G 132 -33.31 0.94 54.30
CA LEU G 132 -34.59 1.00 53.61
C LEU G 132 -35.63 0.21 54.37
N VAL G 133 -35.22 -0.90 54.98
CA VAL G 133 -36.15 -1.74 55.73
C VAL G 133 -36.70 -0.96 56.91
N ALA G 134 -35.84 -0.26 57.63
CA ALA G 134 -36.32 0.52 58.77
C ALA G 134 -37.28 1.61 58.30
N ILE G 135 -36.94 2.27 57.20
CA ILE G 135 -37.82 3.31 56.69
C ILE G 135 -39.17 2.72 56.33
N LEU G 136 -39.17 1.58 55.64
CA LEU G 136 -40.42 0.98 55.24
C LEU G 136 -41.18 0.42 56.44
N ARG G 137 -40.47 0.00 57.48
CA ARG G 137 -41.12 -0.46 58.70
C ARG G 137 -41.89 0.68 59.34
N GLN G 138 -41.23 1.80 59.58
CA GLN G 138 -41.93 2.92 60.18
C GLN G 138 -43.01 3.43 59.27
N HIS G 139 -42.81 3.37 57.95
CA HIS G 139 -43.84 3.83 57.03
C HIS G 139 -45.05 2.91 57.07
N PHE G 140 -44.81 1.60 57.14
CA PHE G 140 -45.91 0.65 57.27
C PHE G 140 -46.69 0.91 58.55
N VAL G 141 -45.96 1.19 59.63
CA VAL G 141 -46.61 1.55 60.89
C VAL G 141 -47.47 2.79 60.70
N ALA G 142 -46.89 3.82 60.09
CA ALA G 142 -47.61 5.07 59.92
C ALA G 142 -48.84 4.88 59.06
N TRP G 143 -48.72 4.12 57.97
CA TRP G 143 -49.86 3.86 57.12
C TRP G 143 -50.93 3.08 57.86
N GLU G 144 -50.52 2.11 58.68
CA GLU G 144 -51.47 1.37 59.49
C GLU G 144 -52.19 2.29 60.47
N GLN G 145 -51.51 3.35 60.93
CA GLN G 145 -52.20 4.37 61.70
C GLN G 145 -53.18 5.16 60.83
N GLU G 146 -52.78 5.44 59.59
CA GLU G 146 -53.58 6.30 58.73
C GLU G 146 -54.73 5.54 58.06
N SER G 147 -54.65 4.22 57.99
CA SER G 147 -55.62 3.43 57.25
C SER G 147 -56.04 2.16 57.97
N GLY G 148 -55.50 1.87 59.14
CA GLY G 148 -55.75 0.62 59.82
C GLY G 148 -54.74 -0.45 59.44
N THR G 149 -54.70 -1.49 60.27
CA THR G 149 -53.73 -2.56 60.08
C THR G 149 -54.29 -3.61 59.13
N GLY G 150 -53.54 -3.90 58.06
CA GLY G 150 -53.87 -5.00 57.18
C GLY G 150 -54.92 -4.69 56.13
N ALA G 151 -56.10 -4.23 56.56
CA ALA G 151 -57.19 -4.01 55.62
C ALA G 151 -56.82 -3.03 54.52
N SER G 152 -55.87 -2.12 54.78
CA SER G 152 -55.38 -1.18 53.78
C SER G 152 -53.85 -1.32 53.75
N GLN G 153 -53.35 -2.04 52.75
CA GLN G 153 -51.92 -2.29 52.64
C GLN G 153 -51.17 -0.97 52.45
N ALA G 154 -49.97 -0.90 53.01
CA ALA G 154 -49.16 0.29 52.90
C ALA G 154 -48.79 0.55 51.45
N GLN G 155 -48.79 1.83 51.07
CA GLN G 155 -48.48 2.23 49.70
C GLN G 155 -47.78 3.58 49.73
N ILE G 156 -46.94 3.82 48.73
CA ILE G 156 -46.19 5.07 48.63
C ILE G 156 -45.65 5.23 47.22
N ALA G 157 -45.37 6.48 46.84
CA ALA G 157 -44.70 6.80 45.60
C ALA G 157 -43.20 6.86 45.85
N ILE G 158 -42.42 6.31 44.91
CA ILE G 158 -40.99 6.13 45.13
C ILE G 158 -40.27 7.47 45.25
N ASP G 159 -40.82 8.52 44.63
CA ASP G 159 -40.09 9.78 44.54
C ASP G 159 -39.62 10.26 45.90
N ASP G 160 -40.54 10.34 46.87
CA ASP G 160 -40.18 10.88 48.17
C ASP G 160 -39.08 10.08 48.84
N LEU G 161 -39.02 8.77 48.57
CA LEU G 161 -38.03 7.94 49.21
C LEU G 161 -36.62 8.26 48.73
N LEU G 162 -36.47 8.61 47.46
CA LEU G 162 -35.14 8.84 46.91
C LEU G 162 -34.39 9.92 47.68
N PRO G 163 -34.98 11.10 47.96
CA PRO G 163 -34.23 12.10 48.74
C PRO G 163 -33.79 11.61 50.10
N GLN G 164 -34.70 11.01 50.87
CA GLN G 164 -34.35 10.56 52.21
C GLN G 164 -33.23 9.54 52.16
N LEU G 165 -33.36 8.57 51.26
CA LEU G 165 -32.38 7.50 51.17
C LEU G 165 -31.05 8.02 50.68
N GLN G 166 -31.06 8.97 49.74
CA GLN G 166 -29.82 9.58 49.31
C GLN G 166 -29.16 10.33 50.46
N ILE G 167 -29.97 11.04 51.25
CA ILE G 167 -29.44 11.73 52.41
C ILE G 167 -28.73 10.75 53.33
N TYR G 168 -29.38 9.62 53.61
CA TYR G 168 -28.80 8.68 54.56
C TYR G 168 -27.64 7.91 53.95
N LEU G 169 -27.59 7.82 52.62
CA LEU G 169 -26.62 6.93 51.97
C LEU G 169 -25.37 7.68 51.53
N GLY G 170 -25.54 8.65 50.64
CA GLY G 170 -24.43 9.26 49.94
C GLY G 170 -24.57 9.02 48.44
N ASP G 171 -24.41 10.08 47.66
CA ASP G 171 -24.68 9.99 46.23
C ASP G 171 -23.74 8.99 45.58
N PRO G 172 -24.25 8.02 44.81
CA PRO G 172 -23.37 7.16 44.02
C PRO G 172 -22.86 7.78 42.74
N GLY G 173 -23.32 8.98 42.39
CA GLY G 173 -22.81 9.67 41.22
C GLY G 173 -23.83 10.48 40.45
N SER G 174 -25.12 10.19 40.60
CA SER G 174 -26.15 10.94 39.90
C SER G 174 -27.52 10.56 40.44
N GLU G 175 -28.51 11.40 40.12
CA GLU G 175 -29.88 11.11 40.51
C GLU G 175 -30.38 9.84 39.82
N SER G 176 -30.06 9.68 38.54
CA SER G 176 -30.41 8.45 37.87
C SER G 176 -29.72 7.25 38.51
N LYS G 177 -28.50 7.44 38.99
CA LYS G 177 -27.84 6.37 39.73
C LYS G 177 -28.56 6.09 41.04
N GLU G 178 -29.09 7.15 41.67
CA GLU G 178 -29.95 6.94 42.84
C GLU G 178 -31.16 6.09 42.48
N ARG G 179 -31.79 6.40 41.35
CA ARG G 179 -32.93 5.60 40.90
C ARG G 179 -32.51 4.16 40.69
N THR G 180 -31.37 3.95 40.04
CA THR G 180 -30.92 2.59 39.75
C THR G 180 -30.67 1.81 41.04
N ARG G 181 -29.94 2.41 41.97
CA ARG G 181 -29.65 1.72 43.22
C ARG G 181 -30.92 1.46 44.01
N LEU G 182 -31.81 2.44 44.05
CA LEU G 182 -33.07 2.26 44.77
C LEU G 182 -33.91 1.16 44.13
N LEU G 183 -33.92 1.09 42.81
CA LEU G 183 -34.70 0.06 42.14
C LEU G 183 -34.08 -1.31 42.37
N THR G 184 -32.75 -1.39 42.41
CA THR G 184 -32.10 -2.63 42.79
C THR G 184 -32.54 -3.05 44.18
N LEU G 185 -32.57 -2.10 45.11
CA LEU G 185 -32.99 -2.39 46.47
C LEU G 185 -34.44 -2.86 46.49
N LEU G 186 -35.30 -2.17 45.74
CA LEU G 186 -36.71 -2.53 45.70
C LEU G 186 -36.88 -3.92 45.13
N ASP G 187 -36.13 -4.25 44.09
CA ASP G 187 -36.18 -5.58 43.52
C ASP G 187 -35.72 -6.63 44.53
N GLN G 188 -34.65 -6.34 45.27
CA GLN G 188 -34.16 -7.32 46.24
C GLN G 188 -35.18 -7.50 47.36
N LEU G 189 -35.81 -6.42 47.79
CA LEU G 189 -36.91 -6.53 48.75
C LEU G 189 -38.00 -7.41 48.21
N LYS G 190 -38.48 -7.09 47.00
CA LYS G 190 -39.54 -7.85 46.37
C LYS G 190 -39.18 -9.33 46.29
N GLY G 191 -37.92 -9.62 45.98
CA GLY G 191 -37.46 -10.99 46.00
C GLY G 191 -37.51 -11.58 47.39
N HIS G 192 -37.24 -10.76 48.40
CA HIS G 192 -37.39 -11.17 49.78
C HIS G 192 -38.81 -11.01 50.27
N GLY G 193 -39.78 -10.90 49.35
CA GLY G 193 -41.17 -10.80 49.72
C GLY G 193 -41.51 -9.59 50.54
N LEU G 194 -40.91 -8.44 50.26
CA LEU G 194 -41.02 -7.28 51.12
C LEU G 194 -41.70 -6.10 50.44
N VAL G 195 -41.77 -6.09 49.12
CA VAL G 195 -42.41 -5.00 48.38
C VAL G 195 -42.92 -5.54 47.06
N THR G 196 -43.83 -4.78 46.46
CA THR G 196 -44.20 -5.01 45.08
C THR G 196 -43.37 -4.12 44.17
N SER G 197 -43.48 -4.38 42.87
CA SER G 197 -42.69 -3.61 41.91
C SER G 197 -43.16 -2.16 41.88
N PRO G 198 -42.31 -1.24 41.46
CA PRO G 198 -42.78 0.13 41.19
C PRO G 198 -43.52 0.19 39.87
N ASP G 199 -44.80 0.55 39.92
CA ASP G 199 -45.66 0.49 38.75
C ASP G 199 -45.42 1.67 37.84
N ALA G 200 -46.36 1.95 36.93
CA ALA G 200 -46.23 3.12 36.07
C ALA G 200 -45.95 4.38 36.87
N HIS G 201 -46.69 4.61 37.95
CA HIS G 201 -46.46 5.75 38.83
C HIS G 201 -45.39 5.49 39.87
N GLU G 202 -44.70 4.35 39.78
CA GLU G 202 -43.74 3.91 40.79
C GLU G 202 -44.37 3.98 42.18
N ARG G 203 -45.54 3.37 42.29
CA ARG G 203 -46.19 3.13 43.56
C ARG G 203 -45.99 1.68 43.94
N ILE G 204 -45.74 1.45 45.22
CA ILE G 204 -45.39 0.12 45.71
C ILE G 204 -46.29 -0.23 46.88
N VAL G 205 -46.45 -1.53 47.11
CA VAL G 205 -47.19 -2.05 48.25
C VAL G 205 -46.19 -2.77 49.14
N ILE G 206 -46.14 -2.37 50.40
CA ILE G 206 -45.20 -2.94 51.36
C ILE G 206 -45.83 -4.20 51.93
N ARG G 207 -45.10 -5.29 51.87
CA ARG G 207 -45.65 -6.60 52.19
C ARG G 207 -45.78 -6.74 53.71
N PRO G 208 -46.82 -7.43 54.19
CA PRO G 208 -47.03 -7.53 55.64
C PRO G 208 -45.89 -8.19 56.39
N ILE G 209 -45.05 -8.97 55.71
CA ILE G 209 -44.00 -9.70 56.42
C ILE G 209 -43.08 -8.74 57.15
N ILE G 210 -42.95 -7.52 56.66
CA ILE G 210 -42.18 -6.51 57.39
C ILE G 210 -42.73 -6.37 58.80
N ALA G 211 -44.05 -6.34 58.94
CA ALA G 211 -44.66 -6.27 60.26
C ALA G 211 -44.23 -7.42 61.14
N HIS G 212 -43.97 -8.59 60.56
CA HIS G 212 -43.64 -9.76 61.37
C HIS G 212 -42.14 -9.95 61.49
N LEU G 213 -41.35 -9.06 60.92
CA LEU G 213 -39.90 -9.25 60.83
C LEU G 213 -39.31 -9.58 62.20
N ALA G 214 -38.15 -10.23 62.20
CA ALA G 214 -37.59 -10.78 63.42
C ALA G 214 -37.17 -9.68 64.41
N ASP G 215 -36.23 -8.84 64.02
CA ASP G 215 -35.57 -7.91 64.92
C ASP G 215 -35.90 -6.46 64.56
N PRO G 216 -37.14 -6.04 64.76
CA PRO G 216 -37.48 -4.63 64.51
C PRO G 216 -36.70 -3.67 65.38
N ILE G 217 -36.36 -4.08 66.61
CA ILE G 217 -35.66 -3.17 67.51
C ILE G 217 -34.27 -2.87 66.99
N ASN G 218 -33.59 -3.88 66.46
CA ASN G 218 -32.26 -3.64 65.91
C ASN G 218 -32.32 -2.69 64.73
N LEU G 219 -33.33 -2.83 63.87
CA LEU G 219 -33.51 -1.90 62.76
C LEU G 219 -33.82 -0.50 63.26
N GLN G 220 -34.64 -0.38 64.31
CA GLN G 220 -34.93 0.93 64.86
C GLN G 220 -33.68 1.57 65.45
N ALA G 221 -32.84 0.76 66.11
CA ALA G 221 -31.58 1.27 66.63
C ALA G 221 -30.67 1.72 65.49
N LEU G 222 -30.66 0.96 64.39
CA LEU G 222 -29.88 1.37 63.23
C LEU G 222 -30.40 2.68 62.66
N LEU G 223 -31.72 2.85 62.62
CA LEU G 223 -32.30 4.11 62.16
C LEU G 223 -31.90 5.26 63.09
N ALA G 224 -31.91 4.99 64.39
CA ALA G 224 -31.46 6.01 65.34
C ALA G 224 -30.01 6.38 65.07
N TRP G 225 -29.16 5.37 64.85
CA TRP G 225 -27.77 5.63 64.49
C TRP G 225 -27.68 6.48 63.22
N LEU G 226 -28.53 6.17 62.25
CA LEU G 226 -28.47 6.86 60.96
C LEU G 226 -28.83 8.33 61.13
N ARG G 227 -29.98 8.60 61.74
CA ARG G 227 -30.40 9.99 61.95
C ARG G 227 -29.42 10.71 62.85
N GLU G 228 -28.89 10.02 63.86
CA GLU G 228 -27.81 10.56 64.68
C GLU G 228 -26.63 11.00 63.85
N GLN G 229 -26.15 10.13 62.97
CA GLN G 229 -24.99 10.45 62.14
C GLN G 229 -25.31 11.63 61.24
N ILE G 230 -26.50 11.64 60.64
CA ILE G 230 -26.87 12.73 59.76
C ILE G 230 -26.94 14.04 60.52
N ALA G 231 -27.43 14.01 61.76
CA ALA G 231 -27.57 15.23 62.55
C ALA G 231 -26.21 15.76 62.98
N GLN G 232 -25.31 14.89 63.41
CA GLN G 232 -24.01 15.37 63.89
C GLN G 232 -23.13 15.86 62.76
N GLN G 233 -23.28 15.30 61.57
CA GLN G 233 -22.39 15.65 60.47
C GLN G 233 -22.78 16.98 59.83
N THR G 234 -23.60 17.77 60.51
CA THR G 234 -23.95 19.10 60.07
C THR G 234 -24.04 20.05 61.26
N MET H 5 1.25 -29.90 -12.46
CA MET H 5 1.22 -28.41 -12.42
C MET H 5 0.05 -27.87 -13.23
N GLU H 6 -0.27 -28.56 -14.32
CA GLU H 6 -1.36 -28.12 -15.17
C GLU H 6 -2.68 -28.08 -14.41
N GLU H 7 -2.95 -29.10 -13.59
CA GLU H 7 -4.06 -29.00 -12.67
C GLU H 7 -3.92 -27.75 -11.82
N ASN H 8 -2.74 -27.53 -11.25
CA ASN H 8 -2.53 -26.34 -10.45
C ASN H 8 -2.73 -25.08 -11.28
N THR H 9 -2.62 -25.18 -12.60
CA THR H 9 -2.79 -23.99 -13.43
C THR H 9 -4.16 -23.38 -13.24
N ARG H 10 -5.14 -24.14 -12.79
CA ARG H 10 -6.43 -23.60 -12.40
C ARG H 10 -6.65 -23.68 -10.89
N GLN H 11 -6.29 -24.80 -10.29
CA GLN H 11 -6.45 -24.96 -8.85
C GLN H 11 -5.71 -23.90 -8.07
N ARG H 12 -4.65 -23.33 -8.65
CA ARG H 12 -3.85 -22.37 -7.90
C ARG H 12 -4.69 -21.19 -7.46
N THR H 13 -5.49 -20.64 -8.37
CA THR H 13 -6.35 -19.53 -7.98
C THR H 13 -7.24 -19.91 -6.81
N GLU H 14 -7.56 -21.19 -6.68
CA GLU H 14 -8.35 -21.61 -5.53
C GLU H 14 -7.57 -21.43 -4.25
N ASN H 15 -6.32 -21.89 -4.21
CA ASN H 15 -5.52 -21.72 -3.01
C ASN H 15 -5.48 -20.26 -2.60
N TYR H 16 -5.12 -19.38 -3.52
CA TYR H 16 -4.98 -17.98 -3.17
C TYR H 16 -6.30 -17.40 -2.71
N ILE H 17 -7.39 -17.76 -3.37
CA ILE H 17 -8.69 -17.31 -2.89
C ILE H 17 -8.90 -17.78 -1.46
N SER H 18 -8.39 -18.96 -1.14
CA SER H 18 -8.52 -19.47 0.23
C SER H 18 -7.72 -18.62 1.20
N ALA H 19 -6.45 -18.38 0.91
CA ALA H 19 -5.60 -17.68 1.85
C ALA H 19 -6.20 -16.33 2.21
N LYS H 20 -6.55 -15.54 1.19
CA LYS H 20 -7.00 -14.18 1.44
C LYS H 20 -8.30 -14.13 2.23
N ASN H 21 -8.97 -15.27 2.41
CA ASN H 21 -10.18 -15.27 3.22
C ASN H 21 -9.92 -15.80 4.62
N GLN H 22 -8.96 -16.69 4.79
CA GLN H 22 -8.81 -17.39 6.06
C GLN H 22 -7.42 -17.25 6.69
N HIS H 23 -6.36 -17.37 5.92
CA HIS H 23 -5.04 -17.52 6.52
C HIS H 23 -4.73 -16.29 7.37
N PRO H 24 -4.31 -16.47 8.62
CA PRO H 24 -4.20 -15.30 9.50
C PRO H 24 -3.28 -14.23 8.95
N ALA H 25 -2.02 -14.59 8.67
CA ALA H 25 -1.04 -13.58 8.29
C ALA H 25 -1.56 -12.72 7.16
N TRP H 26 -2.04 -13.36 6.09
CA TRP H 26 -2.57 -12.62 4.97
C TRP H 26 -3.66 -11.66 5.42
N ILE H 27 -4.62 -12.15 6.20
CA ILE H 27 -5.70 -11.28 6.65
C ILE H 27 -5.11 -10.09 7.41
N LEU H 28 -4.09 -10.35 8.22
CA LEU H 28 -3.46 -9.28 8.98
C LEU H 28 -2.89 -8.22 8.06
N LEU H 29 -2.17 -8.63 7.03
CA LEU H 29 -1.52 -7.65 6.17
C LEU H 29 -2.54 -6.74 5.52
N ALA H 30 -3.81 -7.11 5.53
CA ALA H 30 -4.83 -6.37 4.81
C ALA H 30 -5.45 -5.24 5.62
N THR H 31 -5.80 -5.47 6.87
CA THR H 31 -6.56 -4.47 7.60
C THR H 31 -5.79 -3.17 7.69
N ARG H 32 -6.53 -2.07 7.83
CA ARG H 32 -5.93 -0.75 7.78
C ARG H 32 -4.90 -0.57 8.89
N ARG H 33 -5.25 -0.97 10.10
CA ARG H 33 -4.37 -0.73 11.25
C ARG H 33 -3.11 -1.56 11.19
N ALA H 34 -3.00 -2.47 10.24
CA ALA H 34 -2.06 -3.58 10.36
C ALA H 34 -0.64 -3.17 10.71
N PRO H 35 0.01 -2.24 10.02
CA PRO H 35 1.45 -2.06 10.24
C PRO H 35 1.79 -1.77 11.68
N LEU H 36 0.99 -0.95 12.35
CA LEU H 36 1.28 -0.64 13.75
C LEU H 36 1.31 -1.92 14.56
N VAL H 37 0.28 -2.73 14.43
CA VAL H 37 0.18 -3.95 15.22
C VAL H 37 1.35 -4.86 14.91
N LEU H 38 1.64 -5.06 13.63
CA LEU H 38 2.71 -5.99 13.29
C LEU H 38 4.04 -5.51 13.84
N SER H 39 4.34 -4.21 13.65
CA SER H 39 5.59 -3.68 14.17
C SER H 39 5.69 -3.91 15.66
N ALA H 40 4.63 -3.58 16.39
CA ALA H 40 4.68 -3.72 17.85
C ALA H 40 4.91 -5.17 18.23
N LEU H 41 4.21 -6.08 17.57
CA LEU H 41 4.36 -7.48 17.92
C LEU H 41 5.79 -7.93 17.70
N LYS H 42 6.40 -7.52 16.60
CA LYS H 42 7.79 -7.87 16.43
C LYS H 42 8.63 -7.26 17.54
N THR H 43 8.33 -6.02 17.91
CA THR H 43 9.09 -5.40 18.98
C THR H 43 9.10 -6.31 20.19
N LEU H 44 7.92 -6.75 20.61
CA LEU H 44 7.84 -7.64 21.75
C LEU H 44 8.67 -8.88 21.52
N PHE H 45 8.29 -9.70 20.53
CA PHE H 45 8.91 -11.01 20.39
C PHE H 45 10.40 -10.91 20.13
N GLU H 46 10.87 -9.76 19.68
CA GLU H 46 12.26 -9.63 19.26
C GLU H 46 13.19 -10.07 20.37
N LYS H 47 13.03 -9.49 21.56
CA LYS H 47 13.86 -9.89 22.69
C LYS H 47 13.66 -11.37 23.03
N SER H 48 12.43 -11.85 22.96
CA SER H 48 12.09 -13.15 23.48
C SER H 48 12.72 -14.24 22.63
N HIS H 49 13.16 -15.29 23.32
CA HIS H 49 13.64 -16.50 22.65
C HIS H 49 13.11 -17.75 23.35
N ASP H 50 12.44 -17.58 24.48
CA ASP H 50 11.70 -18.66 25.12
C ASP H 50 10.23 -18.31 25.34
N GLY H 51 9.75 -17.20 24.78
CA GLY H 51 8.41 -16.75 25.05
C GLY H 51 8.37 -15.83 26.24
N ILE H 52 7.42 -14.89 26.25
CA ILE H 52 7.30 -13.95 27.34
C ILE H 52 6.26 -14.43 28.35
N PRO H 53 6.52 -14.37 29.63
CA PRO H 53 5.45 -14.57 30.61
C PRO H 53 4.35 -13.55 30.41
N LEU H 54 3.10 -14.00 30.51
CA LEU H 54 1.98 -13.20 30.04
C LEU H 54 2.01 -11.81 30.62
N GLU H 55 2.20 -11.70 31.94
CA GLU H 55 2.12 -10.40 32.57
C GLU H 55 3.21 -9.48 32.04
N GLU H 56 4.43 -9.99 31.92
CA GLU H 56 5.51 -9.19 31.36
C GLU H 56 5.15 -8.73 29.96
N ALA H 57 4.61 -9.64 29.15
CA ALA H 57 4.24 -9.29 27.79
C ALA H 57 3.22 -8.15 27.80
N ILE H 58 2.16 -8.29 28.59
CA ILE H 58 1.10 -7.30 28.52
C ILE H 58 1.60 -5.95 29.02
N GLN H 59 2.43 -5.95 30.06
CA GLN H 59 2.95 -4.68 30.54
C GLN H 59 3.80 -4.01 29.47
N SER H 60 4.70 -4.78 28.85
CA SER H 60 5.51 -4.19 27.80
C SER H 60 4.63 -3.67 26.68
N LEU H 61 3.63 -4.46 26.29
CA LEU H 61 2.72 -4.01 25.26
C LEU H 61 2.13 -2.66 25.63
N SER H 62 1.57 -2.57 26.84
CA SER H 62 1.04 -1.29 27.29
C SER H 62 2.07 -0.19 27.15
N SER H 63 3.34 -0.52 27.37
CA SER H 63 4.38 0.50 27.23
C SER H 63 4.47 0.97 25.78
N ILE H 64 4.58 0.04 24.84
CA ILE H 64 4.66 0.44 23.44
C ILE H 64 3.42 1.20 23.03
N LEU H 65 2.26 0.78 23.52
CA LEU H 65 1.03 1.49 23.18
C LEU H 65 1.09 2.94 23.61
N ILE H 66 1.87 3.24 24.64
CA ILE H 66 2.06 4.63 25.04
C ILE H 66 2.84 5.38 23.97
N GLU H 67 3.79 4.68 23.33
CA GLU H 67 4.50 5.30 22.22
C GLU H 67 3.53 5.72 21.14
N HIS H 68 2.32 5.18 21.14
CA HIS H 68 1.35 5.56 20.13
C HIS H 68 0.18 6.35 20.67
N VAL H 69 0.03 6.46 22.00
CA VAL H 69 -0.76 7.57 22.50
C VAL H 69 0.02 8.85 22.23
N SER H 70 1.35 8.76 22.24
CA SER H 70 2.16 9.85 21.72
C SER H 70 2.03 9.95 20.20
N GLN H 71 1.72 8.83 19.54
CA GLN H 71 1.17 8.93 18.19
C GLN H 71 -0.31 9.31 18.30
N GLU H 72 -0.94 9.55 17.16
CA GLU H 72 -2.31 10.07 17.17
C GLU H 72 -3.21 9.40 16.16
N GLN H 73 -2.65 8.60 15.26
CA GLN H 73 -3.40 8.16 14.07
C GLN H 73 -4.15 6.84 14.26
N TYR H 74 -3.97 6.15 15.38
CA TYR H 74 -4.70 4.91 15.64
C TYR H 74 -4.96 4.75 17.13
N ASP H 75 -6.20 5.05 17.54
CA ASP H 75 -6.71 4.66 18.85
C ASP H 75 -5.85 5.18 19.99
N ILE H 76 -5.85 6.50 20.17
CA ILE H 76 -5.11 7.12 21.28
C ILE H 76 -5.75 6.67 22.58
N ASN H 77 -5.06 5.82 23.34
CA ASN H 77 -5.53 5.46 24.66
C ASN H 77 -5.38 6.63 25.62
N GLN H 78 -6.45 6.98 26.31
CA GLN H 78 -6.43 8.04 27.30
C GLN H 78 -7.20 7.61 28.55
N ASP H 79 -7.44 6.31 28.68
CA ASP H 79 -8.08 5.77 29.87
C ASP H 79 -7.16 4.77 30.57
N ASN H 80 -6.70 3.75 29.86
CA ASN H 80 -5.67 2.90 30.42
C ASN H 80 -4.88 2.19 29.33
N PRO H 81 -3.62 2.53 29.11
CA PRO H 81 -2.83 1.78 28.13
C PRO H 81 -2.71 0.32 28.49
N PHE H 82 -2.65 -0.01 29.77
CA PHE H 82 -2.62 -1.41 30.17
C PHE H 82 -3.91 -2.12 29.73
N LEU H 83 -5.04 -1.44 29.87
CA LEU H 83 -6.30 -2.02 29.41
C LEU H 83 -6.27 -2.22 27.91
N GLN H 84 -5.69 -1.26 27.20
CA GLN H 84 -5.55 -1.40 25.76
C GLN H 84 -4.71 -2.63 25.42
N ALA H 85 -3.60 -2.81 26.15
CA ALA H 85 -2.76 -3.97 25.92
C ALA H 85 -3.52 -5.26 26.17
N SER H 86 -4.30 -5.31 27.25
CA SER H 86 -5.13 -6.49 27.50
C SER H 86 -6.04 -6.78 26.33
N ARG H 87 -6.80 -5.77 25.90
CA ARG H 87 -7.78 -6.00 24.86
C ARG H 87 -7.10 -6.44 23.57
N GLU H 88 -5.98 -5.81 23.24
CA GLU H 88 -5.28 -6.16 22.02
C GLU H 88 -4.75 -7.58 22.08
N LEU H 89 -4.21 -7.98 23.22
CA LEU H 89 -3.76 -9.35 23.35
C LEU H 89 -4.92 -10.31 23.19
N ARG H 90 -6.07 -9.98 23.80
CA ARG H 90 -7.24 -10.82 23.63
C ARG H 90 -7.55 -10.98 22.16
N GLU H 91 -7.61 -9.87 21.43
CA GLU H 91 -7.96 -9.95 20.03
C GLU H 91 -6.96 -10.81 19.27
N TRP H 92 -5.67 -10.55 19.45
CA TRP H 92 -4.68 -11.23 18.64
C TRP H 92 -4.67 -12.73 18.92
N ILE H 93 -4.84 -13.11 20.18
CA ILE H 93 -5.06 -14.51 20.49
C ILE H 93 -6.28 -15.01 19.72
N LYS H 94 -7.33 -14.19 19.71
CA LYS H 94 -8.54 -14.57 19.00
C LYS H 94 -8.29 -14.70 17.51
N ARG H 95 -7.30 -13.99 16.98
CA ARG H 95 -6.95 -14.10 15.58
C ARG H 95 -5.89 -15.15 15.32
N ARG H 96 -5.67 -16.07 16.25
CA ARG H 96 -4.71 -17.15 16.08
C ARG H 96 -3.28 -16.63 15.93
N LEU H 97 -3.08 -15.33 16.05
CA LEU H 97 -1.74 -14.78 15.93
C LEU H 97 -0.83 -15.30 17.02
N ILE H 98 -1.33 -15.33 18.24
CA ILE H 98 -0.51 -15.60 19.41
C ILE H 98 -1.23 -16.64 20.27
N VAL H 99 -0.56 -17.75 20.51
CA VAL H 99 -1.06 -18.81 21.37
C VAL H 99 -0.07 -19.00 22.49
N GLU H 100 -0.60 -19.24 23.69
CA GLU H 100 0.20 -19.30 24.90
C GLU H 100 0.07 -20.66 25.55
N ARG H 101 1.21 -21.22 25.94
CA ARG H 101 1.27 -22.45 26.70
C ARG H 101 1.77 -22.11 28.10
N ASP H 102 0.96 -22.43 29.10
CA ASP H 102 1.35 -22.25 30.50
C ASP H 102 1.62 -20.78 30.82
N GLY H 103 0.87 -19.88 30.19
CA GLY H 103 1.03 -18.47 30.46
C GLY H 103 2.21 -17.82 29.76
N ARG H 104 3.09 -18.60 29.15
CA ARG H 104 4.17 -18.07 28.34
C ARG H 104 3.69 -17.96 26.89
N ILE H 105 3.34 -16.76 26.48
CA ILE H 105 2.78 -16.54 25.15
C ILE H 105 3.87 -16.84 24.13
N PHE H 106 3.45 -17.30 22.96
CA PHE H 106 4.36 -17.56 21.86
C PHE H 106 3.71 -17.06 20.57
N ALA H 107 4.49 -17.08 19.50
CA ALA H 107 4.05 -16.58 18.21
C ALA H 107 3.65 -17.74 17.30
N THR H 108 2.43 -17.70 16.80
CA THR H 108 2.02 -18.67 15.81
C THR H 108 2.81 -18.46 14.53
N ASP H 109 2.94 -19.53 13.75
CA ASP H 109 3.73 -19.44 12.53
C ASP H 109 3.19 -18.37 11.61
N ALA H 110 1.89 -18.13 11.65
CA ALA H 110 1.34 -17.05 10.85
C ALA H 110 2.07 -15.75 11.11
N LEU H 111 2.28 -15.42 12.39
CA LEU H 111 3.03 -14.22 12.70
C LEU H 111 4.47 -14.34 12.23
N GLU H 112 5.08 -15.51 12.39
CA GLU H 112 6.44 -15.70 11.88
C GLU H 112 6.54 -15.29 10.43
N VAL H 113 5.63 -15.80 9.60
CA VAL H 113 5.65 -15.46 8.19
C VAL H 113 5.43 -13.97 7.99
N ALA H 114 4.38 -13.42 8.61
CA ALA H 114 4.10 -12.01 8.40
C ALA H 114 5.33 -11.17 8.68
N ILE H 115 6.03 -11.46 9.77
CA ILE H 115 7.23 -10.70 10.08
C ILE H 115 8.28 -10.93 9.00
N THR H 116 8.51 -12.18 8.63
CA THR H 116 9.55 -12.43 7.63
C THR H 116 9.22 -11.76 6.30
N PHE H 117 7.98 -11.37 6.08
CA PHE H 117 7.62 -10.64 4.88
C PHE H 117 8.02 -9.18 4.93
N VAL H 118 8.11 -8.57 6.10
CA VAL H 118 8.34 -7.14 6.17
C VAL H 118 9.74 -6.78 6.64
N GLU H 119 10.36 -7.55 7.52
CA GLU H 119 11.73 -7.25 7.93
C GLU H 119 12.73 -7.51 6.82
N SER H 120 12.34 -8.26 5.80
CA SER H 120 13.18 -8.49 4.64
C SER H 120 12.46 -7.86 3.45
N LEU H 121 11.88 -6.68 3.70
CA LEU H 121 11.08 -6.00 2.69
C LEU H 121 11.77 -4.73 2.23
N ASP H 122 12.00 -3.79 3.14
CA ASP H 122 12.76 -2.60 2.78
C ASP H 122 14.21 -2.97 2.51
N ASN H 123 14.77 -3.84 3.34
CA ASN H 123 16.07 -4.45 3.08
C ASN H 123 15.87 -5.95 3.09
N ARG H 124 15.50 -6.48 1.94
CA ARG H 124 15.57 -7.93 1.72
C ARG H 124 17.01 -8.29 1.45
N PHE H 125 17.71 -8.76 2.47
CA PHE H 125 19.11 -9.10 2.27
C PHE H 125 19.26 -10.07 1.12
N MET H 126 20.14 -9.74 0.19
CA MET H 126 20.12 -10.37 -1.12
C MET H 126 20.66 -11.78 -1.05
N THR H 127 20.19 -12.59 -2.00
CA THR H 127 20.63 -13.96 -2.17
C THR H 127 21.47 -14.16 -3.43
N SER H 128 21.35 -13.27 -4.40
CA SER H 128 22.07 -13.37 -5.67
C SER H 128 23.53 -13.01 -5.43
N THR H 129 24.23 -13.93 -4.79
CA THR H 129 25.53 -13.66 -4.21
C THR H 129 26.53 -14.69 -4.70
N ALA H 130 27.75 -14.22 -4.96
CA ALA H 130 28.80 -15.14 -5.38
C ALA H 130 28.93 -16.29 -4.41
N SER H 131 28.79 -16.02 -3.11
CA SER H 131 28.84 -17.10 -2.14
C SER H 131 27.71 -18.09 -2.37
N ARG H 132 26.52 -17.58 -2.71
CA ARG H 132 25.42 -18.47 -3.03
C ARG H 132 25.79 -19.39 -4.18
N LEU H 133 26.46 -18.85 -5.19
CA LEU H 133 26.89 -19.66 -6.31
C LEU H 133 27.89 -20.71 -5.88
N SER H 134 28.84 -20.32 -5.04
CA SER H 134 29.78 -21.31 -4.50
C SER H 134 29.02 -22.41 -3.78
N THR H 135 27.99 -22.02 -3.03
CA THR H 135 27.18 -22.98 -2.31
C THR H 135 26.54 -23.97 -3.27
N VAL H 136 25.87 -23.46 -4.29
CA VAL H 136 25.23 -24.35 -5.25
C VAL H 136 26.26 -25.24 -5.90
N GLN H 137 27.43 -24.69 -6.18
CA GLN H 137 28.45 -25.45 -6.88
C GLN H 137 28.92 -26.63 -6.04
N ARG H 138 29.19 -26.39 -4.77
CA ARG H 138 29.55 -27.51 -3.89
C ARG H 138 28.36 -28.46 -3.76
N GLU H 139 27.15 -27.91 -3.68
CA GLU H 139 25.96 -28.75 -3.60
C GLU H 139 25.95 -29.77 -4.72
N ILE H 140 26.18 -29.31 -5.94
CA ILE H 140 26.19 -30.22 -7.07
C ILE H 140 27.40 -31.14 -6.98
N GLU H 141 28.57 -30.59 -6.69
CA GLU H 141 29.76 -31.42 -6.52
C GLU H 141 29.45 -32.63 -5.65
N ASN H 142 28.63 -32.45 -4.62
CA ASN H 142 28.34 -33.55 -3.72
C ASN H 142 27.19 -34.41 -4.26
N LEU H 143 26.10 -33.77 -4.69
CA LEU H 143 24.91 -34.50 -5.09
C LEU H 143 25.20 -35.42 -6.26
N GLU H 144 25.94 -34.93 -7.25
CA GLU H 144 26.36 -35.79 -8.34
C GLU H 144 27.14 -36.97 -7.82
N THR H 145 28.26 -36.70 -7.14
CA THR H 145 29.13 -37.78 -6.72
C THR H 145 28.36 -38.83 -5.94
N ARG H 146 27.39 -38.41 -5.13
CA ARG H 146 26.55 -39.36 -4.43
C ARG H 146 25.62 -40.12 -5.35
N LEU H 147 25.06 -39.45 -6.35
CA LEU H 147 24.14 -40.10 -7.29
C LEU H 147 24.87 -40.87 -8.37
N ASN H 148 26.19 -40.81 -8.40
CA ASN H 148 26.96 -41.54 -9.39
C ASN H 148 27.26 -42.94 -8.86
N PRO H 149 26.50 -43.96 -9.26
CA PRO H 149 26.72 -45.30 -8.69
C PRO H 149 28.01 -45.94 -9.14
N ASN H 150 28.61 -45.50 -10.22
CA ASN H 150 29.74 -46.20 -10.78
C ASN H 150 30.93 -46.13 -9.82
N PRO H 151 31.69 -47.21 -9.67
CA PRO H 151 32.86 -47.14 -8.79
C PRO H 151 33.99 -46.28 -9.33
N ALA H 152 34.44 -46.54 -10.55
CA ALA H 152 35.59 -45.83 -11.09
C ALA H 152 35.34 -44.33 -11.12
N ASN H 153 34.09 -43.91 -11.38
CA ASN H 153 33.77 -42.49 -11.36
C ASN H 153 34.06 -41.90 -10.00
N ARG H 154 33.62 -42.58 -8.94
CA ARG H 154 33.88 -42.07 -7.60
C ARG H 154 35.37 -42.10 -7.30
N VAL H 155 36.07 -43.12 -7.79
CA VAL H 155 37.51 -43.19 -7.57
C VAL H 155 38.19 -41.97 -8.17
N ALA H 156 37.84 -41.64 -9.42
CA ALA H 156 38.46 -40.50 -10.07
C ALA H 156 38.05 -39.19 -9.40
N THR H 157 36.79 -39.08 -8.99
CA THR H 157 36.35 -37.91 -8.24
C THR H 157 37.22 -37.72 -7.02
N LEU H 158 37.42 -38.79 -6.26
CA LEU H 158 38.23 -38.71 -5.06
C LEU H 158 39.66 -38.35 -5.42
N ARG H 159 40.18 -38.90 -6.51
CA ARG H 159 41.55 -38.59 -6.92
C ARG H 159 41.70 -37.10 -7.18
N ARG H 160 40.77 -36.53 -7.94
CA ARG H 160 40.87 -35.11 -8.27
C ARG H 160 40.69 -34.25 -7.01
N ARG H 161 39.78 -34.65 -6.13
CA ARG H 161 39.59 -33.87 -4.92
C ARG H 161 40.84 -33.91 -4.05
N ILE H 162 41.47 -35.08 -3.93
CA ILE H 162 42.67 -35.17 -3.10
C ILE H 162 43.79 -34.36 -3.72
N SER H 163 43.86 -34.32 -5.05
CA SER H 163 44.86 -33.46 -5.68
C SER H 163 44.59 -31.99 -5.37
N GLU H 164 43.33 -31.58 -5.45
CA GLU H 164 42.96 -30.21 -5.07
C GLU H 164 43.46 -29.88 -3.68
N LEU H 165 43.11 -30.73 -2.72
CA LEU H 165 43.49 -30.47 -1.34
C LEU H 165 45.00 -30.58 -1.15
N GLU H 166 45.66 -31.42 -1.94
CA GLU H 166 47.11 -31.50 -1.91
C GLU H 166 47.72 -30.15 -2.26
N ARG H 167 47.24 -29.54 -3.34
CA ARG H 167 47.75 -28.24 -3.74
C ARG H 167 47.43 -27.20 -2.66
N GLU H 168 46.22 -27.26 -2.10
CA GLU H 168 45.86 -26.31 -1.07
C GLU H 168 46.78 -26.42 0.13
N LEU H 169 47.09 -27.64 0.54
CA LEU H 169 48.00 -27.86 1.65
C LEU H 169 49.40 -27.38 1.33
N GLN H 170 49.86 -27.65 0.11
CA GLN H 170 51.19 -27.19 -0.26
C GLN H 170 51.28 -25.67 -0.18
N GLU H 171 50.24 -24.98 -0.64
CA GLU H 171 50.23 -23.52 -0.53
C GLU H 171 50.19 -23.09 0.93
N ALA H 172 49.32 -23.69 1.73
CA ALA H 172 49.18 -23.28 3.12
C ALA H 172 50.48 -23.47 3.88
N GLU H 173 51.16 -24.59 3.64
CA GLU H 173 52.45 -24.83 4.29
C GLU H 173 53.50 -23.84 3.80
N ALA H 174 53.35 -23.34 2.58
CA ALA H 174 54.24 -22.30 2.07
C ALA H 174 53.90 -20.92 2.61
N GLY H 175 52.96 -20.83 3.56
CA GLY H 175 52.51 -19.56 4.07
C GLY H 175 51.44 -18.91 3.24
N HIS H 176 51.11 -19.47 2.06
CA HIS H 176 50.11 -18.90 1.18
C HIS H 176 48.71 -19.37 1.57
N ILE H 177 48.25 -18.88 2.72
CA ILE H 177 46.84 -19.00 3.04
C ILE H 177 46.09 -17.78 2.51
N GLU H 178 44.78 -17.92 2.41
CA GLU H 178 43.94 -16.82 1.97
C GLU H 178 42.74 -16.68 2.89
N VAL H 179 42.37 -15.43 3.15
CA VAL H 179 41.26 -15.13 4.04
C VAL H 179 40.11 -14.56 3.22
N LEU H 180 38.89 -14.74 3.70
CA LEU H 180 37.78 -14.00 3.13
C LEU H 180 38.11 -12.53 3.24
N GLU H 181 38.34 -11.89 2.10
CA GLU H 181 38.57 -10.46 2.14
C GLU H 181 37.45 -9.81 2.94
N THR H 182 37.81 -8.76 3.67
CA THR H 182 36.94 -8.27 4.72
C THR H 182 35.53 -7.98 4.24
N HIS H 183 35.34 -7.57 2.99
CA HIS H 183 33.97 -7.38 2.52
C HIS H 183 33.32 -8.69 2.12
N GLN H 184 34.09 -9.60 1.53
CA GLN H 184 33.55 -10.88 1.15
C GLN H 184 32.97 -11.60 2.35
N ALA H 185 33.69 -11.58 3.46
CA ALA H 185 33.22 -12.26 4.65
C ALA H 185 31.83 -11.79 5.04
N VAL H 186 31.57 -10.48 4.92
CA VAL H 186 30.29 -9.97 5.39
C VAL H 186 29.14 -10.61 4.64
N GLU H 187 29.21 -10.57 3.31
CA GLU H 187 28.13 -11.16 2.53
C GLU H 187 28.10 -12.67 2.69
N HIS H 188 29.27 -13.28 2.84
CA HIS H 188 29.31 -14.72 3.05
C HIS H 188 28.53 -15.09 4.30
N ILE H 189 28.73 -14.34 5.37
CA ILE H 189 28.00 -14.58 6.60
C ILE H 189 26.52 -14.30 6.39
N ARG H 190 26.20 -13.21 5.71
CA ARG H 190 24.78 -12.92 5.53
C ARG H 190 24.10 -14.04 4.78
N ASP H 191 24.80 -14.60 3.79
CA ASP H 191 24.31 -15.77 3.08
C ASP H 191 24.08 -16.93 4.04
N VAL H 192 25.09 -17.31 4.79
CA VAL H 192 24.95 -18.49 5.63
C VAL H 192 23.80 -18.30 6.60
N TYR H 193 23.64 -17.10 7.15
CA TYR H 193 22.49 -16.83 7.99
C TYR H 193 21.20 -17.07 7.22
N ASN H 194 21.06 -16.42 6.07
CA ASN H 194 19.83 -16.58 5.32
C ASN H 194 19.50 -18.04 5.09
N LEU H 195 20.54 -18.87 4.90
CA LEU H 195 20.30 -20.27 4.64
C LEU H 195 19.58 -20.93 5.80
N ALA H 196 20.05 -20.70 7.02
CA ALA H 196 19.40 -21.32 8.17
C ALA H 196 18.02 -20.73 8.41
N SER H 197 17.79 -19.51 7.93
CA SER H 197 16.57 -18.79 8.28
C SER H 197 15.31 -19.52 7.81
N SER H 198 15.44 -20.64 7.11
CA SER H 198 14.27 -21.42 6.76
C SER H 198 13.97 -22.51 7.76
N LEU H 199 15.01 -23.19 8.29
CA LEU H 199 14.78 -24.42 9.04
C LEU H 199 13.73 -24.21 10.12
N ARG H 200 13.85 -23.15 10.91
CA ARG H 200 12.88 -22.92 11.98
C ARG H 200 11.48 -22.67 11.41
N ALA H 201 11.39 -21.87 10.36
CA ALA H 201 10.08 -21.54 9.82
C ALA H 201 9.39 -22.76 9.22
N ASP H 202 10.12 -23.86 9.03
CA ASP H 202 9.50 -25.10 8.56
C ASP H 202 9.30 -26.11 9.68
N PHE H 203 10.13 -26.10 10.70
CA PHE H 203 9.76 -26.87 11.87
C PHE H 203 8.45 -26.35 12.42
N ARG H 204 8.15 -25.07 12.18
CA ARG H 204 6.80 -24.58 12.39
C ARG H 204 5.77 -25.54 11.82
N ARG H 205 5.87 -25.85 10.53
CA ARG H 205 4.89 -26.73 9.92
C ARG H 205 5.01 -28.16 10.40
N VAL H 206 6.22 -28.61 10.72
CA VAL H 206 6.33 -29.95 11.30
C VAL H 206 5.44 -30.05 12.53
N GLU H 207 5.55 -29.05 13.40
CA GLU H 207 4.68 -29.00 14.57
C GLU H 207 3.23 -29.03 14.15
N ASP H 208 2.84 -28.13 13.24
CA ASP H 208 1.42 -28.09 12.88
C ASP H 208 0.95 -29.45 12.41
N SER H 209 1.74 -30.13 11.60
CA SER H 209 1.31 -31.41 11.06
C SER H 209 1.10 -32.43 12.16
N TRP H 210 2.08 -32.58 13.06
CA TRP H 210 1.91 -33.62 14.06
C TRP H 210 0.82 -33.25 15.06
N ARG H 211 0.66 -31.96 15.35
CA ARG H 211 -0.45 -31.54 16.18
C ARG H 211 -1.77 -31.92 15.53
N GLU H 212 -1.89 -31.68 14.24
CA GLU H 212 -3.11 -32.03 13.55
C GLU H 212 -3.33 -33.54 13.58
N ALA H 213 -2.25 -34.31 13.41
CA ALA H 213 -2.39 -35.76 13.44
C ALA H 213 -2.90 -36.23 14.79
N ASP H 214 -2.35 -35.69 15.86
CA ASP H 214 -2.85 -36.02 17.20
C ASP H 214 -4.31 -35.66 17.33
N ARG H 215 -4.69 -34.46 16.91
CA ARG H 215 -6.08 -34.05 17.03
C ARG H 215 -6.98 -35.00 16.26
N ALA H 216 -6.53 -35.43 15.09
CA ALA H 216 -7.31 -36.37 14.30
C ALA H 216 -7.46 -37.70 15.03
N LEU H 217 -6.35 -38.24 15.55
CA LEU H 217 -6.43 -39.55 16.18
C LEU H 217 -7.38 -39.51 17.37
N ARG H 218 -7.26 -38.47 18.19
CA ARG H 218 -8.26 -38.29 19.24
C ARG H 218 -9.65 -38.32 18.65
N GLN H 219 -9.95 -37.37 17.75
CA GLN H 219 -11.31 -37.22 17.27
C GLN H 219 -11.86 -38.53 16.71
N SER H 220 -10.99 -39.36 16.13
CA SER H 220 -11.45 -40.60 15.53
C SER H 220 -11.65 -41.69 16.58
N ILE H 221 -10.88 -41.63 17.67
CA ILE H 221 -10.97 -42.69 18.67
C ILE H 221 -12.36 -42.74 19.29
N ILE H 222 -13.18 -41.71 19.10
CA ILE H 222 -14.53 -41.73 19.64
C ILE H 222 -15.40 -42.75 18.95
N GLY H 223 -15.13 -43.06 17.69
CA GLY H 223 -15.91 -44.04 16.96
C GLY H 223 -15.93 -45.41 17.61
N GLU H 224 -17.07 -45.79 18.19
CA GLU H 224 -17.18 -47.09 18.85
C GLU H 224 -16.79 -48.21 17.91
N GLN H 225 -17.12 -48.06 16.63
CA GLN H 225 -16.82 -49.09 15.64
C GLN H 225 -15.37 -49.55 15.71
N TYR H 226 -14.49 -48.75 16.28
CA TYR H 226 -13.07 -49.06 16.25
C TYR H 226 -12.72 -50.09 17.30
N HIS H 227 -12.44 -51.31 16.87
CA HIS H 227 -11.75 -52.27 17.71
C HIS H 227 -10.48 -51.65 18.28
N ARG H 228 -9.94 -52.32 19.31
CA ARG H 228 -8.62 -51.99 19.78
C ARG H 228 -7.61 -52.14 18.65
N GLY H 229 -7.70 -53.23 17.89
CA GLY H 229 -6.85 -53.42 16.74
C GLY H 229 -7.02 -52.36 15.67
N ASP H 230 -8.22 -51.79 15.55
CA ASP H 230 -8.38 -50.69 14.61
C ASP H 230 -7.64 -49.45 15.06
N ILE H 231 -7.72 -49.12 16.34
CA ILE H 231 -7.07 -47.90 16.81
C ILE H 231 -5.56 -48.05 16.77
N VAL H 232 -5.04 -49.21 17.17
CA VAL H 232 -3.59 -49.38 17.11
C VAL H 232 -3.10 -49.22 15.68
N GLU H 233 -3.81 -49.81 14.72
CA GLU H 233 -3.41 -49.67 13.33
C GLU H 233 -3.49 -48.23 12.89
N ARG H 234 -4.56 -47.53 13.28
CA ARG H 234 -4.66 -46.13 12.90
C ARG H 234 -3.49 -45.35 13.44
N LEU H 235 -3.10 -45.60 14.68
CA LEU H 235 -1.94 -44.93 15.23
C LEU H 235 -0.71 -45.20 14.38
N LEU H 236 -0.40 -46.47 14.17
CA LEU H 236 0.84 -46.78 13.47
C LEU H 236 0.84 -46.17 12.08
N ASN H 237 -0.29 -46.23 11.39
CA ASN H 237 -0.35 -45.69 10.05
C ASN H 237 -0.28 -44.18 10.04
N ASP H 238 -0.92 -43.51 10.99
CA ASP H 238 -0.80 -42.07 11.05
C ASP H 238 0.66 -41.68 11.23
N GLN H 239 1.36 -42.36 12.13
CA GLN H 239 2.76 -41.99 12.36
C GLN H 239 3.61 -42.26 11.13
N ASP H 240 3.43 -43.41 10.48
CA ASP H 240 4.21 -43.68 9.29
C ASP H 240 3.95 -42.64 8.20
N ALA H 241 2.68 -42.33 7.96
CA ALA H 241 2.35 -41.33 6.95
C ALA H 241 2.99 -39.99 7.28
N LEU H 242 2.76 -39.49 8.50
CA LEU H 242 3.33 -38.21 8.86
C LEU H 242 4.85 -38.23 8.75
N LEU H 243 5.45 -39.40 8.92
CA LEU H 243 6.91 -39.48 8.80
C LEU H 243 7.37 -39.40 7.35
N ASN H 244 6.69 -40.09 6.45
CA ASN H 244 7.20 -40.14 5.08
C ASN H 244 6.91 -38.87 4.30
N THR H 245 5.99 -38.03 4.76
CA THR H 245 5.76 -36.76 4.11
C THR H 245 7.00 -35.86 4.27
N PRO H 246 7.19 -34.90 3.36
CA PRO H 246 8.44 -34.13 3.37
C PRO H 246 8.78 -33.57 4.72
N GLU H 247 7.89 -32.79 5.33
CA GLU H 247 8.15 -32.28 6.67
C GLU H 247 8.56 -33.40 7.59
N GLY H 248 7.90 -34.55 7.47
CA GLY H 248 8.32 -35.69 8.26
C GLY H 248 9.72 -36.12 7.94
N ARG H 249 10.09 -36.07 6.66
CA ARG H 249 11.44 -36.43 6.28
C ARG H 249 12.43 -35.47 6.92
N VAL H 250 12.09 -34.19 6.95
CA VAL H 250 12.94 -33.20 7.59
C VAL H 250 13.12 -33.57 9.06
N PHE H 251 12.01 -33.82 9.74
CA PHE H 251 12.09 -34.13 11.16
C PHE H 251 12.95 -35.36 11.38
N ASP H 252 12.73 -36.39 10.56
CA ASP H 252 13.47 -37.63 10.71
C ASP H 252 14.95 -37.41 10.47
N SER H 253 15.28 -36.62 9.46
CA SER H 253 16.68 -36.32 9.22
C SER H 253 17.28 -35.65 10.45
N PHE H 254 16.59 -34.64 10.97
CA PHE H 254 17.09 -33.96 12.15
C PHE H 254 17.34 -34.98 13.26
N GLN H 255 16.37 -35.84 13.51
CA GLN H 255 16.52 -36.82 14.57
C GLN H 255 17.73 -37.71 14.33
N GLN H 256 17.88 -38.19 13.09
CA GLN H 256 19.01 -39.03 12.78
C GLN H 256 20.32 -38.32 13.07
N GLN H 257 20.36 -37.02 12.80
CA GLN H 257 21.55 -36.27 13.16
C GLN H 257 21.82 -36.38 14.65
N LEU H 258 20.77 -36.30 15.45
CA LEU H 258 20.96 -36.36 16.89
C LEU H 258 21.62 -37.67 17.32
N ARG H 259 21.48 -38.74 16.55
CA ARG H 259 22.27 -39.93 16.85
C ARG H 259 23.75 -39.62 16.72
N GLN H 260 24.13 -38.93 15.66
CA GLN H 260 25.51 -38.47 15.48
C GLN H 260 25.66 -37.05 16.04
N SER H 261 25.50 -36.96 17.35
CA SER H 261 25.48 -35.65 18.01
C SER H 261 26.74 -34.85 17.70
N SER H 262 27.87 -35.52 17.49
CA SER H 262 29.12 -34.82 17.26
C SER H 262 28.96 -33.76 16.18
N GLU H 263 28.21 -34.08 15.13
CA GLU H 263 28.05 -33.12 14.05
C GLU H 263 27.33 -31.86 14.53
N LEU H 264 26.20 -32.02 15.19
CA LEU H 264 25.47 -30.85 15.67
C LEU H 264 26.32 -30.02 16.61
N LYS H 265 27.03 -30.68 17.52
CA LYS H 265 27.86 -29.94 18.46
C LYS H 265 28.96 -29.19 17.73
N ALA H 266 29.61 -29.84 16.77
CA ALA H 266 30.63 -29.16 16.00
C ALA H 266 30.04 -27.97 15.26
N MET H 267 28.80 -28.10 14.79
CA MET H 267 28.19 -27.00 14.08
C MET H 267 27.98 -25.82 15.02
N SER H 268 27.47 -26.08 16.22
CA SER H 268 27.26 -24.99 17.15
C SER H 268 28.59 -24.34 17.52
N GLU H 269 29.63 -25.16 17.73
CA GLU H 269 30.96 -24.64 17.99
C GLU H 269 31.41 -23.70 16.89
N ARG H 270 31.34 -24.17 15.65
CA ARG H 270 31.77 -23.34 14.54
C ARG H 270 30.92 -22.08 14.45
N LEU H 271 29.63 -22.17 14.77
CA LEU H 271 28.80 -20.98 14.78
C LEU H 271 29.32 -19.97 15.77
N ARG H 272 29.67 -20.42 16.97
CA ARG H 272 30.25 -19.51 17.94
C ARG H 272 31.50 -18.85 17.37
N VAL H 273 32.41 -19.66 16.84
CA VAL H 273 33.65 -19.11 16.31
C VAL H 273 33.35 -18.05 15.27
N ILE H 274 32.41 -18.33 14.38
CA ILE H 274 32.06 -17.37 13.35
C ILE H 274 31.52 -16.10 13.96
N LEU H 275 30.52 -16.22 14.84
CA LEU H 275 29.92 -15.03 15.41
C LEU H 275 30.92 -14.23 16.22
N SER H 276 32.03 -14.84 16.62
CA SER H 276 33.06 -14.07 17.30
C SER H 276 33.69 -13.05 16.37
N HIS H 277 33.94 -13.42 15.12
CA HIS H 277 34.74 -12.58 14.25
C HIS H 277 34.14 -11.18 14.14
N PRO H 278 34.96 -10.13 14.11
CA PRO H 278 34.38 -8.78 14.15
C PRO H 278 33.39 -8.53 13.04
N SER H 279 33.66 -9.06 11.85
CA SER H 279 32.80 -8.78 10.72
C SER H 279 31.36 -9.13 11.04
N ALA H 280 31.16 -10.14 11.89
CA ALA H 280 29.82 -10.55 12.24
C ALA H 280 28.97 -9.37 12.66
N SER H 281 29.52 -8.52 13.53
CA SER H 281 28.74 -7.39 14.01
C SER H 281 28.15 -6.61 12.85
N ASP H 282 28.94 -6.36 11.81
CA ASP H 282 28.42 -5.64 10.65
C ASP H 282 27.36 -6.45 9.91
N ALA H 283 27.65 -7.73 9.66
CA ALA H 283 26.77 -8.53 8.84
C ALA H 283 25.39 -8.68 9.46
N LEU H 284 25.30 -8.60 10.78
CA LEU H 284 24.06 -8.91 11.47
C LEU H 284 23.87 -8.01 12.67
N ASN H 285 22.69 -7.41 12.77
CA ASN H 285 22.37 -6.69 13.99
C ASN H 285 22.42 -7.65 15.17
N ARG H 286 22.28 -7.09 16.37
CA ARG H 286 22.39 -7.89 17.58
C ARG H 286 21.48 -9.11 17.52
N LEU H 287 20.23 -8.91 17.14
CA LEU H 287 19.21 -9.95 17.30
C LEU H 287 19.53 -11.16 16.44
N GLN H 288 19.92 -10.93 15.20
CA GLN H 288 20.23 -12.03 14.30
C GLN H 288 21.38 -12.84 14.84
N ARG H 289 22.41 -12.17 15.34
CA ARG H 289 23.55 -12.88 15.90
C ARG H 289 23.11 -13.71 17.09
N HIS H 290 22.26 -13.14 17.94
CA HIS H 290 21.68 -13.91 19.04
C HIS H 290 21.06 -15.19 18.53
N ASP H 291 20.10 -15.06 17.61
CA ASP H 291 19.36 -16.24 17.18
C ASP H 291 20.28 -17.26 16.53
N LEU H 292 21.16 -16.83 15.64
CA LEU H 292 22.06 -17.78 15.00
C LEU H 292 22.94 -18.46 16.03
N ARG H 293 23.46 -17.69 16.99
CA ARG H 293 24.27 -18.30 18.02
C ARG H 293 23.54 -19.44 18.67
N TRP H 294 22.23 -19.34 18.79
CA TRP H 294 21.41 -20.35 19.43
C TRP H 294 20.44 -20.98 18.45
N LEU H 295 20.94 -21.38 17.29
CA LEU H 295 20.11 -22.09 16.34
C LEU H 295 19.91 -23.54 16.77
N VAL H 296 21.01 -24.25 16.98
CA VAL H 296 20.93 -25.69 17.19
C VAL H 296 19.95 -26.00 18.31
N LYS H 297 20.07 -25.27 19.41
CA LYS H 297 19.10 -25.41 20.49
C LYS H 297 17.70 -25.14 19.97
N ARG H 298 17.49 -24.00 19.32
CA ARG H 298 16.13 -23.64 18.98
C ARG H 298 15.51 -24.60 17.99
N LEU H 299 16.30 -25.49 17.40
CA LEU H 299 15.69 -26.65 16.76
C LEU H 299 15.47 -27.79 17.74
N VAL H 300 16.48 -28.13 18.55
CA VAL H 300 16.33 -29.27 19.44
C VAL H 300 15.11 -29.10 20.32
N ASP H 301 15.02 -27.97 21.02
CA ASP H 301 13.84 -27.70 21.82
C ASP H 301 12.57 -27.87 20.99
N GLU H 302 12.57 -27.34 19.78
CA GLU H 302 11.33 -27.35 19.03
C GLU H 302 10.90 -28.78 18.72
N SER H 303 11.84 -29.67 18.46
CA SER H 303 11.47 -31.06 18.22
C SER H 303 10.71 -31.64 19.39
N GLN H 304 10.98 -31.16 20.61
CA GLN H 304 10.24 -31.65 21.76
C GLN H 304 8.75 -31.58 21.54
N THR H 305 8.26 -30.50 20.91
CA THR H 305 6.82 -30.39 20.68
C THR H 305 6.30 -31.58 19.91
N VAL H 306 7.07 -32.12 18.97
CA VAL H 306 6.64 -33.32 18.27
C VAL H 306 6.45 -34.46 19.27
N LEU H 307 7.48 -34.72 20.07
CA LEU H 307 7.39 -35.86 20.96
C LEU H 307 6.26 -35.69 21.95
N GLN H 308 5.90 -34.45 22.28
CA GLN H 308 4.76 -34.25 23.15
C GLN H 308 3.46 -34.66 22.47
N ALA H 309 3.28 -34.34 21.20
CA ALA H 309 2.09 -34.82 20.51
C ALA H 309 2.10 -36.34 20.44
N ARG H 310 3.25 -36.94 20.15
CA ARG H 310 3.32 -38.39 20.06
C ARG H 310 2.91 -39.02 21.39
N ALA H 311 3.53 -38.57 22.48
CA ALA H 311 3.21 -39.14 23.78
C ALA H 311 1.76 -38.87 24.14
N ARG H 312 1.22 -37.73 23.74
CA ARG H 312 -0.17 -37.45 24.06
C ARG H 312 -1.10 -38.43 23.36
N SER H 313 -0.87 -38.69 22.08
CA SER H 313 -1.65 -39.71 21.39
C SER H 313 -1.49 -41.06 22.08
N GLU H 314 -0.24 -41.44 22.34
CA GLU H 314 0.03 -42.74 22.91
C GLU H 314 -0.68 -42.91 24.24
N ARG H 315 -0.61 -41.89 25.08
CA ARG H 315 -1.27 -41.92 26.37
C ARG H 315 -2.77 -42.03 26.23
N ASP H 316 -3.38 -41.29 25.31
CA ASP H 316 -4.82 -41.43 25.18
C ASP H 316 -5.21 -42.85 24.76
N VAL H 317 -4.51 -43.40 23.77
CA VAL H 317 -4.90 -44.72 23.29
C VAL H 317 -4.64 -45.77 24.35
N ARG H 318 -3.59 -45.62 25.14
CA ARG H 318 -3.38 -46.56 26.24
C ARG H 318 -4.58 -46.59 27.16
N GLY H 319 -5.03 -45.42 27.61
CA GLY H 319 -6.20 -45.39 28.46
C GLY H 319 -7.41 -46.02 27.79
N PHE H 320 -7.67 -45.65 26.54
CA PHE H 320 -8.81 -46.24 25.83
C PHE H 320 -8.69 -47.76 25.77
N MET H 321 -7.51 -48.26 25.46
CA MET H 321 -7.38 -49.65 25.05
C MET H 321 -7.55 -50.60 26.22
N LYS H 322 -7.61 -50.06 27.44
CA LYS H 322 -7.76 -50.85 28.66
C LYS H 322 -9.21 -51.25 28.94
N THR H 323 -10.12 -51.09 27.99
CA THR H 323 -11.53 -51.30 28.28
C THR H 323 -11.93 -52.77 28.25
N GLY H 324 -11.53 -53.53 29.27
CA GLY H 324 -12.04 -54.87 29.48
C GLY H 324 -13.31 -54.84 30.31
N LEU H 325 -14.37 -54.28 29.74
CA LEU H 325 -15.53 -53.89 30.53
C LEU H 325 -16.31 -55.09 31.02
N ALA H 326 -16.94 -54.92 32.19
CA ALA H 326 -17.99 -55.83 32.61
C ALA H 326 -19.22 -55.64 31.72
N ALA H 327 -20.26 -56.43 31.99
CA ALA H 327 -21.41 -56.46 31.10
C ALA H 327 -22.13 -55.12 31.05
N GLU H 328 -22.77 -54.74 32.16
CA GLU H 328 -23.60 -53.54 32.14
C GLU H 328 -22.76 -52.32 31.86
N HIS H 329 -21.54 -52.29 32.39
CA HIS H 329 -20.62 -51.22 32.06
C HIS H 329 -20.39 -51.16 30.57
N HIS H 330 -20.23 -52.33 29.93
CA HIS H 330 -20.01 -52.34 28.49
C HIS H 330 -21.24 -51.79 27.77
N ARG H 331 -22.43 -52.12 28.25
CA ARG H 331 -23.64 -51.58 27.65
C ARG H 331 -23.67 -50.06 27.72
N VAL H 332 -23.47 -49.52 28.93
CA VAL H 332 -23.53 -48.07 29.06
C VAL H 332 -22.38 -47.42 28.31
N GLY H 333 -21.25 -48.13 28.18
CA GLY H 333 -20.14 -47.58 27.40
C GLY H 333 -20.48 -47.47 25.94
N HIS H 334 -21.15 -48.49 25.41
CA HIS H 334 -21.71 -48.36 24.07
C HIS H 334 -22.64 -47.17 24.00
N LEU H 335 -23.52 -47.03 25.01
CA LEU H 335 -24.43 -45.89 25.02
C LEU H 335 -23.67 -44.59 24.89
N LEU H 336 -22.62 -44.41 25.70
CA LEU H 336 -21.86 -43.18 25.66
C LEU H 336 -21.21 -42.99 24.31
N ASN H 337 -20.43 -43.97 23.86
CA ASN H 337 -19.70 -43.82 22.61
C ASN H 337 -20.65 -43.43 21.49
N GLU H 338 -21.85 -44.02 21.49
CA GLU H 338 -22.88 -43.58 20.55
C GLU H 338 -23.14 -42.09 20.74
N PHE H 339 -23.43 -41.69 21.97
CA PHE H 339 -23.79 -40.30 22.24
C PHE H 339 -22.69 -39.35 21.78
N LEU H 340 -21.44 -39.74 21.99
CA LEU H 340 -20.35 -38.82 21.72
C LEU H 340 -20.11 -38.64 20.23
N ASN H 341 -20.17 -39.72 19.46
CA ASN H 341 -20.05 -39.55 18.03
C ASN H 341 -21.15 -38.66 17.49
N LEU H 342 -22.32 -38.67 18.12
CA LEU H 342 -23.32 -37.66 17.80
C LEU H 342 -22.79 -36.27 18.12
N ALA H 343 -22.09 -36.13 19.25
CA ALA H 343 -21.61 -34.83 19.67
C ALA H 343 -20.64 -34.24 18.65
N LEU H 344 -19.78 -35.09 18.07
CA LEU H 344 -18.72 -34.58 17.20
C LEU H 344 -19.27 -33.74 16.05
N LYS H 345 -20.55 -33.87 15.73
CA LYS H 345 -21.12 -33.19 14.58
C LYS H 345 -21.95 -31.96 14.94
N LEU H 346 -21.90 -31.51 16.19
CA LEU H 346 -22.76 -30.42 16.60
C LEU H 346 -22.03 -29.09 16.45
N ASP H 347 -22.75 -28.00 16.72
CA ASP H 347 -22.20 -26.66 16.64
C ASP H 347 -21.74 -26.25 18.04
N TRP H 348 -20.43 -26.36 18.29
CA TRP H 348 -19.88 -25.97 19.58
C TRP H 348 -19.40 -24.54 19.60
N GLN H 349 -19.58 -23.78 18.53
CA GLN H 349 -19.18 -22.38 18.54
C GLN H 349 -20.34 -21.48 18.92
N ARG H 350 -21.54 -21.77 18.42
CA ARG H 350 -22.71 -20.95 18.74
C ARG H 350 -22.99 -21.11 20.23
N GLN H 351 -22.63 -20.09 20.99
CA GLN H 351 -22.84 -20.16 22.43
C GLN H 351 -24.28 -20.46 22.76
N MET H 352 -25.22 -19.84 22.04
CA MET H 352 -26.62 -20.15 22.27
C MET H 352 -26.87 -21.65 22.17
N ILE H 353 -26.28 -22.29 21.16
CA ILE H 353 -26.50 -23.73 21.00
C ILE H 353 -26.07 -24.47 22.25
N ARG H 354 -24.92 -24.12 22.80
CA ARG H 354 -24.46 -24.81 24.00
C ARG H 354 -25.43 -24.60 25.16
N LYS H 355 -25.94 -23.38 25.31
CA LYS H 355 -26.81 -23.04 26.43
C LYS H 355 -28.15 -23.74 26.37
N GLN H 356 -28.41 -24.55 25.36
CA GLN H 356 -29.70 -25.21 25.25
C GLN H 356 -29.88 -26.23 26.37
N GLU H 357 -31.09 -26.27 26.93
CA GLU H 357 -31.40 -27.26 27.94
C GLU H 357 -31.55 -28.63 27.28
N VAL H 358 -31.36 -29.68 28.08
CA VAL H 358 -31.45 -31.04 27.56
C VAL H 358 -32.37 -31.85 28.45
N PRO H 359 -33.05 -32.85 27.92
CA PRO H 359 -33.93 -33.67 28.76
C PRO H 359 -33.16 -34.69 29.57
N LEU H 360 -32.69 -34.30 30.75
CA LEU H 360 -32.03 -35.21 31.65
C LEU H 360 -32.74 -35.21 32.99
N PRO H 361 -32.69 -36.31 33.73
CA PRO H 361 -33.47 -36.38 34.97
C PRO H 361 -32.93 -35.43 36.02
N ALA H 362 -33.81 -35.02 36.91
CA ALA H 362 -33.41 -34.23 38.07
C ALA H 362 -33.17 -35.18 39.23
N VAL H 363 -31.90 -35.41 39.56
CA VAL H 363 -31.54 -36.30 40.65
C VAL H 363 -30.71 -35.50 41.64
N GLY H 364 -30.85 -35.84 42.92
CA GLY H 364 -30.25 -35.04 43.96
C GLY H 364 -30.79 -33.64 44.02
N VAL H 365 -32.10 -33.49 43.90
CA VAL H 365 -32.74 -32.18 43.74
C VAL H 365 -32.86 -31.49 45.08
N ALA H 366 -31.84 -30.74 45.48
CA ALA H 366 -31.87 -30.08 46.77
C ALA H 366 -32.76 -28.85 46.70
N VAL H 367 -33.81 -28.85 47.52
CA VAL H 367 -34.49 -27.60 47.82
C VAL H 367 -33.57 -26.77 48.71
N THR H 368 -33.74 -25.45 48.63
CA THR H 368 -32.81 -24.57 49.32
C THR H 368 -33.42 -23.19 49.47
N GLY H 369 -32.77 -22.36 50.29
CA GLY H 369 -33.13 -20.97 50.39
C GLY H 369 -34.58 -20.75 50.73
N ILE H 370 -35.10 -21.51 51.69
CA ILE H 370 -36.49 -21.33 52.09
C ILE H 370 -36.59 -19.91 52.65
N PRO H 371 -37.45 -19.06 52.10
CA PRO H 371 -37.43 -17.64 52.46
C PRO H 371 -38.17 -17.33 53.76
N ALA H 372 -37.55 -17.68 54.88
CA ALA H 372 -38.14 -17.38 56.19
C ALA H 372 -37.66 -16.02 56.69
N ILE H 373 -38.59 -15.25 57.25
CA ILE H 373 -38.24 -13.90 57.69
C ILE H 373 -37.23 -13.96 58.82
N GLU H 374 -37.22 -15.05 59.60
CA GLU H 374 -36.22 -15.19 60.65
C GLU H 374 -34.80 -15.12 60.10
N ARG H 375 -34.62 -15.51 58.84
CA ARG H 375 -33.28 -15.53 58.26
C ARG H 375 -32.73 -14.13 58.03
N LEU H 376 -33.44 -13.10 58.50
CA LEU H 376 -32.99 -11.73 58.29
C LEU H 376 -32.19 -11.24 59.47
N ARG H 377 -30.95 -10.85 59.22
CA ARG H 377 -30.14 -10.05 60.13
C ARG H 377 -29.71 -8.79 59.38
N PHE H 378 -29.04 -7.88 60.08
CA PHE H 378 -28.93 -6.53 59.58
C PHE H 378 -27.58 -5.94 59.94
N LYS H 379 -27.18 -4.95 59.14
CA LYS H 379 -26.01 -4.15 59.47
C LYS H 379 -26.24 -3.42 60.77
N GLU H 380 -25.21 -3.36 61.61
CA GLU H 380 -25.35 -2.82 62.96
C GLU H 380 -24.20 -1.86 63.25
N VAL H 381 -24.03 -0.88 62.36
CA VAL H 381 -23.09 0.21 62.59
C VAL H 381 -23.37 0.94 63.90
N ASP H 382 -24.49 0.64 64.56
CA ASP H 382 -24.73 1.10 65.92
C ASP H 382 -23.47 0.93 66.76
N ASP H 383 -22.66 -0.07 66.44
CA ASP H 383 -21.30 -0.15 66.97
C ASP H 383 -20.46 0.92 66.29
N GLU H 384 -20.64 2.18 66.71
CA GLU H 384 -20.07 3.30 65.99
C GLU H 384 -18.64 3.57 66.46
N ALA H 385 -17.75 2.60 66.31
CA ALA H 385 -16.37 2.77 66.73
C ALA H 385 -15.60 3.58 65.69
N GLU H 386 -14.45 4.12 66.11
CA GLU H 386 -13.55 4.86 65.24
C GLU H 386 -12.14 4.44 65.62
N GLN H 387 -11.58 3.51 64.86
CA GLN H 387 -10.35 2.85 65.27
C GLN H 387 -9.16 3.80 65.19
N THR H 388 -8.02 3.29 65.67
CA THR H 388 -6.84 4.12 65.93
C THR H 388 -6.19 4.64 64.66
N LEU H 389 -6.12 5.96 64.53
CA LEU H 389 -5.23 6.56 63.56
C LEU H 389 -3.88 6.82 64.21
N ASP H 390 -2.79 6.46 63.53
CA ASP H 390 -1.46 6.59 64.09
C ASP H 390 -0.45 6.95 63.01
N LEU H 391 0.32 8.01 63.25
CA LEU H 391 1.38 8.41 62.34
C LEU H 391 2.61 8.92 63.08
N SER H 392 2.71 8.68 64.38
CA SER H 392 3.77 9.29 65.18
C SER H 392 5.13 8.81 64.71
N ASN H 393 6.12 9.71 64.80
CA ASN H 393 7.49 9.38 64.42
C ASN H 393 8.16 8.65 65.57
N HIS H 394 8.43 7.36 65.38
CA HIS H 394 8.92 6.51 66.46
C HIS H 394 10.44 6.49 66.58
N ALA H 395 11.05 7.67 66.79
CA ALA H 395 12.42 7.71 67.27
C ALA H 395 12.44 7.45 68.78
N ALA H 396 13.59 7.00 69.28
CA ALA H 396 13.71 6.64 70.69
C ALA H 396 15.17 6.76 71.10
N ASP H 397 15.44 6.41 72.37
CA ASP H 397 16.79 6.49 72.90
C ASP H 397 17.73 5.65 72.05
N LEU H 398 18.88 6.22 71.73
CA LEU H 398 19.76 5.60 70.75
C LEU H 398 20.89 4.81 71.39
N THR H 399 21.12 4.95 72.68
CA THR H 399 22.35 4.47 73.31
C THR H 399 22.16 3.25 74.19
N GLN H 400 20.92 2.84 74.48
CA GLN H 400 20.67 1.89 75.56
C GLN H 400 21.44 0.59 75.38
N ILE H 401 21.84 0.26 74.16
CA ILE H 401 22.33 -1.09 73.88
C ILE H 401 23.53 -1.44 74.76
N GLY H 402 23.76 -2.74 74.91
CA GLY H 402 24.62 -3.23 75.96
C GLY H 402 26.07 -2.76 75.83
N ASP H 403 26.90 -3.29 76.74
CA ASP H 403 28.26 -2.77 76.90
C ASP H 403 29.22 -3.32 75.85
N ASP H 404 29.30 -4.65 75.71
CA ASP H 404 30.29 -5.20 74.78
C ASP H 404 30.10 -4.64 73.38
N PHE H 405 28.88 -4.24 73.02
CA PHE H 405 28.68 -3.53 71.78
C PHE H 405 29.54 -2.28 71.74
N TRP H 406 29.50 -1.49 72.80
CA TRP H 406 30.29 -0.26 72.84
C TRP H 406 31.77 -0.57 73.01
N ASP H 407 32.12 -1.71 73.59
CA ASP H 407 33.52 -2.11 73.67
C ASP H 407 34.05 -2.34 72.26
N ALA H 408 33.27 -3.00 71.42
CA ALA H 408 33.59 -3.08 70.00
C ALA H 408 33.58 -1.70 69.37
N PHE H 409 32.67 -0.82 69.83
CA PHE H 409 32.67 0.57 69.42
C PHE H 409 33.98 1.26 69.74
N ASN H 410 34.72 0.74 70.71
CA ASN H 410 36.04 1.25 71.06
C ASN H 410 37.14 0.26 70.73
N GLY H 411 36.88 -0.74 69.90
CA GLY H 411 37.86 -1.77 69.67
C GLY H 411 39.16 -1.21 69.15
N LEU H 412 40.26 -1.87 69.52
CA LEU H 412 41.57 -1.43 69.10
C LEU H 412 41.71 -1.51 67.58
N ASP H 413 42.50 -0.59 67.03
CA ASP H 413 42.85 -0.60 65.62
C ASP H 413 44.30 -1.04 65.49
N ARG H 414 44.53 -2.14 64.76
CA ARG H 414 45.89 -2.67 64.66
C ARG H 414 46.76 -1.84 63.74
N GLU H 415 46.18 -1.08 62.79
CA GLU H 415 47.00 -0.31 61.86
C GLU H 415 47.70 0.85 62.56
N VAL H 416 46.96 1.61 63.37
CA VAL H 416 47.58 2.68 64.12
C VAL H 416 48.60 2.12 65.10
N LEU H 417 48.31 0.94 65.65
CA LEU H 417 49.26 0.27 66.51
C LEU H 417 50.52 -0.08 65.74
N ILE H 418 50.37 -0.51 64.48
CA ILE H 418 51.51 -0.74 63.62
C ILE H 418 52.30 0.55 63.43
N GLN H 419 51.60 1.65 63.16
CA GLN H 419 52.31 2.93 62.99
C GLN H 419 53.15 3.23 64.22
N GLN H 420 52.54 3.13 65.40
CA GLN H 420 53.25 3.45 66.64
C GLN H 420 54.45 2.52 66.83
N THR H 421 54.22 1.21 66.68
CA THR H 421 55.29 0.26 66.95
C THR H 421 56.43 0.38 65.96
N LEU H 422 56.12 0.60 64.68
CA LEU H 422 57.18 0.76 63.68
C LEU H 422 57.98 2.02 63.91
N GLN H 423 57.31 3.13 64.26
CA GLN H 423 58.05 4.33 64.62
C GLN H 423 58.94 4.07 65.82
N LEU H 424 58.42 3.36 66.82
CA LEU H 424 59.19 3.08 68.02
C LEU H 424 60.42 2.25 67.70
N LEU H 425 60.27 1.26 66.82
CA LEU H 425 61.40 0.39 66.52
C LEU H 425 62.40 1.06 65.59
N ALA H 426 61.94 1.97 64.72
CA ALA H 426 62.88 2.78 63.96
C ALA H 426 63.68 3.68 64.89
N LYS H 427 63.01 4.27 65.88
CA LYS H 427 63.70 5.10 66.85
C LYS H 427 64.71 4.29 67.65
N GLU H 428 64.29 3.13 68.16
CA GLU H 428 65.19 2.27 68.91
C GLU H 428 66.33 1.78 68.03
N ASN H 429 66.03 1.47 66.77
CA ASN H 429 67.05 0.99 65.82
C ASN H 429 67.76 -0.23 66.37
N ARG H 430 67.06 -1.05 67.14
CA ARG H 430 67.66 -2.22 67.75
C ARG H 430 66.55 -3.20 68.13
N PRO H 431 66.88 -4.47 68.35
CA PRO H 431 65.87 -5.42 68.85
C PRO H 431 65.30 -4.97 70.19
N VAL H 432 64.00 -5.19 70.38
CA VAL H 432 63.30 -4.73 71.57
C VAL H 432 62.47 -5.89 72.11
N GLY H 433 62.70 -6.22 73.39
CA GLY H 433 61.91 -7.23 74.06
C GLY H 433 60.55 -6.70 74.46
N LEU H 434 59.67 -7.62 74.86
CA LEU H 434 58.27 -7.27 75.06
C LEU H 434 58.10 -6.30 76.23
N ALA H 435 58.77 -6.57 77.34
CA ALA H 435 58.68 -5.63 78.46
C ALA H 435 59.21 -4.26 78.05
N GLU H 436 60.30 -4.23 77.29
CA GLU H 436 60.84 -2.97 76.82
C GLU H 436 59.80 -2.21 76.02
N LEU H 437 59.06 -2.92 75.18
CA LEU H 437 57.96 -2.29 74.46
C LEU H 437 56.92 -1.76 75.43
N ALA H 438 56.64 -2.52 76.50
CA ALA H 438 55.62 -2.11 77.46
C ALA H 438 55.97 -0.76 78.07
N GLU H 439 57.21 -0.59 78.52
CA GLU H 439 57.60 0.69 79.07
C GLU H 439 57.83 1.75 77.98
N LEU H 440 58.16 1.32 76.77
CA LEU H 440 58.45 2.29 75.71
C LEU H 440 57.19 3.03 75.28
N LEU H 441 56.07 2.33 75.20
CA LEU H 441 54.79 2.92 74.81
C LEU H 441 53.70 2.18 75.55
N PRO H 442 53.51 2.49 76.84
CA PRO H 442 52.54 1.74 77.65
C PRO H 442 51.16 1.77 77.01
N PRO H 443 50.65 0.63 76.55
CA PRO H 443 49.36 0.62 75.86
C PRO H 443 48.18 0.59 76.82
N ALA H 444 47.03 1.03 76.30
CA ALA H 444 45.78 0.94 77.05
C ALA H 444 45.01 -0.34 76.73
N HIS H 445 44.92 -0.68 75.44
CA HIS H 445 44.47 -2.01 75.04
C HIS H 445 45.54 -3.05 75.29
N ASP H 446 45.88 -3.25 76.57
CA ASP H 446 47.18 -3.74 76.96
C ASP H 446 47.52 -5.12 76.39
N LEU H 447 46.84 -6.17 76.87
CA LEU H 447 47.17 -7.50 76.38
C LEU H 447 46.73 -7.66 74.93
N GLU H 448 45.93 -6.73 74.43
CA GLU H 448 45.61 -6.73 72.99
C GLU H 448 46.86 -6.40 72.19
N THR H 449 47.53 -5.31 72.58
CA THR H 449 48.77 -4.94 71.91
C THR H 449 49.83 -6.00 72.16
N PHE H 450 49.79 -6.66 73.31
CA PHE H 450 50.80 -7.68 73.59
C PHE H 450 50.62 -8.90 72.69
N ALA H 451 49.39 -9.39 72.56
CA ALA H 451 49.12 -10.50 71.66
C ALA H 451 49.46 -10.13 70.23
N VAL H 452 49.11 -8.90 69.83
CA VAL H 452 49.43 -8.46 68.48
C VAL H 452 50.93 -8.36 68.29
N TRP H 453 51.66 -7.94 69.33
CA TRP H 453 53.11 -7.85 69.25
C TRP H 453 53.72 -9.23 69.07
N ILE H 454 53.20 -10.22 69.81
CA ILE H 454 53.69 -11.58 69.65
C ILE H 454 53.40 -12.08 68.24
N GLY H 455 52.20 -11.80 67.75
CA GLY H 455 51.87 -12.16 66.37
C GLY H 455 52.81 -11.49 65.37
N MET H 456 53.18 -10.23 65.65
CA MET H 456 54.15 -9.55 64.81
C MET H 456 55.48 -10.27 64.82
N ALA H 457 56.01 -10.55 66.02
CA ALA H 457 57.31 -11.18 66.15
C ALA H 457 57.32 -12.52 65.43
N ARG H 458 56.21 -13.26 65.51
CA ARG H 458 56.11 -14.52 64.79
C ARG H 458 55.98 -14.31 63.29
N GLU H 459 55.36 -13.19 62.89
CA GLU H 459 55.22 -12.87 61.47
C GLU H 459 56.49 -12.23 60.93
N ALA H 460 57.33 -11.70 61.81
CA ALA H 460 58.46 -10.87 61.39
C ALA H 460 59.74 -11.66 61.18
N GLY H 461 59.89 -12.79 61.86
CA GLY H 461 61.02 -13.67 61.66
C GLY H 461 62.17 -13.48 62.63
N ILE H 462 62.45 -12.26 63.07
CA ILE H 462 63.53 -12.06 64.02
C ILE H 462 63.22 -12.84 65.29
N GLU H 463 64.28 -13.35 65.93
CA GLU H 463 64.13 -14.39 66.95
C GLU H 463 62.96 -14.09 67.87
N VAL H 464 62.22 -15.14 68.19
CA VAL H 464 61.12 -15.06 69.14
C VAL H 464 61.30 -16.17 70.16
N ILE H 465 61.27 -15.80 71.44
CA ILE H 465 61.51 -16.74 72.53
C ILE H 465 60.43 -16.56 73.58
N ASP H 466 59.97 -17.68 74.13
CA ASP H 466 59.10 -17.69 75.30
C ASP H 466 59.60 -18.79 76.23
N SER H 467 60.60 -18.47 77.04
CA SER H 467 61.10 -19.38 78.05
C SER H 467 61.52 -18.63 79.31
N GLN H 468 61.03 -17.39 79.48
CA GLN H 468 61.48 -16.55 80.58
C GLN H 468 60.39 -15.55 80.91
N ARG H 469 60.45 -15.03 82.13
CA ARG H 469 59.45 -14.11 82.65
C ARG H 469 60.08 -12.74 82.87
N GLU H 470 59.65 -11.76 82.08
CA GLU H 470 59.98 -10.36 82.27
C GLU H 470 58.69 -9.58 82.43
N PHE H 471 58.73 -8.54 83.25
CA PHE H 471 57.49 -7.92 83.74
C PHE H 471 57.52 -6.44 83.48
N ALA H 472 56.32 -5.86 83.38
CA ALA H 472 56.14 -4.43 83.19
C ALA H 472 54.81 -4.03 83.79
N GLU H 473 54.75 -2.81 84.31
CA GLU H 473 53.55 -2.29 84.93
C GLU H 473 52.91 -1.25 84.02
N LEU H 474 51.61 -1.38 83.79
CA LEU H 474 50.94 -0.56 82.79
C LEU H 474 49.60 -0.09 83.33
N SER H 475 49.20 1.11 82.91
CA SER H 475 47.93 1.71 83.31
C SER H 475 46.96 1.63 82.15
N ASP H 476 45.69 1.41 82.48
CA ASP H 476 44.65 1.25 81.48
C ASP H 476 44.10 2.62 81.10
N GLY H 477 42.99 2.65 80.36
CA GLY H 477 42.42 3.89 79.88
C GLY H 477 42.00 4.85 80.98
N GLU H 478 41.63 4.34 82.16
CA GLU H 478 41.26 5.18 83.29
C GLU H 478 42.35 5.18 84.35
N GLY H 479 43.59 4.99 83.93
CA GLY H 479 44.73 5.06 84.83
C GLY H 479 44.95 3.82 85.68
N ARG H 480 43.90 3.08 86.01
CA ARG H 480 44.05 1.94 86.89
C ARG H 480 45.20 1.06 86.43
N ARG H 481 46.19 0.92 87.30
CA ARG H 481 47.49 0.39 86.93
C ARG H 481 47.58 -1.11 87.22
N TRP H 482 48.57 -1.74 86.62
CA TRP H 482 48.65 -3.20 86.62
C TRP H 482 50.10 -3.64 86.45
N ARG H 483 50.27 -4.95 86.35
CA ARG H 483 51.55 -5.60 86.10
C ARG H 483 51.33 -6.70 85.07
N PHE H 484 52.40 -7.06 84.37
CA PHE H 484 52.38 -8.05 83.31
C PHE H 484 53.58 -8.98 83.39
N ASN H 485 53.47 -10.06 82.65
CA ASN H 485 54.47 -11.13 82.62
C ASN H 485 54.62 -11.53 81.16
N LEU H 486 55.84 -11.42 80.64
CA LEU H 486 56.07 -11.41 79.21
C LEU H 486 57.30 -12.25 78.89
N PRO H 487 57.38 -12.76 77.67
CA PRO H 487 58.66 -13.29 77.20
C PRO H 487 59.48 -12.21 76.50
N THR H 488 60.71 -12.54 76.11
CA THR H 488 61.56 -11.62 75.38
C THR H 488 61.60 -12.04 73.92
N THR H 489 61.84 -11.06 73.05
CA THR H 489 61.87 -11.31 71.61
C THR H 489 62.41 -10.06 70.92
N GLY H 490 62.96 -10.27 69.73
CA GLY H 490 63.58 -9.18 69.00
C GLY H 490 62.62 -8.46 68.07
N LEU H 491 62.09 -7.34 68.52
CA LEU H 491 61.32 -6.47 67.64
C LEU H 491 62.22 -5.37 67.10
N GLU H 492 62.20 -5.19 65.78
CA GLU H 492 63.16 -4.32 65.13
C GLU H 492 62.50 -3.65 63.94
N SER H 493 63.08 -2.52 63.52
CA SER H 493 62.45 -1.70 62.49
C SER H 493 62.37 -2.45 61.14
N GLN H 494 63.51 -2.98 60.68
CA GLN H 494 63.55 -3.59 59.36
C GLN H 494 62.60 -4.78 59.28
N ALA H 495 62.57 -5.61 60.32
CA ALA H 495 61.71 -6.80 60.27
C ALA H 495 60.27 -6.41 60.02
N LEU H 496 59.67 -5.65 60.94
CA LEU H 496 58.27 -5.31 60.79
C LEU H 496 58.02 -4.49 59.52
N MET H 497 58.93 -3.58 59.18
CA MET H 497 58.74 -2.77 57.98
C MET H 497 58.65 -3.65 56.74
N ASP H 498 59.55 -4.62 56.62
CA ASP H 498 59.49 -5.54 55.49
C ASP H 498 58.13 -6.21 55.40
N ILE H 499 57.65 -6.75 56.52
CA ILE H 499 56.33 -7.35 56.53
C ILE H 499 55.25 -6.27 56.44
N ASP H 500 54.17 -6.60 55.75
CA ASP H 500 52.98 -5.77 55.70
C ASP H 500 51.97 -6.31 56.71
N TRP H 501 50.98 -5.48 57.04
CA TRP H 501 50.10 -5.73 58.17
C TRP H 501 48.65 -5.60 57.75
N GLU H 502 48.32 -6.27 56.64
CA GLU H 502 46.97 -6.33 56.13
C GLU H 502 46.03 -6.78 57.24
N MET K 1 39.62 4.91 51.10
CA MET K 1 38.71 3.85 51.61
C MET K 1 37.28 4.08 51.12
N ASN K 2 36.77 5.28 51.38
CA ASN K 2 35.36 5.58 51.14
C ASN K 2 35.11 6.36 49.86
N GLN K 3 36.15 6.73 49.13
CA GLN K 3 36.05 7.84 48.18
C GLN K 3 36.00 7.41 46.72
N VAL K 4 35.29 6.33 46.41
CA VAL K 4 35.14 5.85 45.04
C VAL K 4 33.79 6.33 44.51
N SER K 5 33.31 7.46 45.03
CA SER K 5 31.94 7.90 44.76
C SER K 5 31.68 8.16 43.27
N GLY K 6 32.73 8.15 42.44
CA GLY K 6 32.61 8.68 41.10
C GLY K 6 31.37 8.23 40.34
N LEU K 7 31.27 6.94 40.03
CA LEU K 7 30.27 6.51 39.05
C LEU K 7 28.85 6.59 39.59
N ALA K 8 28.68 6.59 40.90
CA ALA K 8 27.36 6.46 41.49
C ALA K 8 26.51 7.69 41.18
N GLY K 9 25.20 7.50 41.25
CA GLY K 9 24.25 8.59 41.13
C GLY K 9 23.83 8.90 39.70
N LYS K 10 24.80 8.88 38.79
CA LYS K 10 24.56 9.30 37.41
C LYS K 10 23.79 8.22 36.64
N GLU K 11 24.42 7.07 36.44
CA GLU K 11 23.84 6.06 35.57
C GLU K 11 22.64 5.39 36.22
N SER K 12 22.75 5.01 37.48
CA SER K 12 21.78 4.10 38.08
C SER K 12 20.95 4.82 39.14
N PHE K 13 19.85 4.16 39.51
CA PHE K 13 19.08 4.61 40.66
C PHE K 13 19.69 4.04 41.93
N ILE K 14 19.65 4.84 42.99
CA ILE K 14 20.38 4.54 44.20
C ILE K 14 19.42 4.63 45.37
N LEU K 15 19.45 3.61 46.21
CA LEU K 15 18.51 3.46 47.30
C LEU K 15 18.93 4.31 48.48
N THR K 16 18.25 5.43 48.68
CA THR K 16 18.41 6.17 49.94
C THR K 16 17.04 6.62 50.41
N ARG K 17 16.30 5.69 51.03
CA ARG K 17 15.16 6.01 51.87
C ARG K 17 14.52 4.72 52.34
N ILE K 18 13.74 4.82 53.41
CA ILE K 18 12.80 3.80 53.81
C ILE K 18 11.65 4.48 54.54
N GLU K 19 10.43 4.02 54.29
CA GLU K 19 9.24 4.44 55.00
C GLU K 19 8.54 3.20 55.54
N LEU K 20 8.15 3.22 56.80
CA LEU K 20 7.65 2.01 57.45
C LEU K 20 6.52 2.34 58.41
N PHE K 21 5.74 1.31 58.74
CA PHE K 21 4.69 1.42 59.72
C PHE K 21 4.25 0.01 60.09
N ASN K 22 4.25 -0.30 61.40
CA ASN K 22 3.64 -1.52 61.89
C ASN K 22 4.19 -2.74 61.15
N TRP K 23 5.47 -2.70 60.82
CA TRP K 23 6.09 -3.78 60.06
C TRP K 23 6.89 -4.69 60.98
N GLY K 24 6.78 -6.00 60.74
CA GLY K 24 7.67 -6.96 61.35
C GLY K 24 7.89 -6.71 62.82
N GLY K 25 9.16 -6.75 63.24
CA GLY K 25 9.51 -6.51 64.63
C GLY K 25 9.40 -5.05 65.05
N PHE K 26 9.23 -4.14 64.10
CA PHE K 26 8.97 -2.75 64.41
C PHE K 26 7.50 -2.53 64.69
N HIS K 27 7.18 -1.35 65.22
CA HIS K 27 5.81 -0.95 65.46
C HIS K 27 5.66 0.55 65.28
N GLY K 28 4.54 0.94 64.72
CA GLY K 28 4.31 2.34 64.47
C GLY K 28 5.13 2.78 63.26
N LEU K 29 5.06 4.07 62.99
CA LEU K 29 5.66 4.66 61.81
C LEU K 29 7.13 4.93 62.08
N HIS K 30 7.98 4.56 61.13
CA HIS K 30 9.41 4.83 61.19
C HIS K 30 9.87 5.36 59.85
N GLN K 31 11.07 5.93 59.83
CA GLN K 31 11.67 6.40 58.60
C GLN K 31 13.19 6.32 58.73
N ALA K 32 13.87 6.45 57.60
CA ALA K 32 15.31 6.43 57.58
C ALA K 32 15.77 6.80 56.17
N ALA K 33 17.09 7.02 56.04
CA ALA K 33 17.69 7.35 54.77
C ALA K 33 19.07 6.69 54.68
N ILE K 34 19.39 6.16 53.51
CA ILE K 34 20.75 5.68 53.30
C ILE K 34 21.61 6.81 52.76
N HIS K 35 22.88 6.77 53.13
CA HIS K 35 23.86 7.70 52.60
C HIS K 35 24.20 7.27 51.18
N GLN K 36 24.04 8.20 50.24
CA GLN K 36 24.15 7.88 48.82
C GLN K 36 25.53 7.35 48.43
N ASP K 37 26.51 7.42 49.32
CA ASP K 37 27.88 7.02 48.99
C ASP K 37 28.38 5.87 49.84
N GLY K 38 27.49 5.07 50.40
CA GLY K 38 27.91 3.96 51.23
C GLY K 38 27.37 4.09 52.63
N THR K 39 26.93 2.97 53.20
CA THR K 39 26.24 2.99 54.47
C THR K 39 26.36 1.61 55.10
N ALA K 40 26.20 1.57 56.42
CA ALA K 40 26.12 0.32 57.15
C ALA K 40 24.96 0.39 58.12
N VAL K 41 24.47 -0.78 58.53
CA VAL K 41 23.38 -0.87 59.49
C VAL K 41 23.87 -1.69 60.66
N ILE K 42 23.67 -1.17 61.87
CA ILE K 42 24.28 -1.70 63.06
C ILE K 42 23.21 -1.83 64.14
N GLY K 43 23.45 -2.75 65.07
CA GLY K 43 22.56 -2.93 66.18
C GLY K 43 22.83 -4.24 66.86
N PRO K 44 22.18 -4.45 67.99
CA PRO K 44 22.36 -5.72 68.72
C PRO K 44 21.98 -6.92 67.87
N THR K 45 22.70 -8.02 68.03
CA THR K 45 22.29 -9.26 67.39
C THR K 45 20.87 -9.60 67.83
N GLY K 46 19.95 -9.61 66.87
CA GLY K 46 18.54 -9.73 67.18
C GLY K 46 17.96 -8.36 67.45
N SER K 47 18.34 -7.39 66.62
CA SER K 47 17.83 -6.04 66.70
C SER K 47 17.01 -5.76 65.45
N GLY K 48 16.12 -6.69 65.11
CA GLY K 48 15.24 -6.55 63.96
C GLY K 48 15.95 -6.31 62.67
N LYS K 49 17.27 -6.43 62.62
CA LYS K 49 18.01 -6.11 61.42
C LYS K 49 17.60 -7.01 60.26
N THR K 50 17.61 -8.32 60.49
CA THR K 50 17.19 -9.25 59.46
C THR K 50 15.81 -8.89 58.95
N THR K 51 14.89 -8.59 59.86
CA THR K 51 13.53 -8.25 59.45
C THR K 51 13.53 -6.97 58.61
N LEU K 52 14.38 -6.01 58.96
CA LEU K 52 14.41 -4.79 58.15
C LEU K 52 14.97 -5.07 56.77
N VAL K 53 15.91 -5.99 56.66
CA VAL K 53 16.37 -6.42 55.34
C VAL K 53 15.22 -7.04 54.56
N ASP K 54 14.43 -7.89 55.22
CA ASP K 54 13.26 -8.44 54.56
C ASP K 54 12.34 -7.36 54.05
N ALA K 55 12.15 -6.30 54.85
CA ALA K 55 11.20 -5.25 54.46
C ALA K 55 11.50 -4.74 53.05
N LEU K 56 12.78 -4.68 52.69
CA LEU K 56 13.14 -4.35 51.32
C LEU K 56 12.77 -5.45 50.36
N MET K 57 13.18 -6.68 50.67
CA MET K 57 13.11 -7.74 49.66
C MET K 57 11.67 -8.04 49.30
N THR K 58 10.74 -7.74 50.21
CA THR K 58 9.33 -8.03 49.94
C THR K 58 8.81 -7.19 48.78
N LEU K 59 9.43 -6.06 48.51
CA LEU K 59 9.01 -5.23 47.39
C LEU K 59 9.68 -5.65 46.10
N LEU K 60 10.65 -6.57 46.17
CA LEU K 60 11.54 -6.85 45.03
C LEU K 60 11.62 -8.33 44.69
N LEU K 61 10.54 -9.08 44.91
CA LEU K 61 10.41 -10.41 44.33
C LEU K 61 8.97 -10.85 44.43
N ALA K 62 8.63 -11.88 43.66
CA ALA K 62 7.44 -12.63 43.95
C ALA K 62 7.51 -13.13 45.38
N ASN K 63 8.50 -13.97 45.69
CA ASN K 63 8.61 -14.62 46.98
C ASN K 63 10.05 -14.61 47.47
N PRO K 64 10.35 -14.01 48.61
CA PRO K 64 11.72 -14.02 49.11
C PRO K 64 12.00 -15.28 49.92
N ARG K 65 13.28 -15.64 50.00
CA ARG K 65 13.70 -16.59 51.01
C ARG K 65 13.69 -15.86 52.34
N TYR K 66 12.53 -15.88 53.01
CA TYR K 66 12.29 -15.00 54.13
C TYR K 66 13.43 -15.01 55.14
N ASN K 67 13.49 -13.95 55.95
CA ASN K 67 14.29 -13.89 57.16
C ASN K 67 15.74 -14.28 56.91
N LEU K 68 16.25 -14.03 55.71
CA LEU K 68 17.42 -14.75 55.24
C LEU K 68 18.68 -14.34 56.00
N ALA K 69 18.76 -13.08 56.43
CA ALA K 69 19.97 -12.62 57.12
C ALA K 69 20.21 -13.42 58.39
N SER K 70 19.18 -13.58 59.23
CA SER K 70 19.34 -14.36 60.44
C SER K 70 19.34 -15.85 60.13
N THR K 71 18.63 -16.26 59.09
CA THR K 71 18.50 -17.66 58.70
C THR K 71 19.19 -17.82 57.34
N GLY K 72 20.39 -18.39 57.36
CA GLY K 72 21.24 -18.40 56.19
C GLY K 72 20.79 -19.29 55.05
N GLY K 73 20.32 -18.67 53.97
CA GLY K 73 20.19 -19.35 52.70
C GLY K 73 19.19 -20.49 52.63
N HIS K 74 18.21 -20.53 53.53
CA HIS K 74 17.23 -21.61 53.53
C HIS K 74 15.90 -21.09 54.04
N GLU K 75 14.89 -21.98 54.00
CA GLU K 75 13.57 -21.62 54.47
C GLU K 75 13.64 -21.26 55.94
N SER K 76 12.84 -20.27 56.33
CA SER K 76 13.01 -19.63 57.62
C SER K 76 11.79 -19.80 58.50
N ASP K 77 11.96 -19.44 59.77
CA ASP K 77 10.90 -19.47 60.76
C ASP K 77 9.90 -18.34 60.60
N ARG K 78 10.19 -17.34 59.78
CA ARG K 78 9.35 -16.16 59.69
C ARG K 78 8.97 -15.92 58.24
N ASP K 79 7.79 -15.35 58.04
CA ASP K 79 7.26 -15.15 56.70
C ASP K 79 6.46 -13.86 56.68
N LEU K 80 5.86 -13.59 55.53
CA LEU K 80 5.09 -12.37 55.38
C LEU K 80 4.01 -12.27 56.45
N ILE K 81 3.32 -13.37 56.72
CA ILE K 81 2.23 -13.32 57.67
C ILE K 81 2.74 -12.87 59.03
N SER K 82 3.84 -13.49 59.49
CA SER K 82 4.36 -13.13 60.80
C SER K 82 4.77 -11.67 60.85
N TYR K 83 5.46 -11.21 59.81
CA TYR K 83 5.91 -9.82 59.82
C TYR K 83 4.73 -8.88 59.84
N VAL K 84 3.71 -9.17 59.04
CA VAL K 84 2.54 -8.30 58.98
C VAL K 84 1.86 -8.25 60.33
N ARG K 85 1.64 -9.42 60.94
CA ARG K 85 0.94 -9.46 62.22
C ARG K 85 1.85 -9.08 63.37
N GLY K 86 3.15 -8.97 63.12
CA GLY K 86 4.11 -8.76 64.18
C GLY K 86 4.41 -9.99 65.01
N VAL K 87 4.02 -11.17 64.54
CA VAL K 87 4.24 -12.39 65.32
C VAL K 87 5.72 -12.55 65.61
N SER K 88 6.04 -12.94 66.84
CA SER K 88 7.41 -13.22 67.24
C SER K 88 7.46 -14.45 68.14
N GLY K 89 6.82 -15.53 67.73
CA GLY K 89 6.63 -16.69 68.58
C GLY K 89 7.92 -17.24 69.15
N PRO K 90 8.83 -17.67 68.30
CA PRO K 90 10.09 -18.25 68.81
C PRO K 90 10.89 -17.26 69.62
N GLY K 91 10.71 -15.96 69.39
CA GLY K 91 11.56 -14.97 70.04
C GLY K 91 11.27 -14.79 71.52
N ASP K 92 10.09 -14.25 71.84
CA ASP K 92 9.78 -13.98 73.25
C ASP K 92 10.00 -15.20 74.12
N GLY K 93 9.46 -16.35 73.74
CA GLY K 93 9.82 -17.60 74.38
C GLY K 93 9.16 -17.86 75.71
N GLY K 94 8.85 -16.80 76.46
CA GLY K 94 8.26 -16.96 77.78
C GLY K 94 7.22 -15.93 78.13
N GLU K 95 6.83 -15.09 77.17
CA GLU K 95 5.75 -14.15 77.39
C GLU K 95 4.40 -14.69 76.94
N GLY K 96 4.23 -14.93 75.64
CA GLY K 96 3.13 -15.71 75.15
C GLY K 96 3.53 -16.57 73.96
N GLN K 97 4.79 -16.48 73.57
CA GLN K 97 5.36 -17.16 72.42
C GLN K 97 4.48 -17.06 71.18
N SER K 98 3.62 -16.04 71.11
CA SER K 98 3.09 -15.57 69.83
C SER K 98 3.18 -14.06 69.74
N HIS K 99 2.85 -13.39 70.85
CA HIS K 99 2.98 -11.95 71.02
C HIS K 99 2.57 -11.17 69.77
N ILE K 100 1.29 -11.29 69.41
CA ILE K 100 0.73 -10.54 68.29
C ILE K 100 0.31 -9.16 68.77
N ALA K 101 1.11 -8.14 68.45
CA ALA K 101 0.77 -6.78 68.83
C ALA K 101 -0.20 -6.13 67.85
N ARG K 102 -0.48 -6.77 66.72
CA ARG K 102 -1.39 -6.26 65.71
C ARG K 102 -2.39 -7.35 65.34
N PRO K 103 -3.24 -7.75 66.27
CA PRO K 103 -4.09 -8.93 66.04
C PRO K 103 -5.32 -8.64 65.20
N GLY K 104 -5.91 -7.46 65.35
CA GLY K 104 -7.19 -7.17 64.71
C GLY K 104 -7.09 -6.21 63.55
N LYS K 105 -8.06 -5.30 63.44
CA LYS K 105 -8.02 -4.30 62.39
C LYS K 105 -6.70 -3.56 62.42
N THR K 106 -5.92 -3.72 61.36
CA THR K 106 -4.59 -3.15 61.30
C THR K 106 -4.16 -3.00 59.85
N VAL K 107 -3.12 -2.19 59.65
CA VAL K 107 -2.50 -2.01 58.35
C VAL K 107 -0.99 -1.92 58.54
N THR K 108 -0.25 -2.51 57.63
CA THR K 108 1.20 -2.62 57.71
C THR K 108 1.80 -2.10 56.40
N GLY K 109 2.69 -1.14 56.50
CA GLY K 109 3.21 -0.45 55.32
C GLY K 109 4.71 -0.45 55.25
N ILE K 110 5.23 -0.68 54.04
CA ILE K 110 6.66 -0.66 53.77
C ILE K 110 6.88 -0.07 52.38
N ALA K 111 7.92 0.75 52.24
CA ALA K 111 8.18 1.40 50.96
C ALA K 111 9.60 1.92 50.90
N ALA K 112 10.32 1.55 49.85
CA ALA K 112 11.68 2.02 49.63
C ALA K 112 11.68 3.13 48.58
N THR K 113 12.87 3.63 48.26
CA THR K 113 13.01 4.66 47.23
C THR K 113 14.46 4.74 46.78
N LEU K 114 14.67 4.55 45.48
CA LEU K 114 15.96 4.81 44.87
C LEU K 114 15.86 6.09 44.06
N GLU K 115 16.99 6.60 43.62
CA GLU K 115 17.03 7.89 42.95
C GLU K 115 18.20 7.95 41.98
N ARG K 116 17.97 8.63 40.87
CA ARG K 116 19.00 8.85 39.88
C ARG K 116 18.81 10.23 39.29
N GLU K 117 19.84 11.06 39.41
CA GLU K 117 19.83 12.38 38.80
C GLU K 117 18.59 13.16 39.22
N GLY K 118 18.30 13.13 40.52
CA GLY K 118 17.23 13.93 41.08
C GLY K 118 15.84 13.40 40.86
N LYS K 119 15.69 12.23 40.26
CA LYS K 119 14.38 11.63 40.06
C LYS K 119 14.19 10.46 41.01
N GLN K 120 13.08 10.48 41.75
CA GLN K 120 12.74 9.43 42.67
C GLN K 120 12.03 8.30 41.94
N VAL K 121 12.31 7.07 42.37
CA VAL K 121 11.52 5.90 42.03
C VAL K 121 11.13 5.23 43.33
N ARG K 122 9.84 5.31 43.67
CA ARG K 122 9.36 4.89 44.97
C ARG K 122 8.56 3.61 44.83
N LEU K 123 8.94 2.60 45.61
CA LEU K 123 8.28 1.30 45.61
C LEU K 123 7.56 1.15 46.94
N GLY K 124 6.26 0.92 46.88
CA GLY K 124 5.42 0.92 48.07
C GLY K 124 4.46 -0.25 48.08
N ALA K 125 4.17 -0.74 49.29
CA ALA K 125 3.28 -1.88 49.50
C ALA K 125 2.45 -1.66 50.75
N LEU K 126 1.18 -2.04 50.69
CA LEU K 126 0.29 -1.99 51.84
C LEU K 126 -0.28 -3.38 52.09
N LEU K 127 -0.42 -3.74 53.37
CA LEU K 127 -0.93 -5.05 53.76
C LEU K 127 -1.75 -4.88 55.02
N TRP K 128 -3.06 -5.06 54.90
CA TRP K 128 -3.96 -4.77 56.02
C TRP K 128 -4.95 -5.91 56.18
N PHE K 129 -5.42 -6.08 57.41
CA PHE K 129 -6.58 -6.89 57.74
C PHE K 129 -7.62 -5.99 58.37
N ASP K 130 -8.90 -6.29 58.11
CA ASP K 130 -9.98 -5.53 58.73
C ASP K 130 -10.32 -6.02 60.13
N SER K 131 -9.90 -7.23 60.49
CA SER K 131 -10.33 -7.85 61.73
C SER K 131 -9.21 -8.76 62.22
N THR K 132 -9.54 -9.63 63.17
CA THR K 132 -8.61 -10.65 63.62
C THR K 132 -8.34 -11.71 62.58
N SER K 133 -9.19 -11.81 61.56
CA SER K 133 -9.01 -12.82 60.53
C SER K 133 -7.63 -12.67 59.92
N SER K 134 -6.89 -13.79 59.82
CA SER K 134 -5.47 -13.74 59.51
C SER K 134 -5.09 -14.64 58.34
N SER K 135 -6.04 -14.99 57.48
CA SER K 135 -5.74 -15.90 56.40
C SER K 135 -4.84 -15.25 55.37
N VAL K 136 -4.08 -16.08 54.65
CA VAL K 136 -3.29 -15.59 53.53
C VAL K 136 -4.19 -14.94 52.50
N THR K 137 -5.41 -15.44 52.33
CA THR K 137 -6.39 -14.81 51.47
C THR K 137 -7.04 -13.59 52.11
N ASP K 138 -7.32 -13.64 53.41
CA ASP K 138 -7.80 -12.45 54.09
C ASP K 138 -6.74 -11.36 54.06
N MET K 139 -5.50 -11.72 53.75
CA MET K 139 -4.45 -10.73 53.63
C MET K 139 -4.78 -9.81 52.48
N LYS K 140 -5.29 -8.62 52.79
CA LYS K 140 -5.71 -7.67 51.77
C LYS K 140 -4.54 -6.79 51.42
N ARG K 141 -4.15 -6.80 50.15
CA ARG K 141 -2.86 -6.32 49.71
C ARG K 141 -3.00 -5.16 48.74
N LEU K 142 -1.87 -4.56 48.44
CA LEU K 142 -1.72 -3.59 47.38
C LEU K 142 -0.26 -3.54 46.99
N TRP K 143 0.02 -2.90 45.87
CA TRP K 143 1.37 -2.50 45.53
C TRP K 143 1.29 -1.17 44.78
N LEU K 144 2.38 -0.42 44.83
CA LEU K 144 2.37 0.93 44.29
C LEU K 144 3.73 1.23 43.69
N PHE K 145 3.71 1.59 42.42
CA PHE K 145 4.89 2.07 41.71
C PHE K 145 4.66 3.55 41.45
N SER K 146 5.56 4.38 41.94
CA SER K 146 5.40 5.82 41.80
C SER K 146 6.76 6.46 41.85
N ASP K 147 7.28 6.84 40.68
CA ASP K 147 8.45 7.69 40.61
C ASP K 147 8.09 9.15 40.90
N ASN K 148 6.83 9.40 41.27
CA ASN K 148 6.37 10.73 41.63
C ASN K 148 6.69 10.95 43.10
N PRO K 149 7.61 11.86 43.44
CA PRO K 149 7.94 12.05 44.85
C PRO K 149 6.76 12.42 45.71
N GLY K 150 5.80 13.18 45.18
CA GLY K 150 4.65 13.61 45.97
C GLY K 150 3.96 12.49 46.70
N GLN K 151 4.15 11.25 46.27
CA GLN K 151 3.51 10.10 46.88
C GLN K 151 4.46 9.46 47.89
N THR K 152 3.91 9.03 49.03
CA THR K 152 4.71 8.45 50.08
C THR K 152 3.88 7.41 50.82
N LEU K 153 4.58 6.52 51.52
CA LEU K 153 3.91 5.56 52.38
C LEU K 153 2.94 6.25 53.30
N GLU K 154 3.35 7.39 53.85
CA GLU K 154 2.47 8.12 54.76
C GLU K 154 1.25 8.62 54.02
N HIS K 155 1.43 9.10 52.79
CA HIS K 155 0.31 9.57 52.00
C HIS K 155 -0.72 8.46 51.83
N TRP K 156 -0.26 7.29 51.40
CA TRP K 156 -1.17 6.18 51.15
C TRP K 156 -1.84 5.70 52.43
N LEU K 157 -1.09 5.63 53.53
CA LEU K 157 -1.71 5.23 54.79
C LEU K 157 -2.78 6.24 55.20
N ASN K 158 -2.48 7.53 55.03
CA ASN K 158 -3.46 8.55 55.35
C ASN K 158 -4.74 8.33 54.56
N VAL K 159 -4.61 8.16 53.25
CA VAL K 159 -5.81 7.97 52.45
C VAL K 159 -6.50 6.66 52.82
N TYR K 160 -5.72 5.64 53.17
CA TYR K 160 -6.31 4.36 53.54
C TYR K 160 -7.19 4.49 54.76
N HIS K 161 -6.71 5.22 55.78
CA HIS K 161 -7.57 5.50 56.91
C HIS K 161 -8.74 6.39 56.51
N GLU K 162 -8.52 7.28 55.54
CA GLU K 162 -9.60 8.12 55.05
C GLU K 162 -10.70 7.29 54.41
N GLY K 163 -10.32 6.23 53.70
CA GLY K 163 -11.28 5.44 52.94
C GLY K 163 -10.62 4.17 52.46
N GLY K 164 -11.44 3.28 51.92
CA GLY K 164 -10.96 1.97 51.51
C GLY K 164 -10.11 2.05 50.26
N THR K 165 -9.68 0.87 49.81
CA THR K 165 -8.90 0.79 48.58
C THR K 165 -9.68 1.37 47.41
N ARG K 166 -11.00 1.38 47.51
CA ARG K 166 -11.80 2.11 46.54
C ARG K 166 -11.32 3.55 46.43
N LEU K 167 -11.20 4.22 47.57
CA LEU K 167 -10.69 5.59 47.58
C LEU K 167 -9.27 5.63 47.03
N LEU K 168 -8.45 4.65 47.41
CA LEU K 168 -7.07 4.62 46.93
C LEU K 168 -7.03 4.65 45.41
N ARG K 169 -7.76 3.75 44.78
CA ARG K 169 -7.68 3.62 43.33
C ARG K 169 -8.40 4.77 42.64
N GLN K 170 -9.44 5.32 43.27
CA GLN K 170 -10.06 6.52 42.72
C GLN K 170 -9.05 7.66 42.67
N MET K 171 -8.33 7.88 43.77
CA MET K 171 -7.29 8.89 43.76
C MET K 171 -6.20 8.56 42.75
N GLU K 172 -5.82 7.28 42.64
CA GLU K 172 -4.80 6.91 41.67
C GLU K 172 -5.23 7.25 40.26
N LYS K 173 -6.50 6.99 39.93
CA LYS K 173 -7.06 7.52 38.70
C LYS K 173 -6.83 9.03 38.62
N GLU K 174 -7.16 9.74 39.69
CA GLU K 174 -6.98 11.18 39.68
C GLU K 174 -5.50 11.56 39.66
N ALA K 175 -4.62 10.64 40.02
CA ALA K 175 -3.22 10.97 40.25
C ALA K 175 -2.39 10.70 38.99
N ILE K 176 -1.10 10.98 39.09
CA ILE K 176 -0.16 10.77 38.00
C ILE K 176 1.14 10.23 38.59
N GLY K 177 1.93 9.60 37.73
CA GLY K 177 3.18 9.00 38.21
C GLY K 177 2.96 7.94 39.25
N LEU K 178 1.82 7.25 39.20
CA LEU K 178 1.47 6.25 40.18
C LEU K 178 0.73 5.11 39.52
N TRP K 179 0.90 3.90 40.04
CA TRP K 179 0.17 2.75 39.56
C TRP K 179 -0.04 1.77 40.71
N THR K 180 -1.30 1.50 41.00
CA THR K 180 -1.64 0.47 41.97
C THR K 180 -1.63 -0.89 41.27
N TYR K 181 -1.54 -1.93 42.08
CA TYR K 181 -1.51 -3.29 41.58
C TYR K 181 -2.16 -4.20 42.60
N PRO K 182 -3.45 -4.47 42.49
CA PRO K 182 -4.10 -5.29 43.50
C PRO K 182 -3.63 -6.73 43.49
N ASN K 183 -2.63 -7.02 42.67
CA ASN K 183 -1.92 -8.30 42.78
C ASN K 183 -0.44 -8.02 42.58
N LYS K 184 0.38 -8.91 43.15
CA LYS K 184 1.81 -8.67 43.17
C LYS K 184 2.45 -8.95 41.83
N LYS K 185 1.99 -9.95 41.11
CA LYS K 185 2.67 -10.31 39.87
C LYS K 185 2.67 -9.16 38.89
N GLN K 186 1.53 -8.48 38.76
CA GLN K 186 1.43 -7.34 37.86
C GLN K 186 2.38 -6.23 38.28
N TYR K 187 2.43 -5.94 39.58
CA TYR K 187 3.39 -4.98 40.09
C TYR K 187 4.81 -5.35 39.70
N LEU K 188 5.16 -6.61 39.87
CA LEU K 188 6.52 -7.05 39.59
C LEU K 188 6.82 -6.94 38.11
N ALA K 189 5.85 -7.23 37.25
CA ALA K 189 6.05 -7.00 35.82
C ALA K 189 6.33 -5.53 35.57
N ARG K 190 5.52 -4.65 36.17
CA ARG K 190 5.74 -3.22 35.99
C ARG K 190 7.15 -2.82 36.38
N LEU K 191 7.61 -3.30 37.53
CA LEU K 191 8.95 -2.95 37.97
C LEU K 191 10.00 -3.48 37.01
N ARG K 192 9.97 -4.77 36.71
CA ARG K 192 10.99 -5.30 35.83
C ARG K 192 10.98 -4.57 34.50
N ASP K 193 9.81 -4.08 34.08
CA ASP K 193 9.75 -3.19 32.93
C ASP K 193 10.58 -1.94 33.17
N PHE K 194 10.38 -1.30 34.31
CA PHE K 194 10.99 0.01 34.50
C PHE K 194 12.48 -0.07 34.77
N PHE K 195 13.04 -1.28 34.93
CA PHE K 195 14.47 -1.42 35.23
C PHE K 195 15.19 -2.35 34.26
N GLU K 196 14.57 -2.74 33.16
CA GLU K 196 15.27 -3.49 32.12
C GLU K 196 15.99 -4.70 32.70
N VAL K 197 15.32 -5.47 33.55
CA VAL K 197 15.95 -6.58 34.23
C VAL K 197 14.94 -7.70 34.43
N GLY K 198 15.39 -8.93 34.20
CA GLY K 198 14.56 -10.09 34.47
C GLY K 198 14.56 -10.45 35.93
N GLU K 199 13.61 -11.32 36.30
CA GLU K 199 13.45 -11.66 37.71
C GLU K 199 14.68 -12.35 38.26
N ASN K 200 15.44 -13.05 37.41
CA ASN K 200 16.63 -13.73 37.87
C ASN K 200 17.56 -12.78 38.60
N ALA K 201 17.57 -11.51 38.17
CA ALA K 201 18.41 -10.53 38.84
C ALA K 201 18.05 -10.42 40.32
N PHE K 202 16.79 -10.15 40.62
CA PHE K 202 16.40 -10.00 42.02
C PHE K 202 16.57 -11.31 42.78
N THR K 203 16.31 -12.43 42.13
CA THR K 203 16.55 -13.71 42.79
C THR K 203 18.00 -13.79 43.26
N LEU K 204 18.93 -13.48 42.36
CA LEU K 204 20.33 -13.47 42.75
C LEU K 204 20.57 -12.47 43.86
N LEU K 205 19.89 -11.33 43.78
CA LEU K 205 20.06 -10.30 44.81
C LEU K 205 19.77 -10.88 46.20
N ASN K 206 18.62 -11.51 46.37
CA ASN K 206 18.29 -12.07 47.67
C ASN K 206 19.21 -13.20 48.06
N ARG K 207 19.47 -14.13 47.14
CA ARG K 207 20.37 -15.21 47.50
C ARG K 207 21.72 -14.65 47.96
N ALA K 208 22.12 -13.52 47.38
CA ALA K 208 23.36 -12.89 47.80
C ALA K 208 23.24 -12.30 49.19
N ALA K 209 22.17 -11.55 49.43
CA ALA K 209 21.99 -10.95 50.75
C ALA K 209 21.87 -12.03 51.81
N GLY K 210 21.59 -13.26 51.40
CA GLY K 210 21.52 -14.40 52.29
C GLY K 210 22.77 -15.23 52.35
N LEU K 211 23.93 -14.67 51.98
CA LEU K 211 25.14 -15.47 51.97
C LEU K 211 25.74 -15.52 53.37
N LYS K 212 24.90 -15.86 54.35
CA LYS K 212 25.41 -16.07 55.70
C LYS K 212 26.40 -17.23 55.72
N GLN K 213 26.20 -18.21 54.85
CA GLN K 213 27.14 -19.32 54.76
C GLN K 213 28.52 -18.85 54.33
N LEU K 214 28.57 -17.94 53.35
CA LEU K 214 29.83 -17.45 52.82
C LEU K 214 30.67 -18.63 52.32
N ASN K 215 30.06 -19.48 51.50
CA ASN K 215 30.60 -20.78 51.17
C ASN K 215 31.46 -20.70 49.90
N SER K 216 31.77 -21.86 49.31
CA SER K 216 32.71 -21.96 48.21
C SER K 216 32.06 -21.67 46.87
N ILE K 217 32.91 -21.45 45.86
CA ILE K 217 32.47 -20.93 44.58
C ILE K 217 31.48 -21.85 43.91
N ASP K 218 31.72 -23.16 43.96
CA ASP K 218 30.80 -24.07 43.28
C ASP K 218 29.38 -23.83 43.74
N GLU K 219 29.18 -23.76 45.05
CA GLU K 219 27.88 -23.38 45.56
C GLU K 219 27.46 -22.05 45.00
N ILE K 220 28.37 -21.08 44.99
CA ILE K 220 28.02 -19.76 44.50
C ILE K 220 27.32 -19.87 43.17
N PHE K 221 28.00 -20.44 42.19
CA PHE K 221 27.37 -20.62 40.89
C PHE K 221 26.07 -21.39 41.03
N ARG K 222 26.17 -22.64 41.49
CA ARG K 222 25.06 -23.57 41.34
C ARG K 222 23.78 -23.02 41.98
N GLU K 223 23.90 -22.45 43.17
CA GLU K 223 22.71 -21.93 43.84
C GLU K 223 22.42 -20.49 43.45
N LEU K 224 23.35 -19.59 43.74
CA LEU K 224 23.05 -18.17 43.65
C LEU K 224 22.94 -17.72 42.19
N VAL K 225 23.87 -18.18 41.35
CA VAL K 225 24.07 -17.51 40.07
C VAL K 225 22.99 -17.90 39.08
N LEU K 226 22.94 -19.17 38.69
CA LEU K 226 22.28 -19.61 37.48
C LEU K 226 20.81 -19.93 37.76
N ASP K 227 19.91 -19.21 37.10
CA ASP K 227 18.51 -19.57 37.21
C ASP K 227 18.34 -21.01 36.76
N ASP K 228 17.33 -21.67 37.32
CA ASP K 228 17.24 -23.11 37.33
C ASP K 228 16.34 -23.62 36.20
N HIS K 229 16.85 -24.59 35.43
CA HIS K 229 16.07 -25.28 34.42
C HIS K 229 16.39 -26.77 34.36
N SER K 230 16.70 -27.37 35.50
CA SER K 230 16.88 -28.82 35.55
C SER K 230 15.66 -29.50 34.97
N ALA K 231 15.87 -30.67 34.38
CA ALA K 231 14.87 -31.31 33.54
C ALA K 231 14.16 -32.46 34.23
N PHE K 232 13.92 -32.37 35.53
CA PHE K 232 13.36 -33.51 36.25
C PHE K 232 11.98 -33.87 35.73
N ASP K 233 11.07 -32.90 35.67
CA ASP K 233 9.75 -33.21 35.14
C ASP K 233 9.82 -33.77 33.73
N ARG K 234 10.82 -33.36 32.96
CA ARG K 234 10.97 -33.90 31.61
C ARG K 234 11.32 -35.39 31.68
N ALA K 235 12.27 -35.75 32.53
CA ALA K 235 12.60 -37.16 32.67
C ALA K 235 11.41 -37.96 33.15
N ALA K 236 10.61 -37.37 34.04
CA ALA K 236 9.39 -38.02 34.48
C ALA K 236 8.45 -38.26 33.32
N GLU K 237 8.26 -37.24 32.48
CA GLU K 237 7.40 -37.42 31.33
C GLU K 237 7.91 -38.54 30.43
N VAL K 238 9.22 -38.60 30.21
CA VAL K 238 9.77 -39.58 29.29
C VAL K 238 9.59 -40.99 29.84
N ALA K 239 9.97 -41.21 31.09
CA ALA K 239 9.80 -42.54 31.66
C ALA K 239 8.33 -42.92 31.69
N ASN K 240 7.46 -41.96 31.96
CA ASN K 240 6.03 -42.23 31.99
C ASN K 240 5.51 -42.66 30.63
N SER K 241 5.94 -41.99 29.56
CA SER K 241 5.55 -42.42 28.23
C SER K 241 6.10 -43.82 27.93
N PHE K 242 7.34 -44.07 28.33
CA PHE K 242 7.88 -45.40 28.12
C PHE K 242 6.99 -46.45 28.75
N ASP K 243 6.57 -46.20 29.98
CA ASP K 243 5.74 -47.16 30.68
C ASP K 243 4.36 -47.27 30.04
N GLY K 244 3.80 -46.14 29.60
CA GLY K 244 2.53 -46.22 28.93
C GLY K 244 2.60 -47.10 27.69
N LEU K 245 3.67 -46.96 26.93
CA LEU K 245 3.84 -47.80 25.76
C LEU K 245 4.06 -49.25 26.14
N THR K 246 4.82 -49.49 27.21
CA THR K 246 4.98 -50.87 27.64
C THR K 246 3.63 -51.45 28.03
N GLU K 247 2.74 -50.62 28.59
CA GLU K 247 1.39 -51.09 28.87
C GLU K 247 0.67 -51.46 27.59
N ILE K 248 0.75 -50.61 26.57
CA ILE K 248 0.13 -50.94 25.30
C ILE K 248 0.61 -52.30 24.84
N HIS K 249 1.93 -52.48 24.85
CA HIS K 249 2.54 -53.71 24.38
C HIS K 249 2.08 -54.90 25.20
N GLN K 250 1.97 -54.72 26.51
CA GLN K 250 1.56 -55.81 27.37
C GLN K 250 0.12 -56.19 27.13
N GLU K 251 -0.75 -55.20 26.90
CA GLU K 251 -2.13 -55.52 26.54
C GLU K 251 -2.19 -56.32 25.26
N LEU K 252 -1.40 -55.93 24.27
CA LEU K 252 -1.33 -56.75 23.07
C LEU K 252 -0.87 -58.16 23.42
N GLU K 253 0.09 -58.28 24.32
CA GLU K 253 0.55 -59.62 24.71
C GLU K 253 -0.59 -60.43 25.31
N THR K 254 -1.37 -59.81 26.19
CA THR K 254 -2.48 -60.51 26.83
C THR K 254 -3.50 -60.93 25.81
N ALA K 255 -3.81 -60.06 24.85
CA ALA K 255 -4.72 -60.48 23.79
C ALA K 255 -4.15 -61.67 23.04
N ARG K 256 -2.84 -61.65 22.76
CA ARG K 256 -2.22 -62.78 22.07
C ARG K 256 -2.47 -64.06 22.82
N LYS K 257 -2.16 -64.08 24.11
CA LYS K 257 -2.28 -65.34 24.82
C LYS K 257 -3.74 -65.71 25.07
N GLN K 258 -4.63 -64.73 25.21
CA GLN K 258 -6.04 -65.05 25.33
C GLN K 258 -6.53 -65.78 24.10
N GLN K 259 -6.22 -65.25 22.92
CA GLN K 259 -6.67 -65.92 21.70
C GLN K 259 -5.97 -67.27 21.56
N GLN K 260 -4.70 -67.33 21.97
CA GLN K 260 -4.00 -68.62 21.98
C GLN K 260 -4.77 -69.65 22.78
N SER K 261 -5.25 -69.27 23.97
CA SER K 261 -6.02 -70.19 24.79
C SER K 261 -7.36 -70.52 24.15
N LEU K 262 -8.05 -69.50 23.64
CA LEU K 262 -9.40 -69.72 23.16
C LEU K 262 -9.44 -70.57 21.92
N GLN K 263 -8.37 -70.59 21.14
CA GLN K 263 -8.37 -71.43 19.94
C GLN K 263 -8.61 -72.90 20.26
N PRO K 264 -7.89 -73.52 21.20
CA PRO K 264 -8.24 -74.89 21.58
C PRO K 264 -9.70 -75.05 21.95
N VAL K 265 -10.29 -74.04 22.57
CA VAL K 265 -11.67 -74.16 23.03
C VAL K 265 -12.59 -74.45 21.85
N ALA K 266 -12.51 -73.64 20.80
CA ALA K 266 -13.40 -73.85 19.67
C ALA K 266 -13.12 -75.18 18.98
N LEU K 267 -11.83 -75.55 18.89
CA LEU K 267 -11.48 -76.83 18.30
C LEU K 267 -12.18 -77.98 19.01
N SER K 268 -11.93 -78.11 20.32
CA SER K 268 -12.54 -79.19 21.06
C SER K 268 -14.05 -79.09 21.04
N TRP K 269 -14.59 -77.86 21.03
CA TRP K 269 -16.02 -77.68 20.99
C TRP K 269 -16.62 -78.28 19.72
N GLU K 270 -15.98 -78.04 18.59
CA GLU K 270 -16.50 -78.57 17.34
C GLU K 270 -16.34 -80.08 17.27
N LYS K 271 -15.22 -80.59 17.79
CA LYS K 271 -15.08 -82.05 17.89
C LYS K 271 -16.23 -82.64 18.70
N TYR K 272 -16.49 -82.04 19.85
CA TYR K 272 -17.59 -82.47 20.71
C TYR K 272 -18.92 -82.37 19.98
N GLN K 273 -19.10 -81.32 19.17
CA GLN K 273 -20.37 -81.14 18.49
C GLN K 273 -20.60 -82.19 17.41
N LYS K 274 -19.55 -82.52 16.65
CA LYS K 274 -19.69 -83.59 15.67
C LYS K 274 -20.00 -84.91 16.34
N GLN K 275 -19.33 -85.19 17.46
CA GLN K 275 -19.66 -86.40 18.19
C GLN K 275 -21.10 -86.37 18.70
N GLU K 276 -21.55 -85.20 19.16
CA GLU K 276 -22.92 -85.07 19.66
C GLU K 276 -23.93 -85.40 18.58
N ARG K 277 -23.80 -84.78 17.40
CA ARG K 277 -24.75 -85.05 16.33
C ARG K 277 -24.68 -86.49 15.89
N GLN K 278 -23.46 -87.04 15.79
CA GLN K 278 -23.31 -88.46 15.49
C GLN K 278 -24.12 -89.32 16.45
N LEU K 279 -23.94 -89.10 17.74
CA LEU K 279 -24.61 -89.95 18.72
C LEU K 279 -26.12 -89.70 18.73
N ALA K 280 -26.56 -88.48 18.45
CA ALA K 280 -27.99 -88.22 18.35
C ALA K 280 -28.59 -89.06 17.22
N ASP K 281 -27.98 -89.00 16.04
CA ASP K 281 -28.48 -89.82 14.95
C ASP K 281 -28.41 -91.30 15.31
N TRP K 282 -27.37 -91.69 16.05
CA TRP K 282 -27.16 -93.09 16.36
C TRP K 282 -28.23 -93.62 17.32
N LEU K 283 -28.58 -92.83 18.34
CA LEU K 283 -29.65 -93.23 19.23
C LEU K 283 -30.99 -93.21 18.50
N THR K 284 -31.18 -92.28 17.57
CA THR K 284 -32.40 -92.32 16.75
C THR K 284 -32.46 -93.64 15.97
N LEU K 285 -31.32 -94.07 15.44
CA LEU K 285 -31.26 -95.36 14.76
C LEU K 285 -31.65 -96.49 15.71
N GLU K 286 -31.11 -96.47 16.93
CA GLU K 286 -31.44 -97.52 17.88
C GLU K 286 -32.94 -97.54 18.15
N SER K 287 -33.55 -96.37 18.29
CA SER K 287 -34.99 -96.30 18.50
C SER K 287 -35.76 -96.80 17.28
N LEU K 288 -35.20 -96.61 16.08
CA LEU K 288 -35.89 -97.03 14.87
C LEU K 288 -35.81 -98.54 14.65
N LEU K 289 -34.75 -99.19 15.16
CA LEU K 289 -34.57 -100.62 14.88
C LEU K 289 -35.81 -101.44 15.21
N PRO K 290 -36.46 -101.28 16.36
CA PRO K 290 -37.60 -102.17 16.67
C PRO K 290 -38.72 -102.15 15.65
N LEU K 291 -39.08 -100.98 15.12
CA LEU K 291 -40.24 -100.89 14.24
C LEU K 291 -39.93 -101.41 12.84
N TRP K 292 -38.71 -101.16 12.37
CA TRP K 292 -38.26 -101.73 11.12
C TRP K 292 -38.38 -103.24 11.15
N PHE K 293 -37.83 -103.86 12.18
CA PHE K 293 -37.95 -105.31 12.33
C PHE K 293 -39.38 -105.71 12.64
N ALA K 294 -40.20 -104.81 13.18
CA ALA K 294 -41.60 -105.13 13.42
C ALA K 294 -42.35 -105.30 12.10
N GLN K 295 -42.12 -104.38 11.16
CA GLN K 295 -42.70 -104.53 9.83
C GLN K 295 -42.14 -105.76 9.12
N GLN K 296 -40.83 -106.00 9.27
CA GLN K 296 -40.26 -107.23 8.74
C GLN K 296 -40.99 -108.45 9.30
N ALA K 297 -41.26 -108.45 10.60
CA ALA K 297 -41.91 -109.59 11.23
C ALA K 297 -43.34 -109.73 10.74
N SER K 298 -44.04 -108.61 10.55
CA SER K 298 -45.40 -108.69 10.00
C SER K 298 -45.37 -109.37 8.63
N HIS K 299 -44.48 -108.92 7.75
CA HIS K 299 -44.40 -109.53 6.43
C HIS K 299 -43.99 -111.00 6.49
N LEU K 300 -43.00 -111.31 7.34
CA LEU K 300 -42.50 -112.67 7.43
C LEU K 300 -43.55 -113.60 8.00
N TRP K 301 -44.33 -113.11 8.97
CA TRP K 301 -45.43 -113.91 9.51
C TRP K 301 -46.54 -114.07 8.50
N ARG K 302 -46.74 -113.08 7.63
CA ARG K 302 -47.70 -113.26 6.54
C ARG K 302 -47.24 -114.35 5.60
N GLU K 303 -45.95 -114.36 5.26
CA GLU K 303 -45.39 -115.44 4.45
C GLU K 303 -45.56 -116.79 5.15
N LYS K 304 -45.31 -116.81 6.46
CA LYS K 304 -45.51 -118.02 7.25
C LYS K 304 -46.97 -118.47 7.18
N ILE K 305 -47.91 -117.53 7.28
CA ILE K 305 -49.32 -117.87 7.22
C ILE K 305 -49.65 -118.48 5.86
N ASN K 306 -49.14 -117.88 4.79
CA ASN K 306 -49.43 -118.41 3.46
C ASN K 306 -48.87 -119.82 3.31
N LEU K 307 -47.63 -120.05 3.75
CA LEU K 307 -47.06 -121.38 3.63
C LEU K 307 -47.82 -122.38 4.48
N LEU K 308 -48.28 -121.98 5.67
CA LEU K 308 -49.00 -122.90 6.53
C LEU K 308 -50.41 -123.15 6.02
N ASN K 309 -51.00 -122.19 5.31
CA ASN K 309 -52.25 -122.45 4.61
C ASN K 309 -52.04 -123.49 3.51
N ALA K 310 -50.95 -123.34 2.76
CA ALA K 310 -50.63 -124.33 1.74
C ALA K 310 -50.42 -125.72 2.35
N ARG K 311 -49.70 -125.77 3.47
CA ARG K 311 -49.42 -127.05 4.12
C ARG K 311 -50.66 -127.65 4.74
N LEU K 312 -51.52 -126.82 5.32
CA LEU K 312 -52.73 -127.31 5.97
C LEU K 312 -53.64 -127.99 4.97
N ALA K 313 -53.75 -127.44 3.76
CA ALA K 313 -54.56 -128.08 2.72
C ALA K 313 -53.99 -129.44 2.35
N GLU K 314 -52.66 -129.55 2.28
CA GLU K 314 -52.03 -130.82 1.92
C GLU K 314 -52.30 -131.89 2.97
N ALA K 315 -52.20 -131.53 4.25
CA ALA K 315 -52.47 -132.50 5.31
C ALA K 315 -53.92 -132.94 5.28
N GLN K 316 -54.84 -131.99 5.05
CA GLN K 316 -56.26 -132.36 4.93
C GLN K 316 -56.48 -133.27 3.74
N THR K 317 -55.77 -133.03 2.63
CA THR K 317 -55.91 -133.89 1.46
C THR K 317 -55.40 -135.29 1.75
N SER K 318 -54.28 -135.42 2.46
CA SER K 318 -53.79 -136.75 2.83
C SER K 318 -54.77 -137.44 3.76
N GLU K 319 -55.32 -136.69 4.73
CA GLU K 319 -56.34 -137.24 5.62
C GLU K 319 -57.53 -137.74 4.82
N GLU K 320 -57.98 -136.96 3.85
CA GLU K 320 -59.14 -137.33 3.06
C GLU K 320 -58.82 -138.50 2.13
N GLN K 321 -57.58 -138.61 1.68
CA GLN K 321 -57.19 -139.76 0.87
C GLN K 321 -57.24 -141.05 1.69
N LEU K 322 -56.75 -141.00 2.93
CA LEU K 322 -56.86 -142.18 3.79
C LEU K 322 -58.31 -142.47 4.14
N GLN K 323 -59.12 -141.43 4.32
CA GLN K 323 -60.56 -141.64 4.50
C GLN K 323 -61.18 -142.31 3.27
N SER K 324 -60.75 -141.91 2.07
CA SER K 324 -61.23 -142.52 0.85
C SER K 324 -60.79 -143.98 0.75
N GLN K 325 -59.59 -144.28 1.22
CA GLN K 325 -59.16 -145.69 1.27
C GLN K 325 -60.02 -146.50 2.22
N LEU K 326 -60.36 -145.93 3.38
CA LEU K 326 -61.27 -146.59 4.30
C LEU K 326 -62.63 -146.84 3.63
N ASP K 327 -63.15 -145.82 2.94
CA ASP K 327 -64.42 -145.97 2.25
C ASP K 327 -64.32 -146.99 1.11
N LEU K 328 -63.15 -147.11 0.48
CA LEU K 328 -62.96 -148.10 -0.56
C LEU K 328 -62.96 -149.51 0.02
N GLN K 329 -62.35 -149.69 1.19
CA GLN K 329 -62.45 -150.98 1.88
C GLN K 329 -63.90 -151.31 2.20
N LYS K 330 -64.66 -150.33 2.69
CA LYS K 330 -66.08 -150.55 2.95
C LYS K 330 -66.84 -150.84 1.66
N LYS K 331 -66.43 -150.24 0.54
CA LYS K 331 -67.04 -150.53 -0.76
C LYS K 331 -66.77 -151.97 -1.18
N VAL K 332 -65.56 -152.45 -0.92
CA VAL K 332 -65.26 -153.87 -1.18
C VAL K 332 -66.16 -154.74 -0.32
N VAL K 333 -66.34 -154.37 0.93
CA VAL K 333 -67.26 -155.09 1.81
C VAL K 333 -68.66 -155.11 1.19
N SER K 334 -69.09 -153.98 0.63
CA SER K 334 -70.43 -153.89 0.05
C SER K 334 -70.54 -154.73 -1.22
N ASP K 335 -69.47 -154.81 -2.01
CA ASP K 335 -69.51 -155.67 -3.19
C ASP K 335 -69.63 -157.13 -2.79
N HIS K 336 -68.83 -157.57 -1.82
CA HIS K 336 -68.93 -158.95 -1.36
C HIS K 336 -70.31 -159.22 -0.74
N MET K 337 -70.85 -158.24 -0.01
CA MET K 337 -72.27 -158.24 0.33
C MET K 337 -73.15 -158.55 -0.87
N GLN K 338 -73.08 -157.74 -1.92
CA GLN K 338 -73.98 -157.93 -3.05
C GLN K 338 -73.78 -159.30 -3.69
N ARG K 339 -72.59 -159.88 -3.54
CA ARG K 339 -72.41 -161.25 -4.02
C ARG K 339 -73.18 -162.24 -3.13
N TYR K 340 -73.10 -162.06 -1.81
CA TYR K 340 -73.76 -163.01 -0.91
C TYR K 340 -75.26 -163.02 -1.14
N LEU K 341 -75.86 -161.85 -1.36
CA LEU K 341 -77.30 -161.78 -1.62
C LEU K 341 -77.69 -162.64 -2.81
N GLN K 342 -76.93 -162.55 -3.90
CA GLN K 342 -77.26 -163.30 -5.11
C GLN K 342 -77.18 -164.79 -4.88
N VAL K 343 -76.16 -165.24 -4.15
CA VAL K 343 -75.96 -166.65 -3.88
C VAL K 343 -76.74 -167.07 -2.64
N ASP K 689 -64.74 -173.06 0.18
CA ASP K 689 -64.50 -171.94 -0.72
C ASP K 689 -65.77 -171.56 -1.49
N SER K 690 -66.93 -172.00 -0.97
CA SER K 690 -68.19 -171.65 -1.59
C SER K 690 -68.34 -170.13 -1.66
N ASP K 691 -69.31 -169.68 -2.45
CA ASP K 691 -69.50 -168.24 -2.64
C ASP K 691 -69.74 -167.55 -1.29
N ALA K 692 -70.63 -168.12 -0.47
CA ALA K 692 -70.94 -167.51 0.82
C ALA K 692 -69.73 -167.44 1.74
N SER K 693 -68.97 -168.54 1.86
CA SER K 693 -67.81 -168.55 2.74
C SER K 693 -66.75 -167.57 2.26
N VAL K 694 -66.50 -167.51 0.95
CA VAL K 694 -65.54 -166.57 0.41
C VAL K 694 -65.99 -165.15 0.68
N ALA K 695 -67.28 -164.86 0.49
CA ALA K 695 -67.78 -163.52 0.74
C ALA K 695 -67.57 -163.12 2.19
N LYS K 696 -67.93 -164.01 3.13
CA LYS K 696 -67.77 -163.68 4.54
C LYS K 696 -66.30 -163.53 4.93
N ALA K 697 -65.44 -164.42 4.41
CA ALA K 697 -64.02 -164.33 4.72
C ALA K 697 -63.43 -163.03 4.18
N LYS K 698 -63.83 -162.63 2.98
CA LYS K 698 -63.31 -161.38 2.43
C LYS K 698 -63.89 -160.17 3.14
N LEU K 699 -65.13 -160.26 3.66
CA LEU K 699 -65.64 -159.21 4.53
C LEU K 699 -64.74 -159.05 5.75
N ASP K 700 -64.42 -160.17 6.40
CA ASP K 700 -63.54 -160.12 7.57
C ASP K 700 -62.17 -159.55 7.21
N GLU K 701 -61.61 -160.01 6.09
CA GLU K 701 -60.30 -159.52 5.67
C GLU K 701 -60.32 -158.03 5.38
N ALA K 702 -61.38 -157.56 4.70
CA ALA K 702 -61.48 -156.14 4.38
C ALA K 702 -61.62 -155.30 5.64
N GLN K 703 -62.37 -155.80 6.63
CA GLN K 703 -62.48 -155.06 7.89
C GLN K 703 -61.16 -155.06 8.64
N THR K 704 -60.40 -156.14 8.58
CA THR K 704 -59.08 -156.15 9.21
C THR K 704 -58.16 -155.12 8.57
N ILE K 705 -58.16 -155.06 7.24
CA ILE K 705 -57.33 -154.08 6.54
C ILE K 705 -57.82 -152.67 6.84
N GLU K 706 -59.13 -152.50 7.00
CA GLU K 706 -59.68 -151.18 7.23
C GLU K 706 -59.22 -150.62 8.57
N SER K 707 -58.91 -151.49 9.53
CA SER K 707 -58.38 -151.02 10.80
C SER K 707 -57.04 -150.32 10.62
N GLU K 708 -56.15 -150.92 9.81
CA GLU K 708 -54.87 -150.27 9.51
C GLU K 708 -55.08 -148.96 8.78
N LEU K 709 -55.99 -148.95 7.80
CA LEU K 709 -56.27 -147.73 7.07
C LEU K 709 -56.74 -146.63 8.01
N ASP K 710 -57.54 -146.99 9.02
CA ASP K 710 -58.03 -145.97 9.95
C ASP K 710 -56.93 -145.51 10.90
N LYS K 711 -55.99 -146.39 11.24
CA LYS K 711 -54.83 -145.95 12.03
C LYS K 711 -53.99 -144.94 11.25
N GLN K 712 -53.74 -145.23 9.97
CA GLN K 712 -53.03 -144.26 9.14
C GLN K 712 -53.86 -143.00 8.94
N LEU K 713 -55.18 -143.15 8.92
CA LEU K 713 -56.05 -141.97 8.85
C LEU K 713 -55.90 -141.11 10.10
N ARG K 714 -55.76 -141.74 11.26
CA ARG K 714 -55.50 -141.01 12.49
C ARG K 714 -54.14 -140.33 12.44
N ALA K 715 -53.15 -140.99 11.84
CA ALA K 715 -51.86 -140.34 11.66
C ALA K 715 -51.98 -139.09 10.79
N ALA K 716 -52.76 -139.18 9.71
CA ALA K 716 -53.01 -138.02 8.87
C ALA K 716 -53.79 -136.95 9.62
N ASN K 717 -54.74 -137.37 10.47
CA ASN K 717 -55.41 -136.43 11.36
C ASN K 717 -54.40 -135.70 12.23
N LYS K 718 -53.40 -136.43 12.72
CA LYS K 718 -52.38 -135.81 13.57
C LYS K 718 -51.57 -134.79 12.79
N VAL K 719 -51.18 -135.13 11.56
CA VAL K 719 -50.45 -134.19 10.73
C VAL K 719 -51.30 -132.94 10.49
N THR K 720 -52.57 -133.14 10.16
CA THR K 720 -53.46 -132.02 9.87
C THR K 720 -53.63 -131.13 11.09
N CYS K 721 -53.82 -131.73 12.26
CA CYS K 721 -53.98 -130.94 13.47
C CYS K 721 -52.71 -130.19 13.83
N VAL K 722 -51.54 -130.82 13.65
CA VAL K 722 -50.28 -130.14 13.93
C VAL K 722 -50.13 -128.93 13.03
N LEU K 723 -50.40 -129.11 11.73
CA LEU K 723 -50.26 -127.98 10.81
C LEU K 723 -51.32 -126.91 11.06
N ASP K 724 -52.52 -127.30 11.50
CA ASP K 724 -53.53 -126.31 11.86
C ASP K 724 -53.08 -125.49 13.06
N THR K 725 -52.50 -126.15 14.07
CA THR K 725 -51.97 -125.43 15.23
C THR K 725 -50.83 -124.50 14.80
N GLU K 726 -50.02 -124.94 13.84
CA GLU K 726 -48.97 -124.08 13.32
C GLU K 726 -49.57 -122.85 12.64
N LEU K 727 -50.61 -123.04 11.84
CA LEU K 727 -51.24 -121.91 11.14
C LEU K 727 -51.87 -120.92 12.13
N THR K 728 -52.57 -121.44 13.14
CA THR K 728 -53.17 -120.56 14.13
C THR K 728 -52.10 -119.75 14.86
N LEU K 729 -50.99 -120.40 15.22
CA LEU K 729 -49.89 -119.70 15.87
C LEU K 729 -49.30 -118.65 14.92
N ALA K 730 -49.25 -118.96 13.62
CA ALA K 730 -48.73 -117.99 12.66
C ALA K 730 -49.67 -116.81 12.51
N ARG K 731 -50.96 -117.02 12.73
CA ARG K 731 -51.93 -115.94 12.61
C ARG K 731 -51.84 -114.99 13.79
N ALA K 732 -51.70 -115.54 15.01
CA ALA K 732 -51.56 -114.70 16.19
C ALA K 732 -50.23 -113.95 16.18
N ALA K 733 -49.14 -114.65 15.86
CA ALA K 733 -47.84 -114.00 15.80
C ALA K 733 -47.81 -112.95 14.70
N GLU K 734 -48.46 -113.23 13.57
CA GLU K 734 -48.54 -112.23 12.51
C GLU K 734 -49.31 -111.00 12.99
N ARG K 735 -50.40 -111.22 13.72
CA ARG K 735 -51.16 -110.10 14.26
C ARG K 735 -50.32 -109.28 15.21
N LYS K 736 -49.54 -109.95 16.06
CA LYS K 736 -48.65 -109.23 16.97
C LYS K 736 -47.61 -108.43 16.20
N ALA K 737 -46.99 -109.04 15.17
CA ALA K 737 -45.97 -108.34 14.40
C ALA K 737 -46.57 -107.17 13.63
N GLN K 738 -47.80 -107.33 13.14
CA GLN K 738 -48.51 -106.24 12.49
C GLN K 738 -48.77 -105.11 13.47
N GLN K 739 -49.20 -105.44 14.70
CA GLN K 739 -49.44 -104.42 15.69
C GLN K 739 -48.16 -103.68 16.05
N THR K 740 -47.05 -104.40 16.18
CA THR K 740 -45.77 -103.74 16.37
C THR K 740 -45.38 -102.92 15.15
N ALA K 741 -45.83 -103.34 13.96
CA ALA K 741 -45.61 -102.55 12.76
C ALA K 741 -46.56 -101.37 12.68
N GLN K 742 -47.69 -101.43 13.41
CA GLN K 742 -48.62 -100.31 13.44
C GLN K 742 -47.99 -99.10 14.12
N GLN K 743 -46.91 -99.32 14.87
CA GLN K 743 -46.20 -98.23 15.51
C GLN K 743 -45.75 -97.19 14.49
N GLY K 744 -45.51 -97.61 13.25
CA GLY K 744 -45.36 -96.69 12.15
C GLY K 744 -43.95 -96.17 11.94
N MET K 745 -43.56 -96.03 10.68
CA MET K 745 -42.31 -95.40 10.32
C MET K 745 -42.54 -94.54 9.07
N LYS K 746 -41.93 -93.36 9.05
CA LYS K 746 -41.89 -92.57 7.84
C LYS K 746 -40.87 -93.16 6.88
N GLU K 747 -41.11 -92.98 5.59
CA GLU K 747 -40.24 -93.59 4.59
C GLU K 747 -38.78 -93.26 4.85
N GLU K 748 -38.49 -92.04 5.30
CA GLU K 748 -37.12 -91.69 5.62
C GLU K 748 -36.58 -92.60 6.71
N GLU K 749 -37.37 -92.80 7.77
CA GLU K 749 -36.95 -93.68 8.86
C GLU K 749 -36.75 -95.11 8.38
N ARG K 750 -37.66 -95.61 7.55
CA ARG K 750 -37.56 -96.98 7.07
C ARG K 750 -36.33 -97.17 6.19
N GLU K 751 -36.11 -96.26 5.26
CA GLU K 751 -34.92 -96.33 4.42
C GLU K 751 -33.66 -96.24 5.27
N LEU K 752 -33.66 -95.36 6.26
CA LEU K 752 -32.50 -95.20 7.12
C LEU K 752 -32.20 -96.48 7.88
N SER K 753 -33.21 -97.03 8.54
CA SER K 753 -33.01 -98.26 9.31
C SER K 753 -32.57 -99.40 8.40
N ALA K 754 -33.23 -99.53 7.25
CA ALA K 754 -32.90 -100.62 6.34
C ALA K 754 -31.46 -100.52 5.84
N SER K 755 -31.02 -99.30 5.51
CA SER K 755 -29.70 -99.13 4.94
C SER K 755 -28.61 -99.61 5.89
N HIS K 756 -28.91 -99.69 7.18
CA HIS K 756 -27.95 -100.16 8.17
C HIS K 756 -28.25 -101.57 8.64
N PHE K 757 -29.51 -101.99 8.55
CA PHE K 757 -29.98 -103.14 9.29
C PHE K 757 -30.32 -104.27 8.32
N PRO K 758 -29.78 -105.47 8.51
CA PRO K 758 -30.09 -106.57 7.59
C PRO K 758 -31.48 -107.13 7.82
N VAL K 759 -32.00 -107.76 6.78
CA VAL K 759 -33.30 -108.43 6.79
C VAL K 759 -33.11 -109.85 6.31
N VAL K 760 -33.81 -110.80 6.94
CA VAL K 760 -33.65 -112.21 6.64
C VAL K 760 -35.02 -112.80 6.32
N THR K 761 -35.00 -113.90 5.57
CA THR K 761 -36.22 -114.54 5.10
C THR K 761 -36.85 -115.38 6.22
N LEU K 762 -37.82 -116.20 5.85
CA LEU K 762 -38.70 -116.83 6.83
C LEU K 762 -38.01 -117.96 7.60
N GLU K 763 -36.95 -118.56 7.03
CA GLU K 763 -36.43 -119.79 7.62
C GLU K 763 -35.85 -119.62 9.02
N GLN K 764 -35.61 -118.39 9.45
CA GLN K 764 -35.09 -118.14 10.80
C GLN K 764 -35.98 -117.18 11.57
N LEU K 765 -37.27 -117.12 11.25
CA LEU K 765 -38.15 -116.10 11.81
C LEU K 765 -38.13 -116.07 13.33
N PRO K 766 -38.21 -117.20 14.04
CA PRO K 766 -38.05 -117.12 15.51
C PRO K 766 -36.70 -116.56 15.92
N ASP K 767 -35.63 -116.88 15.18
CA ASP K 767 -34.31 -116.38 15.52
C ASP K 767 -34.12 -114.94 15.07
N ILE K 768 -35.02 -114.41 14.23
CA ILE K 768 -34.89 -113.03 13.78
C ILE K 768 -35.17 -112.07 14.93
N ARG K 769 -36.02 -112.45 15.89
CA ARG K 769 -36.20 -111.62 17.07
C ARG K 769 -34.91 -111.53 17.87
N ASP K 770 -34.23 -112.66 18.07
CA ASP K 770 -32.96 -112.65 18.78
C ASP K 770 -31.89 -111.94 17.97
N LEU K 771 -31.97 -111.99 16.65
CA LEU K 771 -31.03 -111.24 15.82
C LEU K 771 -31.27 -109.74 15.97
N GLU K 772 -32.53 -109.33 16.03
CA GLU K 772 -32.85 -107.93 16.29
C GLU K 772 -32.31 -107.51 17.65
N ARG K 773 -32.45 -108.38 18.65
CA ARG K 773 -31.97 -108.03 19.99
C ARG K 773 -30.44 -107.96 20.02
N GLN K 774 -29.77 -108.87 19.32
CA GLN K 774 -28.31 -108.80 19.23
C GLN K 774 -27.86 -107.55 18.50
N HIS K 775 -28.58 -107.19 17.43
CA HIS K 775 -28.30 -105.94 16.73
C HIS K 775 -28.50 -104.75 17.65
N GLU K 776 -29.53 -104.77 18.48
CA GLU K 776 -29.74 -103.73 19.47
C GLU K 776 -28.59 -103.69 20.47
N ARG K 777 -28.10 -104.86 20.88
CA ARG K 777 -26.95 -104.92 21.77
C ARG K 777 -25.73 -104.27 21.14
N GLY K 778 -25.48 -104.56 19.86
CA GLY K 778 -24.37 -103.93 19.17
C GLY K 778 -24.55 -102.44 19.02
N ILE K 779 -25.79 -102.01 18.76
CA ILE K 779 -26.08 -100.58 18.66
C ILE K 779 -25.78 -99.90 19.98
N GLN K 780 -26.19 -100.51 21.08
CA GLN K 780 -25.90 -99.94 22.39
C GLN K 780 -24.41 -99.97 22.68
N HIS K 781 -23.71 -100.99 22.19
CA HIS K 781 -22.25 -101.03 22.33
C HIS K 781 -21.61 -99.83 21.64
N GLU K 782 -22.03 -99.55 20.41
CA GLU K 782 -21.52 -98.36 19.74
C GLU K 782 -21.96 -97.10 20.46
N ILE K 783 -23.16 -97.10 21.02
CA ILE K 783 -23.64 -95.97 21.80
C ILE K 783 -22.68 -95.67 22.93
N GLU K 784 -22.34 -96.69 23.72
CA GLU K 784 -21.46 -96.48 24.86
C GLU K 784 -20.05 -96.13 24.43
N ARG K 785 -19.59 -96.67 23.30
CA ARG K 785 -18.27 -96.28 22.81
C ARG K 785 -18.25 -94.80 22.47
N VAL K 786 -19.23 -94.35 21.68
CA VAL K 786 -19.30 -92.94 21.31
C VAL K 786 -19.48 -92.08 22.56
N LYS K 787 -20.23 -92.57 23.54
CA LYS K 787 -20.47 -91.79 24.74
C LYS K 787 -19.20 -91.70 25.59
N ALA K 788 -18.39 -92.75 25.60
CA ALA K 788 -17.09 -92.66 26.26
C ALA K 788 -16.21 -91.64 25.58
N GLU K 789 -16.23 -91.61 24.25
CA GLU K 789 -15.49 -90.57 23.54
C GLU K 789 -16.01 -89.18 23.93
N LEU K 790 -17.33 -89.04 24.03
CA LEU K 790 -17.90 -87.76 24.41
C LEU K 790 -17.50 -87.38 25.83
N HIS K 791 -17.46 -88.37 26.73
CA HIS K 791 -16.92 -88.16 28.06
C HIS K 791 -15.51 -87.57 28.01
N ARG K 792 -14.63 -88.24 27.26
CA ARG K 792 -13.25 -87.78 27.17
C ARG K 792 -13.19 -86.36 26.61
N LEU K 793 -13.93 -86.11 25.54
CA LEU K 793 -13.90 -84.80 24.91
C LEU K 793 -14.48 -83.73 25.81
N ASN K 794 -15.53 -84.05 26.56
CA ASN K 794 -16.08 -83.08 27.50
C ASN K 794 -15.07 -82.74 28.57
N ILE K 795 -14.35 -83.76 29.07
CA ILE K 795 -13.28 -83.48 30.01
C ILE K 795 -12.28 -82.49 29.41
N GLU K 796 -11.84 -82.76 28.19
CA GLU K 796 -10.84 -81.89 27.59
C GLU K 796 -11.39 -80.49 27.40
N LEU K 797 -12.64 -80.38 26.95
CA LEU K 797 -13.22 -79.08 26.69
C LEU K 797 -13.35 -78.27 27.96
N THR K 798 -13.76 -78.92 29.05
CA THR K 798 -13.85 -78.22 30.32
C THR K 798 -12.49 -77.78 30.79
N LYS K 799 -11.47 -78.63 30.63
CA LYS K 799 -10.13 -78.22 31.00
C LYS K 799 -9.71 -76.99 30.20
N ARG K 800 -10.04 -76.96 28.91
CA ARG K 800 -9.71 -75.80 28.10
C ARG K 800 -10.42 -74.55 28.61
N MET K 801 -11.74 -74.65 28.82
CA MET K 801 -12.49 -73.51 29.30
C MET K 801 -11.90 -72.99 30.61
N SER K 802 -11.56 -73.90 31.52
CA SER K 802 -10.93 -73.47 32.76
C SER K 802 -9.62 -72.75 32.48
N GLU K 803 -8.74 -73.37 31.71
CA GLU K 803 -7.41 -72.80 31.51
C GLU K 803 -7.50 -71.42 30.91
N ALA K 804 -8.33 -71.25 29.88
CA ALA K 804 -8.46 -69.93 29.28
C ALA K 804 -8.93 -68.92 30.31
N LYS K 805 -9.96 -69.28 31.08
CA LYS K 805 -10.43 -68.36 32.10
C LYS K 805 -9.32 -68.04 33.09
N ARG K 806 -8.36 -68.94 33.24
CA ARG K 806 -7.24 -68.67 34.13
C ARG K 806 -6.47 -67.43 33.69
N VAL K 807 -6.21 -67.31 32.38
CA VAL K 807 -5.45 -66.17 31.87
C VAL K 807 -6.32 -64.96 31.63
N ASP K 808 -7.64 -65.10 31.67
CA ASP K 808 -8.51 -63.99 31.31
C ASP K 808 -8.34 -62.82 32.25
N THR K 809 -8.81 -61.66 31.78
CA THR K 809 -8.97 -60.48 32.61
C THR K 809 -10.24 -59.76 32.19
N GLY K 810 -11.27 -59.85 33.04
CA GLY K 810 -12.44 -59.01 32.91
C GLY K 810 -13.57 -59.56 32.10
N ALA K 811 -13.35 -60.57 31.25
CA ALA K 811 -14.44 -61.09 30.44
C ALA K 811 -14.80 -62.52 30.80
N LEU K 812 -13.85 -63.45 30.64
CA LEU K 812 -14.10 -64.83 30.99
C LEU K 812 -14.22 -65.02 32.50
N VAL K 813 -13.82 -64.03 33.28
CA VAL K 813 -13.96 -64.13 34.72
C VAL K 813 -15.43 -64.28 35.09
N GLU K 814 -16.30 -63.57 34.37
CA GLU K 814 -17.73 -63.70 34.58
C GLU K 814 -18.24 -65.11 34.27
N ALA K 815 -17.57 -65.83 33.38
CA ALA K 815 -18.05 -67.13 32.95
C ALA K 815 -17.47 -68.24 33.80
N GLY K 816 -18.12 -69.40 33.74
CA GLY K 816 -17.61 -70.60 34.35
C GLY K 816 -16.59 -71.29 33.45
N ALA K 817 -16.44 -72.60 33.65
CA ALA K 817 -15.53 -73.41 32.86
C ALA K 817 -16.20 -74.72 32.46
N ASP K 818 -17.42 -74.62 31.95
CA ASP K 818 -18.28 -75.76 31.79
C ASP K 818 -19.04 -75.66 30.48
N LEU K 819 -19.88 -76.66 30.23
CA LEU K 819 -20.46 -76.84 28.91
C LEU K 819 -21.38 -75.69 28.52
N ASP K 820 -22.09 -75.09 29.46
CA ASP K 820 -22.97 -73.98 29.14
C ASP K 820 -22.21 -72.69 28.90
N ASP K 821 -20.92 -72.63 29.24
CA ASP K 821 -20.13 -71.41 29.09
C ASP K 821 -19.56 -71.24 27.69
N ILE K 822 -19.68 -72.24 26.83
CA ILE K 822 -19.07 -72.20 25.51
C ILE K 822 -19.48 -70.94 24.75
N PRO K 823 -20.75 -70.55 24.78
CA PRO K 823 -21.15 -69.37 24.00
C PRO K 823 -20.25 -68.17 24.25
N VAL K 824 -20.10 -67.78 25.51
CA VAL K 824 -19.28 -66.60 25.81
C VAL K 824 -17.82 -66.86 25.47
N TYR K 825 -17.34 -68.08 25.70
CA TYR K 825 -15.95 -68.38 25.37
C TYR K 825 -15.68 -68.09 23.90
N LEU K 826 -16.49 -68.66 23.02
CA LEU K 826 -16.23 -68.48 21.61
C LEU K 826 -16.59 -67.08 21.15
N GLN K 827 -17.51 -66.42 21.84
CA GLN K 827 -17.76 -65.01 21.52
C GLN K 827 -16.53 -64.18 21.81
N ARG K 828 -15.85 -64.47 22.92
CA ARG K 828 -14.59 -63.80 23.23
C ARG K 828 -13.56 -64.09 22.16
N LEU K 829 -13.44 -65.35 21.76
CA LEU K 829 -12.47 -65.68 20.72
C LEU K 829 -12.77 -64.91 19.44
N GLN K 830 -14.04 -64.83 19.08
CA GLN K 830 -14.47 -64.08 17.90
C GLN K 830 -14.14 -62.61 18.03
N GLU K 831 -14.40 -62.02 19.19
CA GLU K 831 -14.10 -60.60 19.38
C GLU K 831 -12.61 -60.35 19.23
N LEU K 832 -11.79 -61.21 19.83
CA LEU K 832 -10.35 -61.10 19.66
C LEU K 832 -9.96 -61.18 18.20
N THR K 833 -10.50 -62.14 17.47
CA THR K 833 -10.13 -62.28 16.08
C THR K 833 -10.52 -61.05 15.27
N GLU K 834 -11.69 -60.47 15.53
CA GLU K 834 -12.00 -59.18 14.90
C GLU K 834 -10.94 -58.15 15.22
N GLU K 835 -10.60 -57.99 16.50
CA GLU K 835 -9.56 -57.03 16.82
C GLU K 835 -8.26 -57.41 16.13
N ALA K 836 -8.08 -58.69 15.80
CA ALA K 836 -6.85 -59.18 15.19
C ALA K 836 -5.64 -58.62 15.93
N LEU K 837 -5.83 -58.34 17.21
CA LEU K 837 -4.86 -57.52 17.92
C LEU K 837 -3.46 -58.10 17.87
N PRO K 838 -3.25 -59.42 18.01
CA PRO K 838 -1.88 -59.94 18.03
C PRO K 838 -1.11 -59.68 16.75
N GLU K 839 -1.80 -59.35 15.66
CA GLU K 839 -1.11 -59.13 14.40
C GLU K 839 -0.26 -57.87 14.44
N LYS K 840 -0.57 -56.94 15.33
CA LYS K 840 0.19 -55.69 15.37
C LYS K 840 1.59 -55.89 15.92
N LEU K 841 1.87 -57.06 16.50
CA LEU K 841 2.98 -57.21 17.43
C LEU K 841 4.27 -56.53 16.97
N ASN K 842 4.88 -57.04 15.90
CA ASN K 842 6.21 -56.55 15.56
C ASN K 842 6.20 -55.08 15.23
N ARG K 843 5.23 -54.63 14.43
CA ARG K 843 5.15 -53.21 14.12
C ARG K 843 5.18 -52.39 15.39
N PHE K 844 4.38 -52.78 16.38
CA PHE K 844 4.26 -51.93 17.55
C PHE K 844 5.50 -51.99 18.41
N LEU K 845 6.14 -53.15 18.50
CA LEU K 845 7.42 -53.22 19.20
C LEU K 845 8.42 -52.27 18.58
N ASP K 846 8.55 -52.30 17.26
CA ASP K 846 9.49 -51.42 16.61
C ASP K 846 9.11 -49.96 16.81
N TYR K 847 7.82 -49.64 16.71
CA TYR K 847 7.41 -48.26 16.87
C TYR K 847 7.64 -47.75 18.28
N LEU K 848 7.47 -48.62 19.27
CA LEU K 848 7.83 -48.25 20.63
C LEU K 848 9.30 -47.96 20.73
N ASN K 849 10.14 -48.86 20.21
CA ASN K 849 11.56 -48.57 20.20
C ASN K 849 11.82 -47.22 19.59
N ARG K 850 11.15 -46.93 18.47
CA ARG K 850 11.34 -45.66 17.79
C ARG K 850 11.01 -44.48 18.71
N SER K 851 9.77 -44.42 19.19
CA SER K 851 9.34 -43.24 19.94
C SER K 851 10.14 -43.07 21.22
N SER K 852 10.39 -44.16 21.93
CA SER K 852 11.16 -44.06 23.17
C SER K 852 12.61 -43.70 22.92
N ASP K 853 13.24 -44.28 21.90
CA ASP K 853 14.58 -43.86 21.55
C ASP K 853 14.61 -42.38 21.25
N ASP K 854 13.61 -41.90 20.51
CA ASP K 854 13.52 -40.48 20.20
C ASP K 854 13.46 -39.64 21.47
N GLY K 855 12.55 -39.98 22.38
CA GLY K 855 12.42 -39.19 23.60
C GLY K 855 13.72 -39.16 24.39
N VAL K 856 14.31 -40.32 24.60
CA VAL K 856 15.51 -40.39 25.43
C VAL K 856 16.64 -39.61 24.79
N THR K 857 16.86 -39.80 23.50
CA THR K 857 17.97 -39.11 22.86
C THR K 857 17.72 -37.60 22.84
N GLN K 858 16.50 -37.18 22.53
CA GLN K 858 16.21 -35.76 22.53
C GLN K 858 16.41 -35.16 23.91
N LEU K 859 16.19 -35.96 24.95
CA LEU K 859 16.44 -35.46 26.29
C LEU K 859 17.93 -35.34 26.56
N LEU K 860 18.71 -36.38 26.25
CA LEU K 860 20.15 -36.27 26.41
C LEU K 860 20.70 -35.14 25.58
N SER K 861 19.97 -34.70 24.56
CA SER K 861 20.33 -33.47 23.88
C SER K 861 19.97 -32.25 24.72
N HIS K 862 18.70 -32.12 25.11
CA HIS K 862 18.28 -30.90 25.76
C HIS K 862 19.15 -30.60 26.97
N ILE K 863 19.67 -31.63 27.61
CA ILE K 863 20.59 -31.42 28.72
C ILE K 863 21.87 -30.77 28.21
N GLU K 864 22.47 -31.34 27.19
CA GLU K 864 23.74 -30.81 26.71
C GLU K 864 23.62 -29.33 26.38
N HIS K 865 22.60 -28.97 25.61
CA HIS K 865 22.48 -27.59 25.17
C HIS K 865 22.26 -26.66 26.36
N GLU K 866 21.61 -27.14 27.41
CA GLU K 866 21.53 -26.32 28.60
C GLU K 866 22.93 -26.05 29.15
N VAL K 867 23.79 -27.08 29.14
CA VAL K 867 25.16 -26.88 29.58
C VAL K 867 25.83 -25.80 28.74
N LEU K 868 25.62 -25.82 27.44
CA LEU K 868 26.30 -24.81 26.63
C LEU K 868 25.70 -23.41 26.84
N VAL K 869 24.40 -23.30 27.11
CA VAL K 869 23.85 -21.98 27.45
C VAL K 869 24.49 -21.46 28.73
N ILE K 870 24.66 -22.33 29.71
CA ILE K 870 25.35 -21.91 30.92
C ILE K 870 26.77 -21.47 30.58
N GLU K 871 27.43 -22.20 29.68
CA GLU K 871 28.74 -21.76 29.22
C GLU K 871 28.70 -20.35 28.67
N GLU K 872 27.68 -20.04 27.88
CA GLU K 872 27.56 -18.70 27.33
C GLU K 872 27.40 -17.67 28.45
N ARG K 873 26.61 -18.00 29.46
CA ARG K 873 26.52 -17.11 30.62
C ARG K 873 27.89 -16.86 31.21
N LEU K 874 28.67 -17.93 31.39
CA LEU K 874 29.99 -17.79 32.00
C LEU K 874 30.87 -16.87 31.16
N ASN K 875 30.85 -17.04 29.84
CA ASN K 875 31.72 -16.21 29.03
C ASN K 875 31.26 -14.75 29.03
N GLU K 876 29.96 -14.52 29.02
CA GLU K 876 29.48 -13.16 29.21
C GLU K 876 30.03 -12.55 30.47
N LEU K 877 30.01 -13.30 31.56
CA LEU K 877 30.45 -12.73 32.83
C LEU K 877 31.96 -12.58 32.88
N ASN K 878 32.70 -13.49 32.25
CA ASN K 878 34.14 -13.29 32.13
C ASN K 878 34.43 -12.01 31.38
N GLU K 879 33.71 -11.77 30.30
CA GLU K 879 33.84 -10.52 29.58
C GLU K 879 33.58 -9.34 30.50
N THR K 880 32.48 -9.39 31.24
CA THR K 880 32.12 -8.26 32.08
C THR K 880 33.20 -7.99 33.12
N MET K 881 33.69 -9.04 33.77
CA MET K 881 34.68 -8.84 34.83
C MET K 881 36.01 -8.40 34.25
N PHE K 882 36.31 -8.74 33.01
CA PHE K 882 37.54 -8.28 32.41
C PHE K 882 37.59 -6.76 32.33
N ARG K 883 36.44 -6.10 32.46
CA ARG K 883 36.40 -4.64 32.42
C ARG K 883 37.15 -3.99 33.57
N VAL K 884 37.48 -4.73 34.62
CA VAL K 884 38.02 -4.16 35.83
C VAL K 884 39.17 -5.02 36.32
N ASP K 885 40.06 -4.43 37.12
CA ASP K 885 41.15 -5.16 37.74
C ASP K 885 40.74 -5.76 39.07
N PHE K 886 41.06 -7.04 39.23
CA PHE K 886 40.93 -7.69 40.54
C PHE K 886 42.13 -7.40 41.43
N GLN K 887 43.33 -7.54 40.90
CA GLN K 887 44.56 -7.24 41.62
C GLN K 887 45.43 -6.38 40.71
N PRO K 888 46.57 -5.86 41.19
CA PRO K 888 47.23 -4.76 40.48
C PRO K 888 47.33 -4.97 38.98
N ASP K 889 48.01 -6.03 38.54
CA ASP K 889 48.15 -6.34 37.12
C ASP K 889 47.30 -7.53 36.73
N ARG K 890 46.17 -7.73 37.40
CA ARG K 890 45.46 -8.98 37.32
C ARG K 890 43.97 -8.75 37.11
N TYR K 891 43.44 -9.42 36.10
CA TYR K 891 42.01 -9.56 35.90
C TYR K 891 41.63 -10.99 36.21
N LEU K 892 40.40 -11.18 36.65
CA LEU K 892 39.92 -12.48 37.08
C LEU K 892 39.18 -13.15 35.94
N ARG K 893 39.34 -14.46 35.83
CA ARG K 893 38.74 -15.24 34.76
C ARG K 893 38.14 -16.51 35.34
N LEU K 894 37.12 -17.03 34.68
CA LEU K 894 36.43 -18.23 35.11
C LEU K 894 36.77 -19.38 34.19
N ASP K 895 36.89 -20.57 34.76
CA ASP K 895 37.14 -21.80 34.02
C ASP K 895 36.12 -22.84 34.46
N THR K 896 35.84 -23.79 33.59
CA THR K 896 34.83 -24.81 33.85
C THR K 896 35.31 -26.15 33.33
N LYS K 897 34.74 -27.21 33.89
CA LYS K 897 35.12 -28.56 33.51
C LYS K 897 33.90 -29.46 33.63
N LYS K 898 33.96 -30.61 32.96
CA LYS K 898 32.85 -31.54 32.95
C LYS K 898 32.96 -32.48 34.14
N VAL K 899 31.83 -32.81 34.73
CA VAL K 899 31.81 -33.56 35.98
C VAL K 899 31.99 -35.04 35.67
N VAL K 900 32.59 -35.76 36.60
CA VAL K 900 32.90 -37.17 36.43
C VAL K 900 32.04 -38.04 37.36
N HIS K 901 30.85 -37.58 37.70
CA HIS K 901 29.95 -38.34 38.56
C HIS K 901 29.73 -39.73 37.99
N GLU K 902 29.71 -40.74 38.87
CA GLU K 902 29.56 -42.10 38.39
C GLU K 902 28.26 -42.29 37.62
N SER K 903 27.16 -41.74 38.13
CA SER K 903 25.88 -41.90 37.44
C SER K 903 26.00 -41.52 35.98
N LEU K 904 26.71 -40.44 35.69
CA LEU K 904 26.88 -40.02 34.31
C LEU K 904 27.68 -41.04 33.52
N ARG K 905 28.70 -41.63 34.14
CA ARG K 905 29.46 -42.68 33.47
C ARG K 905 28.56 -43.86 33.12
N THR K 906 27.70 -44.26 34.05
CA THR K 906 26.80 -45.37 33.77
C THR K 906 25.83 -45.01 32.66
N LEU K 907 25.30 -43.78 32.66
CA LEU K 907 24.41 -43.37 31.59
C LEU K 907 25.13 -43.40 30.25
N GLU K 908 26.38 -42.93 30.22
CA GLU K 908 27.18 -43.04 29.01
C GLU K 908 27.24 -44.48 28.53
N LYS K 909 27.60 -45.39 29.43
CA LYS K 909 27.67 -46.79 29.07
C LYS K 909 26.36 -47.25 28.45
N ALA K 910 25.26 -46.90 29.10
CA ALA K 910 23.95 -47.33 28.64
C ALA K 910 23.68 -46.82 27.23
N GLN K 911 23.90 -45.54 26.99
CA GLN K 911 23.59 -44.99 25.69
C GLN K 911 24.52 -45.55 24.62
N ARG K 912 25.78 -45.79 24.99
CA ARG K 912 26.69 -46.48 24.10
C ARG K 912 26.09 -47.79 23.63
N GLN K 913 25.62 -48.61 24.57
CA GLN K 913 25.02 -49.87 24.16
C GLN K 913 23.73 -49.64 23.38
N LEU K 914 22.96 -48.63 23.74
CA LEU K 914 21.72 -48.35 23.02
C LEU K 914 22.00 -48.11 21.55
N ASN K 915 22.96 -47.26 21.24
CA ASN K 915 23.33 -47.09 19.85
C ASN K 915 23.90 -48.37 19.28
N ALA K 916 24.58 -49.16 20.10
CA ALA K 916 25.02 -50.48 19.65
C ALA K 916 23.84 -51.38 19.33
N ALA K 917 22.68 -51.10 19.91
CA ALA K 917 21.49 -51.93 19.75
C ALA K 917 20.70 -51.59 18.52
N ARG K 918 21.25 -50.83 17.57
CA ARG K 918 20.57 -50.61 16.31
C ARG K 918 21.05 -51.53 15.21
N PHE K 919 21.96 -52.47 15.52
CA PHE K 919 22.62 -53.28 14.51
C PHE K 919 22.59 -54.77 14.86
N VAL K 920 21.54 -55.20 15.55
CA VAL K 920 21.22 -56.62 15.70
C VAL K 920 19.74 -56.77 15.41
N ASP K 921 19.40 -57.72 14.55
CA ASP K 921 18.06 -57.83 13.99
C ASP K 921 17.25 -58.85 14.78
N ASP K 922 16.41 -58.36 15.69
CA ASP K 922 15.29 -59.17 16.17
C ASP K 922 14.13 -58.29 16.55
N ASN K 923 13.26 -57.97 15.60
CA ASN K 923 12.02 -57.25 15.83
C ASN K 923 12.19 -56.07 16.79
N GLY K 924 13.36 -55.46 16.82
CA GLY K 924 13.64 -54.48 17.85
C GLY K 924 13.71 -55.06 19.24
N GLU K 925 14.52 -56.10 19.45
CA GLU K 925 14.56 -56.74 20.76
C GLU K 925 15.65 -56.13 21.62
N SER K 926 16.91 -56.28 21.22
CA SER K 926 17.99 -55.67 21.97
C SER K 926 17.81 -54.17 22.02
N HIS K 927 17.25 -53.59 20.96
CA HIS K 927 16.82 -52.21 21.01
C HIS K 927 15.95 -51.97 22.23
N TYR K 928 14.93 -52.81 22.40
CA TYR K 928 14.03 -52.63 23.53
C TYR K 928 14.77 -52.77 24.84
N LYS K 929 15.67 -53.74 24.94
CA LYS K 929 16.35 -53.99 26.21
C LYS K 929 17.21 -52.80 26.61
N ALA K 930 18.08 -52.36 25.71
CA ALA K 930 18.94 -51.23 26.03
C ALA K 930 18.11 -50.00 26.35
N LEU K 931 17.05 -49.76 25.54
CA LEU K 931 16.22 -48.60 25.76
C LEU K 931 15.55 -48.66 27.13
N GLN K 932 15.09 -49.84 27.51
CA GLN K 932 14.46 -50.01 28.81
C GLN K 932 15.43 -49.71 29.93
N VAL K 933 16.65 -50.25 29.85
CA VAL K 933 17.60 -50.02 30.93
C VAL K 933 17.98 -48.55 31.03
N LEU K 934 18.12 -47.88 29.88
CA LEU K 934 18.41 -46.45 29.92
C LEU K 934 17.26 -45.67 30.54
N VAL K 935 16.02 -46.00 30.16
CA VAL K 935 14.89 -45.32 30.79
C VAL K 935 14.84 -45.63 32.26
N ALA K 936 15.34 -46.81 32.66
CA ALA K 936 15.40 -47.14 34.08
C ALA K 936 16.33 -46.20 34.80
N GLN K 937 17.55 -46.05 34.29
CA GLN K 937 18.45 -45.04 34.87
C GLN K 937 17.75 -43.70 34.94
N LEU K 938 17.12 -43.30 33.85
CA LEU K 938 16.44 -42.00 33.85
C LEU K 938 15.44 -41.90 34.99
N ARG K 939 14.40 -42.72 34.97
CA ARG K 939 13.37 -42.61 35.98
C ARG K 939 13.96 -42.70 37.38
N ASP K 940 15.06 -43.45 37.52
CA ASP K 940 15.69 -43.56 38.83
C ASP K 940 16.03 -42.19 39.38
N ALA K 941 16.74 -41.38 38.60
CA ALA K 941 17.02 -40.02 39.04
C ALA K 941 15.76 -39.18 39.05
N SER K 942 14.75 -39.58 38.28
CA SER K 942 13.61 -38.71 38.06
C SER K 942 12.83 -38.43 39.33
N GLU K 943 12.82 -39.37 40.26
CA GLU K 943 11.90 -39.31 41.40
C GLU K 943 12.61 -38.94 42.70
N ARG K 944 13.65 -39.69 43.07
CA ARG K 944 14.44 -39.33 44.24
C ARG K 944 15.49 -38.30 43.85
N ASN K 945 15.04 -37.13 43.41
CA ASN K 945 15.92 -36.16 42.78
C ASN K 945 17.13 -35.81 43.64
N ARG K 946 16.96 -35.68 44.96
CA ARG K 946 17.95 -35.01 45.77
C ARG K 946 19.29 -35.72 45.81
N THR K 947 19.36 -36.98 45.40
CA THR K 947 20.64 -37.67 45.39
C THR K 947 21.57 -37.01 44.39
N LEU K 948 22.88 -37.09 44.66
CA LEU K 948 23.84 -36.34 43.87
C LEU K 948 23.89 -36.81 42.42
N GLY K 949 23.87 -38.13 42.18
CA GLY K 949 23.87 -38.60 40.81
C GLY K 949 22.65 -38.15 40.04
N ALA K 950 21.51 -38.06 40.72
CA ALA K 950 20.28 -37.71 40.03
C ALA K 950 20.37 -36.31 39.43
N LYS K 951 20.75 -35.33 40.24
CA LYS K 951 20.95 -33.99 39.69
C LYS K 951 22.14 -33.96 38.77
N ALA K 952 23.15 -34.79 39.05
CA ALA K 952 24.31 -34.88 38.16
C ALA K 952 23.87 -35.21 36.74
N LEU K 953 22.77 -35.96 36.61
CA LEU K 953 22.25 -36.25 35.28
C LEU K 953 21.27 -35.18 34.82
N LEU K 954 20.33 -34.80 35.67
CA LEU K 954 19.19 -34.03 35.17
C LEU K 954 19.37 -32.54 35.27
N ASP K 955 20.03 -32.03 36.30
CA ASP K 955 20.30 -30.60 36.38
C ASP K 955 21.45 -30.27 35.44
N PRO K 956 21.27 -29.34 34.51
CA PRO K 956 22.41 -28.95 33.67
C PRO K 956 23.65 -28.58 34.47
N ARG K 957 23.51 -27.64 35.40
CA ARG K 957 24.70 -27.03 35.98
C ARG K 957 25.49 -28.02 36.82
N PHE K 958 24.83 -29.04 37.37
CA PHE K 958 25.57 -30.01 38.16
C PHE K 958 26.53 -30.80 37.27
N ARG K 959 26.38 -30.66 35.95
CA ARG K 959 27.31 -31.26 35.02
C ARG K 959 28.69 -30.65 35.08
N LEU K 960 28.86 -29.53 35.79
CA LEU K 960 30.03 -28.70 35.62
C LEU K 960 30.75 -28.47 36.94
N GLU K 961 32.06 -28.25 36.83
CA GLU K 961 32.91 -27.87 37.94
C GLU K 961 33.39 -26.45 37.70
N PHE K 962 33.07 -25.55 38.62
CA PHE K 962 33.44 -24.16 38.49
C PHE K 962 34.72 -23.90 39.27
N ALA K 963 35.75 -23.43 38.58
CA ALA K 963 37.01 -23.03 39.20
C ALA K 963 37.35 -21.63 38.73
N VAL K 964 38.12 -20.92 39.54
CA VAL K 964 38.48 -19.54 39.22
C VAL K 964 39.99 -19.46 39.06
N SER K 965 40.42 -18.45 38.32
CA SER K 965 41.84 -18.24 38.06
C SER K 965 42.13 -16.75 37.98
N VAL K 966 43.36 -16.38 38.31
CA VAL K 966 43.81 -15.00 38.30
C VAL K 966 44.82 -14.85 37.19
N MET K 967 44.63 -13.86 36.33
CA MET K 967 45.44 -13.73 35.13
C MET K 967 45.98 -12.32 35.02
N ASP K 968 47.21 -12.23 34.53
CA ASP K 968 47.90 -10.96 34.35
C ASP K 968 47.39 -10.28 33.10
N ARG K 969 47.17 -8.97 33.18
CA ARG K 969 46.74 -8.21 32.02
C ARG K 969 47.69 -8.42 30.85
N GLN K 970 48.99 -8.52 31.11
CA GLN K 970 49.96 -8.71 30.05
C GLN K 970 49.97 -10.12 29.50
N SER K 971 49.66 -11.10 30.34
CA SER K 971 49.68 -12.49 29.90
C SER K 971 48.73 -13.28 30.78
N GLY K 972 48.03 -14.23 30.19
CA GLY K 972 47.10 -15.05 30.94
C GLY K 972 47.77 -16.17 31.68
N ASN K 973 48.88 -15.87 32.35
CA ASN K 973 49.60 -16.83 33.16
C ASN K 973 49.31 -16.58 34.62
N VAL K 974 49.57 -17.58 35.45
CA VAL K 974 49.07 -17.59 36.81
C VAL K 974 49.77 -18.69 37.57
N ILE K 975 49.82 -18.53 38.89
CA ILE K 975 49.94 -19.68 39.78
C ILE K 975 48.87 -19.55 40.85
N GLU K 976 47.67 -20.05 40.55
CA GLU K 976 46.58 -20.07 41.52
C GLU K 976 45.37 -20.70 40.87
N SER K 977 44.53 -21.32 41.70
CA SER K 977 43.22 -21.80 41.27
C SER K 977 42.47 -22.27 42.51
N ARG K 978 41.19 -21.88 42.60
CA ARG K 978 40.41 -22.11 43.79
C ARG K 978 39.09 -22.78 43.43
N THR K 979 38.72 -23.81 44.21
CA THR K 979 37.43 -24.46 44.11
C THR K 979 37.33 -25.46 45.25
N GLY K 980 36.12 -25.64 45.76
CA GLY K 980 35.96 -26.57 46.85
C GLY K 980 36.64 -26.08 48.12
N SER K 981 36.73 -26.99 49.08
CA SER K 981 37.35 -26.67 50.37
C SER K 981 38.85 -26.47 50.21
N GLN K 982 39.39 -25.55 51.01
CA GLN K 982 40.82 -25.24 50.95
C GLN K 982 41.52 -25.60 52.24
N GLY K 983 41.08 -25.01 53.36
CA GLY K 983 41.77 -25.17 54.61
C GLY K 983 43.05 -24.38 54.76
N GLY K 984 43.48 -23.68 53.70
CA GLY K 984 44.66 -22.85 53.76
C GLY K 984 44.33 -21.40 54.03
N SER K 985 45.08 -20.51 53.39
CA SER K 985 44.82 -19.08 53.52
C SER K 985 43.38 -18.78 53.14
N GLY K 986 42.60 -18.36 54.14
CA GLY K 986 41.16 -18.27 53.97
C GLY K 986 40.67 -16.96 53.37
N GLY K 987 41.49 -15.92 53.44
CA GLY K 987 41.08 -14.64 52.90
C GLY K 987 40.80 -14.71 51.41
N GLU K 988 41.72 -15.30 50.65
CA GLU K 988 41.56 -15.34 49.21
C GLU K 988 40.23 -15.98 48.84
N LYS K 989 39.82 -17.01 49.58
CA LYS K 989 38.50 -17.58 49.34
C LYS K 989 37.43 -16.49 49.38
N GLU K 990 37.41 -15.73 50.46
CA GLU K 990 36.35 -14.75 50.65
C GLU K 990 36.43 -13.66 49.59
N ILE K 991 37.64 -13.16 49.31
CA ILE K 991 37.77 -12.07 48.36
C ILE K 991 37.27 -12.53 46.99
N ILE K 992 37.70 -13.71 46.56
CA ILE K 992 37.28 -14.18 45.25
C ILE K 992 35.78 -14.37 45.23
N ALA K 993 35.23 -14.99 46.27
CA ALA K 993 33.81 -15.27 46.29
C ALA K 993 33.01 -13.99 46.17
N SER K 994 33.28 -13.03 47.05
CA SER K 994 32.53 -11.79 47.02
C SER K 994 32.73 -11.06 45.70
N TYR K 995 33.97 -11.00 45.22
CA TYR K 995 34.24 -10.32 43.96
C TYR K 995 33.37 -10.89 42.87
N VAL K 996 33.39 -12.21 42.73
CA VAL K 996 32.64 -12.86 41.66
C VAL K 996 31.16 -12.59 41.82
N LEU K 997 30.64 -12.74 43.04
CA LEU K 997 29.21 -12.59 43.26
C LEU K 997 28.77 -11.19 42.91
N THR K 998 29.53 -10.19 43.34
CA THR K 998 29.18 -8.82 43.02
C THR K 998 29.24 -8.58 41.52
N ALA K 999 30.25 -9.14 40.85
CA ALA K 999 30.30 -9.03 39.41
C ALA K 999 29.05 -9.61 38.79
N SER K 1000 28.62 -10.77 39.29
CA SER K 1000 27.45 -11.42 38.75
C SER K 1000 26.23 -10.55 38.92
N LEU K 1001 26.05 -9.99 40.11
CA LEU K 1001 24.92 -9.12 40.34
C LEU K 1001 25.00 -7.90 39.44
N SER K 1002 26.19 -7.34 39.30
CA SER K 1002 26.37 -6.21 38.41
C SER K 1002 25.85 -6.55 37.03
N TYR K 1003 26.31 -7.67 36.49
CA TYR K 1003 25.90 -8.06 35.15
C TYR K 1003 24.39 -8.25 35.09
N ALA K 1004 23.86 -9.06 36.00
CA ALA K 1004 22.44 -9.37 35.98
C ALA K 1004 21.60 -8.12 36.10
N LEU K 1005 22.13 -7.10 36.76
CA LEU K 1005 21.41 -5.84 36.84
C LEU K 1005 21.67 -4.99 35.61
N SER K 1006 22.80 -5.16 34.98
CA SER K 1006 23.12 -4.35 33.82
C SER K 1006 22.22 -4.79 32.67
N PRO K 1007 21.37 -3.91 32.14
CA PRO K 1007 20.54 -4.32 31.00
C PRO K 1007 21.41 -4.75 29.83
N ALA K 1008 20.74 -5.21 28.79
CA ALA K 1008 21.46 -5.70 27.61
C ALA K 1008 22.39 -4.61 27.08
N GLY K 1009 23.60 -5.02 26.74
CA GLY K 1009 24.59 -4.09 26.21
C GLY K 1009 25.31 -3.27 27.26
N SER K 1010 24.62 -2.32 27.88
CA SER K 1010 25.26 -1.47 28.87
C SER K 1010 25.87 -2.30 29.99
N ARG K 1011 26.95 -1.78 30.56
CA ARG K 1011 27.60 -2.41 31.71
C ARG K 1011 27.49 -1.55 32.96
N TYR K 1012 26.50 -0.66 33.00
CA TYR K 1012 26.14 0.06 34.21
C TYR K 1012 24.89 -0.58 34.80
N PRO K 1013 24.94 -1.13 36.00
CA PRO K 1013 23.72 -1.73 36.54
C PRO K 1013 22.66 -0.67 36.72
N LEU K 1014 21.65 -0.70 35.85
CA LEU K 1014 20.61 0.32 35.91
C LEU K 1014 20.04 0.41 37.31
N PHE K 1015 19.81 -0.73 37.95
CA PHE K 1015 19.47 -0.78 39.36
C PHE K 1015 20.76 -1.09 40.12
N GLY K 1016 21.26 -0.12 40.87
CA GLY K 1016 22.62 -0.19 41.36
C GLY K 1016 22.85 -0.59 42.80
N THR K 1017 21.81 -0.77 43.60
CA THR K 1017 21.94 -1.01 45.03
C THR K 1017 22.12 -2.51 45.29
N ILE K 1018 23.00 -2.85 46.22
CA ILE K 1018 23.19 -4.22 46.68
C ILE K 1018 23.08 -4.25 48.19
N ILE K 1019 22.79 -5.43 48.74
CA ILE K 1019 22.69 -5.64 50.18
C ILE K 1019 23.55 -6.83 50.54
N LEU K 1020 24.56 -6.60 51.38
CA LEU K 1020 25.51 -7.66 51.74
C LEU K 1020 25.76 -7.62 53.24
N ASP K 1021 25.86 -8.80 53.86
CA ASP K 1021 26.13 -8.91 55.29
C ASP K 1021 27.42 -9.66 55.58
N GLU K 1022 27.60 -10.86 55.02
CA GLU K 1022 28.50 -11.83 55.63
C GLU K 1022 29.95 -11.67 55.17
N ALA K 1023 30.18 -11.13 53.98
CA ALA K 1023 31.55 -11.05 53.49
C ALA K 1023 32.45 -10.28 54.45
N PHE K 1024 31.90 -9.33 55.19
CA PHE K 1024 32.71 -8.53 56.08
C PHE K 1024 33.29 -9.37 57.23
N SER K 1025 32.57 -10.41 57.64
CA SER K 1025 32.88 -11.08 58.90
C SER K 1025 34.33 -11.52 58.98
N ARG K 1026 34.80 -12.29 58.00
CA ARG K 1026 36.12 -12.89 58.07
C ARG K 1026 37.17 -12.06 57.36
N SER K 1027 36.97 -10.74 57.28
CA SER K 1027 37.85 -9.89 56.50
C SER K 1027 39.00 -9.36 57.35
N SER K 1028 40.23 -9.65 56.93
CA SER K 1028 41.34 -8.78 57.29
C SER K 1028 41.14 -7.47 56.54
N HIS K 1029 40.90 -6.39 57.29
CA HIS K 1029 40.12 -5.27 56.78
C HIS K 1029 40.44 -4.87 55.35
N ALA K 1030 41.72 -4.87 54.95
CA ALA K 1030 42.08 -4.37 53.63
C ALA K 1030 41.40 -5.17 52.53
N VAL K 1031 41.15 -6.47 52.76
CA VAL K 1031 40.40 -7.23 51.78
C VAL K 1031 38.97 -6.71 51.69
N ALA K 1032 38.37 -6.36 52.81
CA ALA K 1032 37.04 -5.76 52.78
C ALA K 1032 37.06 -4.45 52.01
N GLY K 1033 38.11 -3.66 52.21
CA GLY K 1033 38.25 -2.46 51.41
C GLY K 1033 38.30 -2.80 49.93
N ARG K 1034 39.02 -3.85 49.58
CA ARG K 1034 39.03 -4.30 48.19
C ARG K 1034 37.64 -4.69 47.75
N ILE K 1035 36.85 -5.25 48.66
CA ILE K 1035 35.46 -5.57 48.34
C ILE K 1035 34.72 -4.30 47.96
N ILE K 1036 34.92 -3.25 48.75
CA ILE K 1036 34.29 -1.96 48.44
C ILE K 1036 34.74 -1.49 47.08
N ALA K 1037 36.05 -1.59 46.84
CA ALA K 1037 36.63 -1.11 45.59
C ALA K 1037 36.00 -1.82 44.41
N ALA K 1038 35.99 -3.16 44.45
CA ALA K 1038 35.38 -3.92 43.39
C ALA K 1038 33.91 -3.57 43.24
N LEU K 1039 33.20 -3.50 44.36
CA LEU K 1039 31.78 -3.20 44.32
C LEU K 1039 31.52 -1.94 43.54
N ARG K 1040 32.22 -0.87 43.89
CA ARG K 1040 32.00 0.38 43.18
C ARG K 1040 32.51 0.33 41.76
N GLU K 1041 33.59 -0.43 41.53
CA GLU K 1041 34.09 -0.59 40.16
C GLU K 1041 33.01 -1.17 39.27
N PHE K 1042 32.29 -2.15 39.75
CA PHE K 1042 31.25 -2.80 38.97
C PHE K 1042 29.94 -2.05 39.06
N GLY K 1043 30.00 -0.75 39.39
CA GLY K 1043 28.86 0.12 39.29
C GLY K 1043 27.91 0.04 40.45
N LEU K 1044 28.19 -0.76 41.47
CA LEU K 1044 27.22 -0.95 42.52
C LEU K 1044 27.33 0.16 43.56
N HIS K 1045 26.16 0.68 43.93
CA HIS K 1045 25.95 1.23 45.25
C HIS K 1045 25.71 0.09 46.23
N ALA K 1046 26.11 0.30 47.47
CA ALA K 1046 26.10 -0.77 48.46
C ALA K 1046 25.32 -0.34 49.69
N VAL K 1047 24.86 -1.35 50.44
CA VAL K 1047 24.31 -1.18 51.78
C VAL K 1047 24.71 -2.40 52.59
N PHE K 1048 25.30 -2.17 53.75
CA PHE K 1048 26.04 -3.22 54.44
C PHE K 1048 25.36 -3.61 55.75
N ILE K 1049 25.56 -4.87 56.11
CA ILE K 1049 25.01 -5.46 57.32
C ILE K 1049 26.16 -6.11 58.07
N THR K 1050 26.04 -6.16 59.39
CA THR K 1050 27.15 -6.58 60.23
C THR K 1050 26.61 -7.09 61.55
N PRO K 1051 27.23 -8.14 62.11
CA PRO K 1051 26.95 -8.48 63.51
C PRO K 1051 27.50 -7.41 64.43
N ASN K 1052 27.39 -7.62 65.74
CA ASN K 1052 27.91 -6.62 66.68
C ASN K 1052 29.40 -6.37 66.43
N LYS K 1053 30.18 -7.44 66.29
CA LYS K 1053 31.61 -7.27 66.14
C LYS K 1053 31.95 -6.70 64.77
N GLU K 1054 33.20 -6.26 64.64
CA GLU K 1054 33.80 -5.83 63.38
C GLU K 1054 33.21 -4.53 62.84
N MET K 1055 32.38 -3.85 63.63
CA MET K 1055 31.92 -2.54 63.20
C MET K 1055 33.08 -1.58 62.95
N ARG K 1056 34.19 -1.81 63.64
CA ARG K 1056 35.31 -0.86 63.59
C ARG K 1056 35.69 -0.54 62.15
N LEU K 1057 35.87 -1.55 61.33
CA LEU K 1057 36.26 -1.31 59.94
C LEU K 1057 35.17 -0.56 59.20
N LEU K 1058 33.89 -0.82 59.52
CA LEU K 1058 32.83 -0.05 58.89
C LEU K 1058 33.00 1.43 59.19
N ARG K 1059 33.22 1.77 60.45
CA ARG K 1059 33.59 3.13 60.79
C ARG K 1059 34.77 3.57 59.94
N ASP K 1060 35.74 2.69 59.77
CA ASP K 1060 36.96 3.03 59.06
C ASP K 1060 36.76 3.09 57.56
N HIS K 1061 35.65 2.55 57.06
CA HIS K 1061 35.51 2.31 55.63
C HIS K 1061 34.10 2.58 55.12
N THR K 1062 33.31 3.41 55.79
CA THR K 1062 31.99 3.74 55.30
C THR K 1062 31.65 5.17 55.67
N ARG K 1063 30.72 5.75 54.91
CA ARG K 1063 30.34 7.15 55.11
C ARG K 1063 29.47 7.34 56.35
N SER K 1064 28.55 6.42 56.56
CA SER K 1064 27.43 6.69 57.46
C SER K 1064 26.87 5.36 57.94
N ALA K 1065 25.95 5.44 58.89
CA ALA K 1065 25.34 4.24 59.45
C ALA K 1065 23.93 4.53 59.92
N ILE K 1066 23.07 3.55 59.75
CA ILE K 1066 21.78 3.49 60.43
C ILE K 1066 21.93 2.48 61.55
N VAL K 1067 21.12 2.64 62.59
CA VAL K 1067 21.13 1.71 63.71
C VAL K 1067 19.70 1.30 64.00
N VAL K 1068 19.54 0.05 64.44
CA VAL K 1068 18.25 -0.52 64.79
C VAL K 1068 18.31 -0.94 66.24
N HIS K 1069 17.19 -0.83 66.93
CA HIS K 1069 17.13 -1.07 68.36
C HIS K 1069 16.43 -2.38 68.63
N ARG K 1070 16.72 -2.95 69.79
CA ARG K 1070 15.88 -3.98 70.37
C ARG K 1070 15.38 -3.46 71.70
N ARG K 1071 14.07 -3.44 71.87
CA ARG K 1071 13.45 -2.83 73.05
C ARG K 1071 12.14 -3.58 73.29
N GLY K 1072 12.18 -4.53 74.22
CA GLY K 1072 11.06 -5.44 74.33
C GLY K 1072 10.86 -6.16 73.03
N GLN K 1073 9.61 -6.51 72.74
CA GLN K 1073 9.26 -7.01 71.42
C GLN K 1073 8.97 -5.82 70.52
N ASN K 1074 9.90 -4.87 70.46
CA ASN K 1074 9.68 -3.63 69.74
C ASN K 1074 11.03 -3.03 69.40
N SER K 1075 11.21 -2.64 68.14
CA SER K 1075 12.47 -2.13 67.65
C SER K 1075 12.25 -0.78 67.00
N ASN K 1076 13.23 0.11 67.14
CA ASN K 1076 13.18 1.45 66.58
C ASN K 1076 14.53 1.76 65.95
N MET K 1077 14.51 2.62 64.95
CA MET K 1077 15.66 2.84 64.11
C MET K 1077 16.23 4.22 64.33
N ALA K 1078 17.35 4.51 63.67
CA ALA K 1078 17.97 5.82 63.72
C ALA K 1078 18.94 5.98 62.58
N SER K 1079 18.82 7.10 61.87
CA SER K 1079 19.71 7.45 60.78
C SER K 1079 20.83 8.31 61.34
N LEU K 1080 22.07 7.86 61.13
CA LEU K 1080 23.21 8.45 61.82
C LEU K 1080 24.36 8.71 60.86
N SER K 1081 25.22 9.63 61.26
CA SER K 1081 26.56 9.76 60.72
C SER K 1081 27.56 9.21 61.73
N TRP K 1082 28.71 8.77 61.24
CA TRP K 1082 29.66 8.09 62.12
C TRP K 1082 29.99 8.92 63.35
N GLU K 1083 30.33 10.20 63.17
CA GLU K 1083 30.70 11.02 64.31
C GLU K 1083 29.50 11.35 65.17
N GLU K 1084 28.30 11.42 64.58
CA GLU K 1084 27.10 11.53 65.40
C GLU K 1084 26.95 10.31 66.28
N LEU K 1085 27.25 9.13 65.75
CA LEU K 1085 27.21 7.91 66.55
C LEU K 1085 28.25 7.97 67.65
N GLU K 1086 29.45 8.48 67.34
CA GLU K 1086 30.47 8.57 68.37
C GLU K 1086 30.04 9.54 69.47
N ARG K 1087 29.38 10.64 69.08
CA ARG K 1087 28.89 11.58 70.08
C ARG K 1087 27.78 10.98 70.92
N HIS K 1088 26.92 10.17 70.32
CA HIS K 1088 25.93 9.44 71.11
C HIS K 1088 26.59 8.48 72.07
N TYR K 1089 27.65 7.80 71.64
CA TYR K 1089 28.36 6.93 72.57
C TYR K 1089 29.00 7.75 73.68
N GLN K 1090 29.52 8.93 73.36
CA GLN K 1090 30.08 9.79 74.38
C GLN K 1090 29.01 10.24 75.36
N ARG K 1091 27.80 10.51 74.87
CA ARG K 1091 26.70 10.88 75.73
C ARG K 1091 26.30 9.71 76.62
N ARG K 1092 26.38 8.49 76.07
CA ARG K 1092 26.16 7.30 76.88
C ARG K 1092 27.19 7.18 77.99
N GLY K 1093 28.47 7.39 77.64
CA GLY K 1093 29.52 7.30 78.64
C GLY K 1093 29.38 8.35 79.72
N ASN K 1094 29.13 9.59 79.32
CA ASN K 1094 28.95 10.67 80.29
C ASN K 1094 27.62 10.53 81.03
N ALA K 1095 26.66 9.82 80.45
CA ALA K 1095 25.33 9.70 81.04
C ALA K 1095 24.65 8.43 80.55
N MET L 1 37.26 -13.47 92.40
CA MET L 1 36.87 -14.14 91.14
C MET L 1 37.57 -15.48 90.96
N ASN L 2 38.91 -15.45 90.96
CA ASN L 2 39.69 -16.60 90.53
C ASN L 2 40.05 -17.55 91.67
N GLN L 3 39.52 -17.30 92.87
CA GLN L 3 40.04 -17.97 94.06
C GLN L 3 39.85 -19.48 93.99
N VAL L 4 38.68 -19.94 93.52
CA VAL L 4 38.38 -21.36 93.61
C VAL L 4 39.23 -22.16 92.62
N SER L 5 39.92 -21.47 91.71
CA SER L 5 40.90 -22.16 90.88
C SER L 5 42.19 -22.40 91.65
N GLY L 6 42.61 -21.43 92.46
CA GLY L 6 43.71 -21.67 93.37
C GLY L 6 43.41 -22.74 94.39
N LEU L 7 42.19 -22.72 94.94
CA LEU L 7 41.76 -23.83 95.79
C LEU L 7 41.74 -25.13 95.01
N ALA L 8 41.31 -25.07 93.74
CA ALA L 8 41.34 -26.24 92.89
C ALA L 8 42.77 -26.73 92.72
N GLY L 9 42.91 -27.94 92.20
CA GLY L 9 44.18 -28.64 92.29
C GLY L 9 44.19 -29.42 93.59
N LYS L 10 44.16 -28.71 94.72
CA LYS L 10 43.97 -29.39 96.00
C LYS L 10 42.61 -30.09 96.05
N GLU L 11 41.68 -29.67 95.19
CA GLU L 11 40.35 -30.28 95.16
C GLU L 11 40.21 -31.23 93.97
N SER L 12 40.78 -30.90 92.83
CA SER L 12 40.57 -31.68 91.62
C SER L 12 41.71 -31.43 90.65
N PHE L 13 41.76 -32.25 89.61
CA PHE L 13 42.85 -32.20 88.64
C PHE L 13 42.68 -31.03 87.67
N ILE L 14 43.25 -29.89 88.03
CA ILE L 14 43.22 -28.71 87.18
C ILE L 14 44.45 -28.72 86.29
N LEU L 15 44.41 -27.94 85.22
CA LEU L 15 45.43 -27.97 84.18
C LEU L 15 46.18 -26.65 84.14
N THR L 16 47.49 -26.68 84.44
CA THR L 16 48.31 -25.51 84.10
C THR L 16 49.65 -25.97 83.53
N ARG L 17 49.64 -26.39 82.26
CA ARG L 17 50.71 -26.21 81.28
C ARG L 17 50.38 -27.06 80.07
N ILE L 18 51.05 -26.78 78.95
CA ILE L 18 50.90 -27.57 77.74
C ILE L 18 52.19 -27.48 76.92
N GLU L 19 52.46 -28.55 76.17
CA GLU L 19 53.58 -28.58 75.24
C GLU L 19 53.14 -29.27 73.95
N LEU L 20 53.84 -28.96 72.86
CA LEU L 20 53.66 -29.61 71.57
C LEU L 20 55.02 -29.80 70.94
N PHE L 21 55.07 -30.65 69.91
CA PHE L 21 56.29 -30.92 69.17
C PHE L 21 55.91 -31.40 67.78
N ASN L 22 55.97 -30.50 66.79
CA ASN L 22 55.60 -30.84 65.43
C ASN L 22 54.15 -31.31 65.33
N TRP L 23 53.27 -30.72 66.14
CA TRP L 23 51.84 -31.01 66.05
C TRP L 23 51.16 -29.91 65.24
N GLY L 24 50.41 -30.33 64.22
CA GLY L 24 49.85 -29.36 63.29
C GLY L 24 50.96 -28.52 62.68
N GLY L 25 50.75 -27.22 62.62
CA GLY L 25 51.78 -26.31 62.15
C GLY L 25 52.84 -25.98 63.17
N PHE L 26 52.68 -26.44 64.41
CA PHE L 26 53.61 -26.13 65.49
C PHE L 26 54.90 -26.93 65.33
N HIS L 27 55.75 -26.44 64.43
CA HIS L 27 57.04 -27.07 64.20
C HIS L 27 57.94 -26.87 65.40
N GLY L 28 58.88 -27.79 65.59
CA GLY L 28 59.68 -27.74 66.78
C GLY L 28 58.80 -27.91 68.00
N LEU L 29 59.36 -27.53 69.14
CA LEU L 29 58.66 -27.63 70.42
C LEU L 29 58.03 -26.28 70.76
N HIS L 30 56.76 -26.30 71.13
CA HIS L 30 56.05 -25.10 71.55
C HIS L 30 55.38 -25.37 72.90
N GLN L 31 55.22 -24.31 73.69
CA GLN L 31 54.75 -24.47 75.05
C GLN L 31 53.77 -23.35 75.40
N ALA L 32 52.97 -23.61 76.43
CA ALA L 32 51.85 -22.75 76.79
C ALA L 32 51.74 -22.71 78.31
N ALA L 33 51.69 -21.51 78.87
CA ALA L 33 51.62 -21.32 80.32
C ALA L 33 50.18 -20.99 80.69
N ILE L 34 49.43 -22.02 81.06
CA ILE L 34 48.09 -21.82 81.58
C ILE L 34 48.20 -21.42 83.05
N HIS L 35 47.38 -20.46 83.46
CA HIS L 35 47.50 -19.93 84.81
C HIS L 35 46.58 -20.67 85.75
N GLN L 36 46.99 -20.73 87.03
CA GLN L 36 46.16 -21.37 88.03
C GLN L 36 44.89 -20.58 88.29
N ASP L 37 44.80 -19.36 87.76
CA ASP L 37 43.60 -18.52 87.85
C ASP L 37 42.95 -18.30 86.49
N GLY L 38 42.83 -19.36 85.69
CA GLY L 38 42.20 -19.23 84.39
C GLY L 38 43.16 -18.73 83.36
N THR L 39 42.91 -19.06 82.09
CA THR L 39 43.78 -18.66 81.00
C THR L 39 42.94 -18.42 79.77
N ALA L 40 43.56 -17.80 78.77
CA ALA L 40 42.96 -17.58 77.46
C ALA L 40 43.89 -18.12 76.39
N VAL L 41 43.35 -18.28 75.19
CA VAL L 41 44.14 -18.68 74.03
C VAL L 41 43.60 -17.87 72.86
N ILE L 42 44.44 -16.99 72.32
CA ILE L 42 44.00 -15.94 71.41
C ILE L 42 44.82 -16.03 70.13
N GLY L 43 44.14 -16.02 69.00
CA GLY L 43 44.80 -16.06 67.72
C GLY L 43 43.85 -15.73 66.60
N PRO L 44 44.38 -15.20 65.49
CA PRO L 44 43.51 -14.82 64.38
C PRO L 44 43.00 -16.01 63.60
N THR L 45 42.24 -15.75 62.54
CA THR L 45 41.70 -16.81 61.70
C THR L 45 42.80 -17.74 61.21
N GLY L 46 42.59 -19.04 61.38
CA GLY L 46 43.57 -20.02 60.96
C GLY L 46 44.94 -19.74 61.52
N SER L 47 45.06 -19.78 62.84
CA SER L 47 46.32 -19.57 63.53
C SER L 47 46.88 -20.84 64.15
N GLY L 48 46.04 -21.85 64.34
CA GLY L 48 46.45 -23.06 65.00
C GLY L 48 45.85 -23.16 66.39
N LYS L 49 44.96 -22.23 66.73
CA LYS L 49 44.27 -22.30 68.01
C LYS L 49 43.41 -23.54 68.09
N THR L 50 42.59 -23.77 67.06
CA THR L 50 41.82 -25.01 67.00
C THR L 50 42.74 -26.20 66.82
N THR L 51 43.86 -26.03 66.14
CA THR L 51 44.86 -27.09 66.08
C THR L 51 45.25 -27.54 67.48
N LEU L 52 45.62 -26.59 68.34
CA LEU L 52 46.03 -26.90 69.69
C LEU L 52 44.88 -27.49 70.50
N VAL L 53 43.69 -26.92 70.36
CA VAL L 53 42.54 -27.43 71.10
C VAL L 53 42.29 -28.89 70.74
N ASP L 54 42.39 -29.21 69.44
CA ASP L 54 42.23 -30.60 69.02
C ASP L 54 43.38 -31.45 69.52
N ALA L 55 44.57 -30.87 69.65
CA ALA L 55 45.67 -31.58 70.30
C ALA L 55 45.28 -32.02 71.70
N LEU L 56 44.68 -31.11 72.47
CA LEU L 56 44.28 -31.43 73.83
C LEU L 56 43.20 -32.51 73.85
N MET L 57 42.14 -32.31 73.08
CA MET L 57 41.05 -33.28 73.07
C MET L 57 41.53 -34.63 72.58
N THR L 58 42.59 -34.65 71.77
CA THR L 58 43.15 -35.92 71.31
C THR L 58 43.63 -36.76 72.47
N LEU L 59 44.13 -36.13 73.53
CA LEU L 59 44.55 -36.87 74.72
C LEU L 59 43.35 -37.43 75.48
N LEU L 60 42.23 -36.70 75.47
CA LEU L 60 41.09 -37.02 76.33
C LEU L 60 40.09 -37.96 75.68
N LEU L 61 40.24 -38.31 74.41
CA LEU L 61 39.33 -39.23 73.75
C LEU L 61 40.11 -40.08 72.75
N ALA L 62 39.56 -41.25 72.44
CA ALA L 62 40.15 -42.08 71.41
C ALA L 62 40.18 -41.34 70.08
N ASN L 63 39.08 -40.68 69.74
CA ASN L 63 39.03 -39.74 68.64
C ASN L 63 38.15 -38.56 69.04
N PRO L 64 38.73 -37.42 69.43
CA PRO L 64 37.89 -36.27 69.79
C PRO L 64 37.11 -35.75 68.60
N ARG L 65 36.26 -34.76 68.82
CA ARG L 65 35.52 -34.12 67.74
C ARG L 65 36.41 -33.05 67.11
N TYR L 66 37.39 -33.51 66.34
CA TYR L 66 38.28 -32.59 65.66
C TYR L 66 37.48 -31.60 64.84
N ASN L 67 37.99 -30.37 64.76
CA ASN L 67 37.41 -29.33 63.93
C ASN L 67 35.93 -29.12 64.23
N LEU L 68 35.55 -29.17 65.50
CA LEU L 68 34.14 -29.11 65.87
C LEU L 68 33.68 -27.68 66.12
N ALA L 69 34.34 -26.97 67.03
CA ALA L 69 33.94 -25.61 67.35
C ALA L 69 34.10 -24.69 66.14
N SER L 70 35.26 -24.74 65.49
CA SER L 70 35.57 -23.73 64.46
C SER L 70 34.60 -23.81 63.30
N THR L 71 34.43 -25.00 62.71
CA THR L 71 33.52 -25.13 61.58
C THR L 71 32.07 -25.08 62.01
N GLY L 72 31.79 -25.41 63.28
CA GLY L 72 30.43 -25.45 63.77
C GLY L 72 29.74 -26.78 63.65
N GLY L 73 30.47 -27.85 63.36
CA GLY L 73 29.88 -29.17 63.24
C GLY L 73 30.51 -30.01 62.14
N HIS L 74 31.34 -29.39 61.32
CA HIS L 74 31.96 -30.11 60.22
C HIS L 74 32.84 -31.24 60.73
N GLU L 75 32.94 -32.30 59.93
CA GLU L 75 33.68 -33.48 60.33
C GLU L 75 35.17 -33.16 60.41
N SER L 76 35.94 -34.14 60.89
CA SER L 76 37.36 -33.98 61.14
C SER L 76 38.20 -33.92 59.87
N ASP L 77 38.07 -32.85 59.09
CA ASP L 77 39.06 -32.57 58.06
C ASP L 77 40.44 -32.42 58.67
N ARG L 78 40.50 -31.97 59.92
CA ARG L 78 41.70 -32.04 60.75
C ARG L 78 41.53 -33.23 61.68
N ASP L 79 42.57 -34.05 61.80
CA ASP L 79 42.54 -35.24 62.63
C ASP L 79 43.98 -35.61 62.95
N LEU L 80 44.16 -36.77 63.57
CA LEU L 80 45.47 -37.13 64.10
C LEU L 80 46.52 -37.22 62.98
N ILE L 81 46.23 -37.99 61.95
CA ILE L 81 47.21 -38.21 60.88
C ILE L 81 47.56 -36.89 60.21
N SER L 82 46.55 -36.08 59.88
CA SER L 82 46.82 -34.81 59.24
C SER L 82 47.56 -33.87 60.18
N TYR L 83 47.28 -33.95 61.49
CA TYR L 83 47.97 -33.09 62.44
C TYR L 83 49.46 -33.41 62.48
N VAL L 84 49.81 -34.70 62.52
CA VAL L 84 51.23 -35.05 62.44
C VAL L 84 51.76 -34.77 61.03
N ARG L 85 50.86 -34.65 60.05
CA ARG L 85 51.29 -34.26 58.71
C ARG L 85 51.32 -32.75 58.53
N GLY L 86 50.92 -31.99 59.54
CA GLY L 86 50.92 -30.55 59.41
C GLY L 86 50.07 -30.10 58.25
N VAL L 87 48.85 -30.64 58.17
CA VAL L 87 47.97 -30.40 57.04
C VAL L 87 47.20 -29.10 57.25
N SER L 88 46.77 -28.49 56.15
CA SER L 88 45.98 -27.28 56.15
C SER L 88 44.72 -27.57 55.34
N GLY L 89 44.06 -28.69 55.66
CA GLY L 89 43.00 -29.20 54.84
C GLY L 89 43.56 -29.75 53.54
N PRO L 90 42.76 -29.77 52.48
CA PRO L 90 43.30 -30.18 51.17
C PRO L 90 44.39 -29.25 50.65
N GLY L 91 44.54 -28.05 51.22
CA GLY L 91 45.59 -27.13 50.84
C GLY L 91 45.03 -25.86 50.20
N ASP L 92 45.84 -25.27 49.33
CA ASP L 92 45.49 -24.04 48.64
C ASP L 92 46.00 -24.10 47.21
N GLY L 93 45.53 -23.16 46.39
CA GLY L 93 45.86 -23.14 44.98
C GLY L 93 47.34 -22.99 44.65
N GLY L 94 48.14 -22.45 45.57
CA GLY L 94 49.56 -22.31 45.37
C GLY L 94 50.36 -23.57 45.64
N GLU L 95 49.68 -24.65 46.03
CA GLU L 95 50.33 -25.94 46.26
C GLU L 95 51.41 -25.79 47.32
N GLY L 96 52.67 -25.98 46.95
CA GLY L 96 53.75 -25.90 47.92
C GLY L 96 53.63 -26.87 49.07
N GLN L 97 52.86 -27.95 48.90
CA GLN L 97 52.62 -28.91 49.98
C GLN L 97 52.20 -28.19 51.25
N SER L 98 51.39 -27.15 51.10
CA SER L 98 50.85 -26.45 52.25
C SER L 98 49.95 -27.34 53.08
N HIS L 99 49.47 -28.43 52.49
CA HIS L 99 48.62 -29.38 53.18
C HIS L 99 49.39 -30.56 53.75
N ILE L 100 50.70 -30.61 53.56
CA ILE L 100 51.53 -31.59 54.25
C ILE L 100 52.84 -30.92 54.66
N ALA L 101 52.93 -30.51 55.92
CA ALA L 101 54.17 -29.94 56.42
C ALA L 101 55.24 -31.00 56.60
N ARG L 102 54.87 -32.19 57.05
CA ARG L 102 55.80 -33.27 57.38
C ARG L 102 55.41 -34.51 56.59
N PRO L 103 55.65 -34.51 55.28
CA PRO L 103 55.26 -35.69 54.47
C PRO L 103 56.06 -36.93 54.78
N GLY L 104 57.37 -36.82 55.01
CA GLY L 104 58.21 -37.98 55.22
C GLY L 104 58.01 -38.57 56.60
N LYS L 105 58.77 -39.64 56.87
CA LYS L 105 58.76 -40.26 58.18
C LYS L 105 59.11 -39.23 59.23
N THR L 106 58.13 -38.84 60.04
CA THR L 106 58.30 -37.73 60.97
C THR L 106 57.60 -38.05 62.28
N VAL L 107 57.98 -37.30 63.32
CA VAL L 107 57.48 -37.52 64.67
C VAL L 107 56.74 -36.27 65.13
N THR L 108 55.82 -36.45 66.06
CA THR L 108 55.04 -35.36 66.65
C THR L 108 54.82 -35.68 68.11
N GLY L 109 54.48 -34.66 68.88
CA GLY L 109 54.30 -34.82 70.32
C GLY L 109 53.32 -33.80 70.85
N ILE L 110 52.64 -34.18 71.92
CA ILE L 110 51.69 -33.33 72.61
C ILE L 110 51.68 -33.71 74.07
N ALA L 111 51.44 -32.74 74.95
CA ALA L 111 51.39 -33.02 76.38
C ALA L 111 50.61 -31.92 77.07
N ALA L 112 50.02 -32.28 78.20
CA ALA L 112 49.29 -31.36 79.05
C ALA L 112 49.67 -31.63 80.50
N THR L 113 49.65 -30.60 81.34
CA THR L 113 50.16 -30.69 82.70
C THR L 113 49.11 -30.21 83.67
N LEU L 114 48.85 -31.03 84.69
CA LEU L 114 47.83 -30.74 85.69
C LEU L 114 48.48 -30.56 87.05
N GLU L 115 47.66 -30.19 88.02
CA GLU L 115 48.09 -30.07 89.41
C GLU L 115 47.00 -30.67 90.31
N ARG L 116 47.41 -31.55 91.20
CA ARG L 116 46.51 -32.17 92.15
C ARG L 116 47.26 -32.40 93.45
N GLU L 117 46.70 -31.89 94.55
CA GLU L 117 47.32 -31.91 95.86
C GLU L 117 48.56 -31.03 95.92
N GLY L 118 48.74 -30.14 94.94
CA GLY L 118 49.99 -29.43 94.80
C GLY L 118 51.06 -30.18 94.04
N LYS L 119 50.78 -31.43 93.66
CA LYS L 119 51.68 -32.23 92.86
C LYS L 119 51.39 -32.01 91.38
N GLN L 120 52.40 -32.18 90.55
CA GLN L 120 52.26 -32.01 89.12
C GLN L 120 52.01 -33.35 88.44
N VAL L 121 51.15 -33.33 87.43
CA VAL L 121 50.86 -34.48 86.59
C VAL L 121 51.05 -34.02 85.15
N ARG L 122 51.21 -34.97 84.24
CA ARG L 122 51.35 -34.63 82.83
C ARG L 122 50.89 -35.78 81.95
N LEU L 123 49.88 -35.50 81.13
CA LEU L 123 49.52 -36.35 80.01
C LEU L 123 50.47 -36.06 78.85
N GLY L 124 50.46 -36.96 77.88
CA GLY L 124 51.41 -36.87 76.78
C GLY L 124 51.03 -37.81 75.66
N ALA L 125 51.76 -37.70 74.55
CA ALA L 125 51.56 -38.57 73.41
C ALA L 125 52.66 -38.33 72.40
N LEU L 126 53.18 -39.43 71.86
CA LEU L 126 54.09 -39.40 70.72
C LEU L 126 53.34 -39.93 69.51
N LEU L 127 53.15 -39.08 68.52
CA LEU L 127 52.39 -39.42 67.32
C LEU L 127 53.30 -39.23 66.12
N TRP L 128 53.63 -40.33 65.45
CA TRP L 128 54.61 -40.28 64.37
C TRP L 128 54.15 -41.13 63.21
N PHE L 129 54.54 -40.71 62.01
CA PHE L 129 54.45 -41.55 60.82
C PHE L 129 55.77 -42.27 60.65
N ASP L 130 55.76 -43.59 60.85
CA ASP L 130 56.93 -44.42 60.59
C ASP L 130 57.17 -44.63 59.10
N SER L 131 56.42 -43.93 58.26
CA SER L 131 56.51 -44.09 56.81
C SER L 131 56.49 -42.70 56.18
N THR L 132 56.69 -42.69 54.86
CA THR L 132 56.64 -41.45 54.07
C THR L 132 55.30 -41.26 53.40
N SER L 133 54.24 -41.90 53.88
CA SER L 133 52.89 -41.78 53.33
C SER L 133 51.91 -41.54 54.49
N SER L 134 50.77 -40.94 54.16
CA SER L 134 49.87 -40.36 55.15
C SER L 134 48.66 -41.24 55.44
N SER L 135 48.84 -42.56 55.48
CA SER L 135 47.75 -43.44 55.86
C SER L 135 47.69 -43.60 57.38
N VAL L 136 46.48 -43.89 57.88
CA VAL L 136 46.32 -44.20 59.30
C VAL L 136 47.10 -45.43 59.67
N THR L 137 47.27 -46.37 58.73
CA THR L 137 48.13 -47.53 58.95
C THR L 137 49.59 -47.12 59.05
N ASP L 138 49.99 -46.10 58.28
CA ASP L 138 51.32 -45.52 58.47
C ASP L 138 51.44 -44.76 59.77
N MET L 139 50.37 -44.68 60.57
CA MET L 139 50.37 -43.92 61.81
C MET L 139 50.53 -44.85 62.99
N LYS L 140 51.52 -44.55 63.83
CA LYS L 140 51.79 -45.31 65.04
C LYS L 140 51.77 -44.35 66.23
N ARG L 141 51.11 -44.76 67.30
CA ARG L 141 50.76 -43.84 68.38
C ARG L 141 51.21 -44.39 69.73
N LEU L 142 51.50 -43.47 70.65
CA LEU L 142 51.80 -43.81 72.04
C LEU L 142 51.30 -42.68 72.91
N TRP L 143 50.89 -43.02 74.13
CA TRP L 143 50.21 -42.07 75.02
C TRP L 143 50.74 -42.22 76.44
N LEU L 144 51.09 -41.10 77.05
CA LEU L 144 51.82 -41.09 78.31
C LEU L 144 51.07 -40.31 79.37
N PHE L 145 50.76 -40.98 80.47
CA PHE L 145 50.14 -40.36 81.63
C PHE L 145 51.13 -40.49 82.78
N SER L 146 51.46 -39.37 83.41
CA SER L 146 52.56 -39.37 84.38
C SER L 146 52.18 -38.52 85.58
N ASP L 147 51.82 -39.16 86.69
CA ASP L 147 51.73 -38.46 87.95
C ASP L 147 53.07 -37.87 88.35
N ASN L 148 54.17 -38.41 87.83
CA ASN L 148 55.50 -37.91 88.14
C ASN L 148 55.71 -36.55 87.48
N PRO L 149 56.01 -35.50 88.22
CA PRO L 149 56.24 -34.20 87.58
C PRO L 149 57.35 -34.22 86.54
N GLY L 150 58.37 -35.05 86.72
CA GLY L 150 59.56 -34.97 85.90
C GLY L 150 59.41 -35.49 84.49
N GLN L 151 58.27 -36.10 84.15
CA GLN L 151 58.06 -36.67 82.83
C GLN L 151 57.43 -35.62 81.92
N THR L 152 58.29 -34.87 81.21
CA THR L 152 57.85 -33.74 80.40
C THR L 152 57.78 -34.17 78.94
N LEU L 153 57.21 -33.28 78.11
CA LEU L 153 57.08 -33.60 76.69
C LEU L 153 58.43 -33.63 75.99
N GLU L 154 59.27 -32.63 76.25
CA GLU L 154 60.59 -32.63 75.63
C GLU L 154 61.42 -33.82 76.08
N HIS L 155 61.31 -34.21 77.35
CA HIS L 155 61.96 -35.43 77.80
C HIS L 155 61.40 -36.65 77.07
N TRP L 156 60.09 -36.66 76.84
CA TRP L 156 59.48 -37.78 76.13
C TRP L 156 59.95 -37.85 74.69
N LEU L 157 60.10 -36.70 74.04
CA LEU L 157 60.68 -36.66 72.70
C LEU L 157 62.12 -37.15 72.73
N ASN L 158 62.87 -36.79 73.77
CA ASN L 158 64.24 -37.26 73.90
C ASN L 158 64.28 -38.77 74.04
N VAL L 159 63.38 -39.34 74.84
CA VAL L 159 63.33 -40.80 74.99
C VAL L 159 62.93 -41.45 73.67
N TYR L 160 62.06 -40.81 72.89
CA TYR L 160 61.72 -41.34 71.57
C TYR L 160 62.94 -41.32 70.66
N HIS L 161 63.75 -40.26 70.75
CA HIS L 161 64.97 -40.22 69.95
C HIS L 161 65.90 -41.37 70.33
N GLU L 162 65.76 -41.92 71.53
CA GLU L 162 66.61 -43.01 71.96
C GLU L 162 66.13 -44.34 71.39
N GLY L 163 64.90 -44.75 71.72
CA GLY L 163 64.39 -46.02 71.27
C GLY L 163 62.92 -46.00 70.89
N GLY L 164 62.36 -44.81 70.71
CA GLY L 164 60.99 -44.71 70.25
C GLY L 164 60.03 -45.35 71.24
N THR L 165 59.12 -46.17 70.70
CA THR L 165 58.15 -46.86 71.55
C THR L 165 58.85 -47.75 72.57
N ARG L 166 59.89 -48.47 72.13
CA ARG L 166 60.56 -49.42 73.01
C ARG L 166 61.06 -48.74 74.28
N LEU L 167 61.83 -47.66 74.13
CA LEU L 167 62.36 -46.99 75.30
C LEU L 167 61.32 -46.14 76.00
N LEU L 168 60.26 -45.73 75.29
CA LEU L 168 59.18 -45.01 75.96
C LEU L 168 58.42 -45.91 76.91
N ARG L 169 58.30 -47.20 76.58
CA ARG L 169 57.73 -48.16 77.52
C ARG L 169 58.77 -48.62 78.54
N GLN L 170 60.04 -48.63 78.13
CA GLN L 170 61.12 -48.98 79.06
C GLN L 170 61.17 -47.99 80.21
N MET L 171 60.99 -46.69 79.90
CA MET L 171 61.00 -45.67 80.95
C MET L 171 59.75 -45.77 81.82
N GLU L 172 58.67 -46.37 81.30
CA GLU L 172 57.52 -46.63 82.15
C GLU L 172 57.80 -47.79 83.11
N LYS L 173 58.44 -48.85 82.62
CA LYS L 173 58.84 -49.94 83.50
C LYS L 173 59.82 -49.45 84.56
N GLU L 174 60.79 -48.63 84.15
CA GLU L 174 61.86 -48.20 85.05
C GLU L 174 61.36 -47.18 86.05
N ALA L 175 60.57 -46.22 85.59
CA ALA L 175 60.17 -45.09 86.42
C ALA L 175 58.90 -45.42 87.21
N ILE L 176 58.63 -44.60 88.21
CA ILE L 176 57.48 -44.76 89.09
C ILE L 176 56.55 -43.57 88.88
N GLY L 177 55.25 -43.82 89.06
CA GLY L 177 54.27 -42.79 88.80
C GLY L 177 54.11 -42.47 87.33
N LEU L 178 54.45 -43.41 86.46
CA LEU L 178 54.41 -43.20 85.02
C LEU L 178 53.69 -44.36 84.35
N TRP L 179 52.89 -44.02 83.35
CA TRP L 179 52.19 -44.99 82.51
C TRP L 179 52.37 -44.55 81.06
N THR L 180 52.53 -45.52 80.17
CA THR L 180 52.64 -45.26 78.74
C THR L 180 51.88 -46.35 78.00
N TYR L 181 51.37 -46.00 76.83
CA TYR L 181 50.48 -46.91 76.11
C TYR L 181 50.51 -46.66 74.61
N PRO L 182 51.13 -47.54 73.82
CA PRO L 182 50.81 -47.54 72.38
C PRO L 182 49.35 -47.86 72.12
N ASN L 183 48.74 -48.69 72.98
CA ASN L 183 47.30 -48.95 72.96
C ASN L 183 46.61 -47.77 73.63
N LYS L 184 46.04 -46.88 72.82
CA LYS L 184 45.49 -45.64 73.34
C LYS L 184 44.36 -45.87 74.33
N LYS L 185 43.56 -46.92 74.10
CA LYS L 185 42.38 -47.10 74.94
C LYS L 185 42.76 -47.40 76.38
N GLN L 186 43.83 -48.17 76.61
CA GLN L 186 44.29 -48.37 77.99
C GLN L 186 44.83 -47.08 78.59
N TYR L 187 45.44 -46.23 77.77
CA TYR L 187 45.82 -44.90 78.23
C TYR L 187 44.60 -44.15 78.75
N LEU L 188 43.55 -44.07 77.94
CA LEU L 188 42.36 -43.35 78.35
C LEU L 188 41.69 -44.03 79.54
N ALA L 189 41.82 -45.35 79.64
CA ALA L 189 41.20 -46.06 80.75
C ALA L 189 41.92 -45.78 82.06
N ARG L 190 43.25 -45.75 82.04
CA ARG L 190 43.99 -45.37 83.24
C ARG L 190 43.74 -43.90 83.59
N LEU L 191 43.65 -43.04 82.57
CA LEU L 191 43.33 -41.64 82.83
C LEU L 191 41.96 -41.51 83.49
N ARG L 192 40.98 -42.25 82.99
CA ARG L 192 39.63 -42.21 83.54
C ARG L 192 39.59 -42.77 84.95
N ASP L 193 40.32 -43.85 85.19
CA ASP L 193 40.34 -44.45 86.52
C ASP L 193 40.94 -43.48 87.54
N PHE L 194 42.00 -42.77 87.15
CA PHE L 194 42.67 -41.88 88.07
C PHE L 194 41.81 -40.67 88.38
N PHE L 195 41.03 -40.20 87.41
CA PHE L 195 40.08 -39.12 87.63
C PHE L 195 38.75 -39.61 88.19
N GLU L 196 38.49 -40.92 88.14
CA GLU L 196 37.17 -41.45 88.45
C GLU L 196 36.11 -40.81 87.55
N VAL L 197 36.46 -40.61 86.29
CA VAL L 197 35.61 -39.94 85.31
C VAL L 197 35.48 -40.83 84.09
N GLY L 198 34.24 -41.12 83.68
CA GLY L 198 34.02 -41.92 82.51
C GLY L 198 34.29 -41.17 81.22
N GLU L 199 34.55 -41.93 80.16
CA GLU L 199 34.79 -41.30 78.87
C GLU L 199 33.54 -40.63 78.32
N ASN L 200 32.36 -40.97 78.85
CA ASN L 200 31.17 -40.20 78.52
C ASN L 200 31.32 -38.76 79.01
N ALA L 201 31.85 -38.59 80.21
CA ALA L 201 32.15 -37.25 80.69
C ALA L 201 33.24 -36.59 79.85
N PHE L 202 34.19 -37.38 79.33
CA PHE L 202 35.19 -36.82 78.44
C PHE L 202 34.58 -36.35 77.12
N THR L 203 33.61 -37.10 76.59
CA THR L 203 32.91 -36.65 75.39
C THR L 203 32.09 -35.42 75.69
N LEU L 204 31.51 -35.33 76.88
CA LEU L 204 30.83 -34.12 77.30
C LEU L 204 31.81 -32.95 77.34
N LEU L 205 33.01 -33.20 77.84
CA LEU L 205 34.04 -32.17 77.93
C LEU L 205 34.45 -31.70 76.54
N ASN L 206 34.68 -32.65 75.62
CA ASN L 206 35.14 -32.30 74.29
C ASN L 206 34.03 -31.72 73.44
N ARG L 207 32.78 -32.06 73.75
CA ARG L 207 31.64 -31.41 73.11
C ARG L 207 31.46 -30.00 73.64
N ALA L 208 31.72 -29.81 74.94
CA ALA L 208 31.71 -28.46 75.50
C ALA L 208 32.80 -27.61 74.85
N ALA L 209 33.97 -28.21 74.62
CA ALA L 209 35.01 -27.51 73.87
C ALA L 209 34.55 -27.19 72.47
N GLY L 210 33.85 -28.13 71.82
CA GLY L 210 33.26 -27.88 70.52
C GLY L 210 31.96 -27.11 70.57
N LEU L 211 31.51 -26.73 71.76
CA LEU L 211 30.20 -26.12 71.91
C LEU L 211 30.19 -24.72 71.33
N LYS L 212 29.02 -24.32 70.82
CA LYS L 212 28.74 -22.95 70.44
C LYS L 212 28.37 -22.17 71.71
N GLN L 213 27.74 -21.00 71.55
CA GLN L 213 27.14 -20.35 72.71
C GLN L 213 26.14 -21.30 73.34
N LEU L 214 25.63 -20.97 74.52
CA LEU L 214 24.56 -21.76 75.11
C LEU L 214 23.33 -21.57 74.23
N ASN L 215 23.04 -22.58 73.40
CA ASN L 215 22.09 -22.44 72.30
C ASN L 215 20.65 -22.43 72.80
N SER L 216 20.22 -23.55 73.39
CA SER L 216 18.84 -23.69 73.85
C SER L 216 18.83 -24.63 75.05
N ILE L 217 17.81 -24.46 75.90
CA ILE L 217 17.68 -25.34 77.06
C ILE L 217 17.48 -26.78 76.60
N ASP L 218 16.55 -26.98 75.67
CA ASP L 218 16.20 -28.33 75.24
C ASP L 218 17.37 -28.99 74.51
N GLU L 219 17.95 -28.29 73.54
CA GLU L 219 19.06 -28.86 72.79
C GLU L 219 20.26 -29.10 73.69
N ILE L 220 20.56 -28.16 74.58
CA ILE L 220 21.69 -28.35 75.48
C ILE L 220 21.46 -29.59 76.33
N PHE L 221 20.29 -29.69 76.95
CA PHE L 221 19.98 -30.89 77.72
C PHE L 221 20.22 -32.14 76.89
N ARG L 222 19.51 -32.28 75.78
CA ARG L 222 19.56 -33.51 75.00
C ARG L 222 20.99 -33.81 74.56
N GLU L 223 21.67 -32.82 73.97
CA GLU L 223 22.97 -33.03 73.35
C GLU L 223 24.09 -33.24 74.36
N LEU L 224 24.19 -32.39 75.37
CA LEU L 224 25.30 -32.41 76.30
C LEU L 224 24.96 -33.20 77.57
N VAL L 225 23.82 -32.90 78.18
CA VAL L 225 23.50 -33.50 79.48
C VAL L 225 23.31 -35.00 79.35
N LEU L 226 22.76 -35.45 78.24
CA LEU L 226 22.32 -36.83 78.10
C LEU L 226 22.97 -37.49 76.88
N ASP L 227 22.78 -38.80 76.78
CA ASP L 227 23.26 -39.59 75.65
C ASP L 227 22.11 -40.45 75.16
N ASP L 228 22.17 -40.78 73.86
CA ASP L 228 21.06 -41.48 73.23
C ASP L 228 21.08 -42.98 73.46
N HIS L 229 22.15 -43.66 73.02
CA HIS L 229 22.15 -45.11 73.01
C HIS L 229 20.89 -45.61 72.33
N SER L 230 20.48 -44.91 71.28
CA SER L 230 19.18 -45.17 70.66
C SER L 230 19.14 -46.55 70.03
N ALA L 231 17.93 -47.00 69.73
CA ALA L 231 17.69 -48.34 69.20
C ALA L 231 17.39 -48.35 67.71
N PHE L 232 18.03 -47.49 66.92
CA PHE L 232 17.79 -47.50 65.48
C PHE L 232 18.28 -48.79 64.85
N ASP L 233 19.47 -49.27 65.26
CA ASP L 233 19.96 -50.56 64.77
C ASP L 233 19.02 -51.68 65.17
N ARG L 234 18.52 -51.64 66.41
CA ARG L 234 17.51 -52.60 66.83
C ARG L 234 16.29 -52.52 65.93
N ALA L 235 15.90 -51.30 65.54
CA ALA L 235 14.73 -51.15 64.68
C ALA L 235 14.98 -51.77 63.31
N ALA L 236 16.17 -51.57 62.75
CA ALA L 236 16.46 -52.15 61.44
C ALA L 236 16.45 -53.66 61.49
N GLU L 237 17.13 -54.25 62.48
CA GLU L 237 17.15 -55.70 62.54
C GLU L 237 15.81 -56.27 62.97
N VAL L 238 14.98 -55.49 63.67
CA VAL L 238 13.61 -55.90 63.94
C VAL L 238 12.80 -55.91 62.66
N ALA L 239 13.02 -54.92 61.80
CA ALA L 239 12.39 -54.94 60.48
C ALA L 239 12.77 -56.21 59.74
N ASN L 240 14.06 -56.56 59.79
CA ASN L 240 14.52 -57.77 59.10
C ASN L 240 13.89 -59.03 59.70
N SER L 241 13.89 -59.14 61.02
CA SER L 241 13.31 -60.31 61.67
C SER L 241 11.82 -60.40 61.41
N PHE L 242 11.13 -59.27 61.35
CA PHE L 242 9.70 -59.32 61.03
C PHE L 242 9.47 -59.66 59.57
N ASP L 243 10.41 -59.32 58.69
CA ASP L 243 10.36 -59.86 57.34
C ASP L 243 10.44 -61.39 57.36
N GLY L 244 11.33 -61.93 58.19
CA GLY L 244 11.37 -63.37 58.37
C GLY L 244 10.06 -63.91 58.91
N LEU L 245 9.46 -63.19 59.86
CA LEU L 245 8.15 -63.56 60.37
C LEU L 245 7.14 -63.63 59.24
N THR L 246 7.16 -62.63 58.36
CA THR L 246 6.28 -62.64 57.20
C THR L 246 6.57 -63.83 56.31
N GLU L 247 7.83 -64.22 56.19
CA GLU L 247 8.16 -65.39 55.39
C GLU L 247 7.53 -66.64 55.96
N ILE L 248 7.61 -66.81 57.28
CA ILE L 248 6.98 -67.98 57.90
C ILE L 248 5.47 -67.87 57.76
N HIS L 249 4.93 -66.65 57.88
CA HIS L 249 3.50 -66.44 57.70
C HIS L 249 3.04 -66.90 56.33
N GLN L 250 3.76 -66.49 55.29
CA GLN L 250 3.36 -66.84 53.93
C GLN L 250 3.59 -68.31 53.66
N GLU L 251 4.62 -68.90 54.26
CA GLU L 251 4.81 -70.35 54.12
C GLU L 251 3.64 -71.11 54.74
N LEU L 252 3.23 -70.70 55.93
CA LEU L 252 2.08 -71.30 56.59
C LEU L 252 0.83 -71.13 55.73
N GLU L 253 0.63 -69.93 55.20
CA GLU L 253 -0.54 -69.68 54.35
C GLU L 253 -0.50 -70.53 53.09
N THR L 254 0.69 -70.71 52.51
CA THR L 254 0.83 -71.53 51.32
C THR L 254 0.44 -72.96 51.59
N ALA L 255 1.00 -73.56 52.65
CA ALA L 255 0.64 -74.92 52.99
C ALA L 255 -0.86 -75.01 53.29
N ARG L 256 -1.38 -74.02 54.01
CA ARG L 256 -2.81 -73.97 54.31
C ARG L 256 -3.64 -74.04 53.05
N LYS L 257 -3.35 -73.17 52.08
CA LYS L 257 -4.15 -73.12 50.87
C LYS L 257 -4.00 -74.39 50.05
N GLN L 258 -2.77 -74.91 49.95
CA GLN L 258 -2.56 -76.15 49.20
C GLN L 258 -3.42 -77.27 49.78
N GLN L 259 -3.31 -77.49 51.09
CA GLN L 259 -4.08 -78.56 51.72
C GLN L 259 -5.58 -78.30 51.59
N GLN L 260 -6.00 -77.05 51.78
CA GLN L 260 -7.42 -76.72 51.75
C GLN L 260 -8.00 -76.98 50.38
N SER L 261 -7.26 -76.65 49.32
CA SER L 261 -7.73 -76.97 47.98
C SER L 261 -7.72 -78.47 47.73
N LEU L 262 -6.72 -79.18 48.24
CA LEU L 262 -6.64 -80.61 47.98
C LEU L 262 -7.78 -81.38 48.64
N GLN L 263 -8.21 -80.92 49.82
CA GLN L 263 -9.21 -81.69 50.56
C GLN L 263 -10.52 -81.87 49.78
N PRO L 264 -11.11 -80.83 49.18
CA PRO L 264 -12.31 -81.06 48.37
C PRO L 264 -12.05 -82.05 47.24
N VAL L 265 -10.83 -82.05 46.71
CA VAL L 265 -10.48 -83.05 45.69
C VAL L 265 -10.62 -84.45 46.28
N ALA L 266 -10.14 -84.64 47.51
CA ALA L 266 -10.29 -85.93 48.16
C ALA L 266 -11.76 -86.29 48.33
N LEU L 267 -12.57 -85.31 48.75
CA LEU L 267 -14.00 -85.55 48.91
C LEU L 267 -14.63 -86.04 47.62
N SER L 268 -14.43 -85.28 46.54
CA SER L 268 -15.00 -85.64 45.26
C SER L 268 -14.49 -87.01 44.81
N TRP L 269 -13.20 -87.25 45.00
CA TRP L 269 -12.62 -88.51 44.58
C TRP L 269 -13.27 -89.67 45.31
N GLU L 270 -13.50 -89.52 46.61
CA GLU L 270 -14.05 -90.62 47.38
C GLU L 270 -15.50 -90.87 47.01
N LYS L 271 -16.31 -89.82 46.91
CA LYS L 271 -17.69 -90.05 46.52
C LYS L 271 -17.77 -90.61 45.10
N TYR L 272 -16.82 -90.23 44.24
CA TYR L 272 -16.75 -90.83 42.91
C TYR L 272 -16.42 -92.31 43.02
N GLN L 273 -15.54 -92.67 43.94
CA GLN L 273 -15.24 -94.08 44.15
C GLN L 273 -16.48 -94.84 44.60
N LYS L 274 -17.27 -94.23 45.48
CA LYS L 274 -18.50 -94.87 45.92
C LYS L 274 -19.44 -95.10 44.76
N GLN L 275 -19.64 -94.08 43.92
CA GLN L 275 -20.50 -94.27 42.76
C GLN L 275 -19.92 -95.30 41.79
N GLU L 276 -18.59 -95.38 41.71
CA GLU L 276 -17.95 -96.40 40.87
C GLU L 276 -18.26 -97.80 41.38
N ARG L 277 -18.18 -97.99 42.70
CA ARG L 277 -18.54 -99.29 43.27
C ARG L 277 -20.00 -99.61 43.00
N GLN L 278 -20.87 -98.60 43.14
CA GLN L 278 -22.28 -98.81 42.86
C GLN L 278 -22.49 -99.25 41.41
N LEU L 279 -21.78 -98.60 40.48
CA LEU L 279 -21.92 -98.96 39.08
C LEU L 279 -21.39 -100.38 38.82
N ALA L 280 -20.26 -100.73 39.45
CA ALA L 280 -19.75 -102.08 39.29
C ALA L 280 -20.76 -103.11 39.76
N ASP L 281 -21.38 -102.85 40.92
CA ASP L 281 -22.40 -103.77 41.42
C ASP L 281 -23.58 -103.85 40.47
N TRP L 282 -24.06 -102.70 39.98
CA TRP L 282 -25.17 -102.70 39.03
C TRP L 282 -24.82 -103.51 37.80
N LEU L 283 -23.60 -103.37 37.29
CA LEU L 283 -23.16 -104.16 36.15
C LEU L 283 -23.20 -105.64 36.50
N THR L 284 -22.77 -106.00 37.71
CA THR L 284 -22.82 -107.40 38.11
C THR L 284 -24.24 -107.94 38.01
N LEU L 285 -25.23 -107.17 38.49
CA LEU L 285 -26.61 -107.62 38.43
C LEU L 285 -27.07 -107.80 36.99
N GLU L 286 -26.61 -106.94 36.09
CA GLU L 286 -27.03 -107.06 34.69
C GLU L 286 -26.67 -108.43 34.13
N SER L 287 -25.43 -108.88 34.37
CA SER L 287 -25.00 -110.17 33.85
C SER L 287 -25.73 -111.32 34.53
N LEU L 288 -26.00 -111.19 35.82
CA LEU L 288 -26.71 -112.25 36.53
C LEU L 288 -28.16 -112.33 36.12
N LEU L 289 -28.70 -111.28 35.51
CA LEU L 289 -30.12 -111.31 35.13
C LEU L 289 -30.42 -112.38 34.10
N PRO L 290 -29.68 -112.49 32.98
CA PRO L 290 -29.93 -113.62 32.07
C PRO L 290 -29.80 -114.97 32.73
N LEU L 291 -28.79 -115.16 33.58
CA LEU L 291 -28.60 -116.45 34.23
C LEU L 291 -29.77 -116.78 35.15
N TRP L 292 -30.20 -115.80 35.94
CA TRP L 292 -31.30 -116.00 36.87
C TRP L 292 -32.59 -116.33 36.13
N PHE L 293 -32.94 -115.49 35.17
CA PHE L 293 -34.18 -115.74 34.44
C PHE L 293 -34.08 -116.98 33.56
N ALA L 294 -32.86 -117.40 33.21
CA ALA L 294 -32.69 -118.66 32.50
C ALA L 294 -32.96 -119.83 33.43
N GLN L 295 -32.44 -119.78 34.65
CA GLN L 295 -32.77 -120.77 35.65
C GLN L 295 -34.28 -120.87 35.84
N GLN L 296 -34.92 -119.71 36.05
CA GLN L 296 -36.35 -119.70 36.33
C GLN L 296 -37.15 -120.17 35.13
N ALA L 297 -36.75 -119.77 33.92
CA ALA L 297 -37.44 -120.21 32.72
C ALA L 297 -37.29 -121.71 32.52
N SER L 298 -36.09 -122.25 32.75
CA SER L 298 -35.91 -123.69 32.67
C SER L 298 -36.82 -124.41 33.66
N HIS L 299 -36.85 -123.93 34.90
CA HIS L 299 -37.69 -124.54 35.93
C HIS L 299 -39.17 -124.52 35.51
N LEU L 300 -39.67 -123.34 35.14
CA LEU L 300 -41.09 -123.21 34.84
C LEU L 300 -41.45 -123.96 33.57
N TRP L 301 -40.55 -123.97 32.58
CA TRP L 301 -40.79 -124.72 31.36
C TRP L 301 -40.80 -126.22 31.63
N ARG L 302 -39.99 -126.68 32.58
CA ARG L 302 -39.97 -128.12 32.87
C ARG L 302 -41.24 -128.53 33.61
N GLU L 303 -41.71 -127.70 34.54
CA GLU L 303 -42.99 -128.01 35.18
C GLU L 303 -44.13 -127.99 34.16
N LYS L 304 -44.09 -127.02 33.23
CA LYS L 304 -45.09 -127.02 32.16
C LYS L 304 -44.98 -128.28 31.31
N ILE L 305 -43.76 -128.73 31.04
CA ILE L 305 -43.56 -129.95 30.27
C ILE L 305 -44.19 -131.14 30.98
N ASN L 306 -44.00 -131.22 32.29
CA ASN L 306 -44.60 -132.32 33.05
C ASN L 306 -46.13 -132.25 33.02
N LEU L 307 -46.68 -131.05 33.19
CA LEU L 307 -48.14 -130.91 33.16
C LEU L 307 -48.69 -131.30 31.79
N LEU L 308 -48.03 -130.85 30.72
CA LEU L 308 -48.46 -131.20 29.37
C LEU L 308 -48.29 -132.69 29.12
N ASN L 309 -47.26 -133.31 29.71
CA ASN L 309 -47.11 -134.76 29.59
C ASN L 309 -48.30 -135.47 30.23
N ALA L 310 -48.73 -135.00 31.40
CA ALA L 310 -49.89 -135.60 32.04
C ALA L 310 -51.13 -135.46 31.16
N ARG L 311 -51.37 -134.25 30.63
CA ARG L 311 -52.52 -134.04 29.77
C ARG L 311 -52.44 -134.92 28.53
N LEU L 312 -51.25 -135.03 27.93
CA LEU L 312 -51.07 -135.83 26.73
C LEU L 312 -51.30 -137.31 27.01
N ALA L 313 -50.85 -137.79 28.17
CA ALA L 313 -51.11 -139.17 28.54
C ALA L 313 -52.59 -139.44 28.69
N GLU L 314 -53.31 -138.53 29.34
CA GLU L 314 -54.77 -138.68 29.45
C GLU L 314 -55.40 -138.76 28.07
N ALA L 315 -55.01 -137.84 27.18
CA ALA L 315 -55.58 -137.82 25.84
C ALA L 315 -55.28 -139.12 25.10
N GLN L 316 -54.05 -139.62 25.22
CA GLN L 316 -53.67 -140.84 24.51
C GLN L 316 -54.42 -142.06 25.04
N THR L 317 -54.62 -142.13 26.36
CA THR L 317 -55.41 -143.23 26.92
C THR L 317 -56.85 -143.18 26.40
N SER L 318 -57.44 -142.00 26.37
CA SER L 318 -58.79 -141.87 25.79
C SER L 318 -58.78 -142.30 24.34
N GLU L 319 -57.74 -141.93 23.59
CA GLU L 319 -57.62 -142.32 22.19
C GLU L 319 -57.60 -143.84 22.05
N GLU L 320 -56.81 -144.52 22.87
CA GLU L 320 -56.71 -145.98 22.77
C GLU L 320 -58.05 -146.64 23.08
N GLN L 321 -58.71 -146.18 24.15
CA GLN L 321 -59.99 -146.77 24.50
C GLN L 321 -61.03 -146.56 23.41
N LEU L 322 -61.06 -145.34 22.84
CA LEU L 322 -61.99 -145.07 21.75
C LEU L 322 -61.68 -145.94 20.54
N GLN L 323 -60.40 -146.18 20.28
CA GLN L 323 -60.01 -147.06 19.18
C GLN L 323 -60.57 -148.47 19.39
N SER L 324 -60.38 -149.01 20.59
CA SER L 324 -60.89 -150.35 20.86
C SER L 324 -62.41 -150.39 20.70
N GLN L 325 -63.11 -149.38 21.22
CA GLN L 325 -64.56 -149.34 21.11
C GLN L 325 -65.00 -149.25 19.65
N LEU L 326 -64.28 -148.44 18.86
CA LEU L 326 -64.63 -148.29 17.45
C LEU L 326 -64.47 -149.61 16.71
N ASP L 327 -63.39 -150.33 16.98
CA ASP L 327 -63.21 -151.64 16.34
C ASP L 327 -64.31 -152.62 16.75
N LEU L 328 -64.67 -152.64 18.03
CA LEU L 328 -65.74 -153.55 18.47
C LEU L 328 -67.07 -153.19 17.80
N GLN L 329 -67.34 -151.89 17.65
CA GLN L 329 -68.55 -151.48 16.97
C GLN L 329 -68.52 -151.86 15.48
N LYS L 330 -67.34 -151.84 14.86
CA LYS L 330 -67.24 -152.33 13.49
C LYS L 330 -67.59 -153.82 13.43
N LYS L 331 -67.12 -154.60 14.40
CA LYS L 331 -67.46 -156.02 14.44
C LYS L 331 -68.97 -156.22 14.59
N VAL L 332 -69.59 -155.44 15.48
CA VAL L 332 -71.04 -155.52 15.64
C VAL L 332 -71.74 -155.13 14.35
N VAL L 333 -71.19 -154.15 13.63
CA VAL L 333 -71.74 -153.76 12.33
C VAL L 333 -71.70 -154.95 11.38
N SER L 334 -70.60 -155.68 11.36
CA SER L 334 -70.51 -156.86 10.50
C SER L 334 -71.56 -157.90 10.88
N ASP L 335 -71.76 -158.11 12.18
CA ASP L 335 -72.76 -159.08 12.61
C ASP L 335 -74.16 -158.68 12.15
N HIS L 336 -74.57 -157.44 12.44
CA HIS L 336 -75.85 -156.96 11.91
C HIS L 336 -75.88 -156.99 10.39
N MET L 337 -74.71 -156.89 9.75
CA MET L 337 -74.65 -156.88 8.29
C MET L 337 -75.06 -158.24 7.74
N GLN L 338 -74.48 -159.30 8.31
CA GLN L 338 -74.88 -160.65 7.94
C GLN L 338 -76.33 -160.94 8.35
N ARG L 339 -76.80 -160.37 9.46
CA ARG L 339 -78.21 -160.55 9.81
C ARG L 339 -79.10 -159.96 8.73
N TYR L 340 -78.83 -158.72 8.32
CA TYR L 340 -79.56 -158.12 7.21
C TYR L 340 -79.48 -158.99 5.96
N LEU L 341 -78.34 -159.67 5.76
CA LEU L 341 -78.24 -160.62 4.67
C LEU L 341 -79.26 -161.74 4.81
N GLN L 342 -79.28 -162.41 5.95
CA GLN L 342 -80.10 -163.61 6.09
C GLN L 342 -81.59 -163.31 5.96
N VAL L 343 -82.06 -162.26 6.63
CA VAL L 343 -83.47 -161.93 6.58
C VAL L 343 -83.87 -161.48 5.19
N ASP L 689 -91.58 -152.04 7.76
CA ASP L 689 -91.75 -152.65 9.07
C ASP L 689 -91.37 -154.13 9.06
N SER L 690 -90.98 -154.63 7.88
CA SER L 690 -90.58 -156.02 7.76
C SER L 690 -89.25 -156.27 8.47
N ASP L 691 -88.92 -157.54 8.64
CA ASP L 691 -87.66 -157.89 9.28
C ASP L 691 -86.46 -157.37 8.49
N ALA L 692 -86.55 -157.36 7.16
CA ALA L 692 -85.45 -156.84 6.35
C ALA L 692 -85.27 -155.34 6.58
N SER L 693 -86.36 -154.59 6.61
CA SER L 693 -86.27 -153.15 6.82
C SER L 693 -85.68 -152.83 8.19
N VAL L 694 -86.14 -153.53 9.23
CA VAL L 694 -85.63 -153.28 10.57
C VAL L 694 -84.18 -153.71 10.68
N ALA L 695 -83.82 -154.81 10.00
CA ALA L 695 -82.42 -155.25 10.01
C ALA L 695 -81.52 -154.21 9.35
N LYS L 696 -81.96 -153.66 8.22
CA LYS L 696 -81.18 -152.60 7.57
C LYS L 696 -81.09 -151.36 8.46
N ALA L 697 -82.18 -151.01 9.13
CA ALA L 697 -82.17 -149.86 10.02
C ALA L 697 -81.21 -150.07 11.18
N LYS L 698 -81.19 -151.26 11.74
CA LYS L 698 -80.26 -151.54 12.85
C LYS L 698 -78.83 -151.62 12.37
N LEU L 699 -78.60 -152.10 11.15
CA LEU L 699 -77.27 -152.02 10.54
C LEU L 699 -76.81 -150.57 10.45
N ASP L 700 -77.68 -149.70 9.95
CA ASP L 700 -77.34 -148.28 9.86
C ASP L 700 -77.14 -147.67 11.23
N GLU L 701 -77.91 -148.10 12.23
CA GLU L 701 -77.72 -147.58 13.59
C GLU L 701 -76.39 -148.02 14.17
N ALA L 702 -75.98 -149.27 13.90
CA ALA L 702 -74.67 -149.72 14.33
C ALA L 702 -73.57 -148.90 13.65
N GLN L 703 -73.73 -148.62 12.35
CA GLN L 703 -72.77 -147.76 11.67
C GLN L 703 -72.78 -146.35 12.26
N THR L 704 -73.94 -145.87 12.69
CA THR L 704 -74.02 -144.55 13.32
C THR L 704 -73.27 -144.54 14.65
N ILE L 705 -73.40 -145.61 15.44
CA ILE L 705 -72.64 -145.70 16.68
C ILE L 705 -71.14 -145.76 16.38
N GLU L 706 -70.77 -146.49 15.33
CA GLU L 706 -69.38 -146.50 14.88
C GLU L 706 -68.91 -145.10 14.55
N SER L 707 -69.74 -144.33 13.84
CA SER L 707 -69.38 -142.96 13.47
C SER L 707 -69.25 -142.07 14.70
N GLU L 708 -70.13 -142.25 15.68
CA GLU L 708 -70.03 -141.49 16.92
C GLU L 708 -68.71 -141.76 17.63
N LEU L 709 -68.36 -143.05 17.73
CA LEU L 709 -67.07 -143.39 18.33
C LEU L 709 -65.91 -142.85 17.52
N ASP L 710 -66.03 -142.84 16.20
CA ASP L 710 -64.98 -142.30 15.34
C ASP L 710 -64.81 -140.80 15.55
N LYS L 711 -65.91 -140.08 15.69
CA LYS L 711 -65.83 -138.65 15.95
C LYS L 711 -65.23 -138.37 17.32
N GLN L 712 -65.60 -139.16 18.32
CA GLN L 712 -64.96 -139.02 19.64
C GLN L 712 -63.46 -139.28 19.53
N LEU L 713 -63.08 -140.31 18.77
CA LEU L 713 -61.66 -140.61 18.58
C LEU L 713 -60.93 -139.48 17.85
N ARG L 714 -61.58 -138.86 16.86
CA ARG L 714 -60.96 -137.74 16.16
C ARG L 714 -60.77 -136.55 17.08
N ALA L 715 -61.76 -136.26 17.93
CA ALA L 715 -61.61 -135.18 18.90
C ALA L 715 -60.46 -135.48 19.86
N ALA L 716 -60.38 -136.74 20.32
CA ALA L 716 -59.27 -137.13 21.18
C ALA L 716 -57.93 -136.97 20.46
N ASN L 717 -57.89 -137.31 19.17
CA ASN L 717 -56.67 -137.15 18.38
C ASN L 717 -56.26 -135.68 18.33
N LYS L 718 -57.23 -134.79 18.09
CA LYS L 718 -56.91 -133.37 18.03
C LYS L 718 -56.41 -132.87 19.38
N VAL L 719 -57.02 -133.30 20.47
CA VAL L 719 -56.57 -132.91 21.80
C VAL L 719 -55.13 -133.39 22.03
N THR L 720 -54.87 -134.66 21.69
CA THR L 720 -53.55 -135.23 21.84
C THR L 720 -52.52 -134.43 21.04
N CYS L 721 -52.87 -134.07 19.82
CA CYS L 721 -51.93 -133.37 18.95
C CYS L 721 -51.66 -131.95 19.43
N VAL L 722 -52.70 -131.25 19.88
CA VAL L 722 -52.48 -129.91 20.43
C VAL L 722 -51.57 -130.00 21.66
N LEU L 723 -51.84 -130.95 22.55
CA LEU L 723 -51.02 -131.08 23.74
C LEU L 723 -49.58 -131.45 23.40
N ASP L 724 -49.38 -132.33 22.41
CA ASP L 724 -48.03 -132.73 22.03
C ASP L 724 -47.28 -131.58 21.37
N THR L 725 -47.95 -130.79 20.53
CA THR L 725 -47.33 -129.61 19.95
C THR L 725 -46.93 -128.63 21.03
N GLU L 726 -47.82 -128.41 22.01
CA GLU L 726 -47.48 -127.54 23.13
C GLU L 726 -46.29 -128.08 23.90
N LEU L 727 -46.24 -129.40 24.10
CA LEU L 727 -45.12 -130.02 24.79
C LEU L 727 -43.81 -129.79 24.04
N THR L 728 -43.82 -129.98 22.72
CA THR L 728 -42.61 -129.78 21.95
C THR L 728 -42.16 -128.32 21.98
N LEU L 729 -43.10 -127.39 21.85
CA LEU L 729 -42.75 -125.98 21.92
C LEU L 729 -42.21 -125.61 23.30
N ALA L 730 -42.84 -126.14 24.34
CA ALA L 730 -42.36 -125.89 25.70
C ALA L 730 -40.96 -126.48 25.89
N ARG L 731 -40.69 -127.63 25.27
CA ARG L 731 -39.36 -128.21 25.36
C ARG L 731 -38.33 -127.37 24.62
N ALA L 732 -38.70 -126.79 23.48
CA ALA L 732 -37.79 -125.88 22.80
C ALA L 732 -37.48 -124.66 23.66
N ALA L 733 -38.52 -124.05 24.22
CA ALA L 733 -38.31 -122.90 25.10
C ALA L 733 -37.50 -123.29 26.33
N GLU L 734 -37.75 -124.49 26.85
CA GLU L 734 -37.00 -124.99 27.99
C GLU L 734 -35.54 -125.19 27.63
N ARG L 735 -35.25 -125.68 26.43
CA ARG L 735 -33.88 -125.80 25.99
C ARG L 735 -33.20 -124.45 25.90
N LYS L 736 -33.90 -123.46 25.35
CA LYS L 736 -33.31 -122.13 25.26
C LYS L 736 -33.04 -121.54 26.64
N ALA L 737 -33.97 -121.72 27.57
CA ALA L 737 -33.73 -121.27 28.94
C ALA L 737 -32.60 -122.07 29.58
N GLN L 738 -32.53 -123.36 29.28
CA GLN L 738 -31.52 -124.23 29.86
C GLN L 738 -30.12 -123.81 29.43
N GLN L 739 -29.98 -123.40 28.17
CA GLN L 739 -28.66 -123.01 27.68
C GLN L 739 -28.08 -121.89 28.52
N THR L 740 -28.87 -120.86 28.81
CA THR L 740 -28.39 -119.77 29.65
C THR L 740 -28.42 -120.15 31.14
N ALA L 741 -29.18 -121.21 31.49
CA ALA L 741 -29.15 -121.69 32.86
C ALA L 741 -27.90 -122.51 33.15
N GLN L 742 -27.37 -123.21 32.16
CA GLN L 742 -26.21 -124.07 32.39
C GLN L 742 -24.98 -123.25 32.75
N GLN L 743 -24.99 -121.95 32.44
CA GLN L 743 -23.89 -121.08 32.85
C GLN L 743 -23.65 -121.15 34.34
N GLY L 744 -24.72 -121.26 35.13
CA GLY L 744 -24.60 -121.44 36.55
C GLY L 744 -24.37 -120.13 37.28
N MET L 745 -24.75 -120.13 38.57
CA MET L 745 -24.68 -118.95 39.40
C MET L 745 -24.17 -119.35 40.78
N LYS L 746 -23.08 -118.71 41.21
CA LYS L 746 -22.59 -118.93 42.56
C LYS L 746 -23.64 -118.47 43.56
N GLU L 747 -23.64 -119.11 44.73
CA GLU L 747 -24.75 -118.95 45.67
C GLU L 747 -24.97 -117.49 46.03
N GLU L 748 -23.89 -116.71 46.19
CA GLU L 748 -24.07 -115.28 46.45
C GLU L 748 -24.78 -114.61 45.28
N GLU L 749 -24.36 -114.96 44.06
CA GLU L 749 -25.02 -114.43 42.87
C GLU L 749 -26.49 -114.83 42.84
N ARG L 750 -26.80 -116.07 43.18
CA ARG L 750 -28.18 -116.51 43.21
C ARG L 750 -28.98 -115.75 44.25
N GLU L 751 -28.39 -115.53 45.43
CA GLU L 751 -29.08 -114.76 46.46
C GLU L 751 -29.39 -113.36 45.94
N LEU L 752 -28.40 -112.70 45.35
CA LEU L 752 -28.63 -111.34 44.86
C LEU L 752 -29.67 -111.32 43.75
N SER L 753 -29.59 -112.26 42.81
CA SER L 753 -30.51 -112.28 41.68
C SER L 753 -31.92 -112.61 42.14
N ALA L 754 -32.07 -113.46 43.16
CA ALA L 754 -33.39 -113.75 43.69
C ALA L 754 -33.94 -112.57 44.46
N SER L 755 -33.11 -111.90 45.26
CA SER L 755 -33.58 -110.75 46.01
C SER L 755 -34.00 -109.62 45.09
N HIS L 756 -33.32 -109.47 43.95
CA HIS L 756 -33.65 -108.37 43.05
C HIS L 756 -34.71 -108.77 42.03
N PHE L 757 -34.72 -110.04 41.61
CA PHE L 757 -35.54 -110.46 40.49
C PHE L 757 -36.68 -111.36 40.96
N PRO L 758 -37.82 -111.31 40.30
CA PRO L 758 -38.95 -112.17 40.66
C PRO L 758 -38.93 -113.49 39.89
N VAL L 759 -39.92 -114.33 40.18
CA VAL L 759 -40.19 -115.55 39.44
C VAL L 759 -41.66 -115.55 39.09
N VAL L 760 -42.02 -116.26 38.01
CA VAL L 760 -43.34 -116.16 37.43
C VAL L 760 -44.07 -117.48 37.59
N THR L 761 -45.41 -117.41 37.57
CA THR L 761 -46.24 -118.59 37.69
C THR L 761 -46.11 -119.46 36.44
N LEU L 762 -46.79 -120.61 36.48
CA LEU L 762 -46.65 -121.59 35.40
C LEU L 762 -47.16 -121.04 34.08
N GLU L 763 -48.45 -120.71 34.01
CA GLU L 763 -49.05 -120.30 32.75
C GLU L 763 -48.67 -118.88 32.35
N GLN L 764 -48.26 -118.04 33.30
CA GLN L 764 -47.65 -116.77 32.96
C GLN L 764 -46.17 -116.90 32.66
N LEU L 765 -45.69 -118.12 32.49
CA LEU L 765 -44.29 -118.34 32.11
C LEU L 765 -43.90 -117.62 30.83
N PRO L 766 -44.73 -117.55 29.79
CA PRO L 766 -44.36 -116.74 28.63
C PRO L 766 -44.04 -115.30 28.99
N ASP L 767 -44.66 -114.78 30.06
CA ASP L 767 -44.41 -113.41 30.50
C ASP L 767 -43.03 -113.22 31.11
N ILE L 768 -42.37 -114.31 31.55
CA ILE L 768 -41.08 -114.19 32.21
C ILE L 768 -40.06 -113.51 31.31
N ARG L 769 -40.17 -113.70 30.00
CA ARG L 769 -39.21 -113.08 29.09
C ARG L 769 -39.57 -111.64 28.79
N ASP L 770 -40.84 -111.25 28.95
CA ASP L 770 -41.16 -109.84 29.05
C ASP L 770 -40.56 -109.25 30.32
N LEU L 771 -40.58 -110.00 31.42
CA LEU L 771 -39.92 -109.55 32.63
C LEU L 771 -38.40 -109.52 32.44
N GLU L 772 -37.86 -110.41 31.61
CA GLU L 772 -36.43 -110.35 31.32
C GLU L 772 -36.08 -109.04 30.63
N ARG L 773 -36.85 -108.68 29.60
CA ARG L 773 -36.61 -107.43 28.91
C ARG L 773 -36.82 -106.24 29.84
N GLN L 774 -37.88 -106.28 30.65
CA GLN L 774 -38.15 -105.17 31.54
C GLN L 774 -37.05 -105.00 32.59
N HIS L 775 -36.59 -106.11 33.17
CA HIS L 775 -35.53 -106.03 34.17
C HIS L 775 -34.21 -105.64 33.54
N GLU L 776 -33.93 -106.11 32.34
CA GLU L 776 -32.72 -105.67 31.64
C GLU L 776 -32.78 -104.17 31.38
N ARG L 777 -33.94 -103.68 30.94
CA ARG L 777 -34.11 -102.25 30.72
C ARG L 777 -33.91 -101.48 32.02
N GLY L 778 -34.47 -101.98 33.11
CA GLY L 778 -34.31 -101.29 34.39
C GLY L 778 -32.88 -101.29 34.88
N ILE L 779 -32.20 -102.43 34.76
CA ILE L 779 -30.81 -102.51 35.19
C ILE L 779 -29.94 -101.58 34.35
N GLN L 780 -30.16 -101.57 33.04
CA GLN L 780 -29.39 -100.68 32.19
C GLN L 780 -29.72 -99.22 32.46
N HIS L 781 -31.00 -98.93 32.76
CA HIS L 781 -31.40 -97.57 33.08
C HIS L 781 -30.70 -97.09 34.35
N GLU L 782 -30.66 -97.92 35.38
CA GLU L 782 -29.97 -97.52 36.59
C GLU L 782 -28.46 -97.47 36.38
N ILE L 783 -27.92 -98.38 35.57
CA ILE L 783 -26.49 -98.37 35.26
C ILE L 783 -26.13 -97.05 34.60
N GLU L 784 -26.90 -96.64 33.60
CA GLU L 784 -26.60 -95.39 32.91
C GLU L 784 -26.88 -94.18 33.78
N ARG L 785 -27.87 -94.25 34.67
CA ARG L 785 -28.13 -93.13 35.55
C ARG L 785 -26.96 -92.91 36.50
N VAL L 786 -26.52 -93.99 37.16
CA VAL L 786 -25.36 -93.87 38.04
C VAL L 786 -24.13 -93.49 37.23
N LYS L 787 -24.02 -93.99 36.00
CA LYS L 787 -22.88 -93.64 35.16
C LYS L 787 -22.87 -92.17 34.82
N ALA L 788 -24.02 -91.59 34.51
CA ALA L 788 -24.07 -90.18 34.18
C ALA L 788 -23.80 -89.32 35.41
N GLU L 789 -24.28 -89.76 36.57
CA GLU L 789 -23.94 -89.04 37.78
C GLU L 789 -22.44 -89.11 38.05
N LEU L 790 -21.84 -90.28 37.79
CA LEU L 790 -20.40 -90.41 37.88
C LEU L 790 -19.69 -89.53 36.87
N HIS L 791 -20.26 -89.41 35.68
CA HIS L 791 -19.76 -88.49 34.66
C HIS L 791 -19.66 -87.08 35.20
N ARG L 792 -20.80 -86.52 35.62
CA ARG L 792 -20.82 -85.16 36.12
C ARG L 792 -19.94 -85.01 37.36
N LEU L 793 -19.92 -86.03 38.22
CA LEU L 793 -19.07 -85.98 39.39
C LEU L 793 -17.60 -85.96 39.00
N ASN L 794 -17.22 -86.70 37.97
CA ASN L 794 -15.85 -86.64 37.47
C ASN L 794 -15.55 -85.27 36.90
N ILE L 795 -16.53 -84.67 36.23
CA ILE L 795 -16.37 -83.29 35.76
C ILE L 795 -16.01 -82.39 36.93
N GLU L 796 -16.79 -82.48 38.00
CA GLU L 796 -16.53 -81.62 39.16
C GLU L 796 -15.18 -81.95 39.78
N LEU L 797 -14.83 -83.23 39.84
CA LEU L 797 -13.57 -83.64 40.42
C LEU L 797 -12.40 -83.07 39.64
N THR L 798 -12.47 -83.16 38.31
CA THR L 798 -11.38 -82.61 37.51
C THR L 798 -11.35 -81.10 37.61
N LYS L 799 -12.51 -80.44 37.72
CA LYS L 799 -12.49 -79.01 37.99
C LYS L 799 -11.73 -78.72 39.28
N ARG L 800 -12.02 -79.49 40.33
CA ARG L 800 -11.36 -79.26 41.60
C ARG L 800 -9.86 -79.52 41.49
N MET L 801 -9.47 -80.59 40.81
CA MET L 801 -8.06 -80.92 40.71
C MET L 801 -7.32 -79.87 39.89
N SER L 802 -7.93 -79.40 38.80
CA SER L 802 -7.33 -78.33 38.01
C SER L 802 -7.24 -77.05 38.82
N GLU L 803 -8.26 -76.76 39.63
CA GLU L 803 -8.19 -75.59 40.49
C GLU L 803 -7.05 -75.71 41.48
N ALA L 804 -6.86 -76.90 42.05
CA ALA L 804 -5.75 -77.11 42.96
C ALA L 804 -4.42 -76.88 42.25
N LYS L 805 -4.27 -77.42 41.04
CA LYS L 805 -3.06 -77.17 40.28
C LYS L 805 -2.92 -75.68 39.96
N ARG L 806 -4.04 -74.97 39.83
CA ARG L 806 -4.00 -73.52 39.64
C ARG L 806 -3.40 -72.85 40.87
N VAL L 807 -3.94 -73.14 42.05
CA VAL L 807 -3.42 -72.57 43.28
C VAL L 807 -2.06 -73.17 43.60
N ASP L 808 -1.66 -74.20 42.87
CA ASP L 808 -0.46 -74.95 43.21
C ASP L 808 0.77 -74.06 43.16
N THR L 809 1.75 -74.39 44.01
CA THR L 809 3.02 -73.66 44.05
C THR L 809 4.18 -74.48 43.50
N GLY L 810 3.93 -75.66 42.94
CA GLY L 810 4.97 -76.49 42.39
C GLY L 810 4.98 -77.88 42.96
N ALA L 811 3.85 -78.31 43.52
CA ALA L 811 3.70 -79.67 44.03
C ALA L 811 2.61 -80.47 43.34
N LEU L 812 1.81 -79.86 42.47
CA LEU L 812 0.70 -80.53 41.80
C LEU L 812 0.73 -80.26 40.31
N VAL L 813 1.40 -79.18 39.93
CA VAL L 813 1.47 -78.81 38.52
C VAL L 813 2.14 -79.91 37.71
N GLU L 814 3.09 -80.62 38.33
CA GLU L 814 3.78 -81.71 37.66
C GLU L 814 2.85 -82.85 37.31
N ALA L 815 1.74 -83.00 38.04
CA ALA L 815 0.79 -84.07 37.78
C ALA L 815 -0.16 -83.68 36.64
N GLY L 816 -0.91 -84.67 36.17
CA GLY L 816 -1.88 -84.45 35.12
C GLY L 816 -3.21 -83.97 35.68
N ALA L 817 -4.29 -84.23 34.96
CA ALA L 817 -5.62 -83.77 35.37
C ALA L 817 -6.62 -84.91 35.28
N ASP L 818 -6.21 -86.11 35.66
CA ASP L 818 -7.08 -87.28 35.62
C ASP L 818 -6.94 -88.07 36.93
N LEU L 819 -7.77 -89.10 37.06
CA LEU L 819 -7.93 -89.76 38.34
C LEU L 819 -6.66 -90.49 38.75
N ASP L 820 -5.87 -90.97 37.79
CA ASP L 820 -4.60 -91.59 38.15
C ASP L 820 -3.70 -90.62 38.89
N ASP L 821 -3.85 -89.32 38.63
CA ASP L 821 -3.09 -88.32 39.37
C ASP L 821 -3.64 -88.11 40.77
N ILE L 822 -4.93 -88.38 40.97
CA ILE L 822 -5.54 -88.12 42.28
C ILE L 822 -4.74 -88.76 43.40
N PRO L 823 -4.23 -89.98 43.27
CA PRO L 823 -3.36 -90.51 44.32
C PRO L 823 -2.22 -89.58 44.67
N VAL L 824 -1.57 -88.98 43.66
CA VAL L 824 -0.52 -88.02 43.94
C VAL L 824 -1.09 -86.79 44.62
N TYR L 825 -2.25 -86.32 44.16
CA TYR L 825 -2.88 -85.16 44.78
C TYR L 825 -3.06 -85.39 46.27
N LEU L 826 -3.59 -86.56 46.64
CA LEU L 826 -3.91 -86.79 48.03
C LEU L 826 -2.68 -87.18 48.83
N GLN L 827 -1.65 -87.71 48.16
CA GLN L 827 -0.36 -87.84 48.83
C GLN L 827 0.17 -86.47 49.21
N ARG L 828 0.07 -85.50 48.30
CA ARG L 828 0.43 -84.14 48.66
C ARG L 828 -0.47 -83.62 49.77
N LEU L 829 -1.75 -83.99 49.75
CA LEU L 829 -2.67 -83.55 50.78
C LEU L 829 -2.23 -84.02 52.16
N GLN L 830 -1.95 -85.32 52.29
CA GLN L 830 -1.50 -85.84 53.58
C GLN L 830 -0.15 -85.25 53.96
N GLU L 831 0.75 -85.10 52.99
CA GLU L 831 2.04 -84.45 53.24
C GLU L 831 1.83 -83.08 53.88
N LEU L 832 0.98 -82.26 53.26
CA LEU L 832 0.72 -80.92 53.77
C LEU L 832 0.10 -80.98 55.16
N THR L 833 -0.92 -81.82 55.32
CA THR L 833 -1.66 -81.85 56.57
C THR L 833 -0.75 -82.23 57.73
N GLU L 834 0.08 -83.26 57.54
CA GLU L 834 0.88 -83.76 58.66
C GLU L 834 2.16 -82.94 58.83
N GLU L 835 2.95 -82.81 57.76
CA GLU L 835 4.26 -82.19 57.87
C GLU L 835 4.16 -80.67 57.83
N ALA L 836 3.54 -80.14 56.77
CA ALA L 836 3.62 -78.70 56.51
C ALA L 836 2.90 -77.90 57.57
N LEU L 837 1.65 -78.26 57.87
CA LEU L 837 0.83 -77.37 58.69
C LEU L 837 1.35 -77.27 60.12
N PRO L 838 1.53 -78.36 60.86
CA PRO L 838 2.04 -78.22 62.24
C PRO L 838 3.38 -77.52 62.29
N GLU L 839 4.34 -78.02 61.49
CA GLU L 839 5.67 -77.43 61.45
C GLU L 839 5.59 -75.93 61.22
N LYS L 840 4.84 -75.52 60.20
CA LYS L 840 4.87 -74.12 59.78
C LYS L 840 4.10 -73.23 60.74
N LEU L 841 2.98 -73.71 61.28
CA LEU L 841 2.27 -72.90 62.28
C LEU L 841 3.14 -72.70 63.51
N ASN L 842 3.78 -73.78 63.98
CA ASN L 842 4.64 -73.65 65.14
C ASN L 842 5.79 -72.70 64.86
N ARG L 843 6.43 -72.82 63.69
CA ARG L 843 7.51 -71.91 63.37
C ARG L 843 7.02 -70.48 63.25
N PHE L 844 5.84 -70.28 62.65
CA PHE L 844 5.30 -68.92 62.52
C PHE L 844 5.12 -68.28 63.89
N LEU L 845 4.42 -68.96 64.79
CA LEU L 845 4.20 -68.38 66.10
C LEU L 845 5.50 -68.27 66.88
N ASP L 846 6.47 -69.15 66.63
CA ASP L 846 7.75 -69.09 67.33
C ASP L 846 8.55 -67.87 66.89
N TYR L 847 8.67 -67.66 65.58
CA TYR L 847 9.29 -66.43 65.10
C TYR L 847 8.53 -65.22 65.60
N LEU L 848 7.20 -65.28 65.60
CA LEU L 848 6.41 -64.17 66.11
C LEU L 848 6.79 -63.83 67.53
N ASN L 849 6.80 -64.82 68.42
CA ASN L 849 7.15 -64.58 69.81
C ASN L 849 8.58 -64.11 69.95
N ARG L 850 9.49 -64.70 69.18
CA ARG L 850 10.90 -64.34 69.31
C ARG L 850 11.16 -62.90 68.87
N SER L 851 10.53 -62.47 67.78
CA SER L 851 10.66 -61.09 67.34
C SER L 851 9.86 -60.12 68.19
N SER L 852 8.85 -60.60 68.92
CA SER L 852 8.23 -59.77 69.94
C SER L 852 9.18 -59.58 71.12
N ASP L 853 9.85 -60.67 71.51
CA ASP L 853 10.70 -60.62 72.70
C ASP L 853 11.97 -59.84 72.43
N ASP L 854 12.84 -60.38 71.56
CA ASP L 854 14.05 -59.66 71.19
C ASP L 854 13.71 -58.35 70.50
N GLY L 855 12.62 -58.32 69.75
CA GLY L 855 12.32 -57.18 68.93
C GLY L 855 11.51 -56.11 69.63
N VAL L 856 10.33 -55.79 69.09
CA VAL L 856 9.68 -54.52 69.39
C VAL L 856 9.51 -54.33 70.90
N THR L 857 9.08 -55.39 71.60
CA THR L 857 8.87 -55.22 73.04
C THR L 857 10.18 -54.94 73.75
N GLN L 858 11.25 -55.68 73.41
CA GLN L 858 12.54 -55.41 74.05
C GLN L 858 13.13 -54.09 73.59
N LEU L 859 12.77 -53.62 72.39
CA LEU L 859 13.26 -52.31 71.94
C LEU L 859 12.58 -51.20 72.72
N LEU L 860 11.26 -51.33 72.94
CA LEU L 860 10.55 -50.37 73.76
C LEU L 860 11.08 -50.40 75.19
N SER L 861 11.33 -51.58 75.73
CA SER L 861 11.92 -51.67 77.07
C SER L 861 13.34 -51.11 77.09
N HIS L 862 14.08 -51.26 76.00
CA HIS L 862 15.38 -50.63 75.86
C HIS L 862 15.28 -49.13 76.03
N ILE L 863 14.38 -48.51 75.27
CA ILE L 863 14.23 -47.06 75.36
C ILE L 863 13.65 -46.68 76.72
N GLU L 864 12.85 -47.56 77.32
CA GLU L 864 12.29 -47.27 78.64
C GLU L 864 13.38 -47.20 79.70
N HIS L 865 14.28 -48.19 79.74
CA HIS L 865 15.34 -48.13 80.74
C HIS L 865 16.32 -47.03 80.41
N GLU L 866 16.47 -46.69 79.13
CA GLU L 866 17.26 -45.52 78.78
C GLU L 866 16.62 -44.25 79.31
N VAL L 867 15.29 -44.14 79.24
CA VAL L 867 14.60 -43.00 79.82
C VAL L 867 14.78 -42.99 81.33
N LEU L 868 14.76 -44.17 81.94
CA LEU L 868 15.02 -44.28 83.38
C LEU L 868 16.40 -43.77 83.72
N VAL L 869 17.39 -44.13 82.91
CA VAL L 869 18.76 -43.65 83.12
C VAL L 869 18.82 -42.14 82.90
N ILE L 870 18.04 -41.63 81.94
CA ILE L 870 17.97 -40.18 81.74
C ILE L 870 17.45 -39.51 83.00
N GLU L 871 16.37 -40.05 83.57
CA GLU L 871 15.80 -39.48 84.78
C GLU L 871 16.79 -39.55 85.94
N GLU L 872 17.50 -40.67 86.05
CA GLU L 872 18.50 -40.83 87.11
C GLU L 872 19.62 -39.80 86.97
N ARG L 873 20.15 -39.64 85.75
CA ARG L 873 21.22 -38.69 85.53
C ARG L 873 20.74 -37.27 85.78
N LEU L 874 19.50 -36.96 85.39
CA LEU L 874 18.96 -35.64 85.65
C LEU L 874 18.75 -35.40 87.14
N ASN L 875 18.36 -36.44 87.90
CA ASN L 875 18.25 -36.29 89.34
C ASN L 875 19.62 -36.03 89.98
N GLU L 876 20.64 -36.77 89.52
CA GLU L 876 21.99 -36.50 90.01
C GLU L 876 22.44 -35.10 89.64
N LEU L 877 22.05 -34.63 88.46
CA LEU L 877 22.36 -33.26 88.04
C LEU L 877 21.68 -32.25 88.95
N ASN L 878 20.41 -32.50 89.30
CA ASN L 878 19.70 -31.59 90.19
C ASN L 878 20.34 -31.57 91.57
N GLU L 879 20.78 -32.74 92.05
CA GLU L 879 21.50 -32.79 93.32
C GLU L 879 22.81 -32.03 93.23
N THR L 880 23.59 -32.29 92.19
CA THR L 880 24.84 -31.55 91.96
C THR L 880 24.57 -30.06 91.98
N MET L 881 23.43 -29.65 91.44
CA MET L 881 23.06 -28.24 91.46
C MET L 881 22.77 -27.78 92.88
N PHE L 882 22.07 -28.62 93.66
CA PHE L 882 21.77 -28.28 95.04
C PHE L 882 23.03 -28.21 95.88
N ARG L 883 24.14 -28.77 95.39
CA ARG L 883 25.40 -28.70 96.14
C ARG L 883 25.77 -27.26 96.45
N VAL L 884 25.69 -26.38 95.46
CA VAL L 884 26.16 -25.00 95.59
C VAL L 884 25.09 -24.07 95.04
N ASP L 885 25.15 -22.81 95.46
CA ASP L 885 24.17 -21.83 95.03
C ASP L 885 24.39 -21.41 93.58
N PHE L 886 23.29 -21.26 92.85
CA PHE L 886 23.33 -20.72 91.50
C PHE L 886 23.67 -19.23 91.53
N GLN L 887 22.99 -18.48 92.39
CA GLN L 887 23.19 -17.04 92.58
C GLN L 887 23.33 -16.80 94.07
N PRO L 888 23.62 -15.56 94.50
CA PRO L 888 23.82 -15.32 95.94
C PRO L 888 22.65 -15.78 96.79
N ASP L 889 21.43 -15.70 96.27
CA ASP L 889 20.23 -16.07 97.01
C ASP L 889 19.44 -17.17 96.31
N ARG L 890 20.05 -17.87 95.34
CA ARG L 890 19.34 -18.82 94.50
C ARG L 890 20.15 -20.09 94.34
N TYR L 891 19.43 -21.17 94.05
CA TYR L 891 20.02 -22.42 93.56
C TYR L 891 19.16 -22.93 92.42
N LEU L 892 19.79 -23.39 91.37
CA LEU L 892 19.07 -23.77 90.16
C LEU L 892 18.60 -25.22 90.27
N ARG L 893 17.37 -25.44 89.85
CA ARG L 893 16.72 -26.74 89.88
C ARG L 893 16.38 -27.17 88.46
N LEU L 894 16.75 -28.40 88.12
CA LEU L 894 16.61 -28.91 86.76
C LEU L 894 15.57 -30.01 86.76
N ASP L 895 14.66 -29.95 85.79
CA ASP L 895 13.45 -30.76 85.80
C ASP L 895 13.32 -31.48 84.45
N THR L 896 12.21 -32.21 84.32
CA THR L 896 11.90 -32.92 83.09
C THR L 896 10.41 -33.21 83.04
N LYS L 897 9.91 -33.42 81.83
CA LYS L 897 8.51 -33.73 81.60
C LYS L 897 8.43 -34.74 80.47
N LYS L 898 7.27 -35.37 80.33
CA LYS L 898 7.07 -36.38 79.31
C LYS L 898 6.33 -35.80 78.11
N VAL L 899 6.60 -36.36 76.93
CA VAL L 899 6.00 -35.86 75.69
C VAL L 899 4.68 -36.59 75.44
N VAL L 900 3.79 -35.94 74.69
CA VAL L 900 2.42 -36.40 74.52
C VAL L 900 2.05 -36.52 73.04
N HIS L 901 3.03 -36.82 72.19
CA HIS L 901 2.80 -36.79 70.76
C HIS L 901 1.82 -37.88 70.34
N GLU L 902 1.25 -37.72 69.14
CA GLU L 902 0.29 -38.69 68.64
C GLU L 902 0.96 -40.00 68.22
N SER L 903 2.20 -39.92 67.75
CA SER L 903 2.91 -41.13 67.34
C SER L 903 3.02 -42.11 68.50
N LEU L 904 3.32 -41.59 69.70
CA LEU L 904 3.38 -42.46 70.86
C LEU L 904 2.00 -42.95 71.28
N ARG L 905 0.94 -42.18 71.00
CA ARG L 905 -0.41 -42.71 71.22
C ARG L 905 -0.66 -43.91 70.32
N THR L 906 -0.26 -43.82 69.06
CA THR L 906 -0.37 -44.96 68.16
C THR L 906 0.46 -46.13 68.66
N LEU L 907 1.67 -45.84 69.15
CA LEU L 907 2.52 -46.88 69.68
C LEU L 907 1.87 -47.56 70.87
N GLU L 908 1.23 -46.78 71.75
CA GLU L 908 0.52 -47.36 72.88
C GLU L 908 -0.61 -48.26 72.42
N LYS L 909 -1.37 -47.81 71.42
CA LYS L 909 -2.46 -48.63 70.90
C LYS L 909 -1.91 -49.95 70.39
N ALA L 910 -0.90 -49.90 69.52
CA ALA L 910 -0.34 -51.11 68.95
C ALA L 910 0.33 -51.97 70.01
N GLN L 911 0.88 -51.35 71.05
CA GLN L 911 1.57 -52.09 72.11
C GLN L 911 0.57 -52.81 73.00
N ARG L 912 -0.55 -52.15 73.32
CA ARG L 912 -1.62 -52.84 74.03
C ARG L 912 -2.16 -53.98 73.21
N GLN L 913 -2.30 -53.76 71.90
CA GLN L 913 -2.74 -54.83 71.01
C GLN L 913 -1.77 -56.00 71.05
N LEU L 914 -0.48 -55.71 71.02
CA LEU L 914 0.53 -56.76 71.07
C LEU L 914 0.48 -57.49 72.40
N ASN L 915 0.36 -56.76 73.51
CA ASN L 915 0.32 -57.41 74.82
C ASN L 915 -0.86 -58.35 74.92
N ALA L 916 -2.05 -57.86 74.55
CA ALA L 916 -3.24 -58.70 74.61
C ALA L 916 -3.10 -59.89 73.67
N ALA L 917 -2.57 -59.66 72.47
CA ALA L 917 -2.45 -60.73 71.49
C ALA L 917 -1.24 -61.61 71.77
N ARG L 918 -0.33 -61.17 72.64
CA ARG L 918 0.84 -61.98 72.94
C ARG L 918 0.44 -63.28 73.62
N PHE L 919 -0.61 -63.25 74.42
CA PHE L 919 -1.07 -64.41 75.16
C PHE L 919 -2.49 -64.81 74.83
N VAL L 920 -3.29 -63.91 74.26
CA VAL L 920 -4.59 -64.28 73.72
C VAL L 920 -4.34 -64.75 72.30
N ASP L 921 -3.97 -66.02 72.15
CA ASP L 921 -3.45 -66.51 70.89
C ASP L 921 -4.58 -66.92 69.93
N ASP L 922 -4.30 -66.77 68.64
CA ASP L 922 -5.18 -67.26 67.59
C ASP L 922 -4.38 -67.93 66.48
N ASN L 923 -3.42 -68.78 66.84
CA ASN L 923 -2.43 -69.32 65.90
C ASN L 923 -1.43 -68.25 65.47
N GLY L 924 -1.36 -67.16 66.23
CA GLY L 924 -0.39 -66.12 66.00
C GLY L 924 -0.79 -65.07 64.99
N GLU L 925 -2.04 -65.06 64.53
CA GLU L 925 -2.44 -64.09 63.52
C GLU L 925 -2.56 -62.69 64.11
N SER L 926 -3.43 -62.52 65.12
CA SER L 926 -3.61 -61.22 65.72
C SER L 926 -2.35 -60.75 66.44
N HIS L 927 -1.66 -61.66 67.11
CA HIS L 927 -0.35 -61.33 67.65
C HIS L 927 0.56 -60.80 66.55
N TYR L 928 0.55 -61.46 65.40
CA TYR L 928 1.39 -61.05 64.28
C TYR L 928 0.94 -59.70 63.75
N LYS L 929 -0.36 -59.41 63.81
CA LYS L 929 -0.87 -58.15 63.28
C LYS L 929 -0.51 -56.99 64.18
N ALA L 930 -0.64 -57.17 65.49
CA ALA L 930 -0.20 -56.14 66.42
C ALA L 930 1.29 -55.90 66.28
N LEU L 931 2.06 -56.98 66.19
CA LEU L 931 3.49 -56.85 65.95
C LEU L 931 3.75 -56.15 64.62
N GLN L 932 2.87 -56.37 63.63
CA GLN L 932 3.03 -55.72 62.35
C GLN L 932 2.82 -54.22 62.45
N VAL L 933 1.81 -53.81 63.21
CA VAL L 933 1.58 -52.38 63.42
C VAL L 933 2.79 -51.76 64.11
N LEU L 934 3.26 -52.40 65.18
CA LEU L 934 4.41 -51.86 65.91
C LEU L 934 5.64 -51.79 65.01
N VAL L 935 5.87 -52.84 64.21
CA VAL L 935 7.05 -52.90 63.35
C VAL L 935 6.95 -51.88 62.23
N ALA L 936 5.76 -51.63 61.71
CA ALA L 936 5.60 -50.57 60.73
C ALA L 936 5.94 -49.22 61.35
N GLN L 937 5.45 -48.96 62.56
CA GLN L 937 5.81 -47.73 63.25
C GLN L 937 7.32 -47.61 63.39
N LEU L 938 7.98 -48.70 63.84
CA LEU L 938 9.41 -48.67 64.07
C LEU L 938 10.19 -48.49 62.78
N ARG L 939 9.81 -49.18 61.71
CA ARG L 939 10.46 -48.99 60.42
C ARG L 939 10.34 -47.53 59.99
N ASP L 940 9.14 -46.98 60.06
CA ASP L 940 8.93 -45.62 59.62
C ASP L 940 9.79 -44.66 60.43
N ALA L 941 9.86 -44.86 61.74
CA ALA L 941 10.63 -43.94 62.57
C ALA L 941 12.13 -44.10 62.35
N SER L 942 12.62 -45.33 62.25
CA SER L 942 14.05 -45.53 62.03
C SER L 942 14.48 -44.95 60.69
N GLU L 943 13.71 -45.21 59.63
CA GLU L 943 14.06 -44.67 58.32
C GLU L 943 13.79 -43.18 58.26
N ARG L 944 12.90 -42.66 59.11
CA ARG L 944 12.62 -41.24 59.22
C ARG L 944 12.98 -40.70 60.60
N ASN L 945 14.14 -41.11 61.12
CA ASN L 945 14.55 -40.69 62.45
C ASN L 945 14.56 -39.17 62.58
N ARG L 946 14.65 -38.46 61.46
CA ARG L 946 14.73 -36.99 61.50
C ARG L 946 13.47 -36.37 62.07
N THR L 947 12.29 -36.93 61.78
CA THR L 947 11.05 -36.36 62.27
C THR L 947 10.98 -36.48 63.79
N LEU L 948 10.35 -35.49 64.43
CA LEU L 948 10.31 -35.47 65.88
C LEU L 948 9.52 -36.65 66.43
N GLY L 949 8.54 -37.15 65.69
CA GLY L 949 7.86 -38.36 66.13
C GLY L 949 8.79 -39.55 66.18
N ALA L 950 9.62 -39.71 65.14
CA ALA L 950 10.60 -40.79 65.14
C ALA L 950 11.61 -40.61 66.26
N LYS L 951 12.02 -39.37 66.51
CA LYS L 951 12.95 -39.10 67.60
C LYS L 951 12.33 -39.47 68.94
N ALA L 952 11.05 -39.12 69.13
CA ALA L 952 10.37 -39.48 70.37
C ALA L 952 10.30 -40.99 70.53
N LEU L 953 9.95 -41.69 69.46
CA LEU L 953 9.73 -43.13 69.56
C LEU L 953 11.05 -43.88 69.78
N LEU L 954 12.10 -43.48 69.06
CA LEU L 954 13.37 -44.22 69.12
C LEU L 954 14.31 -43.67 70.18
N ASP L 955 14.38 -42.36 70.31
CA ASP L 955 15.35 -41.71 71.17
C ASP L 955 14.82 -41.62 72.60
N PRO L 956 15.45 -42.27 73.57
CA PRO L 956 15.01 -42.09 74.96
C PRO L 956 15.04 -40.65 75.42
N ARG L 957 16.02 -39.88 74.97
CA ARG L 957 16.08 -38.46 75.33
C ARG L 957 14.82 -37.73 74.89
N PHE L 958 14.37 -37.96 73.66
CA PHE L 958 13.18 -37.29 73.17
C PHE L 958 11.93 -37.75 73.91
N ARG L 959 12.00 -38.89 74.59
CA ARG L 959 10.82 -39.38 75.30
C ARG L 959 10.34 -38.39 76.36
N LEU L 960 11.19 -37.47 76.78
CA LEU L 960 10.87 -36.58 77.88
C LEU L 960 11.59 -35.26 77.70
N GLU L 961 10.82 -34.18 77.70
CA GLU L 961 11.33 -32.82 77.62
C GLU L 961 12.12 -32.49 78.88
N PHE L 962 12.92 -31.43 78.82
CA PHE L 962 13.77 -31.01 79.93
C PHE L 962 13.56 -29.52 80.20
N ALA L 963 13.39 -29.18 81.49
CA ALA L 963 13.07 -27.82 81.90
C ALA L 963 14.07 -27.33 82.94
N VAL L 964 13.91 -26.06 83.33
CA VAL L 964 14.80 -25.40 84.28
C VAL L 964 13.99 -24.41 85.10
N SER L 965 14.43 -24.14 86.32
CA SER L 965 13.80 -23.17 87.19
C SER L 965 14.81 -22.63 88.19
N VAL L 966 14.71 -21.34 88.51
CA VAL L 966 15.58 -20.69 89.47
C VAL L 966 14.87 -20.67 90.81
N MET L 967 15.49 -21.29 91.81
CA MET L 967 14.89 -21.41 93.13
C MET L 967 15.49 -20.37 94.05
N ASP L 968 14.81 -20.15 95.18
CA ASP L 968 15.36 -19.40 96.30
C ASP L 968 15.84 -20.42 97.31
N ARG L 969 17.12 -20.34 97.67
CA ARG L 969 17.67 -21.34 98.58
C ARG L 969 16.98 -21.32 99.94
N GLN L 970 16.52 -20.14 100.37
CA GLN L 970 16.03 -19.96 101.73
C GLN L 970 14.62 -20.49 101.94
N SER L 971 13.82 -20.63 100.88
CA SER L 971 12.43 -21.03 101.06
C SER L 971 12.02 -22.12 100.08
N GLY L 972 12.80 -22.29 99.01
CA GLY L 972 12.42 -23.18 97.94
C GLY L 972 11.48 -22.58 96.92
N ASN L 973 11.21 -21.28 97.01
CA ASN L 973 10.25 -20.65 96.11
C ASN L 973 10.77 -20.58 94.69
N VAL L 974 9.85 -20.55 93.74
CA VAL L 974 10.20 -20.41 92.33
C VAL L 974 10.24 -18.93 91.98
N ILE L 975 11.21 -18.54 91.18
CA ILE L 975 11.34 -17.18 90.68
C ILE L 975 11.28 -17.14 89.16
N GLU L 976 11.97 -18.07 88.50
CA GLU L 976 12.03 -18.12 87.05
C GLU L 976 11.75 -19.55 86.61
N SER L 977 11.11 -19.69 85.44
CA SER L 977 10.86 -21.02 84.91
C SER L 977 11.06 -21.14 83.40
N ARG L 978 11.35 -20.07 82.68
CA ARG L 978 11.46 -20.14 81.23
C ARG L 978 12.21 -18.94 80.71
N THR L 979 12.58 -19.03 79.44
CA THR L 979 13.33 -17.97 78.77
C THR L 979 12.46 -16.74 78.58
N GLY L 980 13.12 -15.61 78.31
CA GLY L 980 12.43 -14.37 78.01
C GLY L 980 12.94 -13.71 76.75
N SER L 981 14.10 -14.15 76.27
CA SER L 981 14.68 -13.63 75.03
C SER L 981 15.33 -14.80 74.31
N GLN L 982 14.78 -15.17 73.15
CA GLN L 982 15.14 -16.41 72.48
C GLN L 982 15.23 -16.28 70.96
N GLY L 983 15.13 -15.06 70.42
CA GLY L 983 15.04 -14.89 68.98
C GLY L 983 16.07 -13.96 68.37
N GLY L 984 15.84 -13.55 67.14
CA GLY L 984 16.82 -12.76 66.40
C GLY L 984 18.15 -13.47 66.32
N SER L 985 19.22 -12.74 66.60
CA SER L 985 20.54 -13.32 66.76
C SER L 985 21.12 -13.06 68.16
N GLY L 986 20.30 -12.59 69.10
CA GLY L 986 20.74 -12.33 70.45
C GLY L 986 20.53 -13.52 71.37
N GLY L 987 20.56 -13.23 72.67
CA GLY L 987 20.34 -14.26 73.67
C GLY L 987 20.43 -13.70 75.07
N GLU L 988 19.64 -14.31 75.97
CA GLU L 988 19.61 -13.91 77.38
C GLU L 988 19.70 -15.14 78.29
N LYS L 989 19.39 -16.31 77.74
CA LYS L 989 19.29 -17.52 78.55
C LYS L 989 20.63 -17.88 79.17
N GLU L 990 21.71 -17.29 78.65
CA GLU L 990 23.04 -17.86 78.84
C GLU L 990 23.44 -17.95 80.30
N ILE L 991 22.89 -17.09 81.16
CA ILE L 991 23.26 -17.13 82.57
C ILE L 991 22.73 -18.41 83.21
N ILE L 992 21.46 -18.75 82.95
CA ILE L 992 20.89 -19.98 83.48
C ILE L 992 21.57 -21.18 82.84
N ALA L 993 21.66 -21.16 81.51
CA ALA L 993 22.25 -22.28 80.78
C ALA L 993 23.70 -22.49 81.15
N SER L 994 24.39 -21.43 81.57
CA SER L 994 25.76 -21.59 82.04
C SER L 994 25.79 -22.50 83.26
N TYR L 995 24.90 -22.26 84.21
CA TYR L 995 24.89 -23.06 85.42
C TYR L 995 24.40 -24.48 85.11
N VAL L 996 23.52 -24.61 84.12
CA VAL L 996 23.09 -25.94 83.69
C VAL L 996 24.27 -26.72 83.14
N LEU L 997 25.07 -26.09 82.28
CA LEU L 997 26.22 -26.78 81.68
C LEU L 997 27.27 -27.08 82.73
N THR L 998 27.46 -26.17 83.69
CA THR L 998 28.34 -26.45 84.81
C THR L 998 27.85 -27.66 85.59
N ALA L 999 26.53 -27.76 85.79
CA ALA L 999 26.00 -28.97 86.42
C ALA L 999 26.38 -30.20 85.63
N SER L 1000 26.16 -30.16 84.31
CA SER L 1000 26.49 -31.31 83.48
C SER L 1000 27.92 -31.75 83.70
N LEU L 1001 28.86 -30.81 83.56
CA LEU L 1001 30.27 -31.20 83.59
C LEU L 1001 30.72 -31.54 85.01
N SER L 1002 30.32 -30.76 86.00
CA SER L 1002 30.71 -31.04 87.37
C SER L 1002 30.19 -32.39 87.85
N TYR L 1003 28.91 -32.67 87.60
CA TYR L 1003 28.36 -33.98 87.96
C TYR L 1003 29.08 -35.09 87.21
N ALA L 1004 29.25 -34.91 85.89
CA ALA L 1004 29.87 -35.97 85.09
C ALA L 1004 31.31 -36.21 85.52
N LEU L 1005 32.00 -35.19 86.01
CA LEU L 1005 33.38 -35.32 86.46
C LEU L 1005 33.49 -35.64 87.94
N SER L 1006 32.39 -35.61 88.68
CA SER L 1006 32.45 -35.81 90.11
C SER L 1006 32.11 -37.26 90.47
N PRO L 1007 32.82 -37.85 91.43
CA PRO L 1007 32.34 -39.09 92.04
C PRO L 1007 30.98 -38.85 92.69
N ALA L 1008 30.29 -39.95 92.99
CA ALA L 1008 28.94 -39.87 93.54
C ALA L 1008 28.91 -39.02 94.79
N GLY L 1009 28.14 -37.93 94.73
CA GLY L 1009 27.92 -37.10 95.89
C GLY L 1009 29.07 -36.22 96.29
N SER L 1010 30.19 -36.28 95.58
CA SER L 1010 31.32 -35.42 95.90
C SER L 1010 30.97 -33.97 95.66
N ARG L 1011 31.37 -33.10 96.60
CA ARG L 1011 31.11 -31.69 96.45
C ARG L 1011 31.82 -31.12 95.22
N TYR L 1012 32.96 -31.68 94.85
CA TYR L 1012 33.75 -31.21 93.71
C TYR L 1012 33.74 -32.23 92.60
N PRO L 1013 33.86 -31.79 91.34
CA PRO L 1013 34.21 -32.73 90.27
C PRO L 1013 35.67 -33.13 90.37
N LEU L 1014 35.92 -34.43 90.48
CA LEU L 1014 37.28 -34.90 90.70
C LEU L 1014 38.22 -34.49 89.57
N PHE L 1015 37.75 -34.54 88.32
CA PHE L 1015 38.46 -33.89 87.24
C PHE L 1015 38.15 -32.39 87.29
N GLY L 1016 39.18 -31.57 87.21
CA GLY L 1016 39.04 -30.16 87.55
C GLY L 1016 38.89 -29.20 86.39
N THR L 1017 39.35 -29.57 85.20
CA THR L 1017 39.52 -28.60 84.11
C THR L 1017 38.38 -28.71 83.11
N ILE L 1018 37.97 -27.56 82.60
CA ILE L 1018 37.00 -27.44 81.51
C ILE L 1018 37.61 -26.52 80.45
N ILE L 1019 37.22 -26.74 79.20
CA ILE L 1019 37.75 -25.98 78.06
C ILE L 1019 36.58 -25.39 77.29
N LEU L 1020 36.84 -24.30 76.56
CA LEU L 1020 35.81 -23.66 75.74
C LEU L 1020 36.48 -23.06 74.51
N ASP L 1021 36.28 -23.69 73.36
CA ASP L 1021 36.80 -23.13 72.11
C ASP L 1021 35.87 -22.04 71.60
N GLU L 1022 36.47 -20.92 71.19
CA GLU L 1022 35.74 -19.70 70.84
C GLU L 1022 35.04 -19.10 72.05
N ALA L 1023 35.18 -19.76 73.21
CA ALA L 1023 34.71 -19.26 74.51
C ALA L 1023 33.59 -18.24 74.41
N PHE L 1024 33.95 -16.97 74.27
CA PHE L 1024 33.02 -15.87 74.45
C PHE L 1024 33.00 -14.90 73.27
N SER L 1025 33.53 -15.28 72.11
CA SER L 1025 33.46 -14.44 70.92
C SER L 1025 32.01 -14.26 70.48
N ARG L 1026 31.09 -14.90 71.21
CA ARG L 1026 29.66 -14.81 70.90
C ARG L 1026 28.82 -14.55 72.15
N SER L 1027 29.43 -14.21 73.28
CA SER L 1027 28.70 -14.05 74.53
C SER L 1027 29.01 -12.68 75.12
N SER L 1028 28.03 -12.13 75.82
CA SER L 1028 28.20 -10.83 76.46
C SER L 1028 29.33 -10.89 77.48
N HIS L 1029 29.83 -9.71 77.85
CA HIS L 1029 30.84 -9.64 78.89
C HIS L 1029 30.31 -10.17 80.21
N ALA L 1030 29.15 -9.66 80.64
CA ALA L 1030 28.55 -10.11 81.89
C ALA L 1030 28.19 -11.59 81.82
N VAL L 1031 27.68 -12.03 80.67
CA VAL L 1031 27.30 -13.43 80.52
C VAL L 1031 28.51 -14.33 80.73
N ALA L 1032 29.63 -13.97 80.11
CA ALA L 1032 30.83 -14.78 80.24
C ALA L 1032 31.38 -14.74 81.66
N GLY L 1033 31.34 -13.57 82.29
CA GLY L 1033 31.74 -13.50 83.69
C GLY L 1033 30.90 -14.42 84.56
N ARG L 1034 29.59 -14.44 84.31
CA ARG L 1034 28.73 -15.37 85.05
C ARG L 1034 29.06 -16.81 84.75
N ILE L 1035 29.44 -17.10 83.50
CA ILE L 1035 29.87 -18.46 83.15
C ILE L 1035 31.06 -18.86 84.01
N ILE L 1036 32.07 -17.99 84.05
CA ILE L 1036 33.25 -18.28 84.84
C ILE L 1036 32.87 -18.43 86.31
N ALA L 1037 31.99 -17.58 86.81
CA ALA L 1037 31.56 -17.67 88.21
C ALA L 1037 30.87 -19.00 88.50
N ALA L 1038 30.00 -19.43 87.59
CA ALA L 1038 29.37 -20.74 87.74
C ALA L 1038 30.42 -21.83 87.81
N LEU L 1039 31.45 -21.74 86.97
CA LEU L 1039 32.56 -22.68 87.08
C LEU L 1039 33.26 -22.56 88.42
N ARG L 1040 33.25 -21.36 89.01
CA ARG L 1040 33.78 -21.22 90.37
C ARG L 1040 32.97 -22.04 91.35
N GLU L 1041 31.65 -22.06 91.17
CA GLU L 1041 30.80 -22.74 92.13
C GLU L 1041 31.22 -24.19 92.32
N PHE L 1042 31.68 -24.85 91.27
CA PHE L 1042 32.25 -26.19 91.36
C PHE L 1042 33.76 -26.18 91.19
N GLY L 1043 34.37 -25.01 91.07
CA GLY L 1043 35.80 -24.86 91.07
C GLY L 1043 36.46 -25.31 89.79
N LEU L 1044 35.68 -25.54 88.75
CA LEU L 1044 36.23 -26.02 87.50
C LEU L 1044 37.21 -25.00 86.93
N HIS L 1045 38.49 -25.40 86.88
CA HIS L 1045 39.54 -24.61 86.26
C HIS L 1045 39.21 -24.43 84.78
N ALA L 1046 38.80 -23.22 84.42
CA ALA L 1046 38.21 -22.96 83.10
C ALA L 1046 39.28 -22.45 82.15
N VAL L 1047 39.21 -22.93 80.91
CA VAL L 1047 40.10 -22.52 79.84
C VAL L 1047 39.22 -21.99 78.71
N PHE L 1048 39.69 -20.93 78.04
CA PHE L 1048 38.88 -20.23 77.06
C PHE L 1048 39.71 -19.89 75.84
N ILE L 1049 39.07 -19.92 74.68
CA ILE L 1049 39.70 -19.63 73.39
C ILE L 1049 38.90 -18.54 72.71
N THR L 1050 39.55 -17.79 71.84
CA THR L 1050 38.89 -16.73 71.11
C THR L 1050 39.70 -16.38 69.87
N PRO L 1051 39.05 -15.96 68.79
CA PRO L 1051 39.78 -15.60 67.56
C PRO L 1051 40.36 -14.19 67.63
N ASN L 1052 41.26 -13.96 68.58
CA ASN L 1052 41.85 -12.65 68.79
C ASN L 1052 40.77 -11.61 69.11
N LYS L 1053 39.89 -11.95 70.05
CA LYS L 1053 38.79 -11.08 70.44
C LYS L 1053 38.42 -11.36 71.87
N GLU L 1054 37.37 -10.69 72.35
CA GLU L 1054 36.96 -10.74 73.75
C GLU L 1054 38.09 -10.29 74.69
N MET L 1055 38.44 -9.01 74.57
CA MET L 1055 39.61 -8.46 75.26
C MET L 1055 39.36 -8.18 76.74
N ARG L 1056 38.52 -7.20 77.03
CA ARG L 1056 38.41 -6.71 78.40
C ARG L 1056 37.86 -7.80 79.30
N LEU L 1057 36.97 -8.63 78.78
CA LEU L 1057 36.44 -9.75 79.54
C LEU L 1057 37.54 -10.71 79.98
N LEU L 1058 38.35 -11.19 79.03
CA LEU L 1058 39.41 -12.12 79.37
C LEU L 1058 40.40 -11.48 80.33
N ARG L 1059 40.69 -10.19 80.13
CA ARG L 1059 41.52 -9.51 81.10
C ARG L 1059 40.92 -9.60 82.50
N ASP L 1060 39.62 -9.33 82.61
CA ASP L 1060 38.99 -9.25 83.91
C ASP L 1060 38.99 -10.60 84.62
N HIS L 1061 38.66 -11.68 83.90
CA HIS L 1061 38.28 -12.89 84.61
C HIS L 1061 39.36 -13.97 84.60
N THR L 1062 40.36 -13.87 83.73
CA THR L 1062 41.49 -14.77 83.76
C THR L 1062 42.75 -13.99 84.12
N ARG L 1063 43.88 -14.69 84.12
CA ARG L 1063 45.14 -14.05 84.47
C ARG L 1063 46.29 -14.40 83.53
N SER L 1064 46.09 -15.28 82.56
CA SER L 1064 47.09 -15.54 81.55
C SER L 1064 46.43 -15.84 80.22
N ALA L 1065 47.24 -15.78 79.17
CA ALA L 1065 46.85 -16.17 77.83
C ALA L 1065 48.05 -16.80 77.14
N ILE L 1066 47.78 -17.58 76.11
CA ILE L 1066 48.82 -18.17 75.28
C ILE L 1066 48.58 -17.70 73.85
N VAL L 1067 49.49 -16.86 73.36
CA VAL L 1067 49.33 -16.22 72.06
C VAL L 1067 49.85 -17.15 70.98
N VAL L 1068 49.07 -17.32 69.92
CA VAL L 1068 49.41 -18.21 68.83
C VAL L 1068 49.32 -17.44 67.53
N HIS L 1069 50.25 -17.69 66.63
CA HIS L 1069 50.27 -17.07 65.32
C HIS L 1069 50.77 -18.07 64.29
N ARG L 1070 50.30 -17.94 63.06
CA ARG L 1070 50.72 -18.82 61.97
C ARG L 1070 51.45 -18.01 60.92
N ARG L 1071 52.73 -18.31 60.73
CA ARG L 1071 53.53 -17.78 59.64
C ARG L 1071 53.52 -18.84 58.53
N GLY L 1072 52.60 -18.70 57.59
CA GLY L 1072 52.46 -19.67 56.52
C GLY L 1072 51.97 -21.02 57.03
N GLN L 1073 52.77 -22.06 56.84
CA GLN L 1073 52.41 -23.39 57.31
C GLN L 1073 52.70 -23.59 58.78
N ASN L 1074 53.50 -22.71 59.38
CA ASN L 1074 53.96 -22.88 60.75
C ASN L 1074 53.09 -22.06 61.70
N SER L 1075 52.51 -22.74 62.69
CA SER L 1075 51.92 -22.07 63.84
C SER L 1075 52.93 -22.11 64.99
N ASN L 1076 52.75 -21.22 65.97
CA ASN L 1076 53.73 -21.08 67.02
C ASN L 1076 53.12 -20.35 68.20
N MET L 1077 53.59 -20.70 69.40
CA MET L 1077 52.98 -20.28 70.64
C MET L 1077 53.83 -19.25 71.36
N ALA L 1078 53.22 -18.59 72.34
CA ALA L 1078 53.91 -17.80 73.34
C ALA L 1078 53.04 -17.78 74.58
N SER L 1079 53.67 -17.50 75.72
CA SER L 1079 53.01 -17.54 77.01
C SER L 1079 53.08 -16.17 77.67
N LEU L 1080 51.94 -15.71 78.17
CA LEU L 1080 51.82 -14.37 78.71
C LEU L 1080 50.88 -14.42 79.92
N SER L 1081 51.03 -13.43 80.79
CA SER L 1081 50.15 -13.31 81.95
C SER L 1081 50.10 -11.86 82.40
N TRP L 1082 49.07 -11.53 83.17
CA TRP L 1082 48.91 -10.20 83.71
C TRP L 1082 48.61 -10.32 85.20
N GLU L 1083 49.38 -9.58 86.00
CA GLU L 1083 49.24 -9.61 87.44
C GLU L 1083 48.74 -8.27 87.95
N GLU L 1084 47.73 -8.32 88.80
CA GLU L 1084 47.19 -7.14 89.45
C GLU L 1084 48.19 -6.63 90.49
N LEU L 1085 48.30 -5.32 90.63
CA LEU L 1085 49.32 -4.72 91.48
C LEU L 1085 48.97 -4.95 92.94
N GLU L 1086 49.92 -5.56 93.68
CA GLU L 1086 49.78 -5.64 95.12
C GLU L 1086 50.13 -4.30 95.77
N ARG L 1087 51.02 -3.53 95.15
CA ARG L 1087 51.33 -2.18 95.63
C ARG L 1087 50.05 -1.36 95.65
N HIS L 1088 49.48 -1.13 94.47
CA HIS L 1088 48.18 -0.50 94.34
C HIS L 1088 47.80 -0.49 92.87
N TYR L 1089 46.51 -0.73 92.60
CA TYR L 1089 45.99 -0.40 91.29
C TYR L 1089 46.27 1.05 90.97
N GLN L 1090 45.69 1.95 91.76
CA GLN L 1090 46.12 3.34 91.84
C GLN L 1090 45.61 3.87 93.17
N ARG L 1091 46.49 4.42 93.99
CA ARG L 1091 46.18 4.69 95.38
C ARG L 1091 44.94 5.58 95.50
N ARG L 1092 43.98 5.16 96.32
CA ARG L 1092 42.77 5.90 96.63
C ARG L 1092 41.98 6.28 95.38
N GLY L 1093 42.20 5.59 94.25
CA GLY L 1093 41.48 5.84 93.03
C GLY L 1093 40.65 4.64 92.61
N ASN L 1094 40.02 4.76 91.44
CA ASN L 1094 39.18 3.69 90.94
C ASN L 1094 40.01 2.42 90.74
N ALA L 1095 39.42 1.28 91.07
CA ALA L 1095 40.10 0.00 90.97
C ALA L 1095 39.14 -1.06 90.43
#